data_8DDV
#
_entry.id   8DDV
#
_cell.length_a   1.00
_cell.length_b   1.00
_cell.length_c   1.00
_cell.angle_alpha   90.00
_cell.angle_beta   90.00
_cell.angle_gamma   90.00
#
_symmetry.space_group_name_H-M   'P 1'
#
loop_
_entity.id
_entity.type
_entity.pdbx_description
1 polymer 'Transient receptor potential cation channel, subfamily M, member 3'
2 polymer 'Unidentified segment at the N-terminus of TRPM3'
3 non-polymer 1,2-DIACYL-GLYCEROL-3-SN-PHOSPHATE
4 non-polymer (3beta,14beta,17beta,25R)-3-[4-methoxy-3-(methoxymethyl)butoxy]spirost-5-en
5 non-polymer '[(2R)-2-octanoyloxy-3-[oxidanyl-[(1R,2R,3S,4R,5R,6S)-2,3,6-tris(oxidanyl)-4,5-diphosphonooxy-cyclohexyl]oxy-phosphoryl]oxy-propyl] octanoate'
6 non-polymer 'SODIUM ION'
#
loop_
_entity_poly.entity_id
_entity_poly.type
_entity_poly.pdbx_seq_one_letter_code
_entity_poly.pdbx_strand_id
1 'polypeptide(L)'
;GKKWRDAGELERGCSDREDSAESRRRSRSASRGRFAESWKRLSSKQGSTKRSGLPAQQTPAQKSWIERAFYKRECVHIIP
STKDPHRCCCGRLIGQHVGLTPSISVLQNEKNESRLSRNDIQSEKWSISKHTQLSPTDAFGTIEFQGGGHSNKAMYVRVS
FDTKPDLLLHLMTKEWQLELPKLLISVHGGLQNFELQPKLKQVFGKGLIKAAMTTGAWIFTGGVNTGVIRHVGDALKDHA
SKSRGKICTIGIAPWGIVENQEDLIGRDVVRPYQTMSNPMSKLTVLNSMHSHFILADNGTTGKYGAEVKLRRQLEKHISL
QKINTRIGQGVPVVALIVEGGPNVISIVLEYLRDTPPVPVVVCDGSGRASDILAFGHKYSEEGGLINESLRDQLLVTIQK
TFTYTRTQAQHLFIILMECMKKKELITVFRMGSEGHQDIDLAILTALLKGANASAPDQLSLALAWNRVDIARSQIFIYGQ
QWPVGSLEQAMLDALVLDRVDFVKLLIENGVSMHRFLTISRLEELYNTRHGPSNTLYHLVRDVKKGNLPPDYRISLIDIG
LVIEYLMGGAYRCNYTRKRFRTLYHNLFGPKRPKALKLLGMEDDIPLRRGRKTTKKREEEVDIDLDDPEINHFPFPFHEL
MVWAVLMKRQKMALFFWQHGEEAMAKALVACKLCKAMAHEASENDMVDDISQELNHNSRDFGQLAVELLDQSYKQDEQLA
MKLLTYELKNWSNATCLQLAVAAKHRDFIAHTCSQMLLTDMWMGRLRMRKNSGLKVILGILLPPSILSLEFKNKDDMPYM
TQAQEIHLQEKEPEEPEKPTKEKDEEDMELTAMLGRSNGESSRKKDEEEVQSRHRLIPVGRKIYEFYNAPIVKFWFYTLA
YIGYLMLFNYIVLVKMERWPSTQEWIVISYIFTLGIEKMREILMSEPGKLLQKVKVWLQEYWNVTDLIAILLFSVGMILR
LQDQPFRSDGRVIYCVNIIYWYIRLLDIFGVNKYLGPYVMMIGKMMIDMMYFVIIMLVVLMSFGVARQAILFPNEEPSWK
LAKNIFYMPYWMIYGEVFADQIDPPCGQNETREDGKTIQLPPCKTGAWIVPAIMACYLLVANILLVNLLIAVFNNTFFEV
KSISNQVWKFQRYQLIMTFHERPVLPPPLIIFSHMTMIFQHVCCRWRKHESDQDERDYGLKLFITDDELKKVHDFEEQCI
EEYFREKDDRFNSSNDERIRVTSERVENMSMRLEEVNEREHSMKASLQTVDIRLAQLEDLIGRMATALERLTGLERAESN
KIRSRTSSDCTDAAYIVRQSSFNSQEGNTFKLQESIDPAGEETISPTSPTLMPRMRSHSFYSVNVKDKGGIEKLESIFKE
RSLSLHRATS
;
A,B,C,D
2 'polypeptide(L)'
;(UNK)(UNK)(UNK)(UNK)(UNK)(UNK)(UNK)(UNK)(UNK)(UNK)(UNK)(UNK)(UNK)(UNK)(UNK)(UNK)
(UNK)
;
E,F,G,H
#
# COMPACT_ATOMS: atom_id res chain seq x y z
N ILE A 128 -28.54 -8.02 -74.75
CA ILE A 128 -27.74 -7.48 -75.83
C ILE A 128 -26.30 -7.96 -75.72
N SER A 129 -25.48 -7.61 -76.71
CA SER A 129 -24.06 -7.98 -76.71
C SER A 129 -23.21 -6.88 -76.08
N LYS A 130 -23.59 -6.48 -74.86
CA LYS A 130 -22.92 -5.43 -74.11
C LYS A 130 -22.85 -4.13 -74.92
N HIS A 131 -24.04 -3.60 -75.24
CA HIS A 131 -24.16 -2.33 -75.96
C HIS A 131 -24.53 -1.27 -74.93
N THR A 132 -23.50 -0.69 -74.31
CA THR A 132 -23.67 0.26 -73.23
C THR A 132 -23.00 1.58 -73.60
N GLN A 133 -23.45 2.66 -72.96
CA GLN A 133 -22.90 3.98 -73.22
C GLN A 133 -21.72 4.25 -72.28
N LEU A 134 -20.62 4.70 -72.86
CA LEU A 134 -19.39 4.93 -72.09
C LEU A 134 -19.40 6.33 -71.45
N SER A 135 -20.39 6.54 -70.60
CA SER A 135 -20.50 7.80 -69.88
C SER A 135 -19.40 7.92 -68.83
N PRO A 136 -19.03 9.15 -68.45
CA PRO A 136 -18.02 9.31 -67.39
C PRO A 136 -18.56 8.90 -66.03
N THR A 137 -17.65 8.73 -65.09
CA THR A 137 -18.00 8.31 -63.74
C THR A 137 -18.81 9.39 -63.02
N ASP A 138 -19.78 8.96 -62.23
CA ASP A 138 -20.62 9.87 -61.47
C ASP A 138 -20.91 9.34 -60.07
N ALA A 139 -19.97 8.58 -59.49
CA ALA A 139 -20.16 8.06 -58.14
C ALA A 139 -18.78 7.81 -57.53
N PHE A 140 -18.33 8.74 -56.68
CA PHE A 140 -17.13 8.53 -55.89
C PHE A 140 -17.14 9.52 -54.73
N GLY A 141 -16.22 9.31 -53.80
CA GLY A 141 -16.09 10.18 -52.64
C GLY A 141 -15.89 9.41 -51.35
N THR A 142 -16.77 9.61 -50.39
CA THR A 142 -16.69 8.98 -49.08
C THR A 142 -18.10 8.66 -48.61
N ILE A 143 -18.26 7.51 -47.96
CA ILE A 143 -19.54 7.12 -47.38
C ILE A 143 -19.33 6.79 -45.91
N GLU A 144 -20.30 7.18 -45.08
CA GLU A 144 -20.32 6.82 -43.67
C GLU A 144 -21.54 5.95 -43.41
N PHE A 145 -21.34 4.84 -42.71
CA PHE A 145 -22.38 3.83 -42.53
C PHE A 145 -23.20 4.21 -41.30
N GLN A 146 -24.45 4.60 -41.53
CA GLN A 146 -25.39 4.84 -40.44
C GLN A 146 -26.09 3.54 -40.07
N GLY A 147 -26.53 3.47 -38.82
CA GLY A 147 -27.20 2.28 -38.33
C GLY A 147 -26.29 1.17 -37.86
N GLY A 148 -24.97 1.37 -37.93
CA GLY A 148 -24.04 0.39 -37.42
C GLY A 148 -23.65 0.63 -35.98
N GLY A 149 -22.95 -0.35 -35.41
CA GLY A 149 -22.49 -0.22 -34.04
C GLY A 149 -21.46 0.87 -33.88
N HIS A 150 -20.60 1.04 -34.88
CA HIS A 150 -19.55 2.05 -34.85
C HIS A 150 -19.63 2.91 -36.10
N SER A 151 -19.25 4.18 -35.95
CA SER A 151 -19.23 5.11 -37.08
C SER A 151 -17.92 4.93 -37.84
N ASN A 152 -18.02 4.60 -39.13
CA ASN A 152 -16.85 4.34 -39.96
C ASN A 152 -17.01 5.07 -41.29
N LYS A 153 -15.90 5.53 -41.84
CA LYS A 153 -15.88 6.22 -43.13
C LYS A 153 -15.09 5.39 -44.13
N ALA A 154 -15.72 5.08 -45.26
CA ALA A 154 -15.12 4.25 -46.28
C ALA A 154 -15.09 4.99 -47.61
N MET A 155 -13.92 5.09 -48.22
CA MET A 155 -13.82 5.68 -49.55
C MET A 155 -14.38 4.71 -50.58
N TYR A 156 -14.87 5.28 -51.70
CA TYR A 156 -15.46 4.45 -52.73
C TYR A 156 -15.41 5.20 -54.05
N VAL A 157 -15.35 4.45 -55.14
CA VAL A 157 -15.42 4.99 -56.50
C VAL A 157 -16.33 4.09 -57.32
N ARG A 158 -16.52 4.48 -58.58
CA ARG A 158 -17.31 3.69 -59.54
C ARG A 158 -16.66 3.83 -60.89
N VAL A 159 -16.05 2.75 -61.38
CA VAL A 159 -15.35 2.74 -62.65
C VAL A 159 -15.88 1.59 -63.50
N SER A 160 -15.57 1.66 -64.79
CA SER A 160 -15.92 0.57 -65.68
C SER A 160 -15.03 -0.65 -65.40
N PHE A 161 -15.51 -1.82 -65.79
CA PHE A 161 -14.80 -3.06 -65.54
C PHE A 161 -13.67 -3.31 -66.54
N ASP A 162 -13.29 -2.30 -67.32
CA ASP A 162 -12.20 -2.41 -68.29
C ASP A 162 -11.09 -1.40 -68.01
N THR A 163 -11.00 -0.90 -66.78
CA THR A 163 -9.98 0.08 -66.44
C THR A 163 -8.63 -0.60 -66.28
N LYS A 164 -7.58 0.08 -66.73
CA LYS A 164 -6.24 -0.48 -66.66
C LYS A 164 -5.75 -0.51 -65.20
N PRO A 165 -5.01 -1.55 -64.82
CA PRO A 165 -4.55 -1.64 -63.41
C PRO A 165 -3.62 -0.51 -62.99
N ASP A 166 -2.86 0.07 -63.92
CA ASP A 166 -1.93 1.13 -63.55
C ASP A 166 -2.66 2.34 -63.01
N LEU A 167 -3.76 2.74 -63.65
CA LEU A 167 -4.55 3.86 -63.17
C LEU A 167 -5.18 3.55 -61.82
N LEU A 168 -5.63 2.31 -61.62
CA LEU A 168 -6.21 1.93 -60.33
C LEU A 168 -5.17 2.01 -59.22
N LEU A 169 -3.95 1.53 -59.48
CA LEU A 169 -2.90 1.63 -58.47
C LEU A 169 -2.50 3.07 -58.22
N HIS A 170 -2.49 3.90 -59.25
CA HIS A 170 -2.23 5.33 -59.06
C HIS A 170 -3.30 5.97 -58.19
N LEU A 171 -4.57 5.58 -58.42
CA LEU A 171 -5.66 6.08 -57.61
C LEU A 171 -5.52 5.64 -56.15
N MET A 172 -5.16 4.39 -55.93
CA MET A 172 -5.03 3.86 -54.58
C MET A 172 -3.79 4.37 -53.86
N THR A 173 -2.78 4.83 -54.60
CA THR A 173 -1.56 5.32 -53.98
C THR A 173 -1.57 6.82 -53.75
N LYS A 174 -2.14 7.60 -54.66
CA LYS A 174 -2.11 9.05 -54.56
C LYS A 174 -3.37 9.61 -53.91
N GLU A 175 -4.54 9.28 -54.45
CA GLU A 175 -5.78 9.88 -53.95
C GLU A 175 -6.10 9.42 -52.54
N TRP A 176 -6.04 8.11 -52.30
CA TRP A 176 -6.39 7.56 -50.99
C TRP A 176 -5.22 7.52 -50.02
N GLN A 177 -4.00 7.82 -50.49
CA GLN A 177 -2.79 7.87 -49.66
C GLN A 177 -2.56 6.55 -48.94
N LEU A 178 -2.50 5.47 -49.72
CA LEU A 178 -2.21 4.14 -49.20
C LEU A 178 -0.78 3.76 -49.58
N GLU A 179 0.03 3.43 -48.58
CA GLU A 179 1.39 2.98 -48.84
C GLU A 179 1.36 1.60 -49.48
N LEU A 180 2.37 1.32 -50.31
CA LEU A 180 2.42 0.06 -51.03
C LEU A 180 2.59 -1.08 -50.03
N PRO A 181 1.78 -2.14 -50.12
CA PRO A 181 1.83 -3.18 -49.09
C PRO A 181 3.05 -4.08 -49.24
N LYS A 182 3.41 -4.69 -48.12
CA LYS A 182 4.46 -5.71 -48.08
C LYS A 182 3.89 -7.12 -48.22
N LEU A 183 2.59 -7.25 -48.42
CA LEU A 183 1.90 -8.53 -48.46
C LEU A 183 0.50 -8.30 -49.00
N LEU A 184 0.00 -9.25 -49.79
CA LEU A 184 -1.34 -9.18 -50.35
C LEU A 184 -2.06 -10.49 -50.07
N ILE A 185 -3.29 -10.40 -49.57
CA ILE A 185 -4.10 -11.57 -49.26
C ILE A 185 -5.40 -11.45 -50.05
N SER A 186 -5.62 -12.39 -50.97
CA SER A 186 -6.86 -12.43 -51.75
C SER A 186 -7.78 -13.48 -51.15
N VAL A 187 -8.93 -13.04 -50.66
CA VAL A 187 -9.87 -13.91 -49.97
C VAL A 187 -10.99 -14.28 -50.93
N HIS A 188 -11.19 -15.58 -51.13
CA HIS A 188 -12.26 -16.10 -51.96
C HIS A 188 -13.21 -16.94 -51.11
N GLY A 189 -14.39 -17.22 -51.66
CA GLY A 189 -15.37 -18.01 -50.95
C GLY A 189 -16.68 -18.05 -51.71
N GLY A 190 -17.68 -18.61 -51.03
CA GLY A 190 -18.99 -18.74 -51.63
C GLY A 190 -19.81 -17.47 -51.52
N LEU A 191 -20.62 -17.22 -52.53
CA LEU A 191 -21.47 -16.04 -52.60
C LEU A 191 -22.77 -16.19 -51.81
N GLN A 192 -23.02 -17.36 -51.24
CA GLN A 192 -24.21 -17.61 -50.44
C GLN A 192 -23.83 -17.72 -48.97
N ASN A 193 -24.70 -17.20 -48.11
CA ASN A 193 -24.40 -17.15 -46.69
C ASN A 193 -24.32 -18.56 -46.09
N PHE A 194 -23.35 -18.76 -45.20
CA PHE A 194 -23.15 -20.04 -44.54
C PHE A 194 -22.89 -19.76 -43.06
N GLU A 195 -22.50 -20.80 -42.33
CA GLU A 195 -22.23 -20.67 -40.91
C GLU A 195 -21.04 -21.55 -40.54
N LEU A 196 -20.17 -21.02 -39.69
CA LEU A 196 -18.99 -21.73 -39.21
C LEU A 196 -19.20 -22.21 -37.78
N GLN A 197 -18.31 -23.10 -37.35
CA GLN A 197 -18.34 -23.57 -35.98
C GLN A 197 -17.95 -22.44 -35.02
N PRO A 198 -18.46 -22.46 -33.78
CA PRO A 198 -18.10 -21.40 -32.83
C PRO A 198 -16.63 -21.38 -32.47
N LYS A 199 -15.89 -22.46 -32.69
CA LYS A 199 -14.46 -22.50 -32.38
C LYS A 199 -13.58 -22.12 -33.56
N LEU A 200 -13.96 -22.48 -34.78
CA LEU A 200 -13.16 -22.14 -35.95
C LEU A 200 -13.12 -20.64 -36.20
N LYS A 201 -14.26 -19.97 -36.01
CA LYS A 201 -14.31 -18.52 -36.25
C LYS A 201 -13.38 -17.77 -35.29
N GLN A 202 -13.34 -18.20 -34.04
CA GLN A 202 -12.47 -17.57 -33.05
C GLN A 202 -11.00 -17.71 -33.42
N VAL A 203 -10.63 -18.80 -34.10
CA VAL A 203 -9.24 -19.02 -34.49
C VAL A 203 -8.98 -18.57 -35.93
N PHE A 204 -10.01 -18.32 -36.72
CA PHE A 204 -9.84 -17.82 -38.08
C PHE A 204 -9.75 -16.31 -38.11
N GLY A 205 -10.72 -15.63 -37.50
CA GLY A 205 -10.73 -14.17 -37.54
C GLY A 205 -9.53 -13.56 -36.84
N LYS A 206 -9.19 -14.06 -35.66
CA LYS A 206 -8.05 -13.52 -34.93
C LYS A 206 -6.74 -13.76 -35.67
N GLY A 207 -6.58 -14.95 -36.27
CA GLY A 207 -5.39 -15.21 -37.05
C GLY A 207 -5.28 -14.29 -38.26
N LEU A 208 -6.38 -14.10 -38.99
CA LEU A 208 -6.37 -13.21 -40.14
C LEU A 208 -6.05 -11.78 -39.75
N ILE A 209 -6.66 -11.30 -38.65
CA ILE A 209 -6.42 -9.92 -38.22
C ILE A 209 -4.98 -9.75 -37.74
N LYS A 210 -4.44 -10.74 -37.03
CA LYS A 210 -3.06 -10.66 -36.58
C LYS A 210 -2.10 -10.65 -37.77
N ALA A 211 -2.36 -11.48 -38.78
CA ALA A 211 -1.50 -11.51 -39.95
C ALA A 211 -1.59 -10.21 -40.75
N ALA A 212 -2.77 -9.59 -40.80
CA ALA A 212 -2.92 -8.34 -41.51
C ALA A 212 -2.46 -7.12 -40.71
N MET A 213 -2.30 -7.26 -39.39
CA MET A 213 -1.88 -6.14 -38.56
C MET A 213 -0.37 -6.12 -38.34
N THR A 214 0.22 -7.27 -38.00
CA THR A 214 1.66 -7.31 -37.74
C THR A 214 2.45 -7.00 -39.02
N THR A 215 1.97 -7.47 -40.15
CA THR A 215 2.56 -7.19 -41.46
C THR A 215 1.68 -6.19 -42.18
N GLY A 216 2.28 -5.12 -42.69
CA GLY A 216 1.53 -4.16 -43.49
C GLY A 216 1.03 -4.81 -44.76
N ALA A 217 -0.27 -5.07 -44.84
CA ALA A 217 -0.83 -5.89 -45.89
C ALA A 217 -2.19 -5.37 -46.31
N TRP A 218 -2.60 -5.75 -47.52
CA TRP A 218 -3.91 -5.44 -48.06
C TRP A 218 -4.73 -6.71 -48.18
N ILE A 219 -6.03 -6.60 -47.90
CA ILE A 219 -6.96 -7.72 -48.00
C ILE A 219 -7.95 -7.41 -49.10
N PHE A 220 -7.98 -8.25 -50.13
CA PHE A 220 -8.96 -8.12 -51.20
C PHE A 220 -10.14 -9.02 -50.90
N THR A 221 -11.34 -8.46 -50.99
CA THR A 221 -12.55 -9.21 -50.66
C THR A 221 -13.63 -8.87 -51.68
N GLY A 222 -14.75 -9.58 -51.59
CA GLY A 222 -15.86 -9.33 -52.49
C GLY A 222 -16.49 -7.96 -52.28
N GLY A 223 -16.68 -7.57 -51.02
CA GLY A 223 -17.23 -6.27 -50.71
C GLY A 223 -18.67 -6.30 -50.25
N VAL A 224 -19.49 -7.12 -50.90
CA VAL A 224 -20.89 -7.26 -50.51
C VAL A 224 -20.97 -8.07 -49.21
N ASN A 225 -22.10 -7.93 -48.51
CA ASN A 225 -22.25 -8.53 -47.18
C ASN A 225 -22.87 -9.92 -47.29
N THR A 226 -22.16 -10.81 -47.99
CA THR A 226 -22.62 -12.18 -48.18
C THR A 226 -21.48 -13.16 -47.96
N GLY A 227 -21.80 -14.28 -47.30
CA GLY A 227 -20.87 -15.40 -47.25
C GLY A 227 -19.65 -15.12 -46.40
N VAL A 228 -18.47 -15.43 -46.97
CA VAL A 228 -17.21 -15.28 -46.24
C VAL A 228 -16.92 -13.82 -45.93
N ILE A 229 -17.41 -12.91 -46.78
CA ILE A 229 -17.15 -11.49 -46.58
C ILE A 229 -17.80 -11.00 -45.30
N ARG A 230 -18.95 -11.55 -44.94
CA ARG A 230 -19.57 -11.21 -43.65
C ARG A 230 -18.70 -11.67 -42.49
N HIS A 231 -18.08 -12.85 -42.62
CA HIS A 231 -17.18 -13.32 -41.58
C HIS A 231 -15.95 -12.43 -41.46
N VAL A 232 -15.40 -11.99 -42.59
CA VAL A 232 -14.28 -11.05 -42.57
C VAL A 232 -14.70 -9.74 -41.92
N GLY A 233 -15.92 -9.27 -42.22
CA GLY A 233 -16.40 -8.04 -41.63
C GLY A 233 -16.56 -8.13 -40.12
N ASP A 234 -17.14 -9.22 -39.63
CA ASP A 234 -17.30 -9.34 -38.18
C ASP A 234 -15.98 -9.60 -37.48
N ALA A 235 -15.03 -10.26 -38.17
CA ALA A 235 -13.69 -10.38 -37.62
C ALA A 235 -13.01 -9.03 -37.49
N LEU A 236 -13.18 -8.18 -38.50
CA LEU A 236 -12.62 -6.82 -38.43
C LEU A 236 -13.29 -6.01 -37.33
N LYS A 237 -14.61 -6.16 -37.16
CA LYS A 237 -15.30 -5.40 -36.13
C LYS A 237 -15.03 -5.95 -34.73
N ASP A 238 -14.61 -7.21 -34.61
CA ASP A 238 -14.33 -7.77 -33.30
C ASP A 238 -13.02 -7.22 -32.74
N HIS A 239 -11.99 -7.12 -33.58
CA HIS A 239 -10.71 -6.60 -33.12
C HIS A 239 -10.75 -5.11 -32.83
N ALA A 240 -11.68 -4.37 -33.43
CA ALA A 240 -11.77 -2.94 -33.23
C ALA A 240 -12.14 -2.56 -31.80
N SER A 241 -12.84 -3.43 -31.09
CA SER A 241 -13.24 -3.15 -29.72
C SER A 241 -12.21 -3.60 -28.69
N LYS A 242 -11.07 -4.12 -29.14
CA LYS A 242 -10.03 -4.57 -28.23
C LYS A 242 -8.63 -4.09 -28.59
N SER A 243 -8.38 -3.68 -29.83
CA SER A 243 -7.05 -3.27 -30.26
C SER A 243 -7.14 -1.99 -31.08
N ARG A 244 -6.00 -1.33 -31.22
CA ARG A 244 -5.90 -0.09 -31.97
C ARG A 244 -5.52 -0.40 -33.43
N GLY A 245 -5.17 0.63 -34.18
CA GLY A 245 -4.69 0.46 -35.53
C GLY A 245 -5.81 0.33 -36.55
N LYS A 246 -5.39 0.32 -37.81
CA LYS A 246 -6.31 0.23 -38.95
C LYS A 246 -5.80 -0.82 -39.93
N ILE A 247 -6.73 -1.49 -40.60
CA ILE A 247 -6.42 -2.53 -41.58
C ILE A 247 -7.00 -2.09 -42.92
N CYS A 248 -6.17 -2.08 -43.95
CA CYS A 248 -6.58 -1.65 -45.28
C CYS A 248 -7.30 -2.81 -45.97
N THR A 249 -8.62 -2.86 -45.79
CA THR A 249 -9.45 -3.86 -46.44
C THR A 249 -10.10 -3.25 -47.67
N ILE A 250 -9.79 -3.79 -48.84
CA ILE A 250 -10.28 -3.28 -50.12
C ILE A 250 -11.30 -4.27 -50.67
N GLY A 251 -12.50 -3.78 -50.97
CA GLY A 251 -13.56 -4.59 -51.52
C GLY A 251 -13.82 -4.22 -52.97
N ILE A 252 -13.81 -5.23 -53.83
CA ILE A 252 -14.11 -5.05 -55.24
C ILE A 252 -15.46 -5.67 -55.54
N ALA A 253 -16.52 -4.86 -55.50
CA ALA A 253 -17.87 -5.38 -55.65
C ALA A 253 -18.51 -4.87 -56.94
N PRO A 254 -19.35 -5.68 -57.57
CA PRO A 254 -20.11 -5.19 -58.72
C PRO A 254 -21.08 -4.10 -58.30
N TRP A 255 -21.25 -3.12 -59.20
CA TRP A 255 -22.11 -1.97 -58.88
C TRP A 255 -23.59 -2.34 -58.91
N GLY A 256 -23.96 -3.36 -59.68
CA GLY A 256 -25.35 -3.71 -59.86
C GLY A 256 -26.00 -4.50 -58.75
N ILE A 257 -25.26 -4.83 -57.69
CA ILE A 257 -25.79 -5.65 -56.60
C ILE A 257 -25.95 -4.88 -55.31
N VAL A 258 -25.45 -3.64 -55.23
CA VAL A 258 -25.64 -2.85 -54.01
C VAL A 258 -27.12 -2.53 -53.84
N GLU A 259 -27.54 -2.43 -52.57
CA GLU A 259 -28.97 -2.22 -52.30
C GLU A 259 -29.43 -0.83 -52.69
N ASN A 260 -28.50 0.12 -52.85
CA ASN A 260 -28.85 1.50 -53.22
C ASN A 260 -27.81 1.99 -54.23
N GLN A 261 -28.10 1.79 -55.52
CA GLN A 261 -27.32 2.49 -56.54
C GLN A 261 -27.49 4.00 -56.41
N GLU A 262 -28.67 4.45 -56.00
CA GLU A 262 -28.90 5.85 -55.75
C GLU A 262 -28.34 6.23 -54.38
N ASP A 263 -28.54 7.50 -54.01
CA ASP A 263 -27.96 8.14 -52.81
C ASP A 263 -26.46 7.83 -52.67
N LEU A 264 -25.80 7.57 -53.80
CA LEU A 264 -24.35 7.43 -53.86
C LEU A 264 -23.79 8.17 -55.08
N ILE A 265 -24.57 9.09 -55.65
CA ILE A 265 -24.21 9.73 -56.92
C ILE A 265 -23.41 11.01 -56.69
N GLY A 266 -23.61 11.68 -55.56
CA GLY A 266 -22.85 12.88 -55.26
C GLY A 266 -21.35 12.62 -55.17
N ARG A 267 -20.58 13.50 -55.79
CA ARG A 267 -19.15 13.30 -55.96
C ARG A 267 -18.37 14.20 -55.00
N ASP A 268 -17.38 13.62 -54.32
CA ASP A 268 -16.50 14.34 -53.39
C ASP A 268 -17.27 14.97 -52.25
N VAL A 269 -18.27 14.24 -51.73
CA VAL A 269 -19.06 14.71 -50.59
C VAL A 269 -19.58 13.50 -49.83
N VAL A 270 -19.39 13.50 -48.51
CA VAL A 270 -19.78 12.39 -47.67
C VAL A 270 -21.30 12.29 -47.60
N ARG A 271 -21.82 11.07 -47.72
CA ARG A 271 -23.25 10.81 -47.68
C ARG A 271 -23.54 9.62 -46.78
N PRO A 272 -24.72 9.57 -46.16
CA PRO A 272 -25.08 8.43 -45.32
C PRO A 272 -25.34 7.18 -46.12
N TYR A 273 -25.15 6.04 -45.47
CA TYR A 273 -25.50 4.73 -46.02
C TYR A 273 -26.03 3.87 -44.89
N GLN A 274 -27.15 3.19 -45.14
CA GLN A 274 -27.87 2.47 -44.10
C GLN A 274 -27.52 0.99 -44.14
N THR A 275 -27.03 0.47 -43.02
CA THR A 275 -26.69 -0.95 -42.90
C THR A 275 -27.87 -1.73 -42.34
N MET A 276 -28.96 -1.74 -43.10
CA MET A 276 -30.16 -2.49 -42.73
C MET A 276 -30.90 -2.82 -44.01
N SER A 277 -30.77 -4.07 -44.46
CA SER A 277 -31.34 -4.52 -45.72
C SER A 277 -32.51 -5.46 -45.46
N ASN A 278 -33.65 -5.15 -46.05
CA ASN A 278 -34.79 -6.07 -45.98
C ASN A 278 -34.52 -7.28 -46.86
N PRO A 279 -34.67 -8.49 -46.34
CA PRO A 279 -34.34 -9.72 -47.09
C PRO A 279 -35.40 -10.11 -48.12
N MET A 280 -35.83 -9.14 -48.93
CA MET A 280 -36.80 -9.37 -50.00
C MET A 280 -36.26 -9.01 -51.36
N SER A 281 -35.64 -7.84 -51.50
CA SER A 281 -35.12 -7.41 -52.79
C SER A 281 -33.88 -8.24 -53.17
N LYS A 282 -33.64 -8.32 -54.47
CA LYS A 282 -32.50 -9.07 -54.99
C LYS A 282 -31.26 -8.20 -55.08
N LEU A 283 -30.94 -7.51 -53.98
CA LEU A 283 -29.80 -6.61 -53.91
C LEU A 283 -29.20 -6.71 -52.52
N THR A 284 -27.89 -6.92 -52.44
CA THR A 284 -27.21 -7.13 -51.17
C THR A 284 -26.57 -5.82 -50.71
N VAL A 285 -26.72 -5.51 -49.42
CA VAL A 285 -26.23 -4.26 -48.88
C VAL A 285 -24.70 -4.30 -48.80
N LEU A 286 -24.08 -3.14 -49.02
CA LEU A 286 -22.63 -3.03 -48.92
C LEU A 286 -22.18 -3.28 -47.49
N ASN A 287 -21.15 -4.10 -47.34
CA ASN A 287 -20.66 -4.47 -46.01
C ASN A 287 -19.80 -3.36 -45.42
N SER A 288 -20.09 -3.00 -44.17
CA SER A 288 -19.32 -1.98 -43.47
C SER A 288 -18.01 -2.59 -42.97
N MET A 289 -17.26 -1.82 -42.18
CA MET A 289 -15.94 -2.21 -41.68
C MET A 289 -14.98 -2.56 -42.81
N HIS A 290 -15.11 -1.84 -43.93
CA HIS A 290 -14.19 -1.95 -45.05
C HIS A 290 -13.52 -0.61 -45.27
N SER A 291 -12.20 -0.65 -45.53
CA SER A 291 -11.45 0.60 -45.64
C SER A 291 -11.74 1.32 -46.95
N HIS A 292 -11.80 0.58 -48.06
CA HIS A 292 -11.98 1.19 -49.37
C HIS A 292 -12.83 0.28 -50.24
N PHE A 293 -13.45 0.87 -51.27
CA PHE A 293 -14.30 0.16 -52.20
C PHE A 293 -13.92 0.52 -53.63
N ILE A 294 -13.91 -0.50 -54.49
CA ILE A 294 -13.76 -0.32 -55.94
C ILE A 294 -14.97 -0.98 -56.57
N LEU A 295 -15.83 -0.19 -57.20
CA LEU A 295 -17.08 -0.69 -57.77
C LEU A 295 -16.96 -0.70 -59.29
N ALA A 296 -17.24 -1.85 -59.91
CA ALA A 296 -17.14 -2.02 -61.35
C ALA A 296 -18.50 -2.40 -61.91
N ASP A 297 -18.94 -1.67 -62.93
CA ASP A 297 -20.21 -1.94 -63.60
C ASP A 297 -19.95 -2.27 -65.06
N ASN A 298 -20.55 -3.35 -65.54
CA ASN A 298 -20.47 -3.74 -66.94
C ASN A 298 -21.71 -3.31 -67.72
N GLY A 299 -22.59 -2.52 -67.11
CA GLY A 299 -23.83 -2.12 -67.75
C GLY A 299 -25.05 -2.91 -67.33
N THR A 300 -24.90 -3.87 -66.42
CA THR A 300 -26.00 -4.72 -65.99
C THR A 300 -26.23 -4.57 -64.49
N THR A 301 -27.44 -4.91 -64.06
CA THR A 301 -27.83 -4.86 -62.66
C THR A 301 -28.42 -6.22 -62.27
N GLY A 302 -28.08 -6.68 -61.08
CA GLY A 302 -28.64 -7.92 -60.55
C GLY A 302 -27.87 -9.18 -60.86
N LYS A 303 -26.70 -9.09 -61.48
CA LYS A 303 -25.89 -10.25 -61.80
C LYS A 303 -24.44 -10.03 -61.40
N TYR A 304 -23.79 -11.11 -60.97
CA TYR A 304 -22.39 -11.06 -60.57
C TYR A 304 -21.51 -11.19 -61.81
N GLY A 305 -20.20 -11.39 -61.59
CA GLY A 305 -19.27 -11.59 -62.68
C GLY A 305 -18.78 -10.33 -63.35
N ALA A 306 -19.05 -9.16 -62.78
CA ALA A 306 -18.61 -7.90 -63.36
C ALA A 306 -17.30 -7.39 -62.76
N GLU A 307 -16.67 -8.15 -61.87
CA GLU A 307 -15.48 -7.68 -61.17
C GLU A 307 -14.32 -8.67 -61.16
N VAL A 308 -14.52 -9.92 -61.59
CA VAL A 308 -13.47 -10.93 -61.49
C VAL A 308 -12.28 -10.58 -62.37
N LYS A 309 -12.53 -10.13 -63.60
CA LYS A 309 -11.44 -9.81 -64.51
C LYS A 309 -10.62 -8.63 -64.01
N LEU A 310 -11.30 -7.56 -63.57
CA LEU A 310 -10.57 -6.39 -63.07
C LEU A 310 -9.80 -6.72 -61.81
N ARG A 311 -10.40 -7.49 -60.90
CA ARG A 311 -9.71 -7.88 -59.67
C ARG A 311 -8.46 -8.70 -59.97
N ARG A 312 -8.60 -9.69 -60.87
CA ARG A 312 -7.45 -10.52 -61.22
C ARG A 312 -6.37 -9.71 -61.91
N GLN A 313 -6.76 -8.79 -62.80
CA GLN A 313 -5.78 -7.96 -63.49
C GLN A 313 -5.03 -7.07 -62.51
N LEU A 314 -5.75 -6.46 -61.56
CA LEU A 314 -5.11 -5.61 -60.57
C LEU A 314 -4.16 -6.41 -59.67
N GLU A 315 -4.59 -7.60 -59.26
CA GLU A 315 -3.73 -8.45 -58.43
C GLU A 315 -2.48 -8.88 -59.20
N LYS A 316 -2.64 -9.25 -60.47
CA LYS A 316 -1.49 -9.64 -61.29
C LYS A 316 -0.53 -8.49 -61.48
N HIS A 317 -1.04 -7.28 -61.71
CA HIS A 317 -0.16 -6.13 -61.90
C HIS A 317 0.54 -5.75 -60.60
N ILE A 318 -0.16 -5.83 -59.46
CA ILE A 318 0.46 -5.45 -58.21
C ILE A 318 1.43 -6.51 -57.72
N SER A 319 1.31 -7.76 -58.20
CA SER A 319 2.31 -8.76 -57.88
C SER A 319 3.66 -8.39 -58.50
N LEU A 320 3.65 -7.89 -59.73
CA LEU A 320 4.87 -7.47 -60.40
C LEU A 320 5.43 -6.16 -59.88
N GLN A 321 4.67 -5.42 -59.09
CA GLN A 321 5.16 -4.16 -58.55
C GLN A 321 6.31 -4.41 -57.57
N LYS A 322 7.34 -3.58 -57.67
CA LYS A 322 8.57 -3.81 -56.92
C LYS A 322 8.47 -3.28 -55.51
N ILE A 323 8.81 -4.12 -54.53
CA ILE A 323 8.84 -3.74 -53.12
C ILE A 323 10.07 -2.85 -52.90
N ASN A 324 10.13 -2.17 -51.76
CA ASN A 324 11.23 -1.25 -51.48
C ASN A 324 12.57 -1.95 -51.39
N THR A 325 12.59 -3.24 -51.07
CA THR A 325 13.83 -4.00 -51.09
C THR A 325 14.21 -4.30 -52.53
N ARG A 326 15.41 -3.89 -52.94
CA ARG A 326 15.82 -3.93 -54.34
C ARG A 326 16.56 -5.21 -54.71
N ILE A 327 16.26 -6.33 -54.04
CA ILE A 327 16.80 -7.62 -54.47
C ILE A 327 16.25 -7.96 -55.85
N GLY A 328 14.96 -7.72 -56.07
CA GLY A 328 14.33 -8.02 -57.34
C GLY A 328 13.02 -8.76 -57.19
N GLN A 329 12.50 -8.80 -55.97
CA GLN A 329 11.26 -9.50 -55.66
C GLN A 329 10.11 -8.51 -55.55
N GLY A 330 8.95 -8.90 -56.07
CA GLY A 330 7.74 -8.14 -55.89
C GLY A 330 7.07 -8.49 -54.58
N VAL A 331 5.89 -7.92 -54.37
CA VAL A 331 5.11 -8.22 -53.17
C VAL A 331 4.62 -9.65 -53.27
N PRO A 332 4.53 -10.38 -52.15
CA PRO A 332 4.01 -11.75 -52.20
C PRO A 332 2.50 -11.78 -52.06
N VAL A 333 1.88 -12.72 -52.77
CA VAL A 333 0.43 -12.87 -52.81
C VAL A 333 0.08 -14.27 -52.30
N VAL A 334 -0.86 -14.34 -51.36
CA VAL A 334 -1.34 -15.59 -50.81
C VAL A 334 -2.86 -15.62 -50.91
N ALA A 335 -3.39 -16.67 -51.51
CA ALA A 335 -4.84 -16.83 -51.63
C ALA A 335 -5.38 -17.58 -50.42
N LEU A 336 -6.53 -17.16 -49.93
CA LEU A 336 -7.19 -17.78 -48.80
C LEU A 336 -8.58 -18.24 -49.23
N ILE A 337 -8.91 -19.50 -48.94
CA ILE A 337 -10.16 -20.10 -49.38
C ILE A 337 -10.96 -20.50 -48.13
N VAL A 338 -12.20 -20.01 -48.04
CA VAL A 338 -13.14 -20.40 -47.01
C VAL A 338 -14.45 -20.72 -47.69
N GLU A 339 -15.04 -21.86 -47.33
CA GLU A 339 -16.29 -22.37 -47.95
C GLU A 339 -16.01 -22.54 -49.44
N GLY A 340 -16.80 -21.96 -50.34
CA GLY A 340 -16.50 -22.04 -51.76
C GLY A 340 -17.67 -22.51 -52.60
N GLY A 341 -17.36 -23.10 -53.74
CA GLY A 341 -18.36 -23.59 -54.66
C GLY A 341 -17.74 -24.33 -55.83
N PRO A 342 -18.47 -24.44 -56.93
CA PRO A 342 -17.87 -25.06 -58.13
C PRO A 342 -16.82 -24.20 -58.79
N ASN A 343 -16.96 -22.87 -58.74
CA ASN A 343 -16.00 -21.99 -59.40
C ASN A 343 -14.73 -21.79 -58.59
N VAL A 344 -14.74 -22.10 -57.29
CA VAL A 344 -13.56 -21.88 -56.47
C VAL A 344 -12.45 -22.84 -56.87
N ILE A 345 -12.79 -24.04 -57.35
CA ILE A 345 -11.77 -24.94 -57.85
C ILE A 345 -11.13 -24.37 -59.12
N SER A 346 -11.94 -23.74 -59.97
CA SER A 346 -11.41 -23.13 -61.18
C SER A 346 -10.48 -21.97 -60.85
N ILE A 347 -10.85 -21.13 -59.89
CA ILE A 347 -9.97 -20.01 -59.56
C ILE A 347 -8.72 -20.49 -58.82
N VAL A 348 -8.83 -21.58 -58.05
CA VAL A 348 -7.63 -22.18 -57.44
C VAL A 348 -6.67 -22.69 -58.51
N LEU A 349 -7.21 -23.37 -59.53
CA LEU A 349 -6.36 -23.83 -60.63
C LEU A 349 -5.76 -22.64 -61.39
N GLU A 350 -6.53 -21.56 -61.53
CA GLU A 350 -5.99 -20.36 -62.16
C GLU A 350 -4.82 -19.79 -61.36
N TYR A 351 -4.94 -19.80 -60.03
CA TYR A 351 -3.83 -19.36 -59.18
C TYR A 351 -2.63 -20.26 -59.34
N LEU A 352 -2.85 -21.58 -59.38
CA LEU A 352 -1.74 -22.54 -59.45
C LEU A 352 -1.05 -22.53 -60.81
N ARG A 353 -1.76 -22.20 -61.89
CA ARG A 353 -1.18 -22.19 -63.23
C ARG A 353 -0.42 -20.92 -63.55
N ASP A 354 -0.50 -19.90 -62.70
CA ASP A 354 0.09 -18.60 -63.00
C ASP A 354 1.61 -18.71 -63.11
N THR A 355 2.18 -17.87 -63.96
CA THR A 355 3.64 -17.88 -64.15
C THR A 355 4.40 -17.58 -62.87
N PRO A 356 4.04 -16.60 -62.04
CA PRO A 356 4.43 -16.64 -60.64
C PRO A 356 3.45 -17.49 -59.86
N PRO A 357 3.85 -18.67 -59.39
CA PRO A 357 2.91 -19.56 -58.69
C PRO A 357 2.47 -18.94 -57.37
N VAL A 358 1.16 -18.76 -57.23
CA VAL A 358 0.58 -18.11 -56.05
C VAL A 358 0.09 -19.20 -55.11
N PRO A 359 0.66 -19.35 -53.92
CA PRO A 359 0.19 -20.38 -52.98
C PRO A 359 -1.20 -20.05 -52.47
N VAL A 360 -1.94 -21.10 -52.11
CA VAL A 360 -3.27 -20.94 -51.55
C VAL A 360 -3.30 -21.61 -50.17
N VAL A 361 -4.19 -21.12 -49.33
CA VAL A 361 -4.42 -21.69 -48.00
C VAL A 361 -5.91 -21.97 -47.87
N VAL A 362 -6.26 -23.20 -47.54
CA VAL A 362 -7.65 -23.61 -47.44
C VAL A 362 -7.97 -24.02 -46.01
N CYS A 363 -9.25 -24.01 -45.68
CA CYS A 363 -9.73 -24.39 -44.36
C CYS A 363 -10.60 -25.63 -44.48
N ASP A 364 -10.59 -26.46 -43.44
CA ASP A 364 -11.27 -27.75 -43.47
C ASP A 364 -12.72 -27.65 -43.01
N GLY A 365 -12.96 -26.98 -41.88
CA GLY A 365 -14.29 -26.94 -41.30
C GLY A 365 -15.24 -25.99 -41.98
N SER A 366 -15.61 -26.28 -43.23
CA SER A 366 -16.53 -25.42 -43.95
C SER A 366 -17.68 -26.22 -44.55
N GLY A 367 -17.45 -27.48 -44.86
CA GLY A 367 -18.46 -28.29 -45.51
C GLY A 367 -18.76 -27.85 -46.92
N ARG A 368 -17.73 -27.53 -47.69
CA ARG A 368 -17.89 -27.06 -49.07
C ARG A 368 -16.66 -27.51 -49.85
N ALA A 369 -16.41 -26.89 -51.00
CA ALA A 369 -15.31 -27.31 -51.86
C ALA A 369 -13.96 -27.14 -51.19
N SER A 370 -13.85 -26.23 -50.22
CA SER A 370 -12.62 -26.16 -49.42
C SER A 370 -12.44 -27.43 -48.60
N ASP A 371 -13.52 -27.94 -48.02
CA ASP A 371 -13.44 -29.22 -47.31
C ASP A 371 -13.13 -30.36 -48.27
N ILE A 372 -13.61 -30.27 -49.52
CA ILE A 372 -13.27 -31.26 -50.53
C ILE A 372 -11.77 -31.24 -50.82
N LEU A 373 -11.19 -30.05 -50.94
CA LEU A 373 -9.75 -29.94 -51.16
C LEU A 373 -8.97 -30.46 -49.95
N ALA A 374 -9.46 -30.18 -48.74
CA ALA A 374 -8.79 -30.69 -47.54
C ALA A 374 -8.84 -32.21 -47.49
N PHE A 375 -9.98 -32.80 -47.87
CA PHE A 375 -10.09 -34.25 -47.93
C PHE A 375 -9.17 -34.83 -49.01
N GLY A 376 -9.08 -34.16 -50.15
CA GLY A 376 -8.24 -34.64 -51.23
C GLY A 376 -6.75 -34.37 -51.07
N HIS A 377 -6.37 -33.55 -50.09
CA HIS A 377 -4.95 -33.30 -49.86
C HIS A 377 -4.23 -34.58 -49.42
N LYS A 378 -4.85 -35.35 -48.54
CA LYS A 378 -4.31 -36.65 -48.17
C LYS A 378 -4.61 -37.66 -49.27
N TYR A 379 -3.76 -38.69 -49.35
CA TYR A 379 -3.89 -39.77 -50.33
C TYR A 379 -3.92 -39.21 -51.75
N SER A 380 -2.86 -38.49 -52.09
CA SER A 380 -2.73 -37.84 -53.39
C SER A 380 -1.58 -38.47 -54.17
N GLU A 381 -1.30 -37.90 -55.34
CA GLU A 381 -0.26 -38.40 -56.21
C GLU A 381 0.90 -37.41 -56.29
N VAL A 396 -10.03 -44.31 -56.10
CA VAL A 396 -10.83 -43.58 -55.13
C VAL A 396 -11.80 -42.66 -55.86
N THR A 397 -12.23 -43.09 -57.04
CA THR A 397 -13.19 -42.34 -57.85
C THR A 397 -14.64 -42.69 -57.51
N ILE A 398 -14.87 -43.58 -56.54
CA ILE A 398 -16.24 -43.95 -56.16
C ILE A 398 -16.85 -42.99 -55.16
N GLN A 399 -16.12 -41.98 -54.73
CA GLN A 399 -16.62 -40.98 -53.78
C GLN A 399 -17.03 -39.70 -54.48
N LYS A 400 -17.58 -39.80 -55.68
CA LYS A 400 -17.94 -38.63 -56.48
C LYS A 400 -19.39 -38.20 -56.32
N THR A 401 -20.13 -38.83 -55.41
CA THR A 401 -21.53 -38.48 -55.18
C THR A 401 -21.63 -37.52 -54.01
N PHE A 402 -22.15 -36.32 -54.27
CA PHE A 402 -22.33 -35.31 -53.24
C PHE A 402 -23.71 -34.66 -53.27
N THR A 403 -24.55 -34.99 -54.26
CA THR A 403 -25.78 -34.24 -54.54
C THR A 403 -25.47 -32.75 -54.72
N TYR A 404 -24.35 -32.46 -55.40
CA TYR A 404 -23.83 -31.12 -55.56
C TYR A 404 -23.73 -30.69 -57.02
N THR A 405 -23.53 -31.62 -57.95
CA THR A 405 -23.48 -31.31 -59.37
C THR A 405 -24.47 -32.20 -60.13
N ARG A 406 -24.41 -32.18 -61.46
CA ARG A 406 -25.31 -33.00 -62.27
C ARG A 406 -24.82 -34.45 -62.22
N THR A 407 -25.16 -35.10 -61.12
CA THR A 407 -24.93 -36.52 -60.85
C THR A 407 -23.45 -36.85 -61.04
N GLN A 408 -23.15 -38.07 -61.47
CA GLN A 408 -21.80 -38.45 -61.85
C GLN A 408 -21.48 -38.12 -63.30
N ALA A 409 -22.47 -37.64 -64.06
CA ALA A 409 -22.24 -37.28 -65.45
C ALA A 409 -21.40 -36.01 -65.57
N GLN A 410 -21.74 -34.98 -64.81
CA GLN A 410 -21.01 -33.72 -64.84
C GLN A 410 -20.18 -33.57 -63.57
N HIS A 411 -18.88 -33.26 -63.75
CA HIS A 411 -17.99 -33.12 -62.62
C HIS A 411 -16.84 -32.20 -62.98
N LEU A 412 -16.17 -31.70 -61.95
CA LEU A 412 -14.94 -30.91 -62.09
C LEU A 412 -13.72 -31.72 -61.65
N PHE A 413 -13.76 -33.03 -61.88
CA PHE A 413 -12.71 -33.90 -61.37
C PHE A 413 -11.41 -33.72 -62.15
N ILE A 414 -11.47 -33.29 -63.41
CA ILE A 414 -10.25 -32.99 -64.14
C ILE A 414 -9.53 -31.79 -63.51
N ILE A 415 -10.29 -30.75 -63.18
CA ILE A 415 -9.71 -29.58 -62.53
C ILE A 415 -9.16 -29.95 -61.16
N LEU A 416 -9.91 -30.77 -60.41
CA LEU A 416 -9.45 -31.21 -59.09
C LEU A 416 -8.18 -32.05 -59.20
N MET A 417 -8.10 -32.91 -60.22
CA MET A 417 -6.91 -33.74 -60.40
C MET A 417 -5.71 -32.90 -60.80
N GLU A 418 -5.92 -31.86 -61.61
CA GLU A 418 -4.81 -30.97 -61.94
C GLU A 418 -4.33 -30.20 -60.71
N CYS A 419 -5.27 -29.74 -59.87
CA CYS A 419 -4.90 -29.07 -58.63
C CYS A 419 -4.12 -30.01 -57.70
N MET A 420 -4.55 -31.27 -57.61
CA MET A 420 -3.81 -32.25 -56.82
C MET A 420 -2.46 -32.59 -57.46
N LYS A 421 -2.37 -32.45 -58.78
CA LYS A 421 -1.07 -32.58 -59.45
C LYS A 421 -0.14 -31.44 -59.05
N LYS A 422 -0.68 -30.25 -58.82
CA LYS A 422 0.09 -29.11 -58.36
C LYS A 422 0.02 -28.95 -56.85
N LYS A 423 0.00 -30.05 -56.11
CA LYS A 423 -0.23 -30.04 -54.66
C LYS A 423 0.95 -29.53 -53.85
N GLU A 424 2.05 -29.12 -54.48
CA GLU A 424 3.19 -28.66 -53.69
C GLU A 424 2.98 -27.28 -53.09
N LEU A 425 1.91 -26.58 -53.47
CA LEU A 425 1.63 -25.25 -52.97
C LEU A 425 0.43 -25.17 -52.04
N ILE A 426 -0.48 -26.13 -52.10
CA ILE A 426 -1.68 -26.09 -51.26
C ILE A 426 -1.29 -26.30 -49.81
N THR A 427 -1.86 -25.47 -48.93
CA THR A 427 -1.67 -25.61 -47.49
C THR A 427 -3.03 -25.70 -46.82
N VAL A 428 -3.21 -26.70 -45.96
CA VAL A 428 -4.49 -26.97 -45.31
C VAL A 428 -4.35 -26.67 -43.83
N PHE A 429 -5.28 -25.87 -43.31
CA PHE A 429 -5.31 -25.53 -41.89
C PHE A 429 -6.31 -26.43 -41.18
N ARG A 430 -5.85 -27.14 -40.16
CA ARG A 430 -6.69 -28.02 -39.36
C ARG A 430 -6.55 -27.65 -37.90
N MET A 431 -7.68 -27.54 -37.20
CA MET A 431 -7.65 -27.18 -35.78
C MET A 431 -7.08 -28.33 -34.96
N GLY A 432 -6.12 -28.01 -34.10
CA GLY A 432 -5.52 -29.01 -33.23
C GLY A 432 -4.76 -30.09 -33.97
N SER A 433 -4.11 -29.73 -35.08
CA SER A 433 -3.37 -30.70 -35.88
C SER A 433 -1.93 -30.76 -35.41
N GLU A 434 -1.08 -31.44 -36.18
CA GLU A 434 0.33 -31.58 -35.80
C GLU A 434 1.06 -30.24 -35.83
N GLY A 435 0.81 -29.44 -36.87
CA GLY A 435 1.48 -28.17 -37.00
C GLY A 435 0.52 -27.09 -37.49
N HIS A 436 1.04 -25.86 -37.53
CA HIS A 436 0.29 -24.68 -37.97
C HIS A 436 -0.99 -24.50 -37.16
N GLN A 437 -0.80 -24.25 -35.85
CA GLN A 437 -1.92 -24.12 -34.94
C GLN A 437 -2.64 -22.79 -35.04
N ASP A 438 -2.09 -21.82 -35.79
CA ASP A 438 -2.71 -20.52 -35.95
C ASP A 438 -2.73 -20.12 -37.40
N ILE A 439 -3.77 -19.34 -37.77
CA ILE A 439 -3.94 -18.91 -39.15
C ILE A 439 -2.79 -18.00 -39.58
N ASP A 440 -2.40 -17.06 -38.71
CA ASP A 440 -1.35 -16.11 -39.09
C ASP A 440 -0.02 -16.83 -39.34
N LEU A 441 0.28 -17.85 -38.54
CA LEU A 441 1.44 -18.69 -38.84
C LEU A 441 1.24 -19.45 -40.14
N ALA A 442 0.04 -19.96 -40.37
CA ALA A 442 -0.23 -20.73 -41.59
C ALA A 442 -0.12 -19.86 -42.83
N ILE A 443 -0.58 -18.60 -42.74
CA ILE A 443 -0.51 -17.71 -43.89
C ILE A 443 0.94 -17.33 -44.19
N LEU A 444 1.69 -16.94 -43.17
CA LEU A 444 3.04 -16.44 -43.39
C LEU A 444 4.00 -17.54 -43.80
N THR A 445 3.86 -18.73 -43.21
CA THR A 445 4.77 -19.82 -43.56
C THR A 445 4.48 -20.40 -44.94
N ALA A 446 3.34 -20.06 -45.54
CA ALA A 446 3.03 -20.51 -46.89
C ALA A 446 3.60 -19.61 -47.96
N LEU A 447 4.18 -18.47 -47.57
CA LEU A 447 4.78 -17.55 -48.53
C LEU A 447 6.29 -17.75 -48.65
N LEU A 448 6.95 -18.24 -47.60
CA LEU A 448 8.38 -18.47 -47.66
C LEU A 448 8.71 -19.60 -48.61
N LYS A 449 8.01 -20.73 -48.49
CA LYS A 449 8.24 -21.85 -49.40
C LYS A 449 7.62 -21.61 -50.77
N GLY A 450 6.53 -20.82 -50.84
CA GLY A 450 5.89 -20.55 -52.11
C GLY A 450 6.65 -19.58 -52.99
N ALA A 451 7.55 -18.80 -52.42
CA ALA A 451 8.35 -17.88 -53.21
C ALA A 451 9.35 -18.60 -54.10
N ASN A 452 9.76 -19.82 -53.74
CA ASN A 452 10.75 -20.60 -54.48
C ASN A 452 12.05 -19.83 -54.66
N ALA A 453 12.45 -19.10 -53.63
CA ALA A 453 13.62 -18.25 -53.66
C ALA A 453 14.65 -18.72 -52.64
N SER A 454 15.76 -18.00 -52.57
CA SER A 454 16.86 -18.37 -51.71
C SER A 454 16.62 -17.92 -50.27
N ALA A 455 17.48 -18.39 -49.37
CA ALA A 455 17.42 -17.96 -47.98
C ALA A 455 17.55 -16.44 -47.78
N PRO A 456 18.44 -15.72 -48.48
CA PRO A 456 18.44 -14.25 -48.34
C PRO A 456 17.10 -13.60 -48.66
N ASP A 457 16.38 -14.12 -49.67
CA ASP A 457 15.08 -13.55 -49.99
C ASP A 457 14.06 -13.81 -48.89
N GLN A 458 14.07 -15.01 -48.30
CA GLN A 458 13.19 -15.28 -47.18
C GLN A 458 13.52 -14.38 -45.99
N LEU A 459 14.81 -14.19 -45.73
CA LEU A 459 15.23 -13.31 -44.63
C LEU A 459 14.79 -11.87 -44.89
N SER A 460 14.91 -11.41 -46.14
CA SER A 460 14.48 -10.06 -46.48
C SER A 460 12.97 -9.91 -46.29
N LEU A 461 12.19 -10.91 -46.71
CA LEU A 461 10.75 -10.85 -46.51
C LEU A 461 10.39 -10.82 -45.03
N ALA A 462 11.01 -11.69 -44.23
CA ALA A 462 10.71 -11.70 -42.80
C ALA A 462 11.17 -10.42 -42.12
N LEU A 463 12.23 -9.79 -42.63
CA LEU A 463 12.67 -8.52 -42.09
C LEU A 463 11.72 -7.39 -42.44
N ALA A 464 11.23 -7.37 -43.68
CA ALA A 464 10.27 -6.35 -44.09
C ALA A 464 8.95 -6.48 -43.33
N TRP A 465 8.50 -7.72 -43.10
CA TRP A 465 7.28 -7.94 -42.34
C TRP A 465 7.42 -7.62 -40.87
N ASN A 466 8.66 -7.51 -40.36
CA ASN A 466 8.93 -7.31 -38.94
C ASN A 466 8.32 -8.44 -38.10
N ARG A 467 8.60 -9.68 -38.50
CA ARG A 467 8.18 -10.87 -37.79
C ARG A 467 9.45 -11.63 -37.40
N VAL A 468 9.92 -11.40 -36.18
CA VAL A 468 11.16 -12.03 -35.73
C VAL A 468 10.96 -13.52 -35.53
N ASP A 469 9.79 -13.93 -35.05
CA ASP A 469 9.54 -15.34 -34.74
C ASP A 469 9.57 -16.19 -36.00
N ILE A 470 9.02 -15.68 -37.10
CA ILE A 470 9.00 -16.44 -38.35
C ILE A 470 10.41 -16.71 -38.84
N ALA A 471 11.29 -15.70 -38.80
CA ALA A 471 12.66 -15.89 -39.21
C ALA A 471 13.43 -16.78 -38.24
N ARG A 472 13.12 -16.69 -36.94
CA ARG A 472 13.82 -17.50 -35.96
C ARG A 472 13.44 -18.97 -36.07
N SER A 473 12.19 -19.27 -36.44
CA SER A 473 11.70 -20.64 -36.46
C SER A 473 11.71 -21.26 -37.85
N GLN A 474 11.40 -20.50 -38.90
CA GLN A 474 11.27 -21.07 -40.24
C GLN A 474 12.45 -20.78 -41.15
N ILE A 475 13.33 -19.85 -40.79
CA ILE A 475 14.47 -19.47 -41.63
C ILE A 475 15.79 -19.95 -41.03
N PHE A 476 16.12 -19.47 -39.82
CA PHE A 476 17.38 -19.82 -39.18
C PHE A 476 17.25 -21.23 -38.60
N ILE A 477 17.47 -22.21 -39.47
CA ILE A 477 17.41 -23.62 -39.14
C ILE A 477 18.73 -24.26 -39.57
N TYR A 478 18.97 -25.48 -39.11
CA TYR A 478 20.21 -26.18 -39.40
C TYR A 478 20.38 -26.39 -40.90
N GLY A 479 21.58 -26.06 -41.40
CA GLY A 479 21.90 -26.28 -42.80
C GLY A 479 21.14 -25.40 -43.77
N GLN A 480 21.44 -24.09 -43.77
CA GLN A 480 20.77 -23.16 -44.66
C GLN A 480 21.65 -22.65 -45.81
N GLN A 481 22.97 -22.82 -45.70
CA GLN A 481 23.91 -22.47 -46.78
C GLN A 481 23.80 -21.00 -47.19
N TRP A 482 24.14 -20.13 -46.25
CA TRP A 482 24.18 -18.70 -46.53
C TRP A 482 25.36 -18.38 -47.46
N PRO A 483 25.14 -17.68 -48.56
CA PRO A 483 26.27 -17.28 -49.42
C PRO A 483 27.18 -16.28 -48.71
N VAL A 484 28.30 -15.99 -49.36
CA VAL A 484 29.27 -15.06 -48.79
C VAL A 484 28.78 -13.63 -48.95
N GLY A 485 28.82 -12.87 -47.87
CA GLY A 485 28.40 -11.48 -47.89
C GLY A 485 26.91 -11.27 -47.80
N SER A 486 26.13 -12.29 -47.42
CA SER A 486 24.69 -12.18 -47.32
C SER A 486 24.24 -11.69 -45.95
N LEU A 487 24.78 -12.28 -44.88
CA LEU A 487 24.41 -11.86 -43.54
C LEU A 487 24.88 -10.44 -43.24
N GLU A 488 25.99 -10.01 -43.85
CA GLU A 488 26.41 -8.62 -43.71
C GLU A 488 25.38 -7.66 -44.30
N GLN A 489 24.89 -7.97 -45.50
CA GLN A 489 23.85 -7.14 -46.11
C GLN A 489 22.57 -7.17 -45.30
N ALA A 490 22.22 -8.34 -44.75
CA ALA A 490 21.03 -8.42 -43.90
C ALA A 490 21.20 -7.57 -42.64
N MET A 491 22.39 -7.60 -42.04
CA MET A 491 22.64 -6.77 -40.86
C MET A 491 22.56 -5.29 -41.20
N LEU A 492 23.11 -4.89 -42.35
CA LEU A 492 23.03 -3.49 -42.76
C LEU A 492 21.59 -3.06 -42.97
N ASP A 493 20.80 -3.90 -43.65
CA ASP A 493 19.40 -3.55 -43.90
C ASP A 493 18.58 -3.53 -42.61
N ALA A 494 18.91 -4.39 -41.65
CA ALA A 494 18.22 -4.36 -40.37
C ALA A 494 18.62 -3.13 -39.56
N LEU A 495 19.88 -2.73 -39.65
CA LEU A 495 20.34 -1.53 -38.96
C LEU A 495 19.69 -0.28 -39.52
N VAL A 496 19.51 -0.22 -40.83
CA VAL A 496 18.88 0.95 -41.45
C VAL A 496 17.43 1.09 -41.01
N LEU A 497 16.69 -0.02 -40.99
CA LEU A 497 15.26 -0.01 -40.77
C LEU A 497 14.86 0.05 -39.30
N ASP A 498 15.83 0.05 -38.37
CA ASP A 498 15.57 0.04 -36.94
C ASP A 498 14.76 -1.19 -36.54
N ARG A 499 15.34 -2.36 -36.77
CA ARG A 499 14.78 -3.65 -36.40
C ARG A 499 15.73 -4.27 -35.39
N VAL A 500 15.56 -3.90 -34.11
CA VAL A 500 16.52 -4.31 -33.09
C VAL A 500 16.48 -5.81 -32.86
N ASP A 501 15.30 -6.41 -32.95
CA ASP A 501 15.17 -7.85 -32.74
C ASP A 501 15.95 -8.64 -33.79
N PHE A 502 15.89 -8.20 -35.05
CA PHE A 502 16.64 -8.89 -36.09
C PHE A 502 18.13 -8.68 -35.96
N VAL A 503 18.56 -7.50 -35.46
CA VAL A 503 19.97 -7.28 -35.19
C VAL A 503 20.45 -8.25 -34.11
N LYS A 504 19.66 -8.40 -33.04
CA LYS A 504 20.03 -9.34 -31.99
C LYS A 504 20.06 -10.77 -32.50
N LEU A 505 19.10 -11.15 -33.34
CA LEU A 505 19.05 -12.50 -33.88
C LEU A 505 20.24 -12.78 -34.80
N LEU A 506 20.62 -11.80 -35.64
CA LEU A 506 21.77 -11.98 -36.52
C LEU A 506 23.06 -12.04 -35.72
N ILE A 507 23.19 -11.22 -34.68
CA ILE A 507 24.37 -11.27 -33.82
C ILE A 507 24.48 -12.64 -33.15
N GLU A 508 23.35 -13.17 -32.67
CA GLU A 508 23.36 -14.50 -32.07
C GLU A 508 23.70 -15.58 -33.09
N ASN A 509 23.38 -15.37 -34.36
CA ASN A 509 23.54 -16.39 -35.39
C ASN A 509 24.81 -16.21 -36.22
N GLY A 510 25.87 -15.64 -35.63
CA GLY A 510 27.16 -15.71 -36.28
C GLY A 510 27.88 -14.41 -36.60
N VAL A 511 27.14 -13.38 -37.05
CA VAL A 511 27.79 -12.16 -37.51
C VAL A 511 28.35 -11.39 -36.31
N SER A 512 29.48 -10.72 -36.53
CA SER A 512 30.16 -9.96 -35.50
C SER A 512 30.41 -8.55 -35.98
N MET A 513 30.20 -7.58 -35.10
CA MET A 513 30.34 -6.16 -35.47
C MET A 513 31.79 -5.77 -35.73
N HIS A 514 32.76 -6.51 -35.20
CA HIS A 514 34.16 -6.15 -35.41
C HIS A 514 34.57 -6.30 -36.87
N ARG A 515 33.90 -7.19 -37.61
CA ARG A 515 34.18 -7.40 -39.03
C ARG A 515 33.18 -6.73 -39.94
N PHE A 516 31.92 -6.59 -39.49
CA PHE A 516 30.90 -5.97 -40.33
C PHE A 516 31.12 -4.48 -40.48
N LEU A 517 31.40 -3.79 -39.38
CA LEU A 517 31.43 -2.33 -39.37
C LEU A 517 32.75 -1.83 -39.95
N THR A 518 32.69 -1.15 -41.08
CA THR A 518 33.82 -0.46 -41.69
C THR A 518 33.50 1.02 -41.77
N ILE A 519 34.42 1.79 -42.37
CA ILE A 519 34.20 3.22 -42.52
C ILE A 519 33.07 3.48 -43.51
N SER A 520 33.08 2.76 -44.64
CA SER A 520 32.08 2.98 -45.68
C SER A 520 30.68 2.61 -45.18
N ARG A 521 30.57 1.51 -44.44
CA ARG A 521 29.25 1.09 -43.97
C ARG A 521 28.71 2.04 -42.90
N LEU A 522 29.58 2.56 -42.03
CA LEU A 522 29.13 3.55 -41.05
C LEU A 522 28.71 4.84 -41.75
N GLU A 523 29.48 5.29 -42.73
CA GLU A 523 29.10 6.50 -43.46
C GLU A 523 27.81 6.31 -44.24
N GLU A 524 27.55 5.07 -44.69
CA GLU A 524 26.26 4.78 -45.30
C GLU A 524 25.14 4.78 -44.27
N LEU A 525 25.41 4.29 -43.06
CA LEU A 525 24.43 4.32 -41.99
C LEU A 525 24.06 5.75 -41.61
N TYR A 526 25.01 6.68 -41.72
CA TYR A 526 24.73 8.07 -41.39
C TYR A 526 23.93 8.80 -42.47
N ASN A 527 23.68 8.17 -43.61
CA ASN A 527 23.00 8.79 -44.74
C ASN A 527 21.80 7.97 -45.18
N THR A 528 20.97 7.57 -44.22
CA THR A 528 19.78 6.78 -44.50
C THR A 528 18.53 7.66 -44.40
N ARG A 529 17.49 7.25 -45.13
CA ARG A 529 16.20 7.94 -45.11
C ARG A 529 15.10 7.12 -44.47
N HIS A 530 15.37 5.88 -44.09
CA HIS A 530 14.37 5.06 -43.42
C HIS A 530 14.32 5.39 -41.93
N GLY A 531 13.47 4.67 -41.21
CA GLY A 531 13.38 4.82 -39.77
C GLY A 531 12.68 6.11 -39.36
N PRO A 532 12.66 6.37 -38.06
CA PRO A 532 12.01 7.59 -37.57
C PRO A 532 12.82 8.83 -37.90
N SER A 533 12.15 9.97 -37.79
CA SER A 533 12.78 11.25 -38.10
C SER A 533 13.81 11.62 -37.04
N ASN A 534 14.70 12.54 -37.41
CA ASN A 534 15.77 12.97 -36.53
C ASN A 534 16.13 14.41 -36.86
N THR A 535 16.93 15.02 -35.97
CA THR A 535 17.34 16.41 -36.11
C THR A 535 18.82 16.54 -36.48
N LEU A 536 19.40 15.49 -37.07
CA LEU A 536 20.83 15.51 -37.36
C LEU A 536 21.17 16.49 -38.48
N TYR A 537 20.28 16.60 -39.48
CA TYR A 537 20.56 17.50 -40.60
C TYR A 537 20.59 18.95 -40.16
N HIS A 538 19.70 19.34 -39.25
CA HIS A 538 19.74 20.69 -38.70
C HIS A 538 21.04 20.95 -37.95
N LEU A 539 21.53 19.95 -37.21
CA LEU A 539 22.80 20.08 -36.51
C LEU A 539 23.95 20.26 -37.49
N VAL A 540 23.97 19.48 -38.57
CA VAL A 540 25.04 19.60 -39.55
C VAL A 540 24.97 20.96 -40.25
N ARG A 541 23.76 21.45 -40.51
CA ARG A 541 23.60 22.77 -41.10
C ARG A 541 24.12 23.85 -40.15
N ASP A 542 23.82 23.73 -38.86
CA ASP A 542 24.20 24.77 -37.91
C ASP A 542 25.70 24.76 -37.63
N VAL A 543 26.32 23.58 -37.64
CA VAL A 543 27.78 23.51 -37.45
C VAL A 543 28.50 24.14 -38.63
N LYS A 544 28.01 23.89 -39.84
CA LYS A 544 28.59 24.50 -41.05
C LYS A 544 28.16 25.95 -41.23
N LYS A 545 27.36 26.50 -40.32
CA LYS A 545 26.88 27.88 -40.38
C LYS A 545 26.12 28.16 -41.67
N GLY A 546 25.22 27.25 -42.02
CA GLY A 546 24.44 27.42 -43.23
C GLY A 546 25.27 27.18 -44.48
N ASN A 547 24.77 27.76 -45.59
CA ASN A 547 25.41 27.65 -46.90
C ASN A 547 25.60 26.17 -47.30
N LEU A 548 24.59 25.36 -46.98
CA LEU A 548 24.65 23.93 -47.25
C LEU A 548 23.96 23.63 -48.57
N PRO A 549 24.68 23.13 -49.58
CA PRO A 549 24.01 22.85 -50.86
C PRO A 549 23.04 21.69 -50.73
N PRO A 550 22.01 21.65 -51.57
CA PRO A 550 21.09 20.51 -51.54
C PRO A 550 21.78 19.22 -51.95
N ASP A 551 21.25 18.11 -51.42
CA ASP A 551 21.80 16.77 -51.66
C ASP A 551 23.27 16.69 -51.21
N TYR A 552 23.47 16.91 -49.92
CA TYR A 552 24.80 16.93 -49.32
C TYR A 552 25.05 15.62 -48.60
N ARG A 553 26.13 14.93 -48.98
CA ARG A 553 26.53 13.71 -48.31
C ARG A 553 27.19 14.05 -46.99
N ILE A 554 26.80 13.35 -45.93
CA ILE A 554 27.32 13.59 -44.59
C ILE A 554 28.55 12.70 -44.38
N SER A 555 29.70 13.33 -44.18
CA SER A 555 30.93 12.61 -43.93
C SER A 555 31.20 12.51 -42.44
N LEU A 556 32.11 11.60 -42.07
CA LEU A 556 32.44 11.40 -40.67
C LEU A 556 33.14 12.59 -40.05
N ILE A 557 33.78 13.44 -40.86
CA ILE A 557 34.38 14.66 -40.31
C ILE A 557 33.28 15.61 -39.84
N ASP A 558 32.16 15.66 -40.56
CA ASP A 558 31.01 16.43 -40.09
C ASP A 558 30.46 15.86 -38.79
N ILE A 559 30.46 14.54 -38.65
CA ILE A 559 30.01 13.92 -37.41
C ILE A 559 30.95 14.27 -36.27
N GLY A 560 32.26 14.27 -36.53
CA GLY A 560 33.20 14.72 -35.52
C GLY A 560 32.98 16.16 -35.10
N LEU A 561 32.75 17.04 -36.07
CA LEU A 561 32.51 18.45 -35.75
C LEU A 561 31.23 18.63 -34.95
N VAL A 562 30.16 17.91 -35.31
CA VAL A 562 28.92 18.09 -34.57
C VAL A 562 29.02 17.48 -33.18
N ILE A 563 29.79 16.41 -33.01
CA ILE A 563 30.01 15.87 -31.66
C ILE A 563 30.80 16.87 -30.83
N GLU A 564 31.82 17.50 -31.41
CA GLU A 564 32.59 18.49 -30.67
C GLU A 564 31.73 19.69 -30.30
N TYR A 565 30.80 20.08 -31.18
CA TYR A 565 29.91 21.19 -30.86
C TYR A 565 28.90 20.80 -29.79
N LEU A 566 28.46 19.55 -29.80
CA LEU A 566 27.44 19.12 -28.84
C LEU A 566 28.03 18.94 -27.44
N MET A 567 29.22 18.35 -27.35
CA MET A 567 29.77 18.02 -26.03
C MET A 567 30.19 19.27 -25.28
N GLY A 568 31.14 20.02 -25.82
CA GLY A 568 31.60 21.23 -25.16
C GLY A 568 32.87 21.75 -25.78
N GLY A 569 33.40 22.80 -25.16
CA GLY A 569 34.61 23.42 -25.68
C GLY A 569 35.83 22.53 -25.56
N ALA A 570 36.01 21.87 -24.42
CA ALA A 570 37.20 21.08 -24.16
C ALA A 570 37.23 19.76 -24.92
N TYR A 571 36.06 19.23 -25.30
CA TYR A 571 36.01 17.92 -25.93
C TYR A 571 36.61 17.96 -27.33
N ARG A 572 37.16 16.82 -27.75
CA ARG A 572 37.82 16.69 -29.04
C ARG A 572 37.50 15.30 -29.60
N CYS A 573 36.66 15.25 -30.62
CA CYS A 573 36.20 13.97 -31.14
C CYS A 573 37.35 13.22 -31.83
N ASN A 574 37.18 11.90 -31.94
CA ASN A 574 38.23 11.06 -32.50
C ASN A 574 38.32 11.19 -34.01
N TYR A 575 37.21 11.52 -34.68
CA TYR A 575 37.23 11.62 -36.14
C TYR A 575 37.96 12.88 -36.60
N THR A 576 38.06 13.89 -35.74
CA THR A 576 38.62 15.18 -36.13
C THR A 576 40.12 15.25 -35.94
N ARG A 577 40.74 14.20 -35.40
CA ARG A 577 42.18 14.20 -35.23
C ARG A 577 42.88 14.10 -36.58
N LYS A 578 44.15 14.54 -36.62
CA LYS A 578 44.90 14.55 -37.86
C LYS A 578 45.14 13.14 -38.37
N ARG A 579 45.33 12.18 -37.46
CA ARG A 579 45.56 10.80 -37.87
C ARG A 579 44.36 10.23 -38.62
N PHE A 580 43.16 10.47 -38.10
CA PHE A 580 41.97 9.95 -38.78
C PHE A 580 41.68 10.72 -40.06
N ARG A 581 42.03 12.01 -40.11
CA ARG A 581 41.91 12.75 -41.37
C ARG A 581 42.85 12.17 -42.42
N THR A 582 44.07 11.83 -42.04
CA THR A 582 45.00 11.18 -42.97
C THR A 582 44.47 9.83 -43.42
N LEU A 583 43.92 9.04 -42.49
CA LEU A 583 43.38 7.74 -42.85
C LEU A 583 42.17 7.87 -43.79
N TYR A 584 41.32 8.86 -43.54
CA TYR A 584 40.11 9.05 -44.32
C TYR A 584 40.38 9.72 -45.67
N HIS A 585 41.53 10.39 -45.83
CA HIS A 585 41.80 11.09 -47.07
C HIS A 585 41.91 10.14 -48.25
N ASN A 586 42.60 9.01 -48.06
CA ASN A 586 42.74 8.00 -49.11
C ASN A 586 41.53 7.05 -49.11
N LEU A 587 40.36 7.63 -49.34
CA LEU A 587 39.12 6.88 -49.39
C LEU A 587 38.04 7.67 -50.13
N ASN A 631 39.60 1.29 -43.11
CA ASN A 631 40.01 0.10 -42.37
C ASN A 631 38.85 -0.39 -41.49
N HIS A 632 39.16 -0.71 -40.24
CA HIS A 632 38.17 -1.19 -39.28
C HIS A 632 38.19 -0.28 -38.05
N PHE A 633 37.42 -0.67 -37.03
CA PHE A 633 37.32 0.05 -35.79
C PHE A 633 37.68 -0.86 -34.63
N PRO A 634 38.56 -0.43 -33.72
CA PRO A 634 38.87 -1.30 -32.56
C PRO A 634 37.68 -1.54 -31.66
N PHE A 635 36.90 -0.51 -31.35
CA PHE A 635 35.67 -0.64 -30.59
C PHE A 635 34.51 -0.24 -31.48
N PRO A 636 33.78 -1.18 -32.08
CA PRO A 636 32.72 -0.81 -33.01
C PRO A 636 31.46 -0.32 -32.30
N PHE A 637 31.22 -0.84 -31.10
CA PHE A 637 29.99 -0.50 -30.39
C PHE A 637 30.00 0.93 -29.87
N HIS A 638 31.18 1.53 -29.66
CA HIS A 638 31.22 2.96 -29.35
C HIS A 638 30.64 3.77 -30.50
N GLU A 639 31.10 3.50 -31.72
CA GLU A 639 30.60 4.21 -32.90
C GLU A 639 29.12 3.92 -33.12
N LEU A 640 28.70 2.66 -32.95
CA LEU A 640 27.30 2.32 -33.17
C LEU A 640 26.39 2.99 -32.15
N MET A 641 26.83 3.06 -30.88
CA MET A 641 26.00 3.71 -29.87
C MET A 641 25.93 5.21 -30.08
N VAL A 642 27.04 5.83 -30.48
CA VAL A 642 27.00 7.27 -30.78
C VAL A 642 26.09 7.53 -31.98
N TRP A 643 26.14 6.64 -32.98
CA TRP A 643 25.24 6.78 -34.13
C TRP A 643 23.78 6.65 -33.70
N ALA A 644 23.48 5.68 -32.85
CA ALA A 644 22.10 5.50 -32.39
C ALA A 644 21.62 6.69 -31.58
N VAL A 645 22.49 7.25 -30.74
CA VAL A 645 22.11 8.41 -29.94
C VAL A 645 21.87 9.63 -30.84
N LEU A 646 22.76 9.85 -31.82
CA LEU A 646 22.60 11.01 -32.69
C LEU A 646 21.39 10.88 -33.61
N MET A 647 21.06 9.67 -34.04
CA MET A 647 19.91 9.44 -34.91
C MET A 647 18.61 9.31 -34.14
N LYS A 648 18.64 9.47 -32.82
CA LYS A 648 17.46 9.46 -31.95
C LYS A 648 16.71 8.13 -32.07
N ARG A 649 17.43 7.05 -31.78
CA ARG A 649 16.87 5.70 -31.71
C ARG A 649 17.17 5.16 -30.33
N GLN A 650 16.19 5.19 -29.44
CA GLN A 650 16.43 4.86 -28.03
C GLN A 650 16.63 3.37 -27.84
N LYS A 651 15.81 2.54 -28.47
CA LYS A 651 15.92 1.10 -28.28
C LYS A 651 17.25 0.57 -28.82
N MET A 652 17.67 1.06 -29.98
CA MET A 652 18.95 0.63 -30.55
C MET A 652 20.11 1.07 -29.67
N ALA A 653 20.04 2.29 -29.12
CA ALA A 653 21.09 2.77 -28.24
C ALA A 653 21.16 1.97 -26.96
N LEU A 654 20.00 1.64 -26.38
CA LEU A 654 19.99 0.83 -25.16
C LEU A 654 20.47 -0.60 -25.43
N PHE A 655 20.26 -1.10 -26.64
CA PHE A 655 20.82 -2.42 -26.98
C PHE A 655 22.33 -2.35 -27.15
N PHE A 656 22.83 -1.31 -27.84
CA PHE A 656 24.26 -1.18 -28.05
C PHE A 656 25.02 -0.80 -26.78
N TRP A 657 24.33 -0.26 -25.77
CA TRP A 657 25.03 0.19 -24.57
C TRP A 657 25.57 -0.99 -23.76
N GLN A 658 24.83 -2.09 -23.72
CA GLN A 658 25.21 -3.22 -22.89
C GLN A 658 26.21 -4.16 -23.56
N HIS A 659 26.70 -3.81 -24.75
CA HIS A 659 27.74 -4.56 -25.42
C HIS A 659 29.00 -3.73 -25.49
N GLY A 660 30.15 -4.39 -25.52
CA GLY A 660 31.42 -3.70 -25.56
C GLY A 660 31.87 -3.22 -24.20
N GLU A 661 32.99 -2.51 -24.20
CA GLU A 661 33.60 -2.03 -22.97
C GLU A 661 33.20 -0.58 -22.70
N GLU A 662 33.57 -0.09 -21.52
CA GLU A 662 33.35 1.29 -21.09
C GLU A 662 31.86 1.65 -21.11
N ALA A 663 31.08 0.93 -20.31
CA ALA A 663 29.64 1.15 -20.27
C ALA A 663 29.29 2.45 -19.59
N MET A 664 29.95 2.78 -18.48
CA MET A 664 29.61 3.98 -17.72
C MET A 664 29.95 5.25 -18.49
N ALA A 665 31.12 5.26 -19.13
CA ALA A 665 31.49 6.41 -19.96
C ALA A 665 30.53 6.58 -21.11
N LYS A 666 30.12 5.46 -21.73
CA LYS A 666 29.15 5.54 -22.82
C LYS A 666 27.82 6.10 -22.34
N ALA A 667 27.36 5.68 -21.16
CA ALA A 667 26.10 6.18 -20.62
C ALA A 667 26.19 7.69 -20.34
N LEU A 668 27.29 8.14 -19.73
CA LEU A 668 27.41 9.56 -19.43
C LEU A 668 27.52 10.41 -20.69
N VAL A 669 28.28 9.93 -21.68
CA VAL A 669 28.40 10.66 -22.94
C VAL A 669 27.04 10.73 -23.64
N ALA A 670 26.29 9.62 -23.62
CA ALA A 670 24.97 9.63 -24.24
C ALA A 670 24.03 10.59 -23.51
N CYS A 671 24.11 10.64 -22.18
CA CYS A 671 23.28 11.58 -21.43
C CYS A 671 23.60 13.02 -21.81
N LYS A 672 24.90 13.35 -21.89
CA LYS A 672 25.29 14.70 -22.26
C LYS A 672 24.84 15.04 -23.68
N LEU A 673 25.01 14.10 -24.61
CA LEU A 673 24.59 14.34 -25.99
C LEU A 673 23.08 14.56 -26.09
N CYS A 674 22.30 13.75 -25.38
CA CYS A 674 20.85 13.90 -25.42
C CYS A 674 20.42 15.23 -24.81
N LYS A 675 21.05 15.63 -23.71
CA LYS A 675 20.73 16.93 -23.12
C LYS A 675 21.05 18.07 -24.07
N ALA A 676 22.23 18.01 -24.72
CA ALA A 676 22.61 19.07 -25.65
C ALA A 676 21.67 19.13 -26.85
N MET A 677 21.29 17.96 -27.38
CA MET A 677 20.36 17.94 -28.50
C MET A 677 19.00 18.48 -28.10
N ALA A 678 18.53 18.16 -26.89
CA ALA A 678 17.26 18.70 -26.42
C ALA A 678 17.31 20.21 -26.30
N HIS A 679 18.39 20.74 -25.73
CA HIS A 679 18.52 22.19 -25.59
C HIS A 679 18.58 22.88 -26.96
N GLU A 680 19.33 22.30 -27.90
CA GLU A 680 19.44 22.90 -29.23
C GLU A 680 18.11 22.84 -29.97
N ALA A 681 17.37 21.74 -29.84
CA ALA A 681 16.07 21.64 -30.49
C ALA A 681 15.08 22.61 -29.88
N SER A 682 15.13 22.82 -28.57
CA SER A 682 14.27 23.81 -27.95
C SER A 682 14.65 25.22 -28.35
N GLU A 683 15.93 25.46 -28.65
CA GLU A 683 16.35 26.79 -29.08
C GLU A 683 15.72 27.19 -30.41
N ASN A 684 15.68 26.26 -31.37
CA ASN A 684 15.19 26.56 -32.71
C ASN A 684 13.67 26.55 -32.83
N ASP A 685 12.95 26.39 -31.71
CA ASP A 685 11.49 26.35 -31.69
C ASP A 685 10.96 25.25 -32.60
N MET A 686 11.31 24.02 -32.27
CA MET A 686 10.85 22.84 -33.00
C MET A 686 9.44 22.48 -32.50
N VAL A 687 8.99 21.26 -32.82
CA VAL A 687 7.65 20.82 -32.44
C VAL A 687 7.47 20.66 -30.94
N ASP A 688 8.56 20.78 -30.15
CA ASP A 688 8.54 20.72 -28.69
C ASP A 688 8.08 19.38 -28.15
N ASP A 689 7.99 18.36 -29.01
CA ASP A 689 7.89 16.97 -28.58
C ASP A 689 9.22 16.23 -28.71
N ILE A 690 10.00 16.58 -29.73
CA ILE A 690 11.36 16.06 -29.85
C ILE A 690 12.19 16.44 -28.64
N SER A 691 12.01 17.66 -28.14
CA SER A 691 12.75 18.10 -26.96
C SER A 691 12.40 17.26 -25.74
N GLN A 692 11.11 16.96 -25.56
CA GLN A 692 10.71 16.13 -24.43
C GLN A 692 11.23 14.71 -24.57
N GLU A 693 11.21 14.16 -25.79
CA GLU A 693 11.77 12.83 -26.00
C GLU A 693 13.26 12.79 -25.68
N LEU A 694 14.01 13.81 -26.12
CA LEU A 694 15.44 13.85 -25.87
C LEU A 694 15.73 14.03 -24.37
N ASN A 695 14.92 14.84 -23.69
CA ASN A 695 15.09 14.98 -22.25
C ASN A 695 14.82 13.67 -21.52
N HIS A 696 13.80 12.92 -21.95
CA HIS A 696 13.54 11.61 -21.35
C HIS A 696 14.68 10.64 -21.62
N ASN A 697 15.25 10.67 -22.82
CA ASN A 697 16.40 9.83 -23.13
C ASN A 697 17.59 10.17 -22.24
N SER A 698 17.84 11.47 -22.04
CA SER A 698 18.94 11.89 -21.18
C SER A 698 18.72 11.43 -19.75
N ARG A 699 17.48 11.55 -19.24
CA ARG A 699 17.19 11.09 -17.89
C ARG A 699 17.39 9.59 -17.76
N ASP A 700 16.95 8.83 -18.76
CA ASP A 700 17.12 7.38 -18.74
C ASP A 700 18.60 6.99 -18.72
N PHE A 701 19.41 7.63 -19.57
CA PHE A 701 20.84 7.30 -19.59
C PHE A 701 21.52 7.69 -18.29
N GLY A 702 21.16 8.83 -17.71
CA GLY A 702 21.70 9.21 -16.42
C GLY A 702 21.34 8.22 -15.32
N GLN A 703 20.09 7.75 -15.32
CA GLN A 703 19.68 6.75 -14.34
C GLN A 703 20.44 5.45 -14.52
N LEU A 704 20.67 5.04 -15.77
CA LEU A 704 21.47 3.85 -16.02
C LEU A 704 22.89 4.01 -15.48
N ALA A 705 23.50 5.17 -15.71
CA ALA A 705 24.85 5.40 -15.20
C ALA A 705 24.89 5.35 -13.68
N VAL A 706 23.90 5.96 -13.02
CA VAL A 706 23.86 5.96 -11.56
C VAL A 706 23.69 4.55 -11.03
N GLU A 707 22.81 3.76 -11.64
CA GLU A 707 22.60 2.40 -11.17
C GLU A 707 23.84 1.53 -11.37
N LEU A 708 24.52 1.70 -12.51
CA LEU A 708 25.74 0.95 -12.74
C LEU A 708 26.82 1.32 -11.74
N LEU A 709 26.96 2.62 -11.43
CA LEU A 709 27.91 3.05 -10.41
C LEU A 709 27.57 2.45 -9.05
N ASP A 710 26.28 2.43 -8.71
CA ASP A 710 25.86 1.88 -7.43
C ASP A 710 26.19 0.40 -7.33
N GLN A 711 25.91 -0.37 -8.40
CA GLN A 711 26.25 -1.79 -8.40
C GLN A 711 27.76 -2.00 -8.27
N SER A 712 28.53 -1.22 -9.02
CA SER A 712 29.99 -1.36 -8.99
C SER A 712 30.55 -1.06 -7.60
N TYR A 713 30.06 0.00 -6.96
CA TYR A 713 30.52 0.32 -5.61
C TYR A 713 30.04 -0.70 -4.60
N LYS A 714 28.86 -1.30 -4.82
CA LYS A 714 28.39 -2.35 -3.94
C LYS A 714 29.27 -3.58 -4.01
N GLN A 715 29.74 -3.93 -5.20
CA GLN A 715 30.54 -5.15 -5.34
C GLN A 715 31.94 -4.97 -4.75
N ASP A 716 32.72 -4.03 -5.30
CA ASP A 716 34.06 -3.76 -4.80
C ASP A 716 34.32 -2.27 -4.85
N GLU A 717 34.98 -1.73 -3.82
CA GLU A 717 35.10 -0.29 -3.66
C GLU A 717 36.37 0.28 -4.29
N GLN A 718 37.50 -0.41 -4.13
CA GLN A 718 38.74 0.09 -4.71
C GLN A 718 38.69 0.09 -6.22
N LEU A 719 38.14 -0.98 -6.81
CA LEU A 719 37.94 -1.00 -8.26
C LEU A 719 36.94 0.05 -8.71
N ALA A 720 35.92 0.34 -7.89
CA ALA A 720 34.96 1.38 -8.22
C ALA A 720 35.62 2.75 -8.24
N MET A 721 36.51 3.02 -7.28
CA MET A 721 37.23 4.29 -7.27
C MET A 721 38.22 4.36 -8.43
N LYS A 722 38.85 3.24 -8.77
CA LYS A 722 39.76 3.23 -9.91
C LYS A 722 39.02 3.41 -11.23
N LEU A 723 37.75 3.01 -11.28
CA LEU A 723 36.97 3.11 -12.50
C LEU A 723 36.57 4.55 -12.79
N LEU A 724 36.40 5.38 -11.76
CA LEU A 724 35.96 6.75 -11.93
C LEU A 724 37.08 7.71 -12.29
N THR A 725 38.35 7.31 -12.13
CA THR A 725 39.45 8.23 -12.26
C THR A 725 40.39 7.94 -13.42
N TYR A 726 40.33 6.76 -14.04
CA TYR A 726 41.32 6.42 -15.04
C TYR A 726 41.04 7.13 -16.36
N GLU A 727 42.12 7.48 -17.05
CA GLU A 727 42.01 8.24 -18.29
C GLU A 727 41.35 7.40 -19.38
N LEU A 728 40.46 8.04 -20.15
CA LEU A 728 39.74 7.39 -21.22
C LEU A 728 40.32 7.84 -22.56
N LYS A 729 41.04 6.93 -23.22
CA LYS A 729 41.71 7.28 -24.48
C LYS A 729 40.70 7.56 -25.59
N ASN A 730 39.57 6.86 -25.60
CA ASN A 730 38.60 6.96 -26.68
C ASN A 730 37.73 8.22 -26.59
N TRP A 731 37.69 8.89 -25.44
CA TRP A 731 36.79 10.02 -25.26
C TRP A 731 37.56 11.29 -24.93
N SER A 732 38.64 11.54 -25.68
CA SER A 732 39.42 12.79 -25.59
C SER A 732 40.04 12.98 -24.22
N ASN A 733 40.45 11.88 -23.57
CA ASN A 733 41.21 11.90 -22.32
C ASN A 733 40.46 12.66 -21.21
N ALA A 734 39.29 12.14 -20.86
CA ALA A 734 38.49 12.70 -19.79
C ALA A 734 37.95 11.58 -18.93
N THR A 735 38.11 11.70 -17.61
CA THR A 735 37.66 10.67 -16.69
C THR A 735 36.14 10.69 -16.56
N CYS A 736 35.59 9.70 -15.86
CA CYS A 736 34.14 9.63 -15.67
C CYS A 736 33.62 10.76 -14.80
N LEU A 737 34.42 11.22 -13.85
CA LEU A 737 34.00 12.36 -13.02
C LEU A 737 33.84 13.62 -13.86
N GLN A 738 34.76 13.87 -14.79
CA GLN A 738 34.65 15.07 -15.62
C GLN A 738 33.45 14.99 -16.55
N LEU A 739 33.17 13.79 -17.09
CA LEU A 739 32.00 13.62 -17.93
C LEU A 739 30.71 13.83 -17.12
N ALA A 740 30.68 13.33 -15.88
CA ALA A 740 29.51 13.53 -15.05
C ALA A 740 29.31 14.98 -14.69
N VAL A 741 30.39 15.70 -14.38
CA VAL A 741 30.28 17.12 -14.05
C VAL A 741 29.85 17.93 -15.25
N ALA A 742 30.41 17.61 -16.43
CA ALA A 742 30.04 18.32 -17.65
C ALA A 742 28.58 18.12 -18.01
N ALA A 743 28.00 16.98 -17.63
CA ALA A 743 26.60 16.70 -17.90
C ALA A 743 25.67 17.27 -16.83
N LYS A 744 26.22 17.96 -15.83
CA LYS A 744 25.44 18.52 -14.72
C LYS A 744 24.58 17.44 -14.05
N HIS A 745 25.20 16.29 -13.80
CA HIS A 745 24.50 15.15 -13.21
C HIS A 745 24.72 15.19 -11.70
N ARG A 746 23.71 15.68 -10.97
CA ARG A 746 23.86 15.85 -9.52
C ARG A 746 23.79 14.54 -8.76
N ASP A 747 22.97 13.59 -9.22
CA ASP A 747 22.83 12.33 -8.51
C ASP A 747 24.07 11.45 -8.63
N PHE A 748 24.95 11.73 -9.59
CA PHE A 748 26.17 10.94 -9.73
C PHE A 748 27.27 11.45 -8.80
N ILE A 749 27.48 12.77 -8.79
CA ILE A 749 28.50 13.35 -7.92
C ILE A 749 28.11 13.23 -6.45
N ALA A 750 26.82 13.23 -6.16
CA ALA A 750 26.36 13.13 -4.77
C ALA A 750 26.33 11.69 -4.27
N HIS A 751 26.72 10.72 -5.09
CA HIS A 751 26.77 9.34 -4.63
C HIS A 751 27.90 9.16 -3.62
N THR A 752 27.81 8.08 -2.85
CA THR A 752 28.77 7.86 -1.77
C THR A 752 30.18 7.64 -2.30
N CYS A 753 30.32 6.86 -3.37
CA CYS A 753 31.64 6.61 -3.93
C CYS A 753 32.27 7.89 -4.47
N SER A 754 31.48 8.72 -5.15
CA SER A 754 32.00 9.98 -5.66
C SER A 754 32.40 10.90 -4.52
N GLN A 755 31.63 10.92 -3.43
CA GLN A 755 31.97 11.77 -2.29
C GLN A 755 33.25 11.29 -1.61
N MET A 756 33.44 9.98 -1.48
CA MET A 756 34.68 9.48 -0.89
C MET A 756 35.87 9.75 -1.79
N LEU A 757 35.69 9.63 -3.11
CA LEU A 757 36.76 9.98 -4.04
C LEU A 757 37.11 11.46 -3.95
N LEU A 758 36.10 12.32 -3.82
CA LEU A 758 36.33 13.75 -3.67
C LEU A 758 37.07 14.04 -2.37
N THR A 759 36.70 13.35 -1.29
CA THR A 759 37.42 13.52 -0.03
C THR A 759 38.87 13.10 -0.15
N ASP A 760 39.13 11.99 -0.85
CA ASP A 760 40.51 11.54 -1.05
C ASP A 760 41.30 12.54 -1.88
N MET A 761 40.68 13.13 -2.89
CA MET A 761 41.37 14.16 -3.67
C MET A 761 41.59 15.42 -2.87
N TRP A 762 40.66 15.77 -1.98
CA TRP A 762 40.76 16.99 -1.19
C TRP A 762 41.80 16.86 -0.09
N MET A 763 41.95 15.68 0.50
CA MET A 763 42.91 15.51 1.59
C MET A 763 44.35 15.62 1.10
N GLY A 764 44.60 15.40 -0.18
CA GLY A 764 45.95 15.48 -0.70
C GLY A 764 46.67 14.15 -0.58
N ARG A 765 47.87 14.18 0.00
CA ARG A 765 48.68 12.99 0.20
C ARG A 765 48.96 12.76 1.68
N LEU A 766 47.99 13.08 2.53
CA LEU A 766 48.08 12.86 3.96
C LEU A 766 47.05 11.81 4.36
N ARG A 767 47.45 10.85 5.16
CA ARG A 767 46.57 9.74 5.52
C ARG A 767 45.82 9.96 6.83
N MET A 768 45.95 11.13 7.44
CA MET A 768 45.21 11.41 8.66
C MET A 768 43.74 11.66 8.33
N ARG A 769 42.84 10.91 8.98
CA ARG A 769 41.42 11.00 8.70
C ARG A 769 40.55 11.09 9.94
N LYS A 770 41.10 10.91 11.14
CA LYS A 770 40.29 10.91 12.35
C LYS A 770 39.83 12.32 12.70
N ASN A 771 40.77 13.22 12.99
CA ASN A 771 40.46 14.61 13.33
C ASN A 771 41.49 15.50 12.64
N SER A 772 41.18 15.92 11.41
CA SER A 772 42.06 16.78 10.64
C SER A 772 41.71 18.23 10.92
N GLY A 773 42.27 19.15 10.13
CA GLY A 773 42.02 20.56 10.34
C GLY A 773 42.91 21.20 11.38
N LEU A 774 42.80 20.73 12.63
CA LEU A 774 43.65 21.24 13.70
C LEU A 774 45.11 20.94 13.43
N LYS A 775 45.41 19.71 12.97
CA LYS A 775 46.78 19.36 12.64
C LYS A 775 47.31 20.17 11.47
N VAL A 776 46.43 20.53 10.53
CA VAL A 776 46.86 21.36 9.40
C VAL A 776 47.27 22.75 9.89
N ILE A 777 46.48 23.34 10.79
CA ILE A 777 46.83 24.64 11.34
C ILE A 777 48.11 24.56 12.17
N LEU A 778 48.27 23.47 12.94
CA LEU A 778 49.49 23.28 13.71
C LEU A 778 50.71 23.18 12.79
N GLY A 779 50.60 22.41 11.71
CA GLY A 779 51.72 22.27 10.79
C GLY A 779 51.98 23.52 9.97
N ILE A 780 50.96 24.36 9.79
CA ILE A 780 51.16 25.61 9.05
C ILE A 780 51.64 26.73 9.95
N LEU A 781 51.50 26.57 11.27
CA LEU A 781 52.06 27.53 12.22
C LEU A 781 53.33 27.01 12.90
N LEU A 782 53.54 25.69 12.91
CA LEU A 782 54.74 25.08 13.46
C LEU A 782 55.34 24.17 12.40
N PRO A 783 56.18 24.70 11.52
CA PRO A 783 56.79 23.89 10.44
C PRO A 783 57.59 22.71 10.95
N PRO A 784 58.23 22.77 12.13
CA PRO A 784 58.80 21.53 12.68
C PRO A 784 57.79 20.42 12.91
N SER A 785 56.52 20.75 13.18
CA SER A 785 55.52 19.73 13.42
C SER A 785 55.06 19.02 12.15
N ILE A 786 55.49 19.48 10.98
CA ILE A 786 55.07 18.84 9.72
C ILE A 786 55.64 17.43 9.63
N LEU A 787 56.88 17.23 10.05
CA LEU A 787 57.52 15.93 9.93
C LEU A 787 57.11 15.01 11.08
N SER A 788 55.81 14.94 11.35
CA SER A 788 55.26 13.99 12.30
C SER A 788 53.94 13.39 11.82
N LEU A 789 53.50 13.71 10.61
CA LEU A 789 52.23 13.24 10.08
C LEU A 789 52.46 12.10 9.09
N GLU A 790 51.56 11.12 9.12
CA GLU A 790 51.66 10.00 8.20
C GLU A 790 51.38 10.46 6.77
N PHE A 791 52.09 9.87 5.82
CA PHE A 791 51.96 10.22 4.41
C PHE A 791 51.67 8.98 3.58
N LYS A 792 50.96 9.19 2.47
CA LYS A 792 50.63 8.10 1.59
C LYS A 792 51.86 7.67 0.79
N ASN A 793 51.90 6.39 0.44
CA ASN A 793 53.04 5.82 -0.28
C ASN A 793 53.05 6.24 -1.75
N GLY A 860 62.62 17.22 3.48
CA GLY A 860 63.01 17.30 2.08
C GLY A 860 61.81 17.41 1.15
N ARG A 861 61.37 16.26 0.63
CA ARG A 861 60.21 16.23 -0.27
C ARG A 861 58.89 16.18 0.49
N LYS A 862 58.93 15.96 1.80
CA LYS A 862 57.69 15.90 2.58
C LYS A 862 57.04 17.28 2.70
N ILE A 863 57.85 18.33 2.81
CA ILE A 863 57.31 19.68 2.90
C ILE A 863 56.60 20.08 1.61
N TYR A 864 57.20 19.77 0.46
CA TYR A 864 56.58 20.10 -0.82
C TYR A 864 55.27 19.35 -1.00
N GLU A 865 55.18 18.13 -0.46
CA GLU A 865 53.94 17.38 -0.54
C GLU A 865 52.90 17.90 0.43
N PHE A 866 53.34 18.44 1.58
CA PHE A 866 52.39 19.00 2.54
C PHE A 866 51.79 20.30 2.03
N TYR A 867 52.63 21.20 1.52
CA TYR A 867 52.18 22.54 1.15
C TYR A 867 51.52 22.59 -0.22
N ASN A 868 51.25 21.45 -0.85
CA ASN A 868 50.56 21.44 -2.14
C ASN A 868 49.19 20.76 -2.06
N ALA A 869 48.87 20.13 -0.94
CA ALA A 869 47.52 19.60 -0.76
C ALA A 869 46.52 20.75 -0.73
N PRO A 870 45.34 20.59 -1.35
CA PRO A 870 44.36 21.68 -1.36
C PRO A 870 43.87 22.08 0.02
N ILE A 871 43.84 21.16 0.99
CA ILE A 871 43.37 21.51 2.32
C ILE A 871 44.31 22.52 2.98
N VAL A 872 45.63 22.33 2.80
CA VAL A 872 46.60 23.26 3.37
C VAL A 872 46.50 24.62 2.69
N LYS A 873 46.28 24.64 1.38
CA LYS A 873 46.06 25.90 0.69
C LYS A 873 44.84 26.62 1.22
N PHE A 874 43.75 25.87 1.46
CA PHE A 874 42.53 26.47 1.99
C PHE A 874 42.75 27.06 3.37
N TRP A 875 43.46 26.33 4.24
CA TRP A 875 43.67 26.86 5.58
C TRP A 875 44.62 28.05 5.58
N PHE A 876 45.63 28.05 4.70
CA PHE A 876 46.48 29.21 4.55
C PHE A 876 45.67 30.43 4.10
N TYR A 877 44.79 30.23 3.13
CA TYR A 877 43.94 31.32 2.65
C TYR A 877 43.02 31.82 3.75
N THR A 878 42.46 30.92 4.55
CA THR A 878 41.57 31.31 5.63
C THR A 878 42.30 32.13 6.69
N LEU A 879 43.51 31.70 7.08
CA LEU A 879 44.27 32.46 8.08
C LEU A 879 44.65 33.83 7.55
N ALA A 880 45.05 33.91 6.27
CA ALA A 880 45.37 35.20 5.69
C ALA A 880 44.15 36.11 5.68
N TYR A 881 42.98 35.57 5.35
CA TYR A 881 41.77 36.38 5.34
C TYR A 881 41.40 36.86 6.75
N ILE A 882 41.59 36.01 7.76
CA ILE A 882 41.32 36.43 9.14
C ILE A 882 42.25 37.57 9.54
N GLY A 883 43.54 37.45 9.21
CA GLY A 883 44.46 38.55 9.51
C GLY A 883 44.09 39.83 8.81
N TYR A 884 43.68 39.72 7.54
CA TYR A 884 43.27 40.91 6.78
C TYR A 884 42.04 41.56 7.40
N LEU A 885 41.07 40.75 7.85
CA LEU A 885 39.90 41.30 8.52
C LEU A 885 40.27 42.02 9.81
N MET A 886 41.20 41.44 10.58
CA MET A 886 41.63 42.10 11.81
C MET A 886 42.30 43.44 11.51
N LEU A 887 43.17 43.48 10.50
CA LEU A 887 43.82 44.74 10.15
C LEU A 887 42.82 45.78 9.68
N PHE A 888 41.84 45.36 8.88
CA PHE A 888 40.81 46.30 8.41
C PHE A 888 40.00 46.86 9.57
N ASN A 889 39.62 46.01 10.52
CA ASN A 889 38.90 46.48 11.70
C ASN A 889 39.76 47.47 12.49
N TYR A 890 41.05 47.18 12.65
CA TYR A 890 41.91 48.09 13.39
C TYR A 890 42.00 49.44 12.70
N ILE A 891 42.16 49.46 11.37
CA ILE A 891 42.31 50.75 10.70
C ILE A 891 41.01 51.53 10.70
N VAL A 892 39.86 50.86 10.66
CA VAL A 892 38.62 51.64 10.67
C VAL A 892 38.21 52.09 12.07
N LEU A 893 38.62 51.37 13.12
CA LEU A 893 38.20 51.76 14.47
C LEU A 893 38.99 52.97 14.98
N VAL A 894 40.32 52.91 14.92
CA VAL A 894 41.15 53.96 15.50
C VAL A 894 41.25 55.15 14.56
N LYS A 895 41.79 56.26 15.04
CA LYS A 895 41.86 57.49 14.27
C LYS A 895 42.82 57.33 13.10
N MET A 896 42.42 57.88 11.95
CA MET A 896 43.25 57.87 10.74
C MET A 896 43.87 59.24 10.54
N GLU A 897 45.17 59.26 10.26
CA GLU A 897 45.91 60.50 10.13
C GLU A 897 45.95 60.94 8.66
N ARG A 898 46.73 61.97 8.37
CA ARG A 898 46.84 62.49 7.00
C ARG A 898 47.47 61.45 6.08
N TRP A 899 48.54 60.79 6.53
CA TRP A 899 49.17 59.78 5.70
C TRP A 899 48.96 58.39 6.30
N PRO A 900 48.79 57.37 5.47
CA PRO A 900 48.39 56.05 5.97
C PRO A 900 49.43 55.41 6.87
N SER A 901 48.95 54.59 7.80
CA SER A 901 49.80 53.83 8.69
C SER A 901 50.20 52.51 8.03
N THR A 902 50.88 51.65 8.78
CA THR A 902 51.39 50.40 8.23
C THR A 902 50.27 49.41 7.94
N GLN A 903 49.32 49.27 8.87
CA GLN A 903 48.23 48.33 8.67
C GLN A 903 47.37 48.71 7.48
N GLU A 904 47.19 50.01 7.25
CA GLU A 904 46.46 50.47 6.07
C GLU A 904 47.20 50.09 4.79
N TRP A 905 48.53 50.20 4.81
CA TRP A 905 49.32 49.78 3.66
C TRP A 905 49.17 48.28 3.42
N ILE A 906 49.16 47.48 4.49
CA ILE A 906 48.98 46.02 4.33
C ILE A 906 47.62 45.72 3.73
N VAL A 907 46.57 46.42 4.20
CA VAL A 907 45.23 46.21 3.66
C VAL A 907 45.17 46.59 2.17
N ILE A 908 45.78 47.72 1.82
CA ILE A 908 45.78 48.16 0.42
C ILE A 908 46.53 47.15 -0.46
N SER A 909 47.65 46.64 0.04
CA SER A 909 48.40 45.62 -0.71
C SER A 909 47.57 44.36 -0.90
N TYR A 910 46.85 43.95 0.15
CA TYR A 910 46.00 42.76 0.04
C TYR A 910 44.92 42.97 -1.03
N ILE A 911 44.28 44.14 -1.04
CA ILE A 911 43.24 44.40 -2.03
C ILE A 911 43.84 44.41 -3.44
N PHE A 912 44.99 45.05 -3.61
CA PHE A 912 45.62 45.11 -4.93
C PHE A 912 46.00 43.72 -5.44
N THR A 913 46.59 42.90 -4.57
CA THR A 913 46.98 41.57 -5.00
C THR A 913 45.76 40.68 -5.25
N LEU A 914 44.69 40.86 -4.47
CA LEU A 914 43.46 40.11 -4.75
C LEU A 914 42.88 40.49 -6.10
N GLY A 915 42.91 41.77 -6.44
CA GLY A 915 42.46 42.19 -7.77
C GLY A 915 43.31 41.60 -8.87
N ILE A 916 44.63 41.57 -8.66
CA ILE A 916 45.53 40.97 -9.65
C ILE A 916 45.22 39.48 -9.81
N GLU A 917 44.96 38.79 -8.70
CA GLU A 917 44.62 37.37 -8.76
C GLU A 917 43.31 37.16 -9.52
N LYS A 918 42.33 38.03 -9.30
CA LYS A 918 41.07 37.93 -10.04
C LYS A 918 41.29 38.13 -11.54
N MET A 919 42.15 39.08 -11.90
CA MET A 919 42.46 39.29 -13.31
C MET A 919 43.15 38.07 -13.91
N ARG A 920 44.06 37.45 -13.16
CA ARG A 920 44.72 36.25 -13.64
C ARG A 920 43.74 35.10 -13.81
N GLU A 921 42.79 34.98 -12.89
CA GLU A 921 41.73 33.96 -13.04
C GLU A 921 40.89 34.22 -14.27
N ILE A 922 40.62 35.50 -14.57
CA ILE A 922 39.88 35.85 -15.78
C ILE A 922 40.65 35.42 -17.02
N LEU A 923 41.96 35.73 -17.06
CA LEU A 923 42.72 35.54 -18.30
C LEU A 923 42.93 34.07 -18.62
N MET A 924 43.12 33.22 -17.60
CA MET A 924 43.41 31.81 -17.80
C MET A 924 42.17 30.93 -17.68
N SER A 925 41.02 31.44 -18.11
CA SER A 925 39.77 30.70 -18.00
C SER A 925 39.66 29.70 -19.15
N GLU A 926 38.48 29.10 -19.30
CA GLU A 926 38.25 28.04 -20.28
C GLU A 926 38.10 28.54 -21.72
N PRO A 927 37.30 29.57 -22.01
CA PRO A 927 37.18 30.02 -23.40
C PRO A 927 38.48 30.63 -23.92
N GLY A 928 38.57 30.71 -25.24
CA GLY A 928 39.73 31.26 -25.93
C GLY A 928 39.62 32.72 -26.32
N LYS A 929 38.45 33.32 -26.23
CA LYS A 929 38.25 34.71 -26.57
C LYS A 929 38.31 35.58 -25.32
N LEU A 930 39.00 36.72 -25.43
CA LEU A 930 39.18 37.60 -24.28
C LEU A 930 37.86 38.14 -23.75
N LEU A 931 36.96 38.55 -24.65
CA LEU A 931 35.67 39.08 -24.22
C LEU A 931 34.72 37.97 -23.79
N GLN A 932 34.93 36.74 -24.26
CA GLN A 932 34.06 35.63 -23.89
C GLN A 932 34.33 35.14 -22.48
N LYS A 933 35.58 35.19 -22.04
CA LYS A 933 35.93 34.71 -20.70
C LYS A 933 35.33 35.59 -19.62
N VAL A 934 35.10 36.87 -19.92
CA VAL A 934 34.53 37.79 -18.93
C VAL A 934 33.12 37.34 -18.53
N LYS A 935 32.31 36.95 -19.50
CA LYS A 935 30.94 36.50 -19.19
C LYS A 935 30.97 35.22 -18.36
N VAL A 936 31.86 34.28 -18.69
CA VAL A 936 31.95 33.04 -17.95
C VAL A 936 32.40 33.29 -16.51
N TRP A 937 33.32 34.24 -16.33
CA TRP A 937 33.72 34.59 -14.97
C TRP A 937 32.63 35.34 -14.23
N LEU A 938 31.80 36.10 -14.95
CA LEU A 938 30.68 36.82 -14.35
C LEU A 938 29.44 35.95 -14.16
N GLN A 939 29.49 34.68 -14.58
CA GLN A 939 28.38 33.78 -14.33
C GLN A 939 28.10 33.64 -12.83
N GLU A 940 29.16 33.65 -12.01
CA GLU A 940 29.00 33.55 -10.57
C GLU A 940 28.57 34.88 -9.98
N TYR A 941 28.15 34.85 -8.71
CA TYR A 941 27.76 36.06 -8.00
C TYR A 941 28.84 36.59 -7.08
N TRP A 942 29.61 35.71 -6.44
CA TRP A 942 30.69 36.16 -5.58
C TRP A 942 31.73 36.93 -6.39
N ASN A 943 31.94 36.56 -7.65
CA ASN A 943 32.93 37.25 -8.47
C ASN A 943 32.50 38.68 -8.78
N VAL A 944 31.24 38.88 -9.17
CA VAL A 944 30.78 40.23 -9.49
C VAL A 944 30.70 41.09 -8.23
N THR A 945 30.30 40.49 -7.09
CA THR A 945 30.30 41.26 -5.85
C THR A 945 31.72 41.64 -5.44
N ASP A 946 32.68 40.74 -5.64
CA ASP A 946 34.08 41.07 -5.35
C ASP A 946 34.59 42.19 -6.25
N LEU A 947 34.22 42.16 -7.53
CA LEU A 947 34.63 43.23 -8.45
C LEU A 947 34.05 44.56 -8.02
N ILE A 948 32.77 44.59 -7.65
CA ILE A 948 32.15 45.83 -7.20
C ILE A 948 32.83 46.34 -5.93
N ALA A 949 33.10 45.44 -4.99
CA ALA A 949 33.73 45.85 -3.74
C ALA A 949 35.14 46.38 -3.97
N ILE A 950 35.91 45.74 -4.87
CA ILE A 950 37.26 46.20 -5.15
C ILE A 950 37.24 47.56 -5.81
N LEU A 951 36.33 47.77 -6.76
CA LEU A 951 36.22 49.09 -7.38
C LEU A 951 35.84 50.16 -6.37
N LEU A 952 34.89 49.85 -5.48
CA LEU A 952 34.47 50.81 -4.46
C LEU A 952 35.63 51.11 -3.50
N PHE A 953 36.40 50.10 -3.11
CA PHE A 953 37.54 50.33 -2.23
C PHE A 953 38.61 51.16 -2.92
N SER A 954 38.83 50.93 -4.22
CA SER A 954 39.78 51.75 -4.96
C SER A 954 39.34 53.21 -5.01
N VAL A 955 38.05 53.45 -5.25
CA VAL A 955 37.54 54.81 -5.26
C VAL A 955 37.71 55.46 -3.89
N GLY A 956 37.39 54.72 -2.82
CA GLY A 956 37.54 55.27 -1.48
C GLY A 956 38.98 55.57 -1.13
N MET A 957 39.90 54.71 -1.58
CA MET A 957 41.32 54.96 -1.32
C MET A 957 41.82 56.16 -2.11
N ILE A 958 41.30 56.35 -3.33
CA ILE A 958 41.67 57.53 -4.12
C ILE A 958 41.20 58.79 -3.42
N LEU A 959 39.95 58.80 -2.93
CA LEU A 959 39.44 59.96 -2.22
C LEU A 959 40.08 60.17 -0.86
N ARG A 960 40.76 59.14 -0.33
CA ARG A 960 41.29 59.24 1.03
C ARG A 960 42.50 60.16 1.10
N LEU A 961 43.36 60.13 0.07
CA LEU A 961 44.61 60.89 0.09
C LEU A 961 44.35 62.31 -0.45
N GLN A 962 43.57 63.05 0.32
CA GLN A 962 43.15 64.39 -0.07
C GLN A 962 42.97 65.22 1.20
N ASP A 963 42.23 66.33 1.08
CA ASP A 963 41.97 67.20 2.22
C ASP A 963 40.91 66.57 3.12
N GLN A 964 40.43 67.33 4.11
CA GLN A 964 39.59 66.75 5.16
C GLN A 964 38.26 66.17 4.67
N PRO A 965 37.43 66.88 3.87
CA PRO A 965 36.14 66.28 3.51
C PRO A 965 36.27 65.03 2.65
N PHE A 966 37.18 65.03 1.68
CA PHE A 966 37.38 63.84 0.87
C PHE A 966 37.97 62.71 1.71
N ARG A 967 38.78 63.03 2.72
CA ARG A 967 39.27 62.02 3.64
C ARG A 967 38.12 61.38 4.42
N SER A 968 37.16 62.21 4.86
CA SER A 968 35.98 61.67 5.55
C SER A 968 35.16 60.78 4.62
N ASP A 969 35.00 61.19 3.36
CA ASP A 969 34.28 60.37 2.39
C ASP A 969 34.99 59.02 2.19
N GLY A 970 36.31 59.05 2.08
CA GLY A 970 37.06 57.81 1.97
C GLY A 970 36.89 56.92 3.18
N ARG A 971 36.84 57.51 4.37
CA ARG A 971 36.62 56.72 5.58
C ARG A 971 35.24 56.07 5.58
N VAL A 972 34.22 56.80 5.10
CA VAL A 972 32.88 56.21 5.02
C VAL A 972 32.86 55.04 4.03
N ILE A 973 33.57 55.20 2.91
CA ILE A 973 33.68 54.11 1.95
C ILE A 973 34.39 52.91 2.57
N TYR A 974 35.39 53.18 3.41
CA TYR A 974 36.06 52.11 4.15
C TYR A 974 35.08 51.37 5.05
N CYS A 975 34.18 52.10 5.71
CA CYS A 975 33.18 51.46 6.57
C CYS A 975 32.24 50.55 5.77
N VAL A 976 31.78 51.03 4.62
CA VAL A 976 30.91 50.20 3.78
C VAL A 976 31.66 48.94 3.32
N ASN A 977 32.93 49.11 2.94
CA ASN A 977 33.72 47.95 2.55
C ASN A 977 33.94 46.98 3.70
N ILE A 978 34.11 47.46 4.93
CA ILE A 978 34.28 46.52 6.03
C ILE A 978 32.99 45.76 6.29
N ILE A 979 31.83 46.40 6.05
CA ILE A 979 30.58 45.66 6.08
C ILE A 979 30.61 44.50 5.09
N TYR A 980 31.00 44.79 3.85
CA TYR A 980 30.98 43.72 2.84
C TYR A 980 31.99 42.61 3.17
N TRP A 981 33.20 42.99 3.59
CA TRP A 981 34.23 41.99 3.86
C TRP A 981 33.90 41.18 5.10
N TYR A 982 33.12 41.73 6.03
CA TYR A 982 32.59 40.92 7.12
C TYR A 982 31.55 39.94 6.61
N ILE A 983 30.70 40.37 5.68
CA ILE A 983 29.66 39.48 5.15
C ILE A 983 30.30 38.32 4.39
N ARG A 984 31.42 38.57 3.70
CA ARG A 984 32.00 37.57 2.82
C ARG A 984 32.57 36.34 3.54
N LEU A 985 32.45 36.24 4.87
CA LEU A 985 32.96 35.07 5.58
C LEU A 985 32.09 33.83 5.39
N LEU A 986 30.87 33.97 4.86
CA LEU A 986 30.03 32.81 4.65
C LEU A 986 30.59 31.91 3.55
N ASP A 987 31.29 32.49 2.56
CA ASP A 987 31.97 31.67 1.56
C ASP A 987 33.06 30.82 2.21
N ILE A 988 33.77 31.38 3.18
CA ILE A 988 34.75 30.59 3.94
C ILE A 988 34.05 29.50 4.73
N PHE A 989 32.93 29.84 5.36
CA PHE A 989 32.16 28.86 6.14
C PHE A 989 31.62 27.74 5.27
N GLY A 990 31.43 27.99 3.98
CA GLY A 990 30.83 27.02 3.08
C GLY A 990 31.54 25.70 2.89
N VAL A 991 32.71 25.52 3.51
CA VAL A 991 33.40 24.23 3.42
C VAL A 991 32.92 23.27 4.50
N ASN A 992 32.22 23.76 5.52
CA ASN A 992 31.76 22.90 6.60
C ASN A 992 30.63 21.99 6.12
N LYS A 993 30.52 20.82 6.75
CA LYS A 993 29.51 19.86 6.35
C LYS A 993 28.11 20.33 6.72
N TYR A 994 27.99 21.15 7.76
CA TYR A 994 26.69 21.59 8.26
C TYR A 994 26.42 23.07 8.08
N LEU A 995 27.45 23.89 7.84
CA LEU A 995 27.28 25.33 7.71
C LEU A 995 27.13 25.80 6.27
N GLY A 996 27.12 24.88 5.31
CA GLY A 996 26.92 25.24 3.91
C GLY A 996 25.47 25.17 3.47
N PRO A 997 24.83 24.02 3.71
CA PRO A 997 23.39 23.93 3.42
C PRO A 997 22.55 24.97 4.15
N TYR A 998 22.95 25.39 5.35
CA TYR A 998 22.19 26.43 6.04
C TYR A 998 22.21 27.74 5.27
N VAL A 999 23.36 28.13 4.73
CA VAL A 999 23.45 29.34 3.93
C VAL A 999 22.65 29.19 2.63
N MET A 1000 22.74 28.02 1.99
CA MET A 1000 21.99 27.82 0.76
C MET A 1000 20.48 27.85 1.01
N MET A 1001 20.04 27.44 2.20
CA MET A 1001 18.64 27.59 2.57
C MET A 1001 18.31 29.04 2.88
N ILE A 1002 19.26 29.77 3.48
CA ILE A 1002 19.06 31.18 3.82
C ILE A 1002 18.76 31.98 2.57
N GLY A 1003 19.42 31.65 1.46
CA GLY A 1003 19.15 32.39 0.22
C GLY A 1003 17.70 32.31 -0.23
N LYS A 1004 17.15 31.10 -0.29
CA LYS A 1004 15.77 30.94 -0.73
C LYS A 1004 14.79 31.52 0.29
N MET A 1005 15.08 31.35 1.58
CA MET A 1005 14.24 31.96 2.59
C MET A 1005 14.27 33.48 2.47
N MET A 1006 15.39 34.06 2.03
CA MET A 1006 15.46 35.50 1.81
C MET A 1006 14.58 35.92 0.64
N ILE A 1007 14.53 35.10 -0.42
CA ILE A 1007 13.61 35.39 -1.52
C ILE A 1007 12.17 35.45 -1.01
N ASP A 1008 11.76 34.44 -0.25
CA ASP A 1008 10.41 34.44 0.32
C ASP A 1008 10.20 35.62 1.27
N MET A 1009 11.24 36.00 2.00
CA MET A 1009 11.13 37.11 2.96
C MET A 1009 10.87 38.42 2.24
N MET A 1010 11.53 38.65 1.10
CA MET A 1010 11.23 39.87 0.33
C MET A 1010 9.81 39.84 -0.21
N TYR A 1011 9.39 38.68 -0.73
CA TYR A 1011 8.02 38.55 -1.22
C TYR A 1011 7.00 38.86 -0.13
N PHE A 1012 7.32 38.54 1.13
CA PHE A 1012 6.43 38.87 2.23
C PHE A 1012 6.71 40.21 2.89
N VAL A 1013 7.81 40.89 2.53
CA VAL A 1013 8.10 42.20 3.09
C VAL A 1013 7.45 43.32 2.29
N ILE A 1014 7.11 43.06 1.02
CA ILE A 1014 6.41 44.09 0.23
C ILE A 1014 5.11 44.53 0.91
N ILE A 1015 4.31 43.56 1.36
CA ILE A 1015 3.01 43.86 1.96
C ILE A 1015 3.17 44.65 3.25
N MET A 1016 4.14 44.25 4.09
CA MET A 1016 4.40 44.97 5.32
C MET A 1016 4.83 46.40 5.03
N LEU A 1017 5.60 46.60 3.97
CA LEU A 1017 5.98 47.96 3.57
C LEU A 1017 4.76 48.79 3.21
N VAL A 1018 3.81 48.18 2.49
CA VAL A 1018 2.57 48.90 2.13
C VAL A 1018 1.82 49.32 3.38
N VAL A 1019 1.61 48.39 4.32
CA VAL A 1019 0.85 48.70 5.53
C VAL A 1019 1.55 49.77 6.36
N LEU A 1020 2.88 49.66 6.48
CA LEU A 1020 3.67 50.62 7.24
C LEU A 1020 3.57 52.02 6.63
N MET A 1021 3.66 52.12 5.31
CA MET A 1021 3.53 53.42 4.66
C MET A 1021 2.15 54.01 4.89
N SER A 1022 1.10 53.18 4.84
CA SER A 1022 -0.25 53.69 5.06
C SER A 1022 -0.38 54.28 6.46
N PHE A 1023 0.05 53.53 7.48
CA PHE A 1023 -0.05 54.02 8.86
C PHE A 1023 0.79 55.27 9.08
N GLY A 1024 2.01 55.29 8.54
CA GLY A 1024 2.88 56.45 8.74
C GLY A 1024 2.32 57.70 8.11
N VAL A 1025 1.81 57.60 6.87
CA VAL A 1025 1.22 58.76 6.22
C VAL A 1025 0.01 59.26 6.99
N ALA A 1026 -0.85 58.33 7.43
CA ALA A 1026 -2.05 58.74 8.16
C ALA A 1026 -1.69 59.47 9.45
N ARG A 1027 -0.74 58.93 10.22
CA ARG A 1027 -0.36 59.56 11.48
C ARG A 1027 0.29 60.92 11.25
N GLN A 1028 1.22 61.01 10.30
CA GLN A 1028 1.91 62.27 10.05
C GLN A 1028 0.95 63.33 9.57
N ALA A 1029 -0.02 62.96 8.73
CA ALA A 1029 -0.99 63.93 8.26
C ALA A 1029 -1.97 64.35 9.35
N ILE A 1030 -2.34 63.43 10.25
CA ILE A 1030 -3.27 63.79 11.32
C ILE A 1030 -2.62 64.72 12.33
N LEU A 1031 -1.43 64.38 12.80
CA LEU A 1031 -0.87 65.10 13.94
C LEU A 1031 -0.30 66.47 13.56
N PHE A 1032 0.36 66.57 12.39
CA PHE A 1032 1.04 67.80 11.98
C PHE A 1032 0.39 68.33 10.72
N PRO A 1033 -0.59 69.23 10.83
CA PRO A 1033 -1.33 69.72 9.66
C PRO A 1033 -0.86 71.05 9.07
N ASN A 1034 0.24 71.61 9.55
CA ASN A 1034 0.71 72.93 9.11
C ASN A 1034 2.20 72.89 8.82
N GLU A 1035 2.64 71.89 8.07
CA GLU A 1035 4.05 71.71 7.75
C GLU A 1035 4.33 72.17 6.33
N GLU A 1036 5.40 72.95 6.17
CA GLU A 1036 5.86 73.32 4.84
C GLU A 1036 6.50 72.12 4.16
N PRO A 1037 6.48 72.07 2.82
CA PRO A 1037 7.09 70.93 2.12
C PRO A 1037 8.60 70.89 2.35
N SER A 1038 9.07 69.76 2.87
CA SER A 1038 10.50 69.55 3.10
C SER A 1038 10.78 68.06 3.07
N TRP A 1039 12.03 67.71 2.79
CA TRP A 1039 12.42 66.31 2.72
C TRP A 1039 12.41 65.62 4.07
N LYS A 1040 12.26 66.37 5.17
CA LYS A 1040 12.05 65.75 6.47
C LYS A 1040 10.73 64.99 6.52
N LEU A 1041 9.76 65.37 5.69
CA LEU A 1041 8.48 64.68 5.67
C LEU A 1041 8.63 63.23 5.19
N ALA A 1042 9.50 63.00 4.21
CA ALA A 1042 9.73 61.64 3.74
C ALA A 1042 10.46 60.78 4.75
N LYS A 1043 11.06 61.39 5.78
CA LYS A 1043 11.74 60.62 6.82
C LYS A 1043 10.79 60.19 7.92
N ASN A 1044 9.86 61.08 8.30
CA ASN A 1044 8.93 60.80 9.39
C ASN A 1044 7.92 59.70 9.07
N ILE A 1045 7.82 59.30 7.80
CA ILE A 1045 6.85 58.26 7.44
C ILE A 1045 7.43 56.87 7.67
N PHE A 1046 8.68 56.67 7.28
CA PHE A 1046 9.30 55.34 7.35
C PHE A 1046 9.97 55.06 8.68
N TYR A 1047 10.45 56.08 9.37
CA TYR A 1047 11.29 55.91 10.56
C TYR A 1047 10.56 55.22 11.70
N MET A 1048 9.58 55.90 12.28
CA MET A 1048 8.96 55.44 13.52
C MET A 1048 7.98 54.29 13.33
N PRO A 1049 7.16 54.26 12.26
CA PRO A 1049 6.39 53.04 12.02
C PRO A 1049 7.26 51.80 11.82
N TYR A 1050 8.47 51.95 11.30
CA TYR A 1050 9.36 50.80 11.21
C TYR A 1050 9.96 50.43 12.55
N TRP A 1051 10.35 51.42 13.35
CA TRP A 1051 10.88 51.07 14.67
C TRP A 1051 9.80 50.53 15.61
N MET A 1052 8.52 50.81 15.33
CA MET A 1052 7.46 50.41 16.24
C MET A 1052 7.18 48.91 16.23
N ILE A 1053 7.67 48.17 15.23
CA ILE A 1053 7.41 46.74 15.16
C ILE A 1053 8.58 45.91 15.70
N TYR A 1054 9.65 46.55 16.16
CA TYR A 1054 10.78 45.85 16.75
C TYR A 1054 10.95 46.15 18.24
N GLY A 1055 9.88 46.58 18.91
CA GLY A 1055 9.94 46.79 20.33
C GLY A 1055 9.69 48.21 20.79
N GLU A 1056 10.26 49.19 20.09
CA GLU A 1056 10.13 50.60 20.48
C GLU A 1056 8.77 51.10 20.03
N VAL A 1057 7.78 50.90 20.89
CA VAL A 1057 6.39 51.23 20.58
C VAL A 1057 5.94 52.31 21.55
N PHE A 1058 6.87 53.21 21.90
CA PHE A 1058 6.64 54.24 22.90
C PHE A 1058 5.39 55.05 22.60
N ALA A 1059 4.41 54.95 23.49
CA ALA A 1059 3.14 55.63 23.34
C ALA A 1059 3.18 57.07 23.84
N ASP A 1060 4.33 57.54 24.31
CA ASP A 1060 4.46 58.94 24.69
C ASP A 1060 4.85 59.81 23.51
N GLN A 1061 5.69 59.29 22.60
CA GLN A 1061 6.06 60.04 21.40
C GLN A 1061 4.88 60.12 20.44
N ILE A 1062 4.23 59.01 20.17
CA ILE A 1062 3.07 58.97 19.30
C ILE A 1062 1.82 59.19 20.14
N ASP A 1063 0.90 60.02 19.62
CA ASP A 1063 -0.29 60.47 20.33
C ASP A 1063 0.11 61.15 21.63
N PRO A 1064 0.66 62.36 21.57
CA PRO A 1064 1.06 63.04 22.81
C PRO A 1064 -0.15 63.34 23.65
N PRO A 1065 0.02 63.40 24.98
CA PRO A 1065 -1.15 63.58 25.87
C PRO A 1065 -1.75 64.97 25.77
N CYS A 1066 -2.49 65.23 24.71
CA CYS A 1066 -3.15 66.52 24.52
C CYS A 1066 -4.66 66.38 24.64
N GLN A 1079 0.46 74.91 30.25
CA GLN A 1079 0.68 73.55 30.73
C GLN A 1079 0.58 72.54 29.59
N LEU A 1080 -0.39 72.76 28.70
CA LEU A 1080 -0.64 71.83 27.61
C LEU A 1080 -1.05 72.56 26.34
N PRO A 1081 -0.31 72.38 25.24
CA PRO A 1081 -0.77 72.93 23.96
C PRO A 1081 -2.07 72.29 23.55
N PRO A 1082 -2.91 73.01 22.82
CA PRO A 1082 -4.23 72.47 22.47
C PRO A 1082 -4.12 71.25 21.56
N CYS A 1083 -5.09 70.35 21.72
CA CYS A 1083 -5.10 69.12 20.95
C CYS A 1083 -5.39 69.40 19.48
N LYS A 1084 -4.84 68.56 18.61
CA LYS A 1084 -5.12 68.65 17.19
C LYS A 1084 -6.44 67.96 16.88
N THR A 1085 -7.12 68.46 15.85
CA THR A 1085 -8.42 67.92 15.48
C THR A 1085 -8.29 66.49 15.00
N GLY A 1086 -9.11 65.61 15.58
CA GLY A 1086 -9.09 64.20 15.21
C GLY A 1086 -7.82 63.48 15.60
N ALA A 1087 -7.23 63.82 16.74
CA ALA A 1087 -6.03 63.15 17.21
C ALA A 1087 -6.33 61.90 18.01
N TRP A 1088 -7.60 61.56 18.21
CA TRP A 1088 -7.97 60.33 18.89
C TRP A 1088 -7.94 59.12 17.96
N ILE A 1089 -7.73 59.32 16.67
CA ILE A 1089 -7.68 58.21 15.73
C ILE A 1089 -6.30 57.56 15.68
N VAL A 1090 -5.25 58.28 16.06
CA VAL A 1090 -3.89 57.74 15.97
C VAL A 1090 -3.69 56.48 16.82
N PRO A 1091 -4.11 56.44 18.10
CA PRO A 1091 -3.96 55.18 18.85
C PRO A 1091 -4.74 54.02 18.26
N ALA A 1092 -5.93 54.26 17.71
CA ALA A 1092 -6.68 53.16 17.11
C ALA A 1092 -6.01 52.63 15.85
N ILE A 1093 -5.53 53.54 15.00
CA ILE A 1093 -4.82 53.11 13.79
C ILE A 1093 -3.54 52.37 14.18
N MET A 1094 -2.84 52.85 15.22
CA MET A 1094 -1.64 52.17 15.68
C MET A 1094 -1.95 50.78 16.21
N ALA A 1095 -3.05 50.63 16.94
CA ALA A 1095 -3.43 49.32 17.47
C ALA A 1095 -3.74 48.35 16.34
N CYS A 1096 -4.53 48.80 15.36
CA CYS A 1096 -4.85 47.93 14.22
C CYS A 1096 -3.60 47.58 13.43
N TYR A 1097 -2.70 48.54 13.23
CA TYR A 1097 -1.48 48.30 12.48
C TYR A 1097 -0.57 47.30 13.20
N LEU A 1098 -0.46 47.43 14.53
CA LEU A 1098 0.33 46.47 15.30
C LEU A 1098 -0.29 45.08 15.25
N LEU A 1099 -1.62 44.99 15.34
CA LEU A 1099 -2.28 43.69 15.28
C LEU A 1099 -2.07 43.03 13.92
N VAL A 1100 -2.12 43.81 12.85
CA VAL A 1100 -1.90 43.25 11.52
C VAL A 1100 -0.44 42.83 11.34
N ALA A 1101 0.50 43.70 11.71
CA ALA A 1101 1.91 43.46 11.38
C ALA A 1101 2.55 42.42 12.27
N ASN A 1102 2.26 42.43 13.57
CA ASN A 1102 2.99 41.60 14.52
C ASN A 1102 2.31 40.29 14.85
N ILE A 1103 1.08 40.06 14.38
CA ILE A 1103 0.37 38.83 14.75
C ILE A 1103 0.01 38.03 13.51
N LEU A 1104 -0.23 38.71 12.39
CA LEU A 1104 -0.73 38.06 11.18
C LEU A 1104 0.37 37.76 10.18
N LEU A 1105 1.07 38.79 9.71
CA LEU A 1105 2.03 38.59 8.63
C LEU A 1105 3.25 37.80 9.10
N VAL A 1106 3.74 38.07 10.31
CA VAL A 1106 4.92 37.36 10.79
C VAL A 1106 4.60 35.90 11.07
N ASN A 1107 3.41 35.61 11.59
CA ASN A 1107 3.02 34.22 11.81
C ASN A 1107 2.81 33.48 10.49
N LEU A 1108 2.23 34.17 9.50
CA LEU A 1108 2.08 33.56 8.19
C LEU A 1108 3.44 33.31 7.54
N LEU A 1109 4.40 34.20 7.76
CA LEU A 1109 5.76 33.99 7.27
C LEU A 1109 6.41 32.79 7.97
N ILE A 1110 6.17 32.65 9.27
CA ILE A 1110 6.68 31.47 9.98
C ILE A 1110 6.09 30.20 9.39
N ALA A 1111 4.78 30.20 9.10
CA ALA A 1111 4.14 29.04 8.50
C ALA A 1111 4.71 28.75 7.11
N VAL A 1112 4.98 29.79 6.32
CA VAL A 1112 5.54 29.61 4.99
C VAL A 1112 6.94 29.01 5.08
N PHE A 1113 7.77 29.52 6.00
CA PHE A 1113 9.10 28.94 6.21
C PHE A 1113 9.01 27.50 6.66
N ASN A 1114 8.04 27.18 7.51
CA ASN A 1114 7.98 25.85 8.10
C ASN A 1114 7.49 24.81 7.11
N ASN A 1115 6.47 25.15 6.31
CA ASN A 1115 5.85 24.16 5.44
C ASN A 1115 6.61 23.92 4.14
N THR A 1116 7.62 24.73 3.84
CA THR A 1116 8.42 24.52 2.63
C THR A 1116 9.88 24.33 2.98
N PHE A 1117 10.16 23.52 4.00
CA PHE A 1117 11.52 23.35 4.51
C PHE A 1117 12.20 22.08 4.02
N PHE A 1118 11.46 20.98 3.89
CA PHE A 1118 12.06 19.71 3.52
C PHE A 1118 12.62 19.75 2.10
N GLU A 1119 11.85 20.32 1.16
CA GLU A 1119 12.31 20.44 -0.22
C GLU A 1119 13.57 21.29 -0.31
N VAL A 1120 13.58 22.44 0.37
CA VAL A 1120 14.73 23.33 0.34
C VAL A 1120 15.94 22.66 0.96
N LYS A 1121 15.74 21.92 2.05
CA LYS A 1121 16.85 21.22 2.70
C LYS A 1121 17.46 20.16 1.79
N SER A 1122 16.62 19.35 1.16
CA SER A 1122 17.14 18.31 0.28
C SER A 1122 17.86 18.89 -0.94
N ILE A 1123 17.27 19.93 -1.55
CA ILE A 1123 17.90 20.56 -2.70
C ILE A 1123 19.23 21.19 -2.32
N SER A 1124 19.28 21.85 -1.16
CA SER A 1124 20.52 22.48 -0.72
C SER A 1124 21.60 21.45 -0.44
N ASN A 1125 21.23 20.31 0.17
CA ASN A 1125 22.19 19.25 0.39
C ASN A 1125 22.76 18.73 -0.93
N GLN A 1126 21.88 18.48 -1.90
CA GLN A 1126 22.36 17.98 -3.19
C GLN A 1126 23.26 18.99 -3.89
N VAL A 1127 22.89 20.27 -3.86
CA VAL A 1127 23.67 21.29 -4.55
C VAL A 1127 25.03 21.48 -3.89
N TRP A 1128 25.09 21.43 -2.55
CA TRP A 1128 26.37 21.54 -1.87
C TRP A 1128 27.27 20.34 -2.18
N LYS A 1129 26.69 19.14 -2.17
CA LYS A 1129 27.47 17.96 -2.51
C LYS A 1129 27.98 18.01 -3.94
N PHE A 1130 27.23 18.66 -4.84
CA PHE A 1130 27.70 18.80 -6.21
C PHE A 1130 28.80 19.85 -6.33
N GLN A 1131 28.67 20.96 -5.61
CA GLN A 1131 29.65 22.05 -5.72
C GLN A 1131 30.93 21.79 -4.95
N ARG A 1132 30.95 20.76 -4.11
CA ARG A 1132 32.21 20.36 -3.46
C ARG A 1132 33.29 20.06 -4.49
N TYR A 1133 32.91 19.48 -5.65
CA TYR A 1133 33.88 19.19 -6.69
C TYR A 1133 34.53 20.46 -7.23
N GLN A 1134 33.71 21.47 -7.52
CA GLN A 1134 34.26 22.73 -8.02
C GLN A 1134 35.14 23.40 -6.97
N LEU A 1135 34.75 23.33 -5.70
CA LEU A 1135 35.59 23.86 -4.63
C LEU A 1135 36.96 23.17 -4.61
N ILE A 1136 36.95 21.84 -4.70
CA ILE A 1136 38.20 21.08 -4.66
C ILE A 1136 39.07 21.44 -5.86
N MET A 1137 38.47 21.54 -7.04
CA MET A 1137 39.26 21.84 -8.23
C MET A 1137 39.83 23.26 -8.18
N THR A 1138 39.03 24.24 -7.76
CA THR A 1138 39.51 25.62 -7.73
C THR A 1138 40.53 25.84 -6.61
N PHE A 1139 40.58 24.97 -5.60
CA PHE A 1139 41.67 25.06 -4.65
C PHE A 1139 42.85 24.18 -5.02
N HIS A 1140 42.67 23.24 -5.94
CA HIS A 1140 43.80 22.50 -6.49
C HIS A 1140 44.57 23.32 -7.50
N GLU A 1141 43.88 24.18 -8.26
CA GLU A 1141 44.53 24.97 -9.28
C GLU A 1141 45.23 26.22 -8.73
N ARG A 1142 44.81 26.70 -7.56
CA ARG A 1142 45.27 27.99 -7.07
C ARG A 1142 46.76 27.95 -6.68
N PRO A 1143 47.43 29.10 -6.73
CA PRO A 1143 48.81 29.17 -6.23
C PRO A 1143 48.86 28.93 -4.73
N VAL A 1144 50.02 28.45 -4.27
CA VAL A 1144 50.16 28.05 -2.87
C VAL A 1144 50.13 29.27 -1.94
N LEU A 1145 50.72 30.39 -2.36
CA LEU A 1145 50.83 31.51 -1.45
C LEU A 1145 49.51 32.30 -1.38
N PRO A 1146 49.12 32.76 -0.20
CA PRO A 1146 47.90 33.54 -0.05
C PRO A 1146 48.05 34.92 -0.67
N PRO A 1147 46.94 35.64 -0.87
CA PRO A 1147 47.00 36.95 -1.57
C PRO A 1147 47.95 37.96 -0.96
N PRO A 1148 48.07 38.09 0.39
CA PRO A 1148 48.92 39.18 0.91
C PRO A 1148 50.37 39.10 0.48
N LEU A 1149 50.87 37.90 0.14
CA LEU A 1149 52.21 37.76 -0.41
C LEU A 1149 52.21 36.91 -1.68
N ILE A 1150 51.08 36.92 -2.41
CA ILE A 1150 50.99 36.19 -3.66
C ILE A 1150 51.71 36.89 -4.81
N ILE A 1151 52.17 38.12 -4.58
CA ILE A 1151 52.87 38.86 -5.63
C ILE A 1151 54.13 38.13 -6.06
N PHE A 1152 54.80 37.47 -5.10
CA PHE A 1152 56.00 36.69 -5.42
C PHE A 1152 55.66 35.51 -6.31
N SER A 1153 54.54 34.83 -6.05
CA SER A 1153 54.15 33.71 -6.89
C SER A 1153 53.71 34.16 -8.29
N HIS A 1154 53.36 35.43 -8.46
CA HIS A 1154 53.09 35.96 -9.78
C HIS A 1154 54.36 36.35 -10.51
N MET A 1155 55.48 36.48 -9.80
CA MET A 1155 56.76 36.73 -10.47
C MET A 1155 57.25 35.48 -11.19
N THR A 1156 57.07 34.31 -10.57
CA THR A 1156 57.54 33.07 -11.18
C THR A 1156 56.75 32.71 -12.44
N MET A 1157 55.48 33.11 -12.51
CA MET A 1157 54.71 32.85 -13.73
C MET A 1157 55.17 33.74 -14.89
N ILE A 1158 55.90 34.81 -14.60
CA ILE A 1158 56.50 35.63 -15.65
C ILE A 1158 57.87 35.09 -16.04
N PHE A 1159 58.66 34.64 -15.07
CA PHE A 1159 59.95 34.02 -15.37
C PHE A 1159 59.77 32.72 -16.15
N GLN A 1160 58.78 31.91 -15.76
CA GLN A 1160 58.50 30.68 -16.46
C GLN A 1160 57.84 30.91 -17.81
N HIS A 1161 57.35 32.13 -18.07
CA HIS A 1161 56.69 32.41 -19.34
C HIS A 1161 57.68 32.40 -20.50
N VAL A 1162 58.90 32.88 -20.28
CA VAL A 1162 59.91 32.90 -21.33
C VAL A 1162 60.64 31.58 -21.50
N CYS A 1163 60.41 30.63 -20.60
CA CYS A 1163 61.08 29.33 -20.69
C CYS A 1163 60.19 28.31 -21.40
N ARG A 1176 49.51 15.97 -15.05
CA ARG A 1176 48.70 15.72 -13.86
C ARG A 1176 48.78 14.24 -13.45
N ASP A 1177 49.73 13.94 -12.55
CA ASP A 1177 49.85 12.57 -12.05
C ASP A 1177 48.60 12.16 -11.28
N TYR A 1178 48.06 13.07 -10.46
CA TYR A 1178 46.80 12.83 -9.79
C TYR A 1178 46.17 14.17 -9.43
N GLY A 1179 44.89 14.14 -9.11
CA GLY A 1179 44.11 15.34 -8.87
C GLY A 1179 42.99 15.44 -9.88
N LEU A 1180 43.28 15.10 -11.14
CA LEU A 1180 42.29 15.01 -12.19
C LEU A 1180 42.15 13.59 -12.72
N LYS A 1181 43.23 12.97 -13.14
CA LYS A 1181 43.21 11.68 -13.83
C LYS A 1181 44.06 10.66 -13.08
N LEU A 1182 44.19 9.48 -13.68
CA LEU A 1182 44.98 8.40 -13.10
C LEU A 1182 45.37 7.47 -14.24
N PHE A 1183 46.65 7.42 -14.57
CA PHE A 1183 47.12 6.67 -15.74
C PHE A 1183 47.49 5.26 -15.32
N ILE A 1184 47.02 4.28 -16.10
CA ILE A 1184 47.21 2.87 -15.79
C ILE A 1184 47.80 2.16 -16.99
N THR A 1185 48.39 1.00 -16.73
CA THR A 1185 49.03 0.18 -17.75
C THR A 1185 47.98 -0.64 -18.50
N ASP A 1186 48.43 -1.53 -19.38
CA ASP A 1186 47.51 -2.32 -20.18
C ASP A 1186 46.86 -3.42 -19.37
N ASP A 1187 47.62 -4.09 -18.50
CA ASP A 1187 47.05 -5.18 -17.70
C ASP A 1187 46.01 -4.66 -16.73
N GLU A 1188 46.29 -3.52 -16.07
CA GLU A 1188 45.31 -2.92 -15.18
C GLU A 1188 44.07 -2.47 -15.96
N LEU A 1189 44.25 -1.96 -17.17
CA LEU A 1189 43.12 -1.57 -17.99
C LEU A 1189 42.25 -2.77 -18.33
N LYS A 1190 42.88 -3.91 -18.67
CA LYS A 1190 42.12 -5.12 -18.97
C LYS A 1190 41.39 -5.62 -17.74
N LYS A 1191 42.03 -5.57 -16.57
CA LYS A 1191 41.37 -5.99 -15.34
C LYS A 1191 40.17 -5.11 -15.02
N VAL A 1192 40.31 -3.80 -15.22
CA VAL A 1192 39.20 -2.88 -14.99
C VAL A 1192 38.06 -3.16 -15.97
N HIS A 1193 38.39 -3.45 -17.23
CA HIS A 1193 37.35 -3.79 -18.21
C HIS A 1193 36.62 -5.07 -17.82
N ASP A 1194 37.35 -6.09 -17.36
CA ASP A 1194 36.70 -7.32 -16.92
C ASP A 1194 35.79 -7.07 -15.73
N PHE A 1195 36.25 -6.25 -14.78
CA PHE A 1195 35.42 -5.91 -13.63
C PHE A 1195 34.15 -5.19 -14.05
N GLU A 1196 34.26 -4.25 -14.99
CA GLU A 1196 33.10 -3.50 -15.47
C GLU A 1196 32.11 -4.42 -16.19
N GLU A 1197 32.61 -5.33 -17.02
CA GLU A 1197 31.72 -6.26 -17.71
C GLU A 1197 31.01 -7.18 -16.73
N GLN A 1198 31.73 -7.67 -15.73
CA GLN A 1198 31.09 -8.48 -14.70
C GLN A 1198 30.02 -7.70 -13.96
N CYS A 1199 30.30 -6.44 -13.63
CA CYS A 1199 29.33 -5.62 -12.91
C CYS A 1199 28.08 -5.38 -13.73
N ILE A 1200 28.23 -5.05 -15.02
CA ILE A 1200 27.05 -4.76 -15.83
C ILE A 1200 26.23 -6.03 -16.07
N GLU A 1201 26.90 -7.17 -16.27
CA GLU A 1201 26.18 -8.43 -16.42
C GLU A 1201 25.41 -8.78 -15.16
N GLU A 1202 26.04 -8.61 -14.00
CA GLU A 1202 25.36 -8.86 -12.73
C GLU A 1202 24.18 -7.93 -12.54
N TYR A 1203 24.34 -6.65 -12.92
CA TYR A 1203 23.26 -5.69 -12.79
C TYR A 1203 22.05 -6.09 -13.62
N PHE A 1204 22.28 -6.45 -14.89
CA PHE A 1204 21.16 -6.84 -15.75
C PHE A 1204 20.50 -8.12 -15.25
N ARG A 1205 21.31 -9.10 -14.80
CA ARG A 1205 20.73 -10.35 -14.33
C ARG A 1205 19.90 -10.13 -13.07
N GLU A 1206 20.40 -9.32 -12.14
CA GLU A 1206 19.66 -9.03 -10.92
C GLU A 1206 18.37 -8.27 -11.23
N LYS A 1207 18.43 -7.31 -12.17
CA LYS A 1207 17.23 -6.58 -12.54
C LYS A 1207 16.18 -7.49 -13.15
N ASP A 1208 16.58 -8.40 -14.05
CA ASP A 1208 15.62 -9.32 -14.63
C ASP A 1208 15.05 -10.27 -13.58
N ASP A 1209 15.89 -10.76 -12.66
CA ASP A 1209 15.41 -11.64 -11.60
C ASP A 1209 14.41 -10.94 -10.70
N ARG A 1210 14.69 -9.68 -10.35
CA ARG A 1210 13.78 -8.94 -9.49
C ARG A 1210 12.48 -8.60 -10.20
N PHE A 1211 12.53 -8.36 -11.51
CA PHE A 1211 11.30 -8.09 -12.25
C PHE A 1211 10.44 -9.35 -12.37
N ASN A 1212 11.05 -10.50 -12.65
CA ASN A 1212 10.30 -11.73 -12.89
C ASN A 1212 9.66 -12.30 -11.63
N SER A 1213 10.02 -11.82 -10.45
CA SER A 1213 9.51 -12.37 -9.20
C SER A 1213 8.62 -11.41 -8.44
N SER A 1214 8.15 -10.33 -9.09
CA SER A 1214 7.23 -9.42 -8.44
C SER A 1214 5.83 -10.00 -8.43
N ASN A 1215 4.95 -9.40 -7.61
CA ASN A 1215 3.59 -9.89 -7.50
C ASN A 1215 2.80 -9.67 -8.79
N ASP A 1216 3.00 -8.52 -9.44
CA ASP A 1216 2.22 -8.20 -10.64
C ASP A 1216 2.53 -9.17 -11.78
N GLU A 1217 3.82 -9.45 -12.01
CA GLU A 1217 4.20 -10.36 -13.08
C GLU A 1217 3.72 -11.78 -12.80
N ARG A 1218 3.83 -12.22 -11.55
CA ARG A 1218 3.34 -13.55 -11.19
C ARG A 1218 1.84 -13.66 -11.40
N ILE A 1219 1.09 -12.63 -11.01
CA ILE A 1219 -0.35 -12.65 -11.21
C ILE A 1219 -0.69 -12.69 -12.70
N ARG A 1220 0.02 -11.90 -13.50
CA ARG A 1220 -0.24 -11.87 -14.94
C ARG A 1220 0.04 -13.22 -15.58
N VAL A 1221 1.17 -13.83 -15.24
CA VAL A 1221 1.53 -15.12 -15.82
C VAL A 1221 0.56 -16.19 -15.37
N THR A 1222 0.15 -16.17 -14.09
CA THR A 1222 -0.82 -17.14 -13.60
C THR A 1222 -2.15 -16.98 -14.32
N SER A 1223 -2.59 -15.74 -14.55
CA SER A 1223 -3.85 -15.51 -15.27
C SER A 1223 -3.78 -16.03 -16.69
N GLU A 1224 -2.67 -15.75 -17.40
CA GLU A 1224 -2.54 -16.24 -18.77
C GLU A 1224 -2.53 -17.76 -18.84
N ARG A 1225 -1.78 -18.40 -17.93
CA ARG A 1225 -1.72 -19.86 -17.95
C ARG A 1225 -3.05 -20.48 -17.53
N VAL A 1226 -3.78 -19.85 -16.61
CA VAL A 1226 -5.10 -20.35 -16.23
C VAL A 1226 -6.06 -20.24 -17.41
N GLU A 1227 -6.00 -19.14 -18.15
CA GLU A 1227 -6.86 -18.99 -19.33
C GLU A 1227 -6.55 -20.07 -20.36
N ASN A 1228 -5.26 -20.32 -20.62
CA ASN A 1228 -4.88 -21.35 -21.57
C ASN A 1228 -5.34 -22.73 -21.10
N MET A 1229 -5.16 -23.02 -19.80
CA MET A 1229 -5.57 -24.32 -19.27
C MET A 1229 -7.09 -24.51 -19.37
N SER A 1230 -7.86 -23.45 -19.08
CA SER A 1230 -9.31 -23.56 -19.20
C SER A 1230 -9.72 -23.80 -20.65
N MET A 1231 -9.10 -23.07 -21.58
CA MET A 1231 -9.42 -23.26 -23.00
C MET A 1231 -9.09 -24.68 -23.45
N ARG A 1232 -7.98 -25.24 -22.95
CA ARG A 1232 -7.62 -26.60 -23.33
C ARG A 1232 -8.54 -27.63 -22.68
N LEU A 1233 -8.92 -27.41 -21.42
CA LEU A 1233 -9.76 -28.38 -20.74
C LEU A 1233 -11.18 -28.39 -21.29
N GLU A 1234 -11.65 -27.25 -21.82
CA GLU A 1234 -12.97 -27.24 -22.43
C GLU A 1234 -13.04 -28.12 -23.67
N GLU A 1235 -11.93 -28.24 -24.40
CA GLU A 1235 -11.89 -29.14 -25.55
C GLU A 1235 -11.48 -30.55 -25.17
N VAL A 1236 -10.82 -30.73 -24.03
CA VAL A 1236 -10.57 -32.09 -23.54
C VAL A 1236 -11.88 -32.72 -23.07
N ASN A 1237 -12.74 -31.93 -22.42
CA ASN A 1237 -14.02 -32.44 -21.94
C ASN A 1237 -14.91 -32.87 -23.11
N GLU A 1238 -14.93 -32.09 -24.19
CA GLU A 1238 -15.78 -32.41 -25.33
C GLU A 1238 -15.30 -33.64 -26.09
N ARG A 1239 -14.10 -34.13 -25.81
CA ARG A 1239 -13.61 -35.39 -26.37
C ARG A 1239 -14.32 -36.53 -25.64
N GLU A 1240 -15.58 -36.75 -26.03
CA GLU A 1240 -16.46 -37.70 -25.35
C GLU A 1240 -16.95 -38.76 -26.32
N HIS A 1241 -16.04 -39.28 -27.15
CA HIS A 1241 -16.40 -40.37 -28.05
C HIS A 1241 -16.61 -41.68 -27.28
N SER A 1242 -15.90 -41.85 -26.17
CA SER A 1242 -16.02 -43.05 -25.36
C SER A 1242 -17.24 -42.98 -24.44
N UNK B 1 -9.51 18.00 -59.05
CA UNK B 1 -8.23 17.30 -59.20
C UNK B 1 -8.32 16.25 -60.30
N UNK B 2 -8.04 15.00 -59.93
CA UNK B 2 -8.09 13.90 -60.89
C UNK B 2 -9.46 13.24 -60.90
N UNK B 3 -10.50 14.06 -61.01
CA UNK B 3 -11.87 13.56 -61.05
C UNK B 3 -12.15 12.86 -62.37
N UNK B 4 -12.08 13.60 -63.46
CA UNK B 4 -12.31 13.04 -64.80
C UNK B 4 -11.12 12.22 -65.25
N UNK B 5 -11.23 10.90 -65.09
CA UNK B 5 -10.16 9.98 -65.51
C UNK B 5 -10.72 8.58 -65.70
N UNK B 6 -11.92 8.35 -65.18
CA UNK B 6 -12.55 7.04 -65.26
C UNK B 6 -13.73 7.07 -66.23
N UNK B 7 -14.72 6.21 -66.00
CA UNK B 7 -15.88 6.13 -66.87
C UNK B 7 -17.05 5.44 -66.16
N UNK B 8 -18.03 5.01 -66.95
CA UNK B 8 -19.20 4.30 -66.43
C UNK B 8 -19.83 3.48 -67.56
N UNK B 9 -20.99 2.88 -67.29
CA UNK B 9 -21.66 2.06 -68.28
C UNK B 9 -23.15 1.93 -67.98
N UNK B 10 -23.97 2.67 -68.75
CA UNK B 10 -25.41 2.59 -68.60
C UNK B 10 -26.03 1.85 -69.78
N UNK B 11 -27.22 1.28 -69.57
CA UNK B 11 -27.89 0.50 -70.60
C UNK B 11 -28.39 1.39 -71.74
N UNK B 12 -28.33 0.87 -72.96
CA UNK B 12 -28.76 1.61 -74.14
C UNK B 12 -29.99 0.97 -74.78
N UNK B 13 -29.96 0.83 -76.10
CA UNK B 13 -31.07 0.27 -76.84
C UNK B 13 -31.22 -1.23 -76.57
N UNK B 14 -31.99 -1.56 -75.54
CA UNK B 14 -32.17 -2.95 -75.13
C UNK B 14 -33.64 -3.26 -74.87
N UNK B 15 -34.04 -4.49 -75.21
CA UNK B 15 -35.41 -4.94 -74.98
C UNK B 15 -35.48 -6.47 -75.00
N UNK B 16 -36.05 -7.05 -73.96
CA UNK B 16 -36.19 -8.49 -73.85
C UNK B 16 -37.30 -8.88 -72.88
N UNK B 17 -37.11 -10.02 -72.21
CA UNK B 17 -38.05 -10.54 -71.22
C UNK B 17 -39.46 -10.70 -71.78
N ILE C 128 -70.73 -38.11 2.38
CA ILE C 128 -71.90 -37.40 1.84
C ILE C 128 -71.58 -36.86 0.46
N SER C 129 -72.60 -36.29 -0.19
CA SER C 129 -72.44 -35.66 -1.51
C SER C 129 -72.11 -34.18 -1.39
N LYS C 130 -71.07 -33.87 -0.60
CA LYS C 130 -70.63 -32.51 -0.33
C LYS C 130 -71.77 -31.65 0.21
N HIS C 131 -72.29 -32.06 1.37
CA HIS C 131 -73.34 -31.32 2.06
C HIS C 131 -72.69 -30.55 3.20
N THR C 132 -72.20 -29.36 2.88
CA THR C 132 -71.47 -28.51 3.81
C THR C 132 -72.27 -27.25 4.11
N GLN C 133 -71.67 -26.36 4.90
CA GLN C 133 -72.27 -25.10 5.28
C GLN C 133 -71.41 -23.96 4.76
N LEU C 134 -72.04 -23.01 4.05
CA LEU C 134 -71.33 -21.90 3.43
C LEU C 134 -71.10 -20.76 4.43
N SER C 135 -70.40 -21.08 5.50
CA SER C 135 -70.08 -20.08 6.51
C SER C 135 -69.04 -19.12 5.97
N PRO C 136 -68.96 -17.90 6.52
CA PRO C 136 -67.92 -16.96 6.10
C PRO C 136 -66.55 -17.38 6.60
N THR C 137 -65.52 -16.78 6.00
CA THR C 137 -64.14 -17.10 6.34
C THR C 137 -63.81 -16.61 7.75
N ASP C 138 -62.93 -17.37 8.43
CA ASP C 138 -62.50 -17.01 9.77
C ASP C 138 -61.00 -17.25 9.97
N ALA C 139 -60.22 -17.33 8.90
CA ALA C 139 -58.78 -17.57 9.03
C ALA C 139 -58.08 -16.87 7.87
N PHE C 140 -57.62 -15.64 8.12
CA PHE C 140 -56.77 -14.94 7.17
C PHE C 140 -55.97 -13.89 7.92
N GLY C 141 -54.89 -13.42 7.29
CA GLY C 141 -54.02 -12.44 7.90
C GLY C 141 -52.56 -12.64 7.54
N THR C 142 -51.72 -12.78 8.56
CA THR C 142 -50.29 -12.96 8.36
C THR C 142 -49.78 -13.97 9.38
N ILE C 143 -48.88 -14.85 8.95
CA ILE C 143 -48.26 -15.81 9.84
C ILE C 143 -46.75 -15.65 9.76
N GLU C 144 -46.09 -15.78 10.90
CA GLU C 144 -44.63 -15.78 10.98
C GLU C 144 -44.18 -17.14 11.46
N PHE C 145 -43.25 -17.75 10.73
CA PHE C 145 -42.81 -19.10 11.02
C PHE C 145 -41.75 -19.08 12.12
N GLN C 146 -42.02 -19.77 13.22
CA GLN C 146 -41.08 -19.88 14.32
C GLN C 146 -40.43 -21.26 14.32
N GLY C 147 -39.18 -21.31 14.77
CA GLY C 147 -38.41 -22.53 14.74
C GLY C 147 -37.62 -22.75 13.48
N GLY C 148 -37.78 -21.88 12.47
CA GLY C 148 -37.00 -21.98 11.27
C GLY C 148 -35.66 -21.26 11.38
N GLY C 149 -34.84 -21.42 10.35
CA GLY C 149 -33.54 -20.77 10.35
C GLY C 149 -33.64 -19.25 10.29
N HIS C 150 -34.62 -18.74 9.57
CA HIS C 150 -34.81 -17.32 9.40
C HIS C 150 -36.25 -16.95 9.74
N SER C 151 -36.44 -15.72 10.22
CA SER C 151 -37.76 -15.21 10.52
C SER C 151 -38.40 -14.66 9.25
N ASN C 152 -39.52 -15.26 8.84
CA ASN C 152 -40.20 -14.88 7.61
C ASN C 152 -41.68 -14.69 7.90
N LYS C 153 -42.29 -13.73 7.20
CA LYS C 153 -43.71 -13.45 7.35
C LYS C 153 -44.43 -13.78 6.05
N ALA C 154 -45.44 -14.64 6.14
CA ALA C 154 -46.23 -15.05 5.00
C ALA C 154 -47.69 -14.68 5.23
N MET C 155 -48.32 -14.12 4.21
CA MET C 155 -49.73 -13.76 4.26
C MET C 155 -50.57 -14.89 3.69
N TYR C 156 -51.70 -15.17 4.33
CA TYR C 156 -52.51 -16.32 3.97
C TYR C 156 -53.97 -15.96 4.12
N VAL C 157 -54.82 -16.67 3.38
CA VAL C 157 -56.28 -16.57 3.48
C VAL C 157 -56.86 -17.98 3.47
N ARG C 158 -58.16 -18.05 3.69
CA ARG C 158 -58.91 -19.31 3.63
C ARG C 158 -60.22 -19.05 2.91
N VAL C 159 -60.37 -19.62 1.73
CA VAL C 159 -61.56 -19.42 0.90
C VAL C 159 -62.08 -20.77 0.46
N SER C 160 -63.33 -20.78 0.01
CA SER C 160 -63.91 -21.99 -0.55
C SER C 160 -63.27 -22.30 -1.91
N PHE C 161 -63.33 -23.56 -2.30
CA PHE C 161 -62.73 -24.01 -3.55
C PHE C 161 -63.59 -23.70 -4.76
N ASP C 162 -64.62 -22.86 -4.61
CA ASP C 162 -65.51 -22.50 -5.71
C ASP C 162 -65.55 -20.99 -5.93
N THR C 163 -64.49 -20.28 -5.57
CA THR C 163 -64.45 -18.84 -5.75
C THR C 163 -64.01 -18.49 -7.16
N LYS C 164 -64.52 -17.37 -7.67
CA LYS C 164 -64.18 -16.92 -9.01
C LYS C 164 -62.77 -16.35 -9.04
N PRO C 165 -62.05 -16.53 -10.15
CA PRO C 165 -60.67 -16.01 -10.22
C PRO C 165 -60.58 -14.49 -10.18
N ASP C 166 -61.65 -13.77 -10.54
CA ASP C 166 -61.58 -12.31 -10.58
C ASP C 166 -61.35 -11.74 -9.19
N LEU C 167 -62.12 -12.23 -8.20
CA LEU C 167 -61.94 -11.74 -6.84
C LEU C 167 -60.59 -12.17 -6.25
N LEU C 168 -60.10 -13.36 -6.64
CA LEU C 168 -58.79 -13.80 -6.18
C LEU C 168 -57.69 -12.88 -6.71
N LEU C 169 -57.76 -12.53 -8.00
CA LEU C 169 -56.77 -11.63 -8.56
C LEU C 169 -56.89 -10.23 -7.97
N HIS C 170 -58.12 -9.79 -7.67
CA HIS C 170 -58.30 -8.51 -7.01
C HIS C 170 -57.67 -8.52 -5.62
N LEU C 171 -57.83 -9.63 -4.89
CA LEU C 171 -57.20 -9.79 -3.58
C LEU C 171 -55.69 -9.78 -3.68
N MET C 172 -55.14 -10.49 -4.68
CA MET C 172 -53.69 -10.57 -4.82
C MET C 172 -53.09 -9.28 -5.35
N THR C 173 -53.88 -8.44 -6.02
CA THR C 173 -53.35 -7.19 -6.57
C THR C 173 -53.51 -6.01 -5.61
N LYS C 174 -54.64 -5.93 -4.90
CA LYS C 174 -54.92 -4.79 -4.03
C LYS C 174 -54.56 -5.04 -2.58
N GLU C 175 -55.05 -6.13 -1.99
CA GLU C 175 -54.82 -6.39 -0.57
C GLU C 175 -53.35 -6.68 -0.29
N TRP C 176 -52.74 -7.57 -1.07
CA TRP C 176 -51.36 -7.96 -0.84
C TRP C 176 -50.37 -7.08 -1.58
N GLN C 177 -50.83 -6.18 -2.44
CA GLN C 177 -49.99 -5.23 -3.17
C GLN C 177 -48.91 -5.94 -3.98
N LEU C 178 -49.37 -6.81 -4.87
CA LEU C 178 -48.49 -7.54 -5.78
C LEU C 178 -48.70 -7.03 -7.20
N GLU C 179 -47.61 -6.58 -7.83
CA GLU C 179 -47.68 -6.14 -9.21
C GLU C 179 -47.94 -7.32 -10.13
N LEU C 180 -48.60 -7.04 -11.25
CA LEU C 180 -48.94 -8.11 -12.19
C LEU C 180 -47.67 -8.70 -12.78
N PRO C 181 -47.50 -10.02 -12.79
CA PRO C 181 -46.25 -10.61 -13.23
C PRO C 181 -46.07 -10.54 -14.74
N LYS C 182 -44.82 -10.59 -15.16
CA LYS C 182 -44.46 -10.70 -16.57
C LYS C 182 -44.22 -12.15 -16.99
N LEU C 183 -44.45 -13.10 -16.09
CA LEU C 183 -44.15 -14.51 -16.32
C LEU C 183 -44.80 -15.32 -15.22
N LEU C 184 -45.27 -16.52 -15.56
CA LEU C 184 -45.89 -17.42 -14.59
C LEU C 184 -45.29 -18.81 -14.75
N ILE C 185 -45.00 -19.46 -13.62
CA ILE C 185 -44.38 -20.77 -13.60
C ILE C 185 -45.22 -21.70 -12.76
N SER C 186 -45.50 -22.90 -13.27
CA SER C 186 -46.22 -23.93 -12.54
C SER C 186 -45.26 -25.10 -12.27
N VAL C 187 -45.23 -25.57 -11.03
CA VAL C 187 -44.20 -26.48 -10.55
C VAL C 187 -44.81 -27.82 -10.16
N HIS C 188 -45.81 -28.28 -10.92
CA HIS C 188 -46.44 -29.59 -10.71
C HIS C 188 -45.40 -30.67 -10.45
N GLY C 189 -45.62 -31.45 -9.39
CA GLY C 189 -44.70 -32.50 -8.99
C GLY C 189 -45.41 -33.64 -8.33
N GLY C 190 -44.83 -34.15 -7.24
CA GLY C 190 -45.37 -35.31 -6.56
C GLY C 190 -45.66 -35.02 -5.10
N LEU C 191 -46.69 -35.68 -4.58
CA LEU C 191 -47.13 -35.48 -3.20
C LEU C 191 -46.35 -36.31 -2.19
N GLN C 192 -45.45 -37.18 -2.65
CA GLN C 192 -44.62 -37.99 -1.78
C GLN C 192 -43.18 -37.54 -1.86
N ASN C 193 -42.48 -37.60 -0.73
CA ASN C 193 -41.11 -37.12 -0.66
C ASN C 193 -40.19 -38.00 -1.49
N PHE C 194 -39.21 -37.36 -2.14
CA PHE C 194 -38.21 -38.08 -2.92
C PHE C 194 -36.85 -37.44 -2.62
N GLU C 195 -35.84 -37.84 -3.40
CA GLU C 195 -34.49 -37.31 -3.22
C GLU C 195 -33.83 -37.16 -4.57
N LEU C 196 -33.10 -36.06 -4.75
CA LEU C 196 -32.39 -35.76 -5.98
C LEU C 196 -30.89 -35.91 -5.76
N GLN C 197 -30.18 -36.06 -6.88
CA GLN C 197 -28.73 -36.16 -6.83
C GLN C 197 -28.12 -34.83 -6.40
N PRO C 198 -26.96 -34.86 -5.74
CA PRO C 198 -26.34 -33.60 -5.28
C PRO C 198 -25.91 -32.68 -6.41
N LYS C 199 -25.75 -33.20 -7.62
CA LYS C 199 -25.41 -32.36 -8.76
C LYS C 199 -26.63 -31.69 -9.38
N LEU C 200 -27.78 -32.37 -9.38
CA LEU C 200 -28.98 -31.81 -9.99
C LEU C 200 -29.60 -30.72 -9.13
N LYS C 201 -29.51 -30.87 -7.79
CA LYS C 201 -30.17 -29.92 -6.90
C LYS C 201 -29.57 -28.52 -7.02
N GLN C 202 -28.25 -28.44 -7.23
CA GLN C 202 -27.60 -27.14 -7.40
C GLN C 202 -28.15 -26.41 -8.62
N VAL C 203 -28.20 -27.10 -9.76
CA VAL C 203 -28.69 -26.48 -10.98
C VAL C 203 -30.17 -26.16 -10.87
N PHE C 204 -30.97 -27.10 -10.35
CA PHE C 204 -32.40 -26.87 -10.23
C PHE C 204 -32.70 -25.71 -9.29
N GLY C 205 -31.88 -25.52 -8.27
CA GLY C 205 -32.04 -24.37 -7.40
C GLY C 205 -31.67 -23.07 -8.09
N LYS C 206 -30.42 -22.98 -8.56
CA LYS C 206 -29.91 -21.69 -9.01
C LYS C 206 -30.58 -21.24 -10.31
N GLY C 207 -30.85 -22.16 -11.24
CA GLY C 207 -31.51 -21.76 -12.47
C GLY C 207 -32.92 -21.27 -12.25
N LEU C 208 -33.68 -21.98 -11.42
CA LEU C 208 -35.04 -21.55 -11.11
C LEU C 208 -35.04 -20.21 -10.38
N ILE C 209 -34.12 -20.02 -9.43
CA ILE C 209 -34.07 -18.76 -8.69
C ILE C 209 -33.69 -17.62 -9.62
N LYS C 210 -32.72 -17.84 -10.52
CA LYS C 210 -32.33 -16.80 -11.46
C LYS C 210 -33.48 -16.45 -12.40
N ALA C 211 -34.19 -17.47 -12.90
CA ALA C 211 -35.29 -17.21 -13.82
C ALA C 211 -36.45 -16.48 -13.12
N ALA C 212 -36.68 -16.78 -11.85
CA ALA C 212 -37.76 -16.11 -11.12
C ALA C 212 -37.34 -14.75 -10.56
N MET C 213 -36.04 -14.46 -10.48
CA MET C 213 -35.57 -13.21 -9.92
C MET C 213 -35.24 -12.16 -10.97
N THR C 214 -34.54 -12.55 -12.04
CA THR C 214 -34.22 -11.58 -13.10
C THR C 214 -35.46 -11.12 -13.82
N THR C 215 -36.44 -12.00 -13.99
CA THR C 215 -37.73 -11.67 -14.58
C THR C 215 -38.78 -11.61 -13.48
N GLY C 216 -39.54 -10.53 -13.45
CA GLY C 216 -40.62 -10.44 -12.48
C GLY C 216 -41.67 -11.50 -12.74
N ALA C 217 -41.73 -12.51 -11.89
CA ALA C 217 -42.52 -13.70 -12.16
C ALA C 217 -43.15 -14.22 -10.87
N TRP C 218 -44.22 -14.99 -11.04
CA TRP C 218 -44.89 -15.66 -9.93
C TRP C 218 -44.67 -17.16 -10.03
N ILE C 219 -44.56 -17.81 -8.89
CA ILE C 219 -44.34 -19.25 -8.81
C ILE C 219 -45.54 -19.87 -8.10
N PHE C 220 -46.26 -20.75 -8.79
CA PHE C 220 -47.39 -21.45 -8.21
C PHE C 220 -46.92 -22.83 -7.77
N THR C 221 -47.11 -23.16 -6.50
CA THR C 221 -46.66 -24.42 -5.94
C THR C 221 -47.78 -25.03 -5.11
N GLY C 222 -47.54 -26.26 -4.65
CA GLY C 222 -48.52 -26.93 -3.82
C GLY C 222 -48.72 -26.25 -2.48
N GLY C 223 -47.64 -25.85 -1.83
CA GLY C 223 -47.74 -25.15 -0.58
C GLY C 223 -47.33 -25.98 0.63
N VAL C 224 -47.75 -27.24 0.65
CA VAL C 224 -47.37 -28.12 1.76
C VAL C 224 -45.90 -28.51 1.61
N ASN C 225 -45.33 -29.02 2.71
CA ASN C 225 -43.90 -29.34 2.76
C ASN C 225 -43.64 -30.79 2.37
N THR C 226 -44.04 -31.14 1.15
CA THR C 226 -43.90 -32.51 0.64
C THR C 226 -43.31 -32.49 -0.76
N GLY C 227 -42.38 -33.41 -1.00
CA GLY C 227 -41.93 -33.68 -2.36
C GLY C 227 -41.15 -32.54 -2.98
N VAL C 228 -41.60 -32.11 -4.16
CA VAL C 228 -40.91 -31.07 -4.92
C VAL C 228 -40.95 -29.74 -4.19
N ILE C 229 -42.04 -29.45 -3.47
CA ILE C 229 -42.19 -28.18 -2.78
C ILE C 229 -41.12 -28.00 -1.71
N ARG C 230 -40.67 -29.09 -1.10
CA ARG C 230 -39.55 -29.00 -0.17
C ARG C 230 -38.26 -28.60 -0.89
N HIS C 231 -38.06 -29.11 -2.11
CA HIS C 231 -36.90 -28.71 -2.90
C HIS C 231 -36.97 -27.24 -3.29
N VAL C 232 -38.16 -26.76 -3.66
CA VAL C 232 -38.33 -25.35 -3.94
C VAL C 232 -38.05 -24.52 -2.70
N GLY C 233 -38.49 -25.00 -1.53
CA GLY C 233 -38.25 -24.29 -0.29
C GLY C 233 -36.78 -24.18 0.04
N ASP C 234 -36.02 -25.28 -0.10
CA ASP C 234 -34.60 -25.20 0.22
C ASP C 234 -33.83 -24.43 -0.85
N ALA C 235 -34.32 -24.45 -2.10
CA ALA C 235 -33.73 -23.58 -3.13
C ALA C 235 -33.90 -22.11 -2.77
N LEU C 236 -35.08 -21.75 -2.29
CA LEU C 236 -35.30 -20.38 -1.82
C LEU C 236 -34.48 -20.07 -0.57
N LYS C 237 -34.25 -21.08 0.27
CA LYS C 237 -33.42 -20.87 1.46
C LYS C 237 -31.97 -20.61 1.09
N ASP C 238 -31.43 -21.36 0.12
CA ASP C 238 -30.04 -21.15 -0.29
C ASP C 238 -29.84 -19.81 -0.98
N HIS C 239 -30.86 -19.34 -1.72
CA HIS C 239 -30.76 -18.05 -2.37
C HIS C 239 -30.78 -16.91 -1.37
N ALA C 240 -31.57 -17.05 -0.30
CA ALA C 240 -31.76 -15.96 0.66
C ALA C 240 -30.48 -15.61 1.41
N SER C 241 -29.56 -16.56 1.58
CA SER C 241 -28.34 -16.32 2.33
C SER C 241 -27.21 -15.78 1.46
N LYS C 242 -27.46 -15.52 0.17
CA LYS C 242 -26.42 -15.04 -0.73
C LYS C 242 -26.83 -13.86 -1.60
N SER C 243 -28.10 -13.46 -1.61
CA SER C 243 -28.55 -12.39 -2.48
C SER C 243 -29.73 -11.67 -1.84
N ARG C 244 -29.98 -10.46 -2.33
CA ARG C 244 -31.11 -9.65 -1.90
C ARG C 244 -32.35 -10.03 -2.72
N GLY C 245 -33.40 -9.21 -2.60
CA GLY C 245 -34.60 -9.40 -3.40
C GLY C 245 -35.58 -10.36 -2.77
N LYS C 246 -36.80 -10.33 -3.30
CA LYS C 246 -37.89 -11.18 -2.86
C LYS C 246 -38.53 -11.84 -4.07
N ILE C 247 -38.97 -13.09 -3.88
CA ILE C 247 -39.60 -13.87 -4.94
C ILE C 247 -41.02 -14.19 -4.50
N CYS C 248 -41.99 -13.84 -5.34
CA CYS C 248 -43.40 -14.03 -5.03
C CYS C 248 -43.76 -15.49 -5.28
N THR C 249 -43.57 -16.31 -4.25
CA THR C 249 -43.93 -17.73 -4.32
C THR C 249 -45.32 -17.89 -3.69
N ILE C 250 -46.28 -18.32 -4.50
CA ILE C 250 -47.66 -18.46 -4.07
C ILE C 250 -47.99 -19.95 -3.98
N GLY C 251 -48.46 -20.38 -2.83
CA GLY C 251 -48.81 -21.77 -2.59
C GLY C 251 -50.32 -21.93 -2.45
N ILE C 252 -50.86 -22.83 -3.25
CA ILE C 252 -52.29 -23.14 -3.19
C ILE C 252 -52.46 -24.52 -2.57
N ALA C 253 -52.69 -24.56 -1.25
CA ALA C 253 -52.73 -25.81 -0.53
C ALA C 253 -54.13 -26.08 0.02
N PRO C 254 -54.55 -27.35 0.08
CA PRO C 254 -55.81 -27.66 0.73
C PRO C 254 -55.75 -27.36 2.22
N TRP C 255 -56.89 -26.91 2.76
CA TRP C 255 -56.98 -26.52 4.16
C TRP C 255 -56.98 -27.71 5.10
N GLY C 256 -57.43 -28.88 4.64
CA GLY C 256 -57.57 -30.03 5.50
C GLY C 256 -56.29 -30.79 5.81
N ILE C 257 -55.16 -30.36 5.26
CA ILE C 257 -53.91 -31.10 5.42
C ILE C 257 -52.92 -30.40 6.34
N VAL C 258 -53.08 -29.09 6.58
CA VAL C 258 -52.18 -28.40 7.49
C VAL C 258 -52.39 -28.91 8.91
N GLU C 259 -51.29 -29.02 9.66
CA GLU C 259 -51.34 -29.68 10.96
C GLU C 259 -51.87 -28.79 12.07
N ASN C 260 -52.00 -27.49 11.84
CA ASN C 260 -52.36 -26.52 12.86
C ASN C 260 -53.50 -25.62 12.39
N GLN C 261 -54.57 -26.26 11.90
CA GLN C 261 -55.73 -25.50 11.42
C GLN C 261 -56.30 -24.60 12.51
N GLU C 262 -56.42 -25.11 13.73
CA GLU C 262 -56.95 -24.32 14.84
C GLU C 262 -56.00 -23.20 15.25
N ASP C 263 -54.71 -23.31 14.90
CA ASP C 263 -53.76 -22.26 15.28
C ASP C 263 -53.93 -21.02 14.43
N LEU C 264 -54.36 -21.17 13.19
CA LEU C 264 -54.42 -20.06 12.24
C LEU C 264 -55.78 -19.35 12.22
N ILE C 265 -56.73 -19.77 13.04
CA ILE C 265 -58.06 -19.18 13.03
C ILE C 265 -58.00 -17.80 13.67
N GLY C 266 -58.49 -16.80 12.95
CA GLY C 266 -58.49 -15.45 13.47
C GLY C 266 -58.82 -14.46 12.37
N ARG C 267 -58.72 -13.18 12.72
CA ARG C 267 -59.08 -12.08 11.83
C ARG C 267 -57.98 -11.02 11.86
N ASP C 268 -57.15 -11.01 10.83
CA ASP C 268 -56.21 -9.91 10.54
C ASP C 268 -55.22 -9.67 11.69
N VAL C 269 -54.71 -10.75 12.27
CA VAL C 269 -53.67 -10.65 13.30
C VAL C 269 -52.57 -11.65 12.99
N VAL C 270 -51.37 -11.35 13.47
CA VAL C 270 -50.21 -12.19 13.24
C VAL C 270 -50.26 -13.41 14.17
N ARG C 271 -50.12 -14.59 13.60
CA ARG C 271 -50.20 -15.83 14.34
C ARG C 271 -48.87 -16.57 14.28
N PRO C 272 -48.30 -17.00 15.41
CA PRO C 272 -47.12 -17.87 15.36
C PRO C 272 -47.45 -19.21 14.73
N TYR C 273 -46.46 -19.77 14.04
CA TYR C 273 -46.61 -21.09 13.42
C TYR C 273 -45.30 -21.84 13.58
N GLN C 274 -45.38 -23.06 14.09
CA GLN C 274 -44.20 -23.87 14.38
C GLN C 274 -43.90 -24.77 13.18
N THR C 275 -42.72 -24.61 12.59
CA THR C 275 -42.34 -25.37 11.41
C THR C 275 -41.80 -26.76 11.74
N MET C 276 -41.65 -27.09 13.01
CA MET C 276 -41.24 -28.44 13.39
C MET C 276 -42.39 -29.41 13.12
N SER C 277 -42.09 -30.51 12.44
CA SER C 277 -43.11 -31.45 12.01
C SER C 277 -43.24 -32.60 12.99
N ASN C 278 -44.41 -33.23 12.96
CA ASN C 278 -44.70 -34.41 13.77
C ASN C 278 -44.95 -35.59 12.85
N PRO C 279 -43.98 -36.52 12.72
CA PRO C 279 -44.12 -37.58 11.71
C PRO C 279 -45.28 -38.53 11.95
N MET C 280 -45.82 -38.60 13.17
CA MET C 280 -46.93 -39.48 13.48
C MET C 280 -48.26 -38.76 13.57
N SER C 281 -48.34 -37.53 13.07
CA SER C 281 -49.55 -36.73 13.16
C SER C 281 -50.48 -36.92 11.97
N LYS C 282 -50.06 -37.69 10.95
CA LYS C 282 -50.86 -38.00 9.76
C LYS C 282 -51.19 -36.76 8.94
N LEU C 283 -50.56 -35.62 9.23
CA LEU C 283 -50.79 -34.39 8.49
C LEU C 283 -49.45 -33.74 8.20
N THR C 284 -49.42 -32.96 7.12
CA THR C 284 -48.18 -32.34 6.65
C THR C 284 -48.18 -30.86 7.02
N VAL C 285 -47.02 -30.38 7.49
CA VAL C 285 -46.93 -29.00 7.96
C VAL C 285 -46.82 -28.05 6.77
N LEU C 286 -47.17 -26.79 7.02
CA LEU C 286 -47.11 -25.77 5.97
C LEU C 286 -45.66 -25.36 5.73
N ASN C 287 -45.25 -25.36 4.48
CA ASN C 287 -43.86 -25.07 4.14
C ASN C 287 -43.57 -23.58 4.28
N SER C 288 -42.47 -23.26 4.94
CA SER C 288 -42.05 -21.86 5.11
C SER C 288 -41.37 -21.39 3.83
N MET C 289 -40.81 -20.16 3.88
CA MET C 289 -40.16 -19.53 2.74
C MET C 289 -41.09 -19.42 1.54
N HIS C 290 -42.37 -19.17 1.81
CA HIS C 290 -43.37 -18.89 0.78
C HIS C 290 -43.92 -17.50 1.01
N SER C 291 -44.08 -16.75 -0.08
CA SER C 291 -44.49 -15.35 0.04
C SER C 291 -45.97 -15.23 0.42
N HIS C 292 -46.82 -16.05 -0.19
CA HIS C 292 -48.26 -15.96 0.03
C HIS C 292 -48.88 -17.36 -0.02
N PHE C 293 -50.06 -17.47 0.58
CA PHE C 293 -50.80 -18.72 0.63
C PHE C 293 -52.25 -18.50 0.26
N ILE C 294 -52.81 -19.44 -0.49
CA ILE C 294 -54.23 -19.49 -0.79
C ILE C 294 -54.71 -20.87 -0.37
N LEU C 295 -55.54 -20.92 0.66
CA LEU C 295 -56.00 -22.19 1.22
C LEU C 295 -57.45 -22.41 0.81
N ALA C 296 -57.74 -23.57 0.23
CA ALA C 296 -59.08 -23.90 -0.25
C ALA C 296 -59.57 -25.14 0.47
N ASP C 297 -60.76 -25.06 1.04
CA ASP C 297 -61.39 -26.17 1.74
C ASP C 297 -62.69 -26.54 1.03
N ASN C 298 -62.86 -27.83 0.76
CA ASN C 298 -64.09 -28.35 0.18
C ASN C 298 -65.02 -28.94 1.23
N GLY C 299 -64.71 -28.78 2.51
CA GLY C 299 -65.48 -29.35 3.59
C GLY C 299 -64.90 -30.60 4.19
N THR C 300 -63.85 -31.15 3.60
CA THR C 300 -63.23 -32.38 4.07
C THR C 300 -61.85 -32.10 4.66
N THR C 301 -61.34 -33.08 5.40
CA THR C 301 -60.01 -33.02 5.99
C THR C 301 -59.27 -34.31 5.71
N GLY C 302 -57.95 -34.22 5.57
CA GLY C 302 -57.10 -35.38 5.40
C GLY C 302 -57.03 -35.92 3.98
N LYS C 303 -57.59 -35.22 3.00
CA LYS C 303 -57.54 -35.66 1.61
C LYS C 303 -57.18 -34.50 0.70
N TYR C 304 -56.45 -34.82 -0.37
CA TYR C 304 -56.03 -33.84 -1.37
C TYR C 304 -57.16 -33.63 -2.38
N GLY C 305 -56.84 -32.95 -3.48
CA GLY C 305 -57.80 -32.75 -4.55
C GLY C 305 -58.77 -31.62 -4.34
N ALA C 306 -58.54 -30.75 -3.37
CA ALA C 306 -59.43 -29.62 -3.10
C ALA C 306 -58.92 -28.31 -3.69
N GLU C 307 -57.84 -28.35 -4.48
CA GLU C 307 -57.23 -27.14 -4.99
C GLU C 307 -56.88 -27.18 -6.47
N VAL C 308 -56.96 -28.33 -7.13
CA VAL C 308 -56.53 -28.43 -8.52
C VAL C 308 -57.42 -27.59 -9.42
N LYS C 309 -58.74 -27.66 -9.22
CA LYS C 309 -59.66 -26.91 -10.07
C LYS C 309 -59.47 -25.41 -9.91
N LEU C 310 -59.35 -24.94 -8.66
CA LEU C 310 -59.14 -23.52 -8.42
C LEU C 310 -57.82 -23.03 -8.99
N ARG C 311 -56.75 -23.83 -8.83
CA ARG C 311 -55.45 -23.45 -9.36
C ARG C 311 -55.48 -23.36 -10.88
N ARG C 312 -56.09 -24.35 -11.54
CA ARG C 312 -56.17 -24.33 -13.00
C ARG C 312 -57.03 -23.17 -13.49
N GLN C 313 -58.14 -22.89 -12.80
CA GLN C 313 -58.99 -21.77 -13.18
C GLN C 313 -58.26 -20.45 -13.03
N LEU C 314 -57.49 -20.29 -11.95
CA LEU C 314 -56.72 -19.06 -11.76
C LEU C 314 -55.65 -18.90 -12.82
N GLU C 315 -54.96 -19.99 -13.17
CA GLU C 315 -53.96 -19.91 -14.23
C GLU C 315 -54.59 -19.55 -15.57
N LYS C 316 -55.74 -20.16 -15.88
CA LYS C 316 -56.42 -19.85 -17.14
C LYS C 316 -56.87 -18.39 -17.19
N HIS C 317 -57.40 -17.88 -16.08
CA HIS C 317 -57.84 -16.49 -16.06
C HIS C 317 -56.67 -15.53 -16.13
N ILE C 318 -55.56 -15.83 -15.45
CA ILE C 318 -54.43 -14.92 -15.44
C ILE C 318 -53.64 -14.97 -16.75
N SER C 319 -53.75 -16.07 -17.50
CA SER C 319 -53.12 -16.10 -18.83
C SER C 319 -53.79 -15.09 -19.77
N LEU C 320 -55.12 -14.98 -19.70
CA LEU C 320 -55.85 -14.02 -20.51
C LEU C 320 -55.67 -12.58 -20.05
N GLN C 321 -55.14 -12.36 -18.84
CA GLN C 321 -54.93 -11.00 -18.36
C GLN C 321 -53.86 -10.31 -19.21
N LYS C 322 -54.12 -9.04 -19.54
CA LYS C 322 -53.28 -8.33 -20.49
C LYS C 322 -52.07 -7.72 -19.78
N ILE C 323 -50.89 -7.97 -20.34
CA ILE C 323 -49.64 -7.40 -19.86
C ILE C 323 -49.62 -5.92 -20.23
N ASN C 324 -48.69 -5.16 -19.64
CA ASN C 324 -48.65 -3.72 -19.88
C ASN C 324 -48.31 -3.39 -21.33
N THR C 325 -47.62 -4.30 -22.04
CA THR C 325 -47.39 -4.11 -23.46
C THR C 325 -48.69 -4.37 -24.22
N ARG C 326 -49.17 -3.36 -24.94
CA ARG C 326 -50.50 -3.39 -25.53
C ARG C 326 -50.51 -3.96 -26.94
N ILE C 327 -49.56 -4.84 -27.28
CA ILE C 327 -49.62 -5.54 -28.55
C ILE C 327 -50.86 -6.42 -28.63
N GLY C 328 -51.20 -7.09 -27.53
CA GLY C 328 -52.35 -7.96 -27.50
C GLY C 328 -52.04 -9.32 -26.91
N GLN C 329 -50.88 -9.45 -26.29
CA GLN C 329 -50.43 -10.70 -25.69
C GLN C 329 -50.65 -10.67 -24.18
N GLY C 330 -51.10 -11.80 -23.64
CA GLY C 330 -51.18 -11.97 -22.20
C GLY C 330 -49.85 -12.38 -21.63
N VAL C 331 -49.85 -12.63 -20.33
CA VAL C 331 -48.62 -13.07 -19.66
C VAL C 331 -48.29 -14.48 -20.15
N PRO C 332 -47.02 -14.81 -20.36
CA PRO C 332 -46.66 -16.17 -20.75
C PRO C 332 -46.67 -17.11 -19.57
N VAL C 333 -47.18 -18.32 -19.80
CA VAL C 333 -47.31 -19.34 -18.76
C VAL C 333 -46.46 -20.53 -19.16
N VAL C 334 -45.62 -21.00 -18.24
CA VAL C 334 -44.79 -22.17 -18.45
C VAL C 334 -45.17 -23.21 -17.39
N ALA C 335 -44.84 -24.46 -17.68
CA ALA C 335 -45.08 -25.55 -16.76
C ALA C 335 -43.78 -26.28 -16.49
N LEU C 336 -43.54 -26.62 -15.23
CA LEU C 336 -42.31 -27.28 -14.81
C LEU C 336 -42.68 -28.57 -14.09
N ILE C 337 -42.17 -29.69 -14.58
CA ILE C 337 -42.43 -31.01 -14.01
C ILE C 337 -41.11 -31.56 -13.49
N VAL C 338 -41.12 -32.04 -12.26
CA VAL C 338 -39.91 -32.63 -11.68
C VAL C 338 -40.04 -34.15 -11.67
N GLU C 339 -41.01 -34.67 -10.91
CA GLU C 339 -41.33 -36.10 -10.86
C GLU C 339 -42.59 -36.26 -10.02
N GLY C 340 -42.96 -37.50 -9.74
CA GLY C 340 -43.90 -37.76 -8.67
C GLY C 340 -44.97 -38.81 -8.84
N GLY C 341 -45.47 -39.03 -10.06
CA GLY C 341 -46.51 -40.02 -10.24
C GLY C 341 -47.17 -40.03 -11.60
N PRO C 342 -48.08 -40.98 -11.81
CA PRO C 342 -48.76 -41.07 -13.11
C PRO C 342 -49.78 -39.97 -13.35
N ASN C 343 -50.13 -39.19 -12.33
CA ASN C 343 -51.07 -38.09 -12.52
C ASN C 343 -50.45 -36.92 -13.26
N VAL C 344 -49.12 -36.79 -13.23
CA VAL C 344 -48.47 -35.71 -13.97
C VAL C 344 -48.65 -35.93 -15.46
N ILE C 345 -48.73 -37.18 -15.91
CA ILE C 345 -49.06 -37.45 -17.31
C ILE C 345 -50.49 -37.03 -17.61
N SER C 346 -51.39 -37.17 -16.63
CA SER C 346 -52.77 -36.77 -16.84
C SER C 346 -52.96 -35.26 -16.82
N ILE C 347 -52.05 -34.52 -16.18
CA ILE C 347 -52.18 -33.07 -16.12
C ILE C 347 -51.32 -32.34 -17.15
N VAL C 348 -50.29 -33.00 -17.71
CA VAL C 348 -49.52 -32.36 -18.77
C VAL C 348 -50.34 -32.28 -20.07
N LEU C 349 -51.21 -33.25 -20.31
CA LEU C 349 -52.06 -33.20 -21.50
C LEU C 349 -53.07 -32.07 -21.40
N GLU C 350 -53.51 -31.73 -20.19
CA GLU C 350 -54.39 -30.59 -20.01
C GLU C 350 -53.70 -29.30 -20.45
N TYR C 351 -52.41 -29.18 -20.16
CA TYR C 351 -51.64 -28.04 -20.65
C TYR C 351 -51.48 -28.10 -22.16
N LEU C 352 -51.17 -29.29 -22.69
CA LEU C 352 -50.93 -29.42 -24.13
C LEU C 352 -52.21 -29.22 -24.94
N ARG C 353 -53.36 -29.67 -24.43
CA ARG C 353 -54.61 -29.55 -25.16
C ARG C 353 -55.24 -28.16 -25.08
N ASP C 354 -54.74 -27.29 -24.20
CA ASP C 354 -55.36 -26.00 -23.97
C ASP C 354 -55.30 -25.13 -25.22
N THR C 355 -56.35 -24.35 -25.44
CA THR C 355 -56.43 -23.54 -26.66
C THR C 355 -55.31 -22.50 -26.75
N PRO C 356 -54.95 -21.76 -25.69
CA PRO C 356 -53.62 -21.14 -25.65
C PRO C 356 -52.59 -22.11 -25.11
N PRO C 357 -51.98 -22.94 -25.96
CA PRO C 357 -51.18 -24.07 -25.46
C PRO C 357 -50.02 -23.60 -24.59
N VAL C 358 -49.78 -24.34 -23.51
CA VAL C 358 -48.81 -23.98 -22.49
C VAL C 358 -47.62 -24.92 -22.61
N PRO C 359 -46.44 -24.42 -22.95
CA PRO C 359 -45.26 -25.29 -23.00
C PRO C 359 -44.89 -25.81 -21.62
N VAL C 360 -44.31 -27.00 -21.59
CA VAL C 360 -43.88 -27.61 -20.34
C VAL C 360 -42.38 -27.90 -20.43
N VAL C 361 -41.74 -27.94 -19.26
CA VAL C 361 -40.33 -28.29 -19.14
C VAL C 361 -40.20 -29.40 -18.12
N VAL C 362 -39.53 -30.48 -18.50
CA VAL C 362 -39.39 -31.65 -17.63
C VAL C 362 -37.92 -31.90 -17.36
N CYS C 363 -37.65 -32.60 -16.26
CA CYS C 363 -36.31 -32.96 -15.86
C CYS C 363 -36.13 -34.47 -15.98
N ASP C 364 -34.93 -34.88 -16.41
CA ASP C 364 -34.66 -36.28 -16.71
C ASP C 364 -34.02 -37.04 -15.55
N GLY C 365 -33.31 -36.37 -14.66
CA GLY C 365 -32.57 -37.02 -13.60
C GLY C 365 -33.35 -37.36 -12.35
N SER C 366 -34.69 -37.29 -12.42
CA SER C 366 -35.50 -37.51 -11.23
C SER C 366 -35.73 -38.99 -10.97
N GLY C 367 -36.35 -39.69 -11.92
CA GLY C 367 -36.62 -41.10 -11.76
C GLY C 367 -38.08 -41.47 -11.56
N ARG C 368 -38.97 -40.78 -12.27
CA ARG C 368 -40.40 -41.02 -12.17
C ARG C 368 -41.01 -40.69 -13.55
N ALA C 369 -42.32 -40.44 -13.57
CA ALA C 369 -43.03 -40.26 -14.84
C ALA C 369 -42.46 -39.12 -15.68
N SER C 370 -41.81 -38.14 -15.06
CA SER C 370 -41.09 -37.14 -15.84
C SER C 370 -39.93 -37.78 -16.59
N ASP C 371 -39.20 -38.69 -15.94
CA ASP C 371 -38.15 -39.43 -16.63
C ASP C 371 -38.76 -40.32 -17.72
N ILE C 372 -39.99 -40.80 -17.53
CA ILE C 372 -40.68 -41.53 -18.59
C ILE C 372 -40.94 -40.62 -19.78
N LEU C 373 -41.34 -39.36 -19.52
CA LEU C 373 -41.54 -38.41 -20.61
C LEU C 373 -40.22 -38.10 -21.32
N ALA C 374 -39.13 -38.01 -20.57
CA ALA C 374 -37.82 -37.81 -21.19
C ALA C 374 -37.42 -39.02 -22.03
N PHE C 375 -37.73 -40.22 -21.55
CA PHE C 375 -37.47 -41.43 -22.31
C PHE C 375 -38.27 -41.45 -23.61
N GLY C 376 -39.54 -41.04 -23.55
CA GLY C 376 -40.36 -40.96 -24.74
C GLY C 376 -39.93 -39.86 -25.71
N HIS C 377 -39.37 -38.78 -25.20
CA HIS C 377 -38.94 -37.68 -26.07
C HIS C 377 -37.72 -38.05 -26.90
N LYS C 378 -36.99 -39.09 -26.52
CA LYS C 378 -35.83 -39.51 -27.30
C LYS C 378 -36.23 -39.97 -28.70
N TYR C 379 -37.30 -40.75 -28.80
CA TYR C 379 -37.73 -41.31 -30.08
C TYR C 379 -39.24 -41.46 -30.10
N SER C 380 -39.89 -40.81 -31.06
CA SER C 380 -41.32 -40.93 -31.25
C SER C 380 -41.64 -40.54 -32.70
N GLU C 381 -42.92 -40.35 -32.98
CA GLU C 381 -43.36 -39.96 -34.32
C GLU C 381 -43.39 -38.45 -34.47
N VAL C 396 -41.98 -49.93 -30.24
CA VAL C 396 -41.43 -49.90 -28.89
C VAL C 396 -42.57 -49.79 -27.87
N THR C 397 -43.24 -50.92 -27.63
CA THR C 397 -44.31 -50.98 -26.66
C THR C 397 -44.12 -52.05 -25.58
N ILE C 398 -43.13 -52.95 -25.75
CA ILE C 398 -42.91 -54.01 -24.78
C ILE C 398 -42.24 -53.53 -23.49
N GLN C 399 -41.82 -52.27 -23.44
CA GLN C 399 -41.19 -51.71 -22.25
C GLN C 399 -42.19 -51.09 -21.29
N LYS C 400 -43.43 -51.54 -21.33
CA LYS C 400 -44.51 -50.96 -20.53
C LYS C 400 -44.59 -51.53 -19.12
N THR C 401 -43.71 -52.47 -18.77
CA THR C 401 -43.71 -53.06 -17.44
C THR C 401 -42.78 -52.25 -16.54
N PHE C 402 -43.33 -51.71 -15.45
CA PHE C 402 -42.56 -50.93 -14.50
C PHE C 402 -42.78 -51.35 -13.05
N THR C 403 -43.68 -52.30 -12.79
CA THR C 403 -44.14 -52.62 -11.44
C THR C 403 -44.65 -51.36 -10.74
N TYR C 404 -45.38 -50.53 -11.49
CA TYR C 404 -45.79 -49.21 -11.04
C TYR C 404 -47.28 -49.02 -11.20
N THR C 405 -47.89 -49.81 -12.07
CA THR C 405 -49.33 -49.81 -12.31
C THR C 405 -49.85 -51.25 -12.20
N ARG C 406 -51.12 -51.44 -12.58
CA ARG C 406 -51.73 -52.77 -12.54
C ARG C 406 -51.25 -53.55 -13.77
N THR C 407 -50.04 -54.07 -13.66
CA THR C 407 -49.37 -54.94 -14.63
C THR C 407 -49.38 -54.27 -16.01
N GLN C 408 -49.44 -55.08 -17.06
CA GLN C 408 -49.62 -54.57 -18.41
C GLN C 408 -51.08 -54.37 -18.77
N ALA C 409 -52.00 -54.79 -17.90
CA ALA C 409 -53.43 -54.61 -18.16
C ALA C 409 -53.82 -53.14 -18.09
N GLN C 410 -53.38 -52.44 -17.04
CA GLN C 410 -53.68 -51.02 -16.87
C GLN C 410 -52.44 -50.21 -17.24
N HIS C 411 -52.60 -49.28 -18.17
CA HIS C 411 -51.49 -48.46 -18.63
C HIS C 411 -52.02 -47.10 -19.08
N LEU C 412 -51.14 -46.09 -19.00
CA LEU C 412 -51.42 -44.76 -19.50
C LEU C 412 -50.74 -44.52 -20.83
N PHE C 413 -50.55 -45.57 -21.63
CA PHE C 413 -49.82 -45.43 -22.87
C PHE C 413 -50.61 -44.64 -23.91
N ILE C 414 -51.95 -44.66 -23.83
CA ILE C 414 -52.76 -43.89 -24.76
C ILE C 414 -52.53 -42.39 -24.56
N ILE C 415 -52.61 -41.93 -23.30
CA ILE C 415 -52.40 -40.51 -23.05
C ILE C 415 -50.93 -40.14 -23.24
N LEU C 416 -50.01 -41.07 -22.97
CA LEU C 416 -48.61 -40.81 -23.27
C LEU C 416 -48.37 -40.63 -24.76
N MET C 417 -49.02 -41.46 -25.59
CA MET C 417 -48.90 -41.33 -27.03
C MET C 417 -49.56 -40.04 -27.54
N GLU C 418 -50.66 -39.62 -26.91
CA GLU C 418 -51.25 -38.33 -27.27
C GLU C 418 -50.29 -37.18 -26.94
N CYS C 419 -49.66 -37.23 -25.78
CA CYS C 419 -48.68 -36.21 -25.42
C CYS C 419 -47.50 -36.22 -26.39
N MET C 420 -47.05 -37.41 -26.80
CA MET C 420 -45.96 -37.50 -27.77
C MET C 420 -46.38 -37.07 -29.17
N LYS C 421 -47.66 -37.20 -29.51
CA LYS C 421 -48.15 -36.64 -30.76
C LYS C 421 -48.31 -35.12 -30.66
N LYS C 422 -48.32 -34.58 -29.45
CA LYS C 422 -48.21 -33.14 -29.21
C LYS C 422 -46.81 -32.76 -28.75
N LYS C 423 -45.79 -33.37 -29.32
CA LYS C 423 -44.40 -33.22 -28.89
C LYS C 423 -43.82 -31.83 -29.18
N GLU C 424 -44.52 -31.00 -29.97
CA GLU C 424 -43.94 -29.74 -30.41
C GLU C 424 -43.69 -28.75 -29.27
N LEU C 425 -44.22 -29.00 -28.08
CA LEU C 425 -44.07 -28.08 -26.96
C LEU C 425 -43.22 -28.62 -25.82
N ILE C 426 -43.05 -29.93 -25.73
CA ILE C 426 -42.30 -30.52 -24.62
C ILE C 426 -40.82 -30.15 -24.75
N THR C 427 -40.22 -29.73 -23.64
CA THR C 427 -38.79 -29.43 -23.59
C THR C 427 -38.19 -30.24 -22.44
N VAL C 428 -37.09 -30.93 -22.72
CA VAL C 428 -36.43 -31.81 -21.75
C VAL C 428 -35.09 -31.20 -21.39
N PHE C 429 -34.82 -31.08 -20.10
CA PHE C 429 -33.55 -30.56 -19.61
C PHE C 429 -32.65 -31.72 -19.20
N ARG C 430 -31.44 -31.76 -19.74
CA ARG C 430 -30.47 -32.79 -19.43
C ARG C 430 -29.17 -32.13 -18.97
N MET C 431 -28.53 -32.76 -17.98
CA MET C 431 -27.34 -32.17 -17.34
C MET C 431 -26.14 -32.34 -18.26
N GLY C 432 -26.03 -31.43 -19.23
CA GLY C 432 -24.90 -31.38 -20.11
C GLY C 432 -24.93 -32.36 -21.26
N SER C 433 -25.89 -33.29 -21.29
CA SER C 433 -25.97 -34.24 -22.40
C SER C 433 -26.32 -33.54 -23.70
N GLU C 434 -27.20 -32.53 -23.64
CA GLU C 434 -27.59 -31.77 -24.81
C GLU C 434 -27.37 -30.29 -24.56
N GLY C 435 -27.87 -29.45 -25.48
CA GLY C 435 -27.75 -28.02 -25.32
C GLY C 435 -28.63 -27.50 -24.19
N HIS C 436 -28.48 -26.20 -23.93
CA HIS C 436 -29.20 -25.49 -22.87
C HIS C 436 -28.96 -26.15 -21.50
N GLN C 437 -27.70 -26.09 -21.07
CA GLN C 437 -27.31 -26.66 -19.79
C GLN C 437 -27.82 -25.86 -18.60
N ASP C 438 -28.38 -24.66 -18.83
CA ASP C 438 -28.89 -23.81 -17.77
C ASP C 438 -30.40 -23.88 -17.75
N ILE C 439 -30.96 -24.09 -16.55
CA ILE C 439 -32.41 -24.22 -16.43
C ILE C 439 -33.10 -22.89 -16.72
N ASP C 440 -32.52 -21.79 -16.24
CA ASP C 440 -33.11 -20.47 -16.50
C ASP C 440 -33.18 -20.19 -18.00
N LEU C 441 -32.14 -20.59 -18.73
CA LEU C 441 -32.21 -20.51 -20.19
C LEU C 441 -33.28 -21.45 -20.73
N ALA C 442 -33.35 -22.67 -20.18
CA ALA C 442 -34.32 -23.66 -20.67
C ALA C 442 -35.75 -23.21 -20.40
N ILE C 443 -35.99 -22.56 -19.26
CA ILE C 443 -37.33 -22.05 -18.97
C ILE C 443 -37.69 -20.91 -19.91
N LEU C 444 -36.76 -19.96 -20.09
CA LEU C 444 -37.08 -18.78 -20.89
C LEU C 444 -37.14 -19.10 -22.38
N THR C 445 -36.25 -19.96 -22.86
CA THR C 445 -36.27 -20.29 -24.29
C THR C 445 -37.46 -21.17 -24.68
N ALA C 446 -38.16 -21.75 -23.71
CA ALA C 446 -39.34 -22.55 -24.01
C ALA C 446 -40.60 -21.71 -24.15
N LEU C 447 -40.53 -20.43 -23.82
CA LEU C 447 -41.67 -19.52 -23.97
C LEU C 447 -41.64 -18.73 -25.26
N LEU C 448 -40.46 -18.51 -25.84
CA LEU C 448 -40.38 -17.80 -27.10
C LEU C 448 -40.97 -18.62 -28.24
N LYS C 449 -40.56 -19.88 -28.34
CA LYS C 449 -41.11 -20.77 -29.37
C LYS C 449 -42.53 -21.24 -29.03
N GLY C 450 -42.85 -21.34 -27.73
CA GLY C 450 -44.17 -21.78 -27.35
C GLY C 450 -45.26 -20.74 -27.54
N ALA C 451 -44.88 -19.46 -27.66
CA ALA C 451 -45.87 -18.42 -27.90
C ALA C 451 -46.48 -18.51 -29.29
N ASN C 452 -45.77 -19.10 -30.25
CA ASN C 452 -46.22 -19.22 -31.64
C ASN C 452 -46.56 -17.85 -32.23
N ALA C 453 -45.75 -16.86 -31.90
CA ALA C 453 -45.98 -15.48 -32.31
C ALA C 453 -44.83 -15.00 -33.19
N SER C 454 -44.91 -13.74 -33.61
CA SER C 454 -43.94 -13.16 -34.51
C SER C 454 -42.69 -12.72 -33.76
N ALA C 455 -41.67 -12.34 -34.52
CA ALA C 455 -40.45 -11.80 -33.94
C ALA C 455 -40.67 -10.53 -33.11
N PRO C 456 -41.52 -9.55 -33.51
CA PRO C 456 -41.77 -8.42 -32.60
C PRO C 456 -42.33 -8.83 -31.25
N ASP C 457 -43.17 -9.86 -31.19
CA ASP C 457 -43.70 -10.32 -29.90
C ASP C 457 -42.60 -10.93 -29.04
N GLN C 458 -41.71 -11.73 -29.64
CA GLN C 458 -40.58 -12.27 -28.90
C GLN C 458 -39.68 -11.16 -28.38
N LEU C 459 -39.43 -10.14 -29.21
CA LEU C 459 -38.61 -9.02 -28.79
C LEU C 459 -39.27 -8.25 -27.65
N SER C 460 -40.59 -8.07 -27.72
CA SER C 460 -41.31 -7.39 -26.65
C SER C 460 -41.23 -8.17 -25.35
N LEU C 461 -41.37 -9.50 -25.43
CA LEU C 461 -41.27 -10.32 -24.22
C LEU C 461 -39.87 -10.24 -23.63
N ALA C 462 -38.83 -10.37 -24.45
CA ALA C 462 -37.47 -10.28 -23.96
C ALA C 462 -37.14 -8.90 -23.41
N LEU C 463 -37.77 -7.85 -23.96
CA LEU C 463 -37.57 -6.51 -23.44
C LEU C 463 -38.26 -6.32 -22.10
N ALA C 464 -39.48 -6.87 -21.95
CA ALA C 464 -40.19 -6.78 -20.69
C ALA C 464 -39.47 -7.56 -19.59
N TRP C 465 -38.92 -8.72 -19.92
CA TRP C 465 -38.19 -9.51 -18.95
C TRP C 465 -36.84 -8.91 -18.58
N ASN C 466 -36.34 -7.94 -19.36
CA ASN C 466 -35.02 -7.35 -19.17
C ASN C 466 -33.93 -8.42 -19.20
N ARG C 467 -34.00 -9.30 -20.19
CA ARG C 467 -32.98 -10.33 -20.42
C ARG C 467 -32.35 -10.03 -21.79
N VAL C 468 -31.23 -9.31 -21.78
CA VAL C 468 -30.59 -8.94 -23.04
C VAL C 468 -29.97 -10.16 -23.73
N ASP C 469 -29.42 -11.10 -22.96
CA ASP C 469 -28.75 -12.25 -23.55
C ASP C 469 -29.71 -13.13 -24.33
N ILE C 470 -30.93 -13.32 -23.82
CA ILE C 470 -31.92 -14.15 -24.51
C ILE C 470 -32.27 -13.55 -25.86
N ALA C 471 -32.48 -12.23 -25.90
CA ALA C 471 -32.79 -11.58 -27.17
C ALA C 471 -31.60 -11.59 -28.11
N ARG C 472 -30.39 -11.46 -27.57
CA ARG C 472 -29.20 -11.45 -28.41
C ARG C 472 -28.93 -12.82 -29.02
N SER C 473 -29.23 -13.89 -28.30
CA SER C 473 -28.90 -15.24 -28.73
C SER C 473 -30.06 -15.96 -29.41
N GLN C 474 -31.29 -15.77 -28.92
CA GLN C 474 -32.43 -16.53 -29.44
C GLN C 474 -33.33 -15.72 -30.36
N ILE C 475 -33.20 -14.40 -30.41
CA ILE C 475 -34.07 -13.59 -31.25
C ILE C 475 -33.29 -13.02 -32.43
N PHE C 476 -32.26 -12.21 -32.14
CA PHE C 476 -31.48 -11.56 -33.19
C PHE C 476 -30.56 -12.61 -33.82
N ILE C 477 -31.13 -13.36 -34.76
CA ILE C 477 -30.42 -14.41 -35.48
C ILE C 477 -30.62 -14.15 -36.98
N TYR C 478 -29.83 -14.86 -37.78
CA TYR C 478 -29.87 -14.66 -39.23
C TYR C 478 -31.26 -14.99 -39.79
N GLY C 479 -31.79 -14.09 -40.60
CA GLY C 479 -33.06 -14.31 -41.27
C GLY C 479 -34.26 -14.29 -40.36
N GLN C 480 -34.60 -13.13 -39.79
CA GLN C 480 -35.76 -12.99 -38.93
C GLN C 480 -36.92 -12.25 -39.56
N GLN C 481 -36.66 -11.40 -40.56
CA GLN C 481 -37.69 -10.75 -41.37
C GLN C 481 -38.64 -9.89 -40.52
N TRP C 482 -38.07 -8.86 -39.91
CA TRP C 482 -38.90 -7.88 -39.20
C TRP C 482 -39.73 -7.08 -40.20
N PRO C 483 -40.99 -6.81 -39.88
CA PRO C 483 -41.80 -5.95 -40.74
C PRO C 483 -41.32 -4.51 -40.72
N VAL C 484 -42.00 -3.68 -41.52
CA VAL C 484 -41.63 -2.27 -41.60
C VAL C 484 -42.16 -1.52 -40.39
N GLY C 485 -41.29 -0.74 -39.76
CA GLY C 485 -41.67 0.04 -38.60
C GLY C 485 -41.72 -0.72 -37.29
N SER C 486 -41.14 -1.92 -37.23
CA SER C 486 -41.15 -2.73 -36.01
C SER C 486 -39.98 -2.39 -35.10
N LEU C 487 -38.77 -2.29 -35.67
CA LEU C 487 -37.61 -1.95 -34.85
C LEU C 487 -37.71 -0.52 -34.32
N GLU C 488 -38.38 0.37 -35.04
CA GLU C 488 -38.61 1.71 -34.51
C GLU C 488 -39.47 1.66 -33.26
N GLN C 489 -40.55 0.87 -33.29
CA GLN C 489 -41.40 0.72 -32.09
C GLN C 489 -40.64 0.06 -30.96
N ALA C 490 -39.79 -0.93 -31.28
CA ALA C 490 -38.98 -1.56 -30.25
C ALA C 490 -38.01 -0.57 -29.62
N MET C 491 -37.39 0.28 -30.44
CA MET C 491 -36.49 1.30 -29.92
C MET C 491 -37.23 2.30 -29.04
N LEU C 492 -38.42 2.72 -29.46
CA LEU C 492 -39.20 3.65 -28.65
C LEU C 492 -39.58 3.03 -27.31
N ASP C 493 -39.99 1.76 -27.31
CA ASP C 493 -40.35 1.10 -26.07
C ASP C 493 -39.14 0.90 -25.17
N ALA C 494 -37.98 0.59 -25.75
CA ALA C 494 -36.77 0.44 -24.95
C ALA C 494 -36.33 1.78 -24.36
N LEU C 495 -36.47 2.85 -25.13
CA LEU C 495 -36.13 4.18 -24.63
C LEU C 495 -37.05 4.60 -23.50
N VAL C 496 -38.34 4.27 -23.62
CA VAL C 496 -39.30 4.64 -22.59
C VAL C 496 -38.98 3.92 -21.27
N LEU C 497 -38.69 2.63 -21.34
CA LEU C 497 -38.54 1.79 -20.15
C LEU C 497 -37.17 1.87 -19.51
N ASP C 498 -36.23 2.65 -20.07
CA ASP C 498 -34.86 2.76 -19.59
C ASP C 498 -34.18 1.39 -19.60
N ARG C 499 -34.06 0.83 -20.80
CA ARG C 499 -33.36 -0.43 -21.05
C ARG C 499 -32.18 -0.10 -21.95
N VAL C 500 -31.07 0.31 -21.34
CA VAL C 500 -29.93 0.80 -22.12
C VAL C 500 -29.31 -0.33 -22.94
N ASP C 501 -29.27 -1.54 -22.39
CA ASP C 501 -28.68 -2.67 -23.11
C ASP C 501 -29.44 -2.97 -24.40
N PHE C 502 -30.77 -2.92 -24.34
CA PHE C 502 -31.56 -3.18 -25.55
C PHE C 502 -31.42 -2.05 -26.55
N VAL C 503 -31.25 -0.81 -26.09
CA VAL C 503 -30.99 0.30 -27.00
C VAL C 503 -29.68 0.07 -27.74
N LYS C 504 -28.64 -0.33 -27.00
CA LYS C 504 -27.35 -0.62 -27.62
C LYS C 504 -27.45 -1.78 -28.60
N LEU C 505 -28.19 -2.82 -28.24
CA LEU C 505 -28.34 -3.97 -29.12
C LEU C 505 -29.10 -3.62 -30.39
N LEU C 506 -30.15 -2.81 -30.27
CA LEU C 506 -30.90 -2.38 -31.45
C LEU C 506 -30.07 -1.48 -32.34
N ILE C 507 -29.28 -0.57 -31.75
CA ILE C 507 -28.41 0.29 -32.53
C ILE C 507 -27.38 -0.54 -33.28
N GLU C 508 -26.82 -1.57 -32.62
CA GLU C 508 -25.88 -2.45 -33.29
C GLU C 508 -26.55 -3.26 -34.41
N ASN C 509 -27.85 -3.50 -34.31
CA ASN C 509 -28.55 -4.38 -35.24
C ASN C 509 -29.34 -3.61 -36.30
N GLY C 510 -28.93 -2.40 -36.64
CA GLY C 510 -29.48 -1.75 -37.83
C GLY C 510 -30.12 -0.39 -37.66
N VAL C 511 -30.85 -0.16 -36.58
CA VAL C 511 -31.59 1.09 -36.45
C VAL C 511 -30.63 2.24 -36.18
N SER C 512 -30.97 3.42 -36.73
CA SER C 512 -30.16 4.61 -36.61
C SER C 512 -31.01 5.74 -36.04
N MET C 513 -30.43 6.51 -35.12
CA MET C 513 -31.16 7.60 -34.47
C MET C 513 -31.44 8.76 -35.41
N HIS C 514 -30.68 8.90 -36.50
CA HIS C 514 -30.93 10.00 -37.43
C HIS C 514 -32.27 9.86 -38.14
N ARG C 515 -32.75 8.63 -38.30
CA ARG C 515 -34.04 8.38 -38.94
C ARG C 515 -35.15 8.09 -37.94
N PHE C 516 -34.82 7.47 -36.80
CA PHE C 516 -35.83 7.15 -35.80
C PHE C 516 -36.37 8.41 -35.14
N LEU C 517 -35.48 9.29 -34.69
CA LEU C 517 -35.88 10.42 -33.85
C LEU C 517 -36.52 11.51 -34.69
N THR C 518 -37.80 11.77 -34.46
CA THR C 518 -38.53 12.88 -35.05
C THR C 518 -39.06 13.77 -33.93
N ILE C 519 -39.83 14.80 -34.32
CA ILE C 519 -40.39 15.70 -33.32
C ILE C 519 -41.47 15.00 -32.50
N SER C 520 -42.32 14.22 -33.17
CA SER C 520 -43.40 13.53 -32.49
C SER C 520 -42.88 12.49 -31.50
N ARG C 521 -41.84 11.75 -31.89
CA ARG C 521 -41.30 10.73 -31.00
C ARG C 521 -40.61 11.35 -29.80
N LEU C 522 -39.91 12.48 -29.99
CA LEU C 522 -39.31 13.18 -28.86
C LEU C 522 -40.38 13.75 -27.93
N GLU C 523 -41.47 14.28 -28.50
CA GLU C 523 -42.58 14.74 -27.68
C GLU C 523 -43.19 13.59 -26.88
N GLU C 524 -43.29 12.41 -27.48
CA GLU C 524 -43.78 11.24 -26.76
C GLU C 524 -42.80 10.82 -25.66
N LEU C 525 -41.50 10.92 -25.93
CA LEU C 525 -40.50 10.58 -24.92
C LEU C 525 -40.58 11.52 -23.72
N TYR C 526 -40.85 12.80 -23.97
CA TYR C 526 -40.95 13.75 -22.85
C TYR C 526 -42.23 13.59 -22.04
N ASN C 527 -43.20 12.83 -22.54
CA ASN C 527 -44.47 12.65 -21.85
C ASN C 527 -44.68 11.20 -21.46
N THR C 528 -43.64 10.54 -20.96
CA THR C 528 -43.72 9.15 -20.56
C THR C 528 -44.04 9.03 -19.07
N ARG C 529 -44.56 7.86 -18.70
CA ARG C 529 -44.90 7.57 -17.32
C ARG C 529 -44.09 6.43 -16.71
N HIS C 530 -43.35 5.68 -17.53
CA HIS C 530 -42.54 4.58 -17.03
C HIS C 530 -41.22 5.10 -16.48
N GLY C 531 -40.34 4.19 -16.10
CA GLY C 531 -39.01 4.56 -15.65
C GLY C 531 -39.01 5.14 -14.25
N PRO C 532 -37.83 5.55 -13.79
CA PRO C 532 -37.72 6.14 -12.45
C PRO C 532 -38.34 7.52 -12.39
N SER C 533 -38.56 7.98 -11.16
CA SER C 533 -39.16 9.28 -10.93
C SER C 533 -38.20 10.41 -11.32
N ASN C 534 -38.77 11.58 -11.57
CA ASN C 534 -37.99 12.75 -11.98
C ASN C 534 -38.69 14.00 -11.47
N THR C 535 -37.96 15.12 -11.53
CA THR C 535 -38.44 16.40 -11.05
C THR C 535 -38.77 17.36 -12.19
N LEU C 536 -39.03 16.82 -13.39
CA LEU C 536 -39.27 17.66 -14.55
C LEU C 536 -40.61 18.39 -14.46
N TYR C 537 -41.63 17.76 -13.88
CA TYR C 537 -42.94 18.38 -13.80
C TYR C 537 -42.93 19.61 -12.91
N HIS C 538 -42.19 19.56 -11.79
CA HIS C 538 -42.05 20.74 -10.94
C HIS C 538 -41.36 21.87 -11.67
N LEU C 539 -40.32 21.55 -12.45
CA LEU C 539 -39.63 22.58 -13.23
C LEU C 539 -40.58 23.21 -14.25
N VAL C 540 -41.38 22.39 -14.93
CA VAL C 540 -42.31 22.92 -15.92
C VAL C 540 -43.38 23.79 -15.25
N ARG C 541 -43.90 23.36 -14.11
CA ARG C 541 -44.92 24.13 -13.42
C ARG C 541 -44.34 25.40 -12.79
N ASP C 542 -43.03 25.45 -12.57
CA ASP C 542 -42.42 26.66 -12.03
C ASP C 542 -42.03 27.67 -13.11
N VAL C 543 -41.54 27.19 -14.25
CA VAL C 543 -41.10 28.11 -15.31
C VAL C 543 -42.25 28.60 -16.19
N LYS C 544 -43.45 28.04 -16.04
CA LYS C 544 -44.59 28.44 -16.86
C LYS C 544 -45.40 29.54 -16.19
N LYS C 545 -45.91 29.27 -15.00
CA LYS C 545 -46.78 30.21 -14.28
C LYS C 545 -46.78 29.80 -12.81
N GLY C 546 -47.68 30.40 -12.03
CA GLY C 546 -47.85 29.99 -10.65
C GLY C 546 -48.74 28.78 -10.46
N ASN C 547 -49.40 28.33 -11.52
CA ASN C 547 -50.29 27.18 -11.45
C ASN C 547 -50.32 26.52 -12.83
N LEU C 548 -50.45 25.19 -12.82
CA LEU C 548 -50.52 24.41 -14.04
C LEU C 548 -51.82 23.62 -14.07
N PRO C 549 -52.61 23.71 -15.15
CA PRO C 549 -53.86 22.95 -15.20
C PRO C 549 -53.61 21.47 -15.22
N PRO C 550 -54.52 20.67 -14.67
CA PRO C 550 -54.33 19.22 -14.66
C PRO C 550 -54.37 18.63 -16.06
N ASP C 551 -53.68 17.51 -16.22
CA ASP C 551 -53.56 16.80 -17.51
C ASP C 551 -52.97 17.72 -18.58
N TYR C 552 -51.73 18.14 -18.34
CA TYR C 552 -51.04 19.08 -19.21
C TYR C 552 -50.00 18.34 -20.05
N ARG C 553 -50.06 18.54 -21.36
CA ARG C 553 -49.08 17.95 -22.27
C ARG C 553 -47.86 18.85 -22.35
N ILE C 554 -46.68 18.26 -22.16
CA ILE C 554 -45.43 18.99 -22.17
C ILE C 554 -44.94 19.09 -23.60
N SER C 555 -44.88 20.31 -24.13
CA SER C 555 -44.41 20.56 -25.48
C SER C 555 -42.93 20.94 -25.45
N LEU C 556 -42.31 20.88 -26.63
CA LEU C 556 -40.89 21.20 -26.73
C LEU C 556 -40.59 22.66 -26.46
N ILE C 557 -41.57 23.55 -26.61
CA ILE C 557 -41.36 24.94 -26.24
C ILE C 557 -41.20 25.06 -24.73
N ASP C 558 -41.96 24.27 -23.97
CA ASP C 558 -41.77 24.23 -22.52
C ASP C 558 -40.38 23.70 -22.17
N ILE C 559 -39.89 22.71 -22.93
CA ILE C 559 -38.54 22.20 -22.70
C ILE C 559 -37.50 23.28 -22.99
N GLY C 560 -37.70 24.05 -24.07
CA GLY C 560 -36.81 25.16 -24.33
C GLY C 560 -36.81 26.19 -23.21
N LEU C 561 -37.99 26.53 -22.71
CA LEU C 561 -38.08 27.51 -21.63
C LEU C 561 -37.42 27.01 -20.36
N VAL C 562 -37.60 25.73 -20.03
CA VAL C 562 -36.99 25.22 -18.80
C VAL C 562 -35.49 25.08 -18.95
N ILE C 563 -35.00 24.78 -20.17
CA ILE C 563 -33.55 24.78 -20.38
C ILE C 563 -32.98 26.18 -20.23
N GLU C 564 -33.68 27.18 -20.77
CA GLU C 564 -33.22 28.56 -20.63
C GLU C 564 -33.22 29.00 -19.17
N TYR C 565 -34.21 28.56 -18.40
CA TYR C 565 -34.23 28.88 -16.97
C TYR C 565 -33.12 28.17 -16.22
N LEU C 566 -32.81 26.93 -16.61
CA LEU C 566 -31.81 26.15 -15.89
C LEU C 566 -30.40 26.64 -16.17
N MET C 567 -30.10 26.96 -17.43
CA MET C 567 -28.73 27.31 -17.79
C MET C 567 -28.33 28.66 -17.22
N GLY C 568 -29.02 29.72 -17.63
CA GLY C 568 -28.71 31.04 -17.12
C GLY C 568 -29.40 32.11 -17.93
N GLY C 569 -29.07 33.36 -17.58
CA GLY C 569 -29.69 34.49 -18.26
C GLY C 569 -29.28 34.60 -19.72
N ALA C 570 -27.99 34.44 -20.01
CA ALA C 570 -27.48 34.65 -21.36
C ALA C 570 -27.85 33.52 -22.31
N TYR C 571 -28.11 32.32 -21.80
CA TYR C 571 -28.36 31.17 -22.66
C TYR C 571 -29.69 31.31 -23.38
N ARG C 572 -29.76 30.72 -24.58
CA ARG C 572 -30.94 30.80 -25.43
C ARG C 572 -31.11 29.44 -26.12
N CYS C 573 -32.10 28.67 -25.69
CA CYS C 573 -32.27 27.32 -26.21
C CYS C 573 -32.70 27.35 -27.67
N ASN C 574 -32.43 26.23 -28.37
CA ASN C 574 -32.71 26.16 -29.78
C ASN C 574 -34.21 25.99 -30.08
N TYR C 575 -34.97 25.44 -29.14
CA TYR C 575 -36.39 25.21 -29.40
C TYR C 575 -37.19 26.51 -29.37
N THR C 576 -36.71 27.52 -28.65
CA THR C 576 -37.46 28.75 -28.46
C THR C 576 -37.15 29.81 -29.51
N ARG C 577 -36.29 29.51 -30.48
CA ARG C 577 -36.04 30.44 -31.57
C ARG C 577 -37.28 30.56 -32.45
N LYS C 578 -37.38 31.70 -33.14
CA LYS C 578 -38.55 31.97 -33.98
C LYS C 578 -38.65 30.96 -35.12
N ARG C 579 -37.51 30.52 -35.65
CA ARG C 579 -37.53 29.55 -36.74
C ARG C 579 -38.14 28.23 -36.30
N PHE C 580 -37.74 27.74 -35.11
CA PHE C 580 -38.30 26.48 -34.65
C PHE C 580 -39.75 26.63 -34.21
N ARG C 581 -40.13 27.81 -33.70
CA ARG C 581 -41.54 28.06 -33.41
C ARG C 581 -42.39 28.00 -34.66
N THR C 582 -41.91 28.62 -35.75
CA THR C 582 -42.61 28.55 -37.02
C THR C 582 -42.69 27.12 -37.54
N LEU C 583 -41.58 26.38 -37.43
CA LEU C 583 -41.57 24.99 -37.89
C LEU C 583 -42.52 24.12 -37.07
N TYR C 584 -42.59 24.35 -35.77
CA TYR C 584 -43.43 23.57 -34.88
C TYR C 584 -44.90 23.98 -34.95
N HIS C 585 -45.20 25.18 -35.45
CA HIS C 585 -46.58 25.64 -35.50
C HIS C 585 -47.44 24.77 -36.40
N ASN C 586 -46.92 24.39 -37.57
CA ASN C 586 -47.64 23.52 -38.50
C ASN C 586 -47.42 22.05 -38.14
N LEU C 587 -47.87 21.69 -36.94
CA LEU C 587 -47.76 20.34 -36.43
C LEU C 587 -48.73 20.11 -35.28
N ASN C 631 -40.15 17.58 -38.84
CA ASN C 631 -39.10 17.06 -39.70
C ASN C 631 -38.17 16.14 -38.91
N HIS C 632 -36.86 16.31 -39.09
CA HIS C 632 -35.85 15.52 -38.39
C HIS C 632 -34.92 16.45 -37.62
N PHE C 633 -33.87 15.86 -37.05
CA PHE C 633 -32.87 16.59 -36.29
C PHE C 633 -31.49 16.34 -36.88
N PRO C 634 -30.70 17.39 -37.13
CA PRO C 634 -29.34 17.15 -37.65
C PRO C 634 -28.46 16.39 -36.69
N PHE C 635 -28.49 16.74 -35.41
CA PHE C 635 -27.76 16.01 -34.37
C PHE C 635 -28.78 15.43 -33.40
N PRO C 636 -29.12 14.14 -33.52
CA PRO C 636 -30.16 13.58 -32.66
C PRO C 636 -29.66 13.31 -31.24
N PHE C 637 -28.38 12.98 -31.12
CA PHE C 637 -27.84 12.61 -29.82
C PHE C 637 -27.73 13.79 -28.87
N HIS C 638 -27.65 15.02 -29.39
CA HIS C 638 -27.74 16.19 -28.51
C HIS C 638 -29.08 16.22 -27.80
N GLU C 639 -30.17 16.08 -28.58
CA GLU C 639 -31.51 16.07 -28.00
C GLU C 639 -31.71 14.89 -27.07
N LEU C 640 -31.22 13.71 -27.46
CA LEU C 640 -31.39 12.53 -26.61
C LEU C 640 -30.63 12.67 -25.30
N MET C 641 -29.42 13.23 -25.34
CA MET C 641 -28.65 13.39 -24.11
C MET C 641 -29.28 14.45 -23.20
N VAL C 642 -29.79 15.54 -23.78
CA VAL C 642 -30.47 16.54 -22.96
C VAL C 642 -31.73 15.95 -22.34
N TRP C 643 -32.44 15.12 -23.10
CA TRP C 643 -33.62 14.44 -22.56
C TRP C 643 -33.24 13.51 -21.41
N ALA C 644 -32.16 12.75 -21.57
CA ALA C 644 -31.73 11.83 -20.52
C ALA C 644 -31.30 12.59 -19.27
N VAL C 645 -30.61 13.71 -19.44
CA VAL C 645 -30.17 14.50 -18.30
C VAL C 645 -31.39 15.10 -17.58
N LEU C 646 -32.35 15.64 -18.34
CA LEU C 646 -33.51 16.25 -17.70
C LEU C 646 -34.41 15.24 -17.02
N MET C 647 -34.50 14.02 -17.57
CA MET C 647 -35.32 12.97 -16.98
C MET C 647 -34.60 12.20 -15.89
N LYS C 648 -33.38 12.59 -15.55
CA LYS C 648 -32.58 12.01 -14.46
C LYS C 648 -32.36 10.51 -14.69
N ARG C 649 -31.76 10.20 -15.83
CA ARG C 649 -31.35 8.84 -16.18
C ARG C 649 -29.85 8.89 -16.46
N GLN C 650 -29.05 8.47 -15.49
CA GLN C 650 -27.60 8.63 -15.59
C GLN C 650 -26.99 7.67 -16.60
N LYS C 651 -27.41 6.40 -16.58
CA LYS C 651 -26.82 5.42 -17.48
C LYS C 651 -27.14 5.75 -18.94
N MET C 652 -28.38 6.16 -19.21
CA MET C 652 -28.75 6.53 -20.57
C MET C 652 -27.99 7.76 -21.04
N ALA C 653 -27.80 8.74 -20.15
CA ALA C 653 -27.03 9.93 -20.51
C ALA C 653 -25.58 9.60 -20.78
N LEU C 654 -24.98 8.73 -19.96
CA LEU C 654 -23.60 8.35 -20.18
C LEU C 654 -23.43 7.53 -21.45
N PHE C 655 -24.48 6.78 -21.84
CA PHE C 655 -24.41 6.07 -23.12
C PHE C 655 -24.53 7.04 -24.29
N PHE C 656 -25.45 8.00 -24.20
CA PHE C 656 -25.64 8.96 -25.29
C PHE C 656 -24.49 9.96 -25.39
N TRP C 657 -23.70 10.13 -24.33
CA TRP C 657 -22.64 11.13 -24.36
C TRP C 657 -21.52 10.72 -25.31
N GLN C 658 -21.21 9.43 -25.38
CA GLN C 658 -20.08 8.99 -26.18
C GLN C 658 -20.43 8.78 -27.65
N HIS C 659 -21.64 9.12 -28.07
CA HIS C 659 -22.04 9.07 -29.46
C HIS C 659 -22.29 10.48 -29.97
N GLY C 660 -22.09 10.69 -31.26
CA GLY C 660 -22.26 12.00 -31.85
C GLY C 660 -21.06 12.90 -31.63
N GLU C 661 -21.21 14.14 -32.08
CA GLU C 661 -20.14 15.11 -32.02
C GLU C 661 -20.30 16.02 -30.80
N GLU C 662 -19.27 16.85 -30.56
CA GLU C 662 -19.25 17.83 -29.48
C GLU C 662 -19.43 17.17 -28.12
N ALA C 663 -18.50 16.28 -27.79
CA ALA C 663 -18.59 15.55 -26.52
C ALA C 663 -18.30 16.45 -25.32
N MET C 664 -17.30 17.32 -25.43
CA MET C 664 -16.91 18.16 -24.30
C MET C 664 -17.99 19.19 -23.97
N ALA C 665 -18.56 19.82 -25.00
CA ALA C 665 -19.64 20.76 -24.78
C ALA C 665 -20.84 20.06 -24.16
N LYS C 666 -21.16 18.84 -24.62
CA LYS C 666 -22.26 18.09 -24.04
C LYS C 666 -22.00 17.78 -22.58
N ALA C 667 -20.77 17.38 -22.24
CA ALA C 667 -20.45 17.10 -20.85
C ALA C 667 -20.59 18.33 -19.97
N LEU C 668 -20.08 19.47 -20.43
CA LEU C 668 -20.16 20.69 -19.62
C LEU C 668 -21.61 21.16 -19.46
N VAL C 669 -22.40 21.08 -20.53
CA VAL C 669 -23.80 21.48 -20.44
C VAL C 669 -24.56 20.55 -19.51
N ALA C 670 -24.26 19.25 -19.56
CA ALA C 670 -24.90 18.30 -18.65
C ALA C 670 -24.52 18.58 -17.20
N CYS C 671 -23.25 18.92 -16.96
CA CYS C 671 -22.81 19.26 -15.61
C CYS C 671 -23.56 20.48 -15.09
N LYS C 672 -23.67 21.52 -15.91
CA LYS C 672 -24.39 22.72 -15.49
C LYS C 672 -25.86 22.42 -15.22
N LEU C 673 -26.50 21.64 -16.10
CA LEU C 673 -27.90 21.29 -15.91
C LEU C 673 -28.12 20.50 -14.64
N CYS C 674 -27.25 19.53 -14.36
CA CYS C 674 -27.39 18.73 -13.15
C CYS C 674 -27.19 19.58 -11.90
N LYS C 675 -26.21 20.50 -11.93
CA LYS C 675 -26.01 21.39 -10.79
C LYS C 675 -27.23 22.28 -10.56
N ALA C 676 -27.79 22.83 -11.63
CA ALA C 676 -28.95 23.70 -11.50
C ALA C 676 -30.16 22.93 -10.97
N MET C 677 -30.37 21.71 -11.48
CA MET C 677 -31.47 20.89 -11.00
C MET C 677 -31.29 20.52 -9.52
N ALA C 678 -30.06 20.22 -9.12
CA ALA C 678 -29.81 19.91 -7.70
C ALA C 678 -30.11 21.12 -6.82
N HIS C 679 -29.66 22.30 -7.23
CA HIS C 679 -29.91 23.50 -6.44
C HIS C 679 -31.41 23.80 -6.36
N GLU C 680 -32.12 23.67 -7.47
CA GLU C 680 -33.56 23.94 -7.47
C GLU C 680 -34.32 22.91 -6.63
N ALA C 681 -33.92 21.64 -6.69
CA ALA C 681 -34.58 20.62 -5.88
C ALA C 681 -34.32 20.83 -4.40
N SER C 682 -33.10 21.25 -4.05
CA SER C 682 -32.82 21.59 -2.65
C SER C 682 -33.65 22.79 -2.20
N GLU C 683 -33.82 23.78 -3.08
CA GLU C 683 -34.62 24.95 -2.74
C GLU C 683 -36.09 24.59 -2.59
N ASN C 684 -36.59 23.67 -3.41
CA ASN C 684 -38.02 23.34 -3.44
C ASN C 684 -38.42 22.32 -2.38
N ASP C 685 -37.61 22.14 -1.34
CA ASP C 685 -37.81 21.21 -0.22
C ASP C 685 -38.35 19.86 -0.70
N MET C 686 -37.56 19.21 -1.56
CA MET C 686 -37.88 17.88 -2.04
C MET C 686 -37.43 16.85 -1.01
N VAL C 687 -37.38 15.57 -1.41
CA VAL C 687 -36.95 14.51 -0.51
C VAL C 687 -35.48 14.60 -0.12
N ASP C 688 -34.72 15.49 -0.77
CA ASP C 688 -33.32 15.83 -0.48
C ASP C 688 -32.34 14.70 -0.74
N ASP C 689 -32.79 13.55 -1.24
CA ASP C 689 -31.88 12.56 -1.80
C ASP C 689 -31.69 12.77 -3.29
N ILE C 690 -32.71 13.32 -3.96
CA ILE C 690 -32.59 13.68 -5.36
C ILE C 690 -31.49 14.73 -5.54
N SER C 691 -31.36 15.65 -4.58
CA SER C 691 -30.30 16.65 -4.65
C SER C 691 -28.92 16.00 -4.62
N GLN C 692 -28.73 15.00 -3.75
CA GLN C 692 -27.46 14.30 -3.68
C GLN C 692 -27.19 13.53 -4.97
N GLU C 693 -28.21 12.88 -5.53
CA GLU C 693 -28.03 12.17 -6.79
C GLU C 693 -27.64 13.12 -7.92
N LEU C 694 -28.29 14.28 -7.99
CA LEU C 694 -27.98 15.23 -9.05
C LEU C 694 -26.59 15.84 -8.86
N ASN C 695 -26.19 16.08 -7.61
CA ASN C 695 -24.83 16.56 -7.38
C ASN C 695 -23.79 15.52 -7.80
N HIS C 696 -24.05 14.24 -7.53
CA HIS C 696 -23.14 13.20 -7.97
C HIS C 696 -23.08 13.12 -9.50
N ASN C 697 -24.23 13.27 -10.17
CA ASN C 697 -24.23 13.31 -11.63
C ASN C 697 -23.42 14.48 -12.17
N SER C 698 -23.56 15.65 -11.54
CA SER C 698 -22.80 16.82 -11.97
C SER C 698 -21.31 16.59 -11.80
N ARG C 699 -20.90 16.00 -10.67
CA ARG C 699 -19.48 15.71 -10.46
C ARG C 699 -18.97 14.72 -11.49
N ASP C 700 -19.76 13.69 -11.82
CA ASP C 700 -19.34 12.71 -12.81
C ASP C 700 -19.15 13.35 -14.18
N PHE C 701 -20.09 14.19 -14.59
CA PHE C 701 -19.97 14.84 -15.90
C PHE C 701 -18.79 15.80 -15.94
N GLY C 702 -18.56 16.54 -14.85
CA GLY C 702 -17.40 17.41 -14.79
C GLY C 702 -16.09 16.64 -14.88
N GLN C 703 -16.01 15.50 -14.19
CA GLN C 703 -14.82 14.67 -14.26
C GLN C 703 -14.60 14.14 -15.67
N LEU C 704 -15.68 13.74 -16.35
CA LEU C 704 -15.56 13.29 -17.74
C LEU C 704 -15.03 14.40 -18.63
N ALA C 705 -15.54 15.63 -18.46
CA ALA C 705 -15.07 16.75 -19.26
C ALA C 705 -13.59 17.03 -19.02
N VAL C 706 -13.17 16.98 -17.75
CA VAL C 706 -11.77 17.23 -17.43
C VAL C 706 -10.87 16.17 -18.04
N GLU C 707 -11.26 14.90 -17.94
CA GLU C 707 -10.45 13.83 -18.51
C GLU C 707 -10.37 13.92 -20.03
N LEU C 708 -11.48 14.26 -20.68
CA LEU C 708 -11.44 14.43 -22.13
C LEU C 708 -10.54 15.58 -22.53
N LEU C 709 -10.60 16.70 -21.81
CA LEU C 709 -9.70 17.81 -22.09
C LEU C 709 -8.24 17.41 -21.90
N ASP C 710 -7.95 16.63 -20.85
CA ASP C 710 -6.59 16.18 -20.61
C ASP C 710 -6.09 15.29 -21.73
N GLN C 711 -6.93 14.36 -22.20
CA GLN C 711 -6.53 13.51 -23.32
C GLN C 711 -6.28 14.33 -24.59
N SER C 712 -7.18 15.28 -24.87
CA SER C 712 -7.04 16.10 -26.07
C SER C 712 -5.76 16.94 -26.02
N TYR C 713 -5.45 17.53 -24.86
CA TYR C 713 -4.22 18.29 -24.74
C TYR C 713 -3.00 17.38 -24.79
N LYS C 714 -3.13 16.13 -24.34
CA LYS C 714 -2.03 15.19 -24.41
C LYS C 714 -1.69 14.83 -25.86
N GLN C 715 -2.72 14.65 -26.70
CA GLN C 715 -2.45 14.25 -28.08
C GLN C 715 -1.87 15.41 -28.90
N ASP C 716 -2.62 16.49 -29.05
CA ASP C 716 -2.16 17.65 -29.81
C ASP C 716 -2.63 18.92 -29.12
N GLU C 717 -1.74 19.91 -29.05
CA GLU C 717 -2.00 21.10 -28.25
C GLU C 717 -2.71 22.21 -29.03
N GLN C 718 -2.32 22.41 -30.30
CA GLN C 718 -2.97 23.45 -31.10
C GLN C 718 -4.43 23.11 -31.36
N LEU C 719 -4.72 21.84 -31.67
CA LEU C 719 -6.11 21.43 -31.83
C LEU C 719 -6.87 21.51 -30.50
N ALA C 720 -6.20 21.24 -29.38
CA ALA C 720 -6.84 21.36 -28.08
C ALA C 720 -7.23 22.81 -27.79
N MET C 721 -6.35 23.75 -28.13
CA MET C 721 -6.66 25.17 -27.94
C MET C 721 -7.76 25.62 -28.90
N LYS C 722 -7.74 25.10 -30.13
CA LYS C 722 -8.80 25.43 -31.08
C LYS C 722 -10.14 24.85 -30.66
N LEU C 723 -10.12 23.75 -29.91
CA LEU C 723 -11.37 23.11 -29.50
C LEU C 723 -12.06 23.89 -28.39
N LEU C 724 -11.30 24.60 -27.56
CA LEU C 724 -11.86 25.33 -26.44
C LEU C 724 -12.41 26.70 -26.82
N THR C 725 -12.09 27.21 -27.99
CA THR C 725 -12.43 28.59 -28.34
C THR C 725 -13.43 28.73 -29.49
N TYR C 726 -13.69 27.68 -30.26
CA TYR C 726 -14.52 27.84 -31.44
C TYR C 726 -15.99 27.96 -31.05
N GLU C 727 -16.72 28.75 -31.83
CA GLU C 727 -18.13 29.03 -31.55
C GLU C 727 -18.98 27.78 -31.75
N LEU C 728 -19.91 27.57 -30.85
CA LEU C 728 -20.82 26.41 -30.87
C LEU C 728 -22.18 26.88 -31.33
N LYS C 729 -22.55 26.51 -32.58
CA LYS C 729 -23.81 26.94 -33.13
C LYS C 729 -25.00 26.33 -32.41
N ASN C 730 -24.86 25.08 -31.97
CA ASN C 730 -25.98 24.35 -31.36
C ASN C 730 -26.29 24.78 -29.94
N TRP C 731 -25.34 25.42 -29.25
CA TRP C 731 -25.49 25.76 -27.84
C TRP C 731 -25.50 27.27 -27.63
N SER C 732 -26.23 27.98 -28.48
CA SER C 732 -26.46 29.42 -28.36
C SER C 732 -25.18 30.24 -28.43
N ASN C 733 -24.24 29.80 -29.27
CA ASN C 733 -23.01 30.55 -29.58
C ASN C 733 -22.21 30.87 -28.32
N ALA C 734 -21.75 29.81 -27.66
CA ALA C 734 -20.92 29.94 -26.47
C ALA C 734 -19.81 28.90 -26.52
N THR C 735 -18.57 29.35 -26.33
CA THR C 735 -17.42 28.46 -26.39
C THR C 735 -17.37 27.56 -25.16
N CYS C 736 -16.45 26.59 -25.19
CA CYS C 736 -16.31 25.65 -24.07
C CYS C 736 -15.81 26.36 -22.81
N LEU C 737 -14.98 27.40 -22.97
CA LEU C 737 -14.52 28.15 -21.81
C LEU C 737 -15.67 28.84 -21.09
N GLN C 738 -16.59 29.43 -21.84
CA GLN C 738 -17.73 30.11 -21.22
C GLN C 738 -18.65 29.11 -20.53
N LEU C 739 -18.85 27.94 -21.13
CA LEU C 739 -19.66 26.92 -20.48
C LEU C 739 -19.00 26.41 -19.20
N ALA C 740 -17.67 26.25 -19.22
CA ALA C 740 -16.96 25.82 -18.01
C ALA C 740 -17.02 26.88 -16.91
N VAL C 741 -16.89 28.15 -17.28
CA VAL C 741 -16.95 29.22 -16.27
C VAL C 741 -18.37 29.34 -15.71
N ALA C 742 -19.39 29.21 -16.57
CA ALA C 742 -20.76 29.31 -16.10
C ALA C 742 -21.12 28.17 -15.16
N ALA C 743 -20.46 27.02 -15.30
CA ALA C 743 -20.69 25.88 -14.42
C ALA C 743 -19.86 25.93 -13.16
N LYS C 744 -19.05 26.99 -12.97
CA LYS C 744 -18.16 27.13 -11.82
C LYS C 744 -17.28 25.90 -11.65
N HIS C 745 -16.69 25.45 -12.75
CA HIS C 745 -15.85 24.26 -12.77
C HIS C 745 -14.40 24.71 -12.62
N ARG C 746 -13.88 24.63 -11.39
CA ARG C 746 -12.54 25.12 -11.11
C ARG C 746 -11.44 24.22 -11.69
N ASP C 747 -11.67 22.91 -11.71
CA ASP C 747 -10.64 21.99 -12.20
C ASP C 747 -10.46 22.08 -13.70
N PHE C 748 -11.42 22.67 -14.42
CA PHE C 748 -11.29 22.80 -15.87
C PHE C 748 -10.49 24.05 -16.24
N ILE C 749 -10.83 25.18 -15.62
CA ILE C 749 -10.11 26.43 -15.90
C ILE C 749 -8.69 26.37 -15.36
N ALA C 750 -8.46 25.61 -14.30
CA ALA C 750 -7.12 25.50 -13.72
C ALA C 750 -6.24 24.50 -14.44
N HIS C 751 -6.75 23.85 -15.49
CA HIS C 751 -5.93 22.93 -16.26
C HIS C 751 -4.86 23.69 -17.04
N THR C 752 -3.82 22.97 -17.46
CA THR C 752 -2.68 23.61 -18.11
C THR C 752 -3.08 24.22 -19.45
N CYS C 753 -3.89 23.51 -20.23
CA CYS C 753 -4.31 24.04 -21.53
C CYS C 753 -5.14 25.30 -21.38
N SER C 754 -6.07 25.31 -20.40
CA SER C 754 -6.87 26.50 -20.16
C SER C 754 -6.02 27.66 -19.70
N GLN C 755 -5.01 27.40 -18.87
CA GLN C 755 -4.13 28.47 -18.39
C GLN C 755 -3.29 29.04 -19.53
N MET C 756 -2.80 28.18 -20.44
CA MET C 756 -2.05 28.69 -21.58
C MET C 756 -2.93 29.47 -22.54
N LEU C 757 -4.18 29.02 -22.73
CA LEU C 757 -5.13 29.77 -23.54
C LEU C 757 -5.43 31.13 -22.91
N LEU C 758 -5.59 31.17 -21.59
CA LEU C 758 -5.82 32.43 -20.89
C LEU C 758 -4.63 33.36 -21.03
N THR C 759 -3.40 32.82 -20.95
CA THR C 759 -2.22 33.63 -21.14
C THR C 759 -2.15 34.19 -22.55
N ASP C 760 -2.52 33.38 -23.55
CA ASP C 760 -2.53 33.87 -24.93
C ASP C 760 -3.57 34.97 -25.12
N MET C 761 -4.73 34.83 -24.49
CA MET C 761 -5.73 35.89 -24.58
C MET C 761 -5.30 37.14 -23.84
N TRP C 762 -4.57 36.98 -22.73
CA TRP C 762 -4.15 38.12 -21.93
C TRP C 762 -3.01 38.89 -22.59
N MET C 763 -2.11 38.20 -23.29
CA MET C 763 -0.98 38.88 -23.92
C MET C 763 -1.42 39.77 -25.07
N GLY C 764 -2.58 39.52 -25.66
CA GLY C 764 -3.05 40.33 -26.78
C GLY C 764 -2.54 39.77 -28.09
N ARG C 765 -1.97 40.65 -28.91
CA ARG C 765 -1.41 40.29 -30.21
C ARG C 765 0.08 40.55 -30.26
N LEU C 766 0.76 40.39 -29.13
CA LEU C 766 2.20 40.55 -29.03
C LEU C 766 2.82 39.19 -28.75
N ARG C 767 3.91 38.89 -29.45
CA ARG C 767 4.59 37.62 -29.30
C ARG C 767 5.75 37.68 -28.29
N MET C 768 5.92 38.81 -27.61
CA MET C 768 6.95 38.94 -26.59
C MET C 768 6.57 38.11 -25.37
N ARG C 769 7.30 37.02 -25.13
CA ARG C 769 7.00 36.10 -24.05
C ARG C 769 8.16 35.85 -23.10
N LYS C 770 9.39 36.21 -23.48
CA LYS C 770 10.55 35.91 -22.64
C LYS C 770 10.52 36.73 -21.36
N ASN C 771 10.31 38.05 -21.47
CA ASN C 771 10.26 38.91 -20.30
C ASN C 771 9.31 40.06 -20.60
N SER C 772 8.05 39.91 -20.20
CA SER C 772 7.04 40.93 -20.42
C SER C 772 7.08 41.97 -19.30
N GLY C 773 6.11 42.87 -19.32
CA GLY C 773 6.01 43.89 -18.29
C GLY C 773 6.88 45.11 -18.52
N LEU C 774 8.20 44.92 -18.50
CA LEU C 774 9.11 46.05 -18.67
C LEU C 774 8.97 46.67 -20.06
N LYS C 775 8.86 45.85 -21.09
CA LYS C 775 8.70 46.38 -22.44
C LYS C 775 7.35 47.08 -22.61
N VAL C 776 6.33 46.61 -21.91
CA VAL C 776 5.03 47.27 -21.98
C VAL C 776 5.10 48.66 -21.33
N ILE C 777 5.77 48.76 -20.18
CA ILE C 777 5.93 50.05 -19.53
C ILE C 777 6.77 50.98 -20.40
N LEU C 778 7.81 50.44 -21.05
CA LEU C 778 8.60 51.25 -21.96
C LEU C 778 7.76 51.75 -23.14
N GLY C 779 6.91 50.89 -23.70
CA GLY C 779 6.06 51.32 -24.80
C GLY C 779 5.04 52.36 -24.37
N ILE C 780 4.52 52.25 -23.15
CA ILE C 780 3.60 53.26 -22.64
C ILE C 780 4.32 54.59 -22.46
N LEU C 781 5.52 54.55 -21.88
CA LEU C 781 6.26 55.79 -21.64
C LEU C 781 6.96 56.30 -22.89
N LEU C 782 7.40 55.41 -23.78
CA LEU C 782 8.13 55.78 -25.00
C LEU C 782 7.37 55.24 -26.21
N PRO C 783 6.43 56.01 -26.76
CA PRO C 783 5.68 55.55 -27.94
C PRO C 783 6.57 55.25 -29.15
N PRO C 784 7.70 55.94 -29.35
CA PRO C 784 8.61 55.46 -30.42
C PRO C 784 9.12 54.04 -30.24
N SER C 785 9.22 53.55 -29.00
CA SER C 785 9.70 52.19 -28.76
C SER C 785 8.67 51.13 -29.12
N ILE C 786 7.43 51.51 -29.42
CA ILE C 786 6.40 50.53 -29.74
C ILE C 786 6.73 49.81 -31.04
N LEU C 787 7.23 50.53 -32.04
CA LEU C 787 7.52 49.92 -33.33
C LEU C 787 8.86 49.18 -33.33
N SER C 788 9.06 48.34 -32.32
CA SER C 788 10.20 47.44 -32.27
C SER C 788 9.84 46.07 -31.71
N LEU C 789 8.57 45.81 -31.42
CA LEU C 789 8.13 44.57 -30.81
C LEU C 789 7.50 43.67 -31.86
N GLU C 790 7.73 42.37 -31.73
CA GLU C 790 7.15 41.40 -32.65
C GLU C 790 5.65 41.28 -32.43
N PHE C 791 4.93 41.07 -33.52
CA PHE C 791 3.47 40.97 -33.50
C PHE C 791 3.02 39.69 -34.17
N LYS C 792 1.85 39.19 -33.76
CA LYS C 792 1.28 38.02 -34.39
C LYS C 792 0.78 38.36 -35.79
N ASN C 793 0.76 37.36 -36.65
CA ASN C 793 0.33 37.54 -38.03
C ASN C 793 -1.19 37.61 -38.14
N GLY C 860 1.16 53.01 -37.82
CA GLY C 860 -0.13 52.86 -38.45
C GLY C 860 -1.12 52.03 -37.63
N ARG C 861 -1.33 50.80 -38.06
CA ARG C 861 -2.23 49.88 -37.36
C ARG C 861 -1.55 49.18 -36.21
N LYS C 862 -0.23 49.27 -36.09
CA LYS C 862 0.48 48.61 -35.01
C LYS C 862 0.18 49.25 -33.67
N ILE C 863 0.03 50.57 -33.64
CA ILE C 863 -0.26 51.28 -32.39
C ILE C 863 -1.64 50.87 -31.86
N TYR C 864 -2.63 50.82 -32.75
CA TYR C 864 -3.98 50.44 -32.34
C TYR C 864 -4.01 49.01 -31.81
N GLU C 865 -3.18 48.13 -32.36
CA GLU C 865 -3.11 46.77 -31.87
C GLU C 865 -2.35 46.68 -30.55
N PHE C 866 -1.37 47.56 -30.34
CA PHE C 866 -0.63 47.57 -29.09
C PHE C 866 -1.49 48.07 -27.94
N TYR C 867 -2.20 49.18 -28.14
CA TYR C 867 -2.90 49.83 -27.05
C TYR C 867 -4.24 49.18 -26.71
N ASN C 868 -4.65 48.14 -27.44
CA ASN C 868 -5.89 47.45 -27.15
C ASN C 868 -5.67 46.10 -26.47
N ALA C 869 -4.43 45.66 -26.34
CA ALA C 869 -4.15 44.45 -25.57
C ALA C 869 -4.50 44.69 -24.10
N PRO C 870 -5.08 43.71 -23.42
CA PRO C 870 -5.44 43.89 -22.00
C PRO C 870 -4.25 44.15 -21.11
N ILE C 871 -3.07 43.60 -21.41
CA ILE C 871 -1.90 43.83 -20.57
C ILE C 871 -1.50 45.30 -20.59
N VAL C 872 -1.57 45.94 -21.74
CA VAL C 872 -1.23 47.36 -21.84
C VAL C 872 -2.26 48.21 -21.10
N LYS C 873 -3.54 47.84 -21.19
CA LYS C 873 -4.55 48.53 -20.41
C LYS C 873 -4.28 48.42 -18.92
N PHE C 874 -3.91 47.23 -18.46
CA PHE C 874 -3.63 47.01 -17.05
C PHE C 874 -2.44 47.84 -16.58
N TRP C 875 -1.37 47.88 -17.38
CA TRP C 875 -0.20 48.65 -16.96
C TRP C 875 -0.47 50.15 -16.99
N PHE C 876 -1.25 50.62 -17.97
CA PHE C 876 -1.63 52.02 -17.99
C PHE C 876 -2.45 52.37 -16.75
N TYR C 877 -3.41 51.50 -16.39
CA TYR C 877 -4.22 51.72 -15.20
C TYR C 877 -3.36 51.73 -13.94
N THR C 878 -2.37 50.82 -13.87
CA THR C 878 -1.50 50.77 -12.70
C THR C 878 -0.67 52.03 -12.57
N LEU C 879 -0.11 52.52 -13.68
CA LEU C 879 0.68 53.76 -13.61
C LEU C 879 -0.19 54.94 -13.20
N ALA C 880 -1.41 55.02 -13.73
CA ALA C 880 -2.32 56.09 -13.33
C ALA C 880 -2.63 56.02 -11.84
N TYR C 881 -2.86 54.82 -11.32
CA TYR C 881 -3.15 54.67 -9.90
C TYR C 881 -1.95 55.06 -9.04
N ILE C 882 -0.74 54.72 -9.48
CA ILE C 882 0.46 55.12 -8.75
C ILE C 882 0.59 56.63 -8.70
N GLY C 883 0.36 57.29 -9.84
CA GLY C 883 0.39 58.75 -9.85
C GLY C 883 -0.67 59.36 -8.94
N TYR C 884 -1.87 58.79 -8.93
CA TYR C 884 -2.93 59.29 -8.07
C TYR C 884 -2.57 59.14 -6.60
N LEU C 885 -1.97 58.00 -6.24
CA LEU C 885 -1.53 57.81 -4.85
C LEU C 885 -0.47 58.82 -4.47
N MET C 886 0.47 59.09 -5.37
CA MET C 886 1.50 60.08 -5.08
C MET C 886 0.90 61.46 -4.85
N LEU C 887 -0.05 61.86 -5.70
CA LEU C 887 -0.69 63.16 -5.53
C LEU C 887 -1.48 63.22 -4.23
N PHE C 888 -2.19 62.15 -3.88
CA PHE C 888 -2.95 62.13 -2.63
C PHE C 888 -2.03 62.27 -1.42
N ASN C 889 -0.89 61.56 -1.43
CA ASN C 889 0.07 61.70 -0.35
C ASN C 889 0.61 63.13 -0.27
N TYR C 890 0.90 63.73 -1.43
CA TYR C 890 1.41 65.10 -1.41
C TYR C 890 0.38 66.06 -0.82
N ILE C 891 -0.90 65.92 -1.20
CA ILE C 891 -1.89 66.88 -0.71
C ILE C 891 -2.17 66.66 0.78
N VAL C 892 -2.07 65.44 1.28
CA VAL C 892 -2.33 65.25 2.71
C VAL C 892 -1.12 65.61 3.57
N LEU C 893 0.10 65.53 3.04
CA LEU C 893 1.26 65.81 3.86
C LEU C 893 1.47 67.31 4.07
N VAL C 894 1.52 68.08 2.98
CA VAL C 894 1.85 69.50 3.06
C VAL C 894 0.66 70.31 3.55
N LYS C 895 0.90 71.59 3.86
CA LYS C 895 -0.13 72.44 4.42
C LYS C 895 -1.27 72.66 3.42
N MET C 896 -2.49 72.70 3.92
CA MET C 896 -3.68 72.85 3.11
C MET C 896 -4.25 74.25 3.30
N GLU C 897 -4.55 74.92 2.19
CA GLU C 897 -4.99 76.30 2.20
C GLU C 897 -6.52 76.38 2.10
N ARG C 898 -7.04 77.61 2.06
CA ARG C 898 -8.48 77.82 1.96
C ARG C 898 -9.03 77.28 0.65
N TRP C 899 -8.34 77.54 -0.46
CA TRP C 899 -8.82 77.04 -1.74
C TRP C 899 -7.91 75.93 -2.25
N PRO C 900 -8.46 74.91 -2.91
CA PRO C 900 -7.67 73.75 -3.30
C PRO C 900 -6.57 74.09 -4.29
N SER C 901 -5.47 73.35 -4.21
CA SER C 901 -4.37 73.48 -5.14
C SER C 901 -4.63 72.62 -6.37
N THR C 902 -3.65 72.57 -7.27
CA THR C 902 -3.82 71.84 -8.53
C THR C 902 -3.86 70.33 -8.29
N GLN C 903 -2.98 69.81 -7.43
CA GLN C 903 -2.96 68.37 -7.17
C GLN C 903 -4.25 67.91 -6.52
N GLU C 904 -4.83 68.73 -5.65
CA GLU C 904 -6.12 68.41 -5.04
C GLU C 904 -7.22 68.35 -6.11
N TRP C 905 -7.17 69.26 -7.08
CA TRP C 905 -8.13 69.21 -8.18
C TRP C 905 -7.96 67.93 -9.00
N ILE C 906 -6.72 67.52 -9.25
CA ILE C 906 -6.49 66.28 -9.99
C ILE C 906 -7.04 65.08 -9.23
N VAL C 907 -6.82 65.05 -7.91
CA VAL C 907 -7.33 63.95 -7.09
C VAL C 907 -8.86 63.92 -7.13
N ILE C 908 -9.50 65.09 -7.00
CA ILE C 908 -10.95 65.16 -7.02
C ILE C 908 -11.49 64.70 -8.38
N SER C 909 -10.83 65.11 -9.47
CA SER C 909 -11.24 64.66 -10.79
C SER C 909 -11.11 63.15 -10.94
N TYR C 910 -10.02 62.59 -10.41
CA TYR C 910 -9.83 61.14 -10.46
C TYR C 910 -10.96 60.42 -9.72
N ILE C 911 -11.31 60.91 -8.53
CA ILE C 911 -12.38 60.26 -7.76
C ILE C 911 -13.71 60.37 -8.51
N PHE C 912 -14.01 61.54 -9.06
CA PHE C 912 -15.27 61.74 -9.77
C PHE C 912 -15.36 60.83 -11.00
N THR C 913 -14.28 60.75 -11.78
CA THR C 913 -14.30 59.89 -12.96
C THR C 913 -14.35 58.41 -12.59
N LEU C 914 -13.71 58.03 -11.49
CA LEU C 914 -13.81 56.64 -11.03
C LEU C 914 -15.23 56.30 -10.63
N GLY C 915 -15.92 57.22 -9.95
CA GLY C 915 -17.32 57.01 -9.63
C GLY C 915 -18.19 56.89 -10.87
N ILE C 916 -17.93 57.73 -11.87
CA ILE C 916 -18.67 57.64 -13.13
C ILE C 916 -18.43 56.31 -13.80
N GLU C 917 -17.18 55.83 -13.79
CA GLU C 917 -16.87 54.53 -14.37
C GLU C 917 -17.58 53.40 -13.63
N LYS C 918 -17.66 53.49 -12.30
CA LYS C 918 -18.39 52.48 -11.54
C LYS C 918 -19.87 52.49 -11.89
N MET C 919 -20.45 53.69 -12.06
CA MET C 919 -21.85 53.77 -12.47
C MET C 919 -22.06 53.15 -13.86
N ARG C 920 -21.14 53.41 -14.79
CA ARG C 920 -21.24 52.82 -16.11
C ARG C 920 -21.13 51.29 -16.06
N GLU C 921 -20.25 50.78 -15.19
CA GLU C 921 -20.16 49.33 -15.02
C GLU C 921 -21.45 48.77 -14.44
N ILE C 922 -22.09 49.51 -13.54
CA ILE C 922 -23.38 49.08 -13.00
C ILE C 922 -24.43 49.00 -14.10
N LEU C 923 -24.50 50.04 -14.94
CA LEU C 923 -25.60 50.13 -15.90
C LEU C 923 -25.50 49.08 -17.00
N MET C 924 -24.29 48.78 -17.46
CA MET C 924 -24.08 47.85 -18.57
C MET C 924 -23.79 46.43 -18.09
N SER C 925 -24.36 46.03 -16.97
CA SER C 925 -24.10 44.71 -16.42
C SER C 925 -24.97 43.67 -17.13
N GLU C 926 -25.00 42.45 -16.59
CA GLU C 926 -25.69 41.32 -17.23
C GLU C 926 -27.21 41.34 -17.05
N PRO C 927 -27.77 41.58 -15.86
CA PRO C 927 -29.23 41.57 -15.74
C PRO C 927 -29.88 42.75 -16.46
N GLY C 928 -31.21 42.72 -16.52
CA GLY C 928 -31.97 43.73 -17.20
C GLY C 928 -32.59 44.77 -16.29
N LYS C 929 -33.12 44.33 -15.16
CA LYS C 929 -33.76 45.25 -14.23
C LYS C 929 -32.73 46.14 -13.54
N LEU C 930 -33.05 47.42 -13.40
CA LEU C 930 -32.13 48.37 -12.78
C LEU C 930 -32.02 48.15 -11.28
N LEU C 931 -32.94 47.42 -10.67
CA LEU C 931 -32.82 47.01 -9.28
C LEU C 931 -32.18 45.64 -9.12
N GLN C 932 -31.87 44.97 -10.24
CA GLN C 932 -31.23 43.66 -10.21
C GLN C 932 -29.74 43.72 -10.53
N LYS C 933 -29.33 44.65 -11.39
CA LYS C 933 -27.92 44.80 -11.69
C LYS C 933 -27.12 45.29 -10.48
N VAL C 934 -27.76 46.08 -9.61
CA VAL C 934 -27.10 46.53 -8.39
C VAL C 934 -26.84 45.34 -7.45
N LYS C 935 -27.81 44.44 -7.34
CA LYS C 935 -27.64 43.28 -6.45
C LYS C 935 -26.62 42.29 -6.98
N VAL C 936 -26.34 42.30 -8.29
CA VAL C 936 -25.29 41.45 -8.83
C VAL C 936 -23.96 42.17 -8.91
N TRP C 937 -23.95 43.50 -8.81
CA TRP C 937 -22.70 44.23 -8.74
C TRP C 937 -22.18 44.30 -7.32
N LEU C 938 -23.08 44.26 -6.33
CA LEU C 938 -22.68 44.18 -4.92
C LEU C 938 -22.44 42.74 -4.50
N GLN C 939 -21.60 42.03 -5.27
CA GLN C 939 -21.21 40.67 -4.96
C GLN C 939 -19.76 40.55 -4.54
N GLU C 940 -18.87 41.33 -5.13
CA GLU C 940 -17.49 41.41 -4.69
C GLU C 940 -17.34 42.45 -3.60
N TYR C 941 -16.41 42.21 -2.68
CA TYR C 941 -16.22 43.13 -1.56
C TYR C 941 -15.51 44.40 -1.99
N TRP C 942 -14.68 44.32 -3.02
CA TRP C 942 -14.03 45.53 -3.53
C TRP C 942 -15.05 46.51 -4.09
N ASN C 943 -16.10 46.00 -4.72
CA ASN C 943 -17.10 46.87 -5.35
C ASN C 943 -17.99 47.57 -4.33
N VAL C 944 -18.00 47.14 -3.07
CA VAL C 944 -18.80 47.85 -2.06
C VAL C 944 -17.87 48.72 -1.22
N THR C 945 -16.63 48.26 -1.01
CA THR C 945 -15.66 49.10 -0.31
C THR C 945 -15.32 50.34 -1.13
N ASP C 946 -15.25 50.21 -2.46
CA ASP C 946 -15.02 51.37 -3.32
C ASP C 946 -16.16 52.37 -3.20
N LEU C 947 -17.40 51.89 -3.17
CA LEU C 947 -18.55 52.80 -3.04
C LEU C 947 -18.52 53.52 -1.70
N ILE C 948 -18.22 52.79 -0.63
CA ILE C 948 -18.15 53.41 0.70
C ILE C 948 -17.05 54.47 0.74
N ALA C 949 -15.88 54.14 0.18
CA ALA C 949 -14.77 55.09 0.18
C ALA C 949 -15.08 56.32 -0.66
N ILE C 950 -15.73 56.14 -1.81
CA ILE C 950 -16.06 57.28 -2.65
C ILE C 950 -17.08 58.19 -1.95
N LEU C 951 -18.08 57.59 -1.31
CA LEU C 951 -19.05 58.41 -0.56
C LEU C 951 -18.38 59.17 0.58
N LEU C 952 -17.48 58.50 1.32
CA LEU C 952 -16.79 59.16 2.41
C LEU C 952 -15.90 60.29 1.90
N PHE C 953 -15.21 60.08 0.77
CA PHE C 953 -14.37 61.13 0.21
C PHE C 953 -15.22 62.30 -0.27
N SER C 954 -16.38 62.02 -0.86
CA SER C 954 -17.27 63.10 -1.30
C SER C 954 -17.76 63.91 -0.11
N VAL C 955 -18.12 63.24 0.98
CA VAL C 955 -18.55 63.96 2.19
C VAL C 955 -17.41 64.82 2.73
N GLY C 956 -16.21 64.26 2.78
CA GLY C 956 -15.07 65.02 3.27
C GLY C 956 -14.74 66.21 2.39
N MET C 957 -14.88 66.06 1.08
CA MET C 957 -14.64 67.18 0.17
C MET C 957 -15.71 68.25 0.33
N ILE C 958 -16.97 67.84 0.57
CA ILE C 958 -18.03 68.82 0.82
C ILE C 958 -17.74 69.60 2.09
N LEU C 959 -17.33 68.91 3.16
CA LEU C 959 -17.00 69.60 4.41
C LEU C 959 -15.72 70.43 4.31
N ARG C 960 -14.87 70.16 3.32
CA ARG C 960 -13.57 70.83 3.25
C ARG C 960 -13.72 72.29 2.82
N LEU C 961 -14.63 72.57 1.89
CA LEU C 961 -14.80 73.92 1.36
C LEU C 961 -15.75 74.72 2.25
N GLN C 962 -15.29 75.01 3.46
CA GLN C 962 -16.11 75.66 4.48
C GLN C 962 -15.19 76.49 5.37
N ASP C 963 -15.69 76.86 6.55
CA ASP C 963 -14.91 77.63 7.50
C ASP C 963 -13.88 76.73 8.17
N GLN C 964 -13.17 77.26 9.17
CA GLN C 964 -12.01 76.57 9.73
C GLN C 964 -12.33 75.22 10.39
N PRO C 965 -13.34 75.09 11.28
CA PRO C 965 -13.55 73.78 11.90
C PRO C 965 -14.01 72.71 10.93
N PHE C 966 -14.92 73.05 10.01
CA PHE C 966 -15.35 72.09 9.00
C PHE C 966 -14.22 71.76 8.04
N ARG C 967 -13.33 72.72 7.76
CA ARG C 967 -12.16 72.42 6.95
C ARG C 967 -11.23 71.44 7.65
N SER C 968 -11.06 71.60 8.97
CA SER C 968 -10.27 70.64 9.74
C SER C 968 -10.91 69.26 9.72
N ASP C 969 -12.24 69.20 9.85
CA ASP C 969 -12.92 67.92 9.79
C ASP C 969 -12.76 67.25 8.43
N GLY C 970 -12.86 68.04 7.36
CA GLY C 970 -12.64 67.49 6.02
C GLY C 970 -11.23 66.98 5.83
N ARG C 971 -10.24 67.71 6.36
CA ARG C 971 -8.86 67.24 6.26
C ARG C 971 -8.67 65.94 7.04
N VAL C 972 -9.28 65.82 8.22
CA VAL C 972 -9.19 64.60 8.99
C VAL C 972 -9.83 63.43 8.23
N ILE C 973 -10.94 63.72 7.53
CA ILE C 973 -11.57 62.68 6.71
C ILE C 973 -10.64 62.26 5.57
N TYR C 974 -9.94 63.22 4.97
CA TYR C 974 -8.93 62.87 3.95
C TYR C 974 -7.86 61.96 4.53
N CYS C 975 -7.36 62.30 5.72
CA CYS C 975 -6.29 61.52 6.35
C CYS C 975 -6.76 60.12 6.71
N VAL C 976 -8.03 59.98 7.08
CA VAL C 976 -8.59 58.64 7.31
C VAL C 976 -8.72 57.89 5.99
N ASN C 977 -9.14 58.59 4.93
CA ASN C 977 -9.48 57.93 3.67
C ASN C 977 -8.24 57.45 2.93
N ILE C 978 -7.09 58.09 3.14
CA ILE C 978 -5.88 57.69 2.40
C ILE C 978 -5.49 56.25 2.71
N ILE C 979 -5.87 55.74 3.88
CA ILE C 979 -5.50 54.37 4.27
C ILE C 979 -6.12 53.36 3.33
N TYR C 980 -7.38 53.57 2.95
CA TYR C 980 -8.04 52.60 2.07
C TYR C 980 -7.40 52.58 0.68
N TRP C 981 -7.05 53.76 0.16
CA TRP C 981 -6.43 53.80 -1.16
C TRP C 981 -5.01 53.24 -1.11
N TYR C 982 -4.37 53.27 0.06
CA TYR C 982 -3.11 52.55 0.20
C TYR C 982 -3.33 51.04 0.24
N ILE C 983 -4.39 50.59 0.93
CA ILE C 983 -4.67 49.17 1.06
C ILE C 983 -5.04 48.57 -0.29
N ARG C 984 -5.73 49.34 -1.14
CA ARG C 984 -6.25 48.83 -2.41
C ARG C 984 -5.16 48.42 -3.40
N LEU C 985 -3.89 48.62 -3.04
CA LEU C 985 -2.80 48.17 -3.90
C LEU C 985 -2.68 46.66 -3.94
N LEU C 986 -3.30 45.94 -2.99
CA LEU C 986 -3.26 44.49 -3.04
C LEU C 986 -4.05 43.95 -4.22
N ASP C 987 -5.13 44.63 -4.60
CA ASP C 987 -5.86 44.24 -5.82
C ASP C 987 -4.98 44.40 -7.05
N ILE C 988 -4.14 45.44 -7.09
CA ILE C 988 -3.17 45.59 -8.16
C ILE C 988 -2.14 44.47 -8.11
N PHE C 989 -1.65 44.14 -6.91
CA PHE C 989 -0.68 43.07 -6.74
C PHE C 989 -1.24 41.71 -7.13
N GLY C 990 -2.56 41.55 -7.11
CA GLY C 990 -3.18 40.25 -7.36
C GLY C 990 -2.92 39.68 -8.74
N VAL C 991 -2.39 40.48 -9.68
CA VAL C 991 -2.06 39.94 -10.99
C VAL C 991 -0.80 39.10 -10.96
N ASN C 992 -0.01 39.19 -9.89
CA ASN C 992 1.25 38.47 -9.84
C ASN C 992 1.01 36.97 -9.60
N LYS C 993 1.96 36.15 -10.05
CA LYS C 993 1.82 34.71 -9.93
C LYS C 993 1.99 34.25 -8.49
N TYR C 994 2.78 34.97 -7.69
CA TYR C 994 3.08 34.57 -6.33
C TYR C 994 2.49 35.49 -5.28
N LEU C 995 2.01 36.67 -5.65
CA LEU C 995 1.50 37.65 -4.70
C LEU C 995 -0.01 37.66 -4.59
N GLY C 996 -0.70 36.74 -5.25
CA GLY C 996 -2.14 36.61 -5.13
C GLY C 996 -2.58 35.56 -4.12
N PRO C 997 -2.06 34.34 -4.25
CA PRO C 997 -2.33 33.32 -3.24
C PRO C 997 -1.95 33.73 -1.83
N TYR C 998 -0.87 34.49 -1.66
CA TYR C 998 -0.52 34.99 -0.33
C TYR C 998 -1.60 35.91 0.22
N VAL C 999 -2.17 36.75 -0.63
CA VAL C 999 -3.23 37.64 -0.18
C VAL C 999 -4.48 36.86 0.21
N MET C 1000 -4.81 35.81 -0.54
CA MET C 1000 -5.97 34.99 -0.15
C MET C 1000 -5.71 34.22 1.15
N MET C 1001 -4.49 33.74 1.33
CA MET C 1001 -4.13 33.10 2.61
C MET C 1001 -4.27 34.09 3.75
N ILE C 1002 -3.85 35.35 3.54
CA ILE C 1002 -4.06 36.39 4.53
C ILE C 1002 -5.55 36.55 4.82
N GLY C 1003 -6.36 36.49 3.77
CA GLY C 1003 -7.80 36.64 3.94
C GLY C 1003 -8.41 35.59 4.85
N LYS C 1004 -7.91 34.36 4.76
CA LYS C 1004 -8.45 33.30 5.64
C LYS C 1004 -7.83 33.33 7.05
N MET C 1005 -6.53 33.59 7.13
CA MET C 1005 -5.90 33.74 8.43
C MET C 1005 -6.48 34.92 9.20
N MET C 1006 -7.11 35.89 8.51
CA MET C 1006 -7.80 36.97 9.21
C MET C 1006 -8.95 36.44 10.07
N ILE C 1007 -9.75 35.53 9.51
CA ILE C 1007 -10.84 34.93 10.26
C ILE C 1007 -10.29 34.13 11.44
N ASP C 1008 -9.23 33.34 11.18
CA ASP C 1008 -8.62 32.59 12.29
C ASP C 1008 -8.11 33.53 13.39
N MET C 1009 -7.48 34.63 12.99
CA MET C 1009 -6.91 35.58 13.94
C MET C 1009 -7.99 36.25 14.79
N MET C 1010 -9.14 36.58 14.19
CA MET C 1010 -10.22 37.16 14.99
C MET C 1010 -10.75 36.16 16.00
N TYR C 1011 -10.95 34.90 15.55
CA TYR C 1011 -11.41 33.87 16.47
C TYR C 1011 -10.44 33.67 17.64
N PHE C 1012 -9.15 33.89 17.41
CA PHE C 1012 -8.20 33.81 18.51
C PHE C 1012 -7.93 35.14 19.21
N VAL C 1013 -8.47 36.25 18.70
CA VAL C 1013 -8.27 37.54 19.37
C VAL C 1013 -9.38 37.83 20.38
N ILE C 1014 -10.54 37.18 20.25
CA ILE C 1014 -11.61 37.40 21.23
C ILE C 1014 -11.13 37.05 22.65
N ILE C 1015 -10.47 35.90 22.80
CA ILE C 1015 -10.03 35.44 24.11
C ILE C 1015 -8.99 36.38 24.70
N MET C 1016 -8.05 36.84 23.88
CA MET C 1016 -7.05 37.79 24.35
C MET C 1016 -7.70 39.08 24.80
N LEU C 1017 -8.75 39.52 24.10
CA LEU C 1017 -9.48 40.71 24.52
C LEU C 1017 -10.11 40.50 25.90
N VAL C 1018 -10.67 39.32 26.14
CA VAL C 1018 -11.26 39.02 27.45
C VAL C 1018 -10.21 39.11 28.56
N VAL C 1019 -9.05 38.46 28.35
CA VAL C 1019 -8.00 38.45 29.37
C VAL C 1019 -7.48 39.86 29.62
N LEU C 1020 -7.28 40.62 28.54
CA LEU C 1020 -6.79 41.99 28.64
C LEU C 1020 -7.75 42.86 29.43
N MET C 1021 -9.06 42.74 29.16
CA MET C 1021 -10.04 43.52 29.90
C MET C 1021 -10.03 43.16 31.37
N SER C 1022 -9.89 41.87 31.69
CA SER C 1022 -9.85 41.45 33.09
C SER C 1022 -8.67 42.10 33.82
N PHE C 1023 -7.47 42.00 33.23
CA PHE C 1023 -6.30 42.58 33.88
C PHE C 1023 -6.40 44.10 34.01
N GLY C 1024 -6.88 44.77 32.95
CA GLY C 1024 -6.99 46.21 33.01
C GLY C 1024 -7.96 46.71 34.06
N VAL C 1025 -9.13 46.06 34.15
CA VAL C 1025 -10.11 46.45 35.17
C VAL C 1025 -9.55 46.21 36.55
N ALA C 1026 -8.88 45.07 36.77
CA ALA C 1026 -8.31 44.78 38.08
C ALA C 1026 -7.28 45.83 38.48
N ARG C 1027 -6.35 46.15 37.58
CA ARG C 1027 -5.31 47.12 37.92
C ARG C 1027 -5.90 48.50 38.18
N GLN C 1028 -6.83 48.95 37.33
CA GLN C 1028 -7.43 50.27 37.51
C GLN C 1028 -8.19 50.35 38.82
N ALA C 1029 -8.92 49.30 39.17
CA ALA C 1029 -9.67 49.32 40.42
C ALA C 1029 -8.74 49.28 41.63
N ILE C 1030 -7.65 48.52 41.56
CA ILE C 1030 -6.75 48.40 42.71
C ILE C 1030 -6.00 49.70 42.95
N LEU C 1031 -5.40 50.28 41.90
CA LEU C 1031 -4.50 51.40 42.12
C LEU C 1031 -5.22 52.71 42.41
N PHE C 1032 -6.35 52.97 41.72
CA PHE C 1032 -7.06 54.24 41.82
C PHE C 1032 -8.45 53.99 42.39
N PRO C 1033 -8.63 54.08 43.71
CA PRO C 1033 -9.92 53.75 44.33
C PRO C 1033 -10.83 54.94 44.64
N ASN C 1034 -10.47 56.16 44.23
CA ASN C 1034 -11.24 57.35 44.56
C ASN C 1034 -11.45 58.22 43.33
N GLU C 1035 -11.87 57.59 42.23
CA GLU C 1035 -12.07 58.27 40.97
C GLU C 1035 -13.56 58.52 40.74
N GLU C 1036 -13.89 59.75 40.33
CA GLU C 1036 -15.25 60.05 39.95
C GLU C 1036 -15.55 59.45 38.58
N PRO C 1037 -16.82 59.14 38.29
CA PRO C 1037 -17.14 58.53 36.99
C PRO C 1037 -16.84 59.49 35.84
N SER C 1038 -16.04 59.01 34.89
CA SER C 1038 -15.70 59.79 33.71
C SER C 1038 -15.32 58.83 32.59
N TRP C 1039 -15.43 59.31 31.35
CA TRP C 1039 -15.10 58.47 30.20
C TRP C 1039 -13.60 58.20 30.09
N LYS C 1040 -12.77 58.87 30.87
CA LYS C 1040 -11.36 58.51 30.93
C LYS C 1040 -11.16 57.12 31.52
N LEU C 1041 -12.10 56.65 32.34
CA LEU C 1041 -11.99 55.32 32.93
C LEU C 1041 -12.06 54.24 31.87
N ALA C 1042 -12.89 54.43 30.84
CA ALA C 1042 -12.99 53.45 29.77
C ALA C 1042 -11.76 53.42 28.87
N LYS C 1043 -10.86 54.41 29.01
CA LYS C 1043 -9.64 54.46 28.23
C LYS C 1043 -8.48 53.77 28.93
N ASN C 1044 -8.38 53.93 30.26
CA ASN C 1044 -7.27 53.34 31.01
C ASN C 1044 -7.34 51.82 31.07
N ILE C 1045 -8.49 51.23 30.75
CA ILE C 1045 -8.60 49.77 30.78
C ILE C 1045 -7.94 49.15 29.56
N PHE C 1046 -8.16 49.73 28.38
CA PHE C 1046 -7.71 49.12 27.13
C PHE C 1046 -6.34 49.59 26.69
N TYR C 1047 -5.92 50.80 27.08
CA TYR C 1047 -4.71 51.41 26.56
C TYR C 1047 -3.44 50.64 26.94
N MET C 1048 -3.12 50.64 28.23
CA MET C 1048 -1.83 50.12 28.69
C MET C 1048 -1.75 48.60 28.69
N PRO C 1049 -2.79 47.86 29.10
CA PRO C 1049 -2.74 46.40 28.93
C PRO C 1049 -2.56 45.97 27.49
N TYR C 1050 -3.05 46.76 26.52
CA TYR C 1050 -2.80 46.42 25.12
C TYR C 1050 -1.38 46.77 24.72
N TRP C 1051 -0.87 47.92 25.17
CA TRP C 1051 0.51 48.26 24.80
C TRP C 1051 1.55 47.35 25.46
N MET C 1052 1.19 46.70 26.57
CA MET C 1052 2.18 45.90 27.29
C MET C 1052 2.57 44.64 26.51
N ILE C 1053 1.64 44.05 25.76
CA ILE C 1053 1.94 42.80 25.07
C ILE C 1053 2.74 43.01 23.80
N TYR C 1054 3.05 44.24 23.43
CA TYR C 1054 3.87 44.54 22.27
C TYR C 1054 5.23 45.12 22.66
N GLY C 1055 5.78 44.62 23.76
CA GLY C 1055 7.13 44.96 24.17
C GLY C 1055 7.25 46.13 25.12
N GLU C 1056 6.19 46.88 25.36
CA GLU C 1056 6.25 48.02 26.27
C GLU C 1056 5.74 47.61 27.65
N VAL C 1057 6.54 46.77 28.31
CA VAL C 1057 6.30 46.39 29.70
C VAL C 1057 7.14 47.31 30.57
N PHE C 1058 6.50 48.10 31.42
CA PHE C 1058 7.19 49.05 32.27
C PHE C 1058 7.03 48.65 33.73
N ALA C 1059 7.71 49.39 34.61
CA ALA C 1059 7.67 49.13 36.03
C ALA C 1059 7.43 50.38 36.86
N ASP C 1060 7.57 51.58 36.29
CA ASP C 1060 7.21 52.81 36.98
C ASP C 1060 5.86 53.36 36.53
N GLN C 1061 5.41 53.03 35.32
CA GLN C 1061 4.08 53.40 34.90
C GLN C 1061 3.02 52.55 35.58
N ILE C 1062 3.30 51.26 35.75
CA ILE C 1062 2.43 50.33 36.48
C ILE C 1062 3.16 49.90 37.75
N ASP C 1063 2.43 49.85 38.86
CA ASP C 1063 2.96 49.57 40.19
C ASP C 1063 4.04 50.59 40.52
N PRO C 1064 3.68 51.85 40.80
CA PRO C 1064 4.69 52.85 41.10
C PRO C 1064 5.41 52.51 42.38
N PRO C 1065 6.68 52.91 42.53
CA PRO C 1065 7.45 52.53 43.72
C PRO C 1065 6.98 53.26 44.97
N CYS C 1066 5.78 52.92 45.43
CA CYS C 1066 5.22 53.54 46.63
C CYS C 1066 4.56 52.49 47.52
N GLN C 1079 8.12 62.92 50.31
CA GLN C 1079 8.92 62.23 49.31
C GLN C 1079 8.18 61.01 48.76
N LEU C 1080 7.75 60.13 49.65
CA LEU C 1080 7.06 58.91 49.25
C LEU C 1080 5.57 59.03 49.53
N PRO C 1081 4.72 59.10 48.50
CA PRO C 1081 3.28 59.07 48.76
C PRO C 1081 2.87 57.74 49.35
N PRO C 1082 1.82 57.71 50.17
CA PRO C 1082 1.42 56.45 50.81
C PRO C 1082 0.99 55.41 49.79
N CYS C 1083 1.34 54.15 50.08
CA CYS C 1083 1.01 53.05 49.18
C CYS C 1083 -0.47 52.72 49.26
N LYS C 1084 -1.04 52.37 48.10
CA LYS C 1084 -2.44 51.99 48.06
C LYS C 1084 -2.63 50.60 48.66
N THR C 1085 -3.76 50.42 49.34
CA THR C 1085 -4.04 49.15 50.02
C THR C 1085 -4.26 48.05 48.98
N GLY C 1086 -3.33 47.11 48.92
CA GLY C 1086 -3.42 46.02 47.97
C GLY C 1086 -2.60 46.17 46.71
N ALA C 1087 -1.66 47.12 46.68
CA ALA C 1087 -0.89 47.37 45.46
C ALA C 1087 0.13 46.28 45.17
N TRP C 1088 0.35 45.34 46.08
CA TRP C 1088 1.30 44.26 45.83
C TRP C 1088 0.74 43.17 44.94
N ILE C 1089 -0.56 43.22 44.61
CA ILE C 1089 -1.14 42.23 43.72
C ILE C 1089 -0.96 42.58 42.25
N VAL C 1090 -0.78 43.87 41.93
CA VAL C 1090 -0.67 44.28 40.53
C VAL C 1090 0.51 43.64 39.80
N PRO C 1091 1.73 43.59 40.36
CA PRO C 1091 2.81 42.89 39.64
C PRO C 1091 2.54 41.41 39.43
N ALA C 1092 1.90 40.74 40.38
CA ALA C 1092 1.60 39.32 40.21
C ALA C 1092 0.56 39.11 39.12
N ILE C 1093 -0.49 39.95 39.10
CA ILE C 1093 -1.49 39.84 38.05
C ILE C 1093 -0.87 40.14 36.68
N MET C 1094 0.02 41.14 36.63
CA MET C 1094 0.69 41.45 35.37
C MET C 1094 1.57 40.29 34.91
N ALA C 1095 2.28 39.64 35.84
CA ALA C 1095 3.11 38.51 35.48
C ALA C 1095 2.29 37.36 34.91
N CYS C 1096 1.19 37.03 35.59
CA CYS C 1096 0.33 35.95 35.10
C CYS C 1096 -0.29 36.32 33.76
N TYR C 1097 -0.69 37.58 33.59
CA TYR C 1097 -1.30 38.01 32.33
C TYR C 1097 -0.32 37.97 31.18
N LEU C 1098 0.93 38.39 31.42
CA LEU C 1098 1.96 38.31 30.39
C LEU C 1098 2.28 36.86 30.04
N LEU C 1099 2.35 35.99 31.05
CA LEU C 1099 2.63 34.58 30.79
C LEU C 1099 1.52 33.95 29.96
N VAL C 1100 0.26 34.30 30.25
CA VAL C 1100 -0.86 33.75 29.48
C VAL C 1100 -0.86 34.31 28.06
N ALA C 1101 -0.72 35.62 27.92
CA ALA C 1101 -0.92 36.25 26.62
C ALA C 1101 0.25 36.03 25.67
N ASN C 1102 1.48 36.11 26.16
CA ASN C 1102 2.66 36.11 25.30
C ASN C 1102 3.30 34.76 25.12
N ILE C 1103 2.87 33.73 25.84
CA ILE C 1103 3.53 32.43 25.73
C ILE C 1103 2.55 31.35 25.29
N LEU C 1104 1.28 31.51 25.64
CA LEU C 1104 0.28 30.48 25.42
C LEU C 1104 -0.57 30.74 24.17
N LEU C 1105 -1.27 31.86 24.14
CA LEU C 1105 -2.22 32.11 23.06
C LEU C 1105 -1.50 32.37 21.74
N VAL C 1106 -0.40 33.11 21.76
CA VAL C 1106 0.31 33.40 20.51
C VAL C 1106 0.96 32.14 19.95
N ASN C 1107 1.49 31.27 20.82
CA ASN C 1107 2.08 30.03 20.34
C ASN C 1107 1.00 29.09 19.80
N LEU C 1108 -0.16 29.05 20.46
CA LEU C 1108 -1.26 28.25 19.94
C LEU C 1108 -1.75 28.79 18.60
N LEU C 1109 -1.75 30.11 18.43
CA LEU C 1109 -2.11 30.71 17.15
C LEU C 1109 -1.09 30.35 16.08
N ILE C 1110 0.19 30.33 16.43
CA ILE C 1110 1.22 29.90 15.49
C ILE C 1110 0.98 28.45 15.07
N ALA C 1111 0.65 27.58 16.03
CA ALA C 1111 0.37 26.19 15.71
C ALA C 1111 -0.86 26.06 14.82
N VAL C 1112 -1.90 26.86 15.08
CA VAL C 1112 -3.11 26.83 14.26
C VAL C 1112 -2.80 27.26 12.83
N PHE C 1113 -2.02 28.34 12.67
CA PHE C 1113 -1.61 28.77 11.34
C PHE C 1113 -0.78 27.71 10.64
N ASN C 1114 0.08 27.03 11.38
CA ASN C 1114 1.02 26.10 10.76
C ASN C 1114 0.33 24.82 10.33
N ASN C 1115 -0.58 24.29 11.15
CA ASN C 1115 -1.16 22.98 10.86
C ASN C 1115 -2.31 23.04 9.85
N THR C 1116 -2.79 24.23 9.50
CA THR C 1116 -3.86 24.34 8.50
C THR C 1116 -3.40 25.20 7.33
N PHE C 1117 -2.18 24.96 6.84
CA PHE C 1117 -1.62 25.80 5.78
C PHE C 1117 -1.68 25.14 4.40
N PHE C 1118 -1.55 23.82 4.32
CA PHE C 1118 -1.53 23.16 3.02
C PHE C 1118 -2.90 23.25 2.33
N GLU C 1119 -3.98 23.05 3.09
CA GLU C 1119 -5.32 23.17 2.52
C GLU C 1119 -5.57 24.58 2.01
N VAL C 1120 -5.22 25.59 2.82
CA VAL C 1120 -5.43 26.98 2.43
C VAL C 1120 -4.61 27.31 1.20
N LYS C 1121 -3.37 26.81 1.14
CA LYS C 1121 -2.51 27.07 -0.01
C LYS C 1121 -3.09 26.49 -1.29
N SER C 1122 -3.52 25.21 -1.24
CA SER C 1122 -4.07 24.59 -2.44
C SER C 1122 -5.36 25.27 -2.89
N ILE C 1123 -6.25 25.59 -1.94
CA ILE C 1123 -7.51 26.22 -2.29
C ILE C 1123 -7.27 27.61 -2.87
N SER C 1124 -6.33 28.37 -2.29
CA SER C 1124 -6.03 29.70 -2.80
C SER C 1124 -5.42 29.64 -4.19
N ASN C 1125 -4.54 28.67 -4.45
CA ASN C 1125 -4.00 28.52 -5.79
C ASN C 1125 -5.09 28.22 -6.80
N GLN C 1126 -5.99 27.30 -6.47
CA GLN C 1126 -7.08 26.97 -7.40
C GLN C 1126 -7.99 28.17 -7.64
N VAL C 1127 -8.34 28.91 -6.58
CA VAL C 1127 -9.25 30.04 -6.73
C VAL C 1127 -8.61 31.16 -7.55
N TRP C 1128 -7.31 31.42 -7.34
CA TRP C 1128 -6.65 32.44 -8.13
C TRP C 1128 -6.56 32.04 -9.59
N LYS C 1129 -6.22 30.78 -9.87
CA LYS C 1129 -6.16 30.34 -11.26
C LYS C 1129 -7.53 30.35 -11.91
N PHE C 1130 -8.60 30.21 -11.12
CA PHE C 1130 -9.93 30.35 -11.69
C PHE C 1130 -10.31 31.80 -11.96
N GLN C 1131 -9.95 32.72 -11.05
CA GLN C 1131 -10.32 34.11 -11.18
C GLN C 1131 -9.46 34.88 -12.18
N ARG C 1132 -8.37 34.28 -12.64
CA ARG C 1132 -7.59 34.89 -13.72
C ARG C 1132 -8.46 35.14 -14.96
N TYR C 1133 -9.42 34.25 -15.23
CA TYR C 1133 -10.30 34.43 -16.38
C TYR C 1133 -11.15 35.69 -16.23
N GLN C 1134 -11.73 35.90 -15.05
CA GLN C 1134 -12.54 37.10 -14.82
C GLN C 1134 -11.68 38.35 -14.90
N LEU C 1135 -10.44 38.29 -14.39
CA LEU C 1135 -9.53 39.43 -14.51
C LEU C 1135 -9.28 39.77 -15.98
N ILE C 1136 -8.98 38.74 -16.79
CA ILE C 1136 -8.69 38.97 -18.20
C ILE C 1136 -9.91 39.55 -18.91
N MET C 1137 -11.09 39.02 -18.61
CA MET C 1137 -12.29 39.52 -19.28
C MET C 1137 -12.61 40.95 -18.88
N THR C 1138 -12.52 41.27 -17.59
CA THR C 1138 -12.85 42.62 -17.15
C THR C 1138 -11.80 43.64 -17.58
N PHE C 1139 -10.59 43.22 -17.92
CA PHE C 1139 -9.65 44.15 -18.53
C PHE C 1139 -9.71 44.17 -20.04
N HIS C 1140 -10.32 43.15 -20.65
CA HIS C 1140 -10.58 43.20 -22.09
C HIS C 1140 -11.76 44.10 -22.41
N GLU C 1141 -12.75 44.15 -21.51
CA GLU C 1141 -13.93 44.96 -21.77
C GLU C 1141 -13.72 46.44 -21.44
N ARG C 1142 -12.75 46.77 -20.60
CA ARG C 1142 -12.62 48.14 -20.10
C ARG C 1142 -12.19 49.11 -21.20
N PRO C 1143 -12.53 50.39 -21.07
CA PRO C 1143 -12.05 51.40 -22.02
C PRO C 1143 -10.54 51.57 -21.93
N VAL C 1144 -9.96 52.03 -23.03
CA VAL C 1144 -8.51 52.14 -23.15
C VAL C 1144 -7.94 53.23 -22.24
N LEU C 1145 -8.75 54.21 -21.84
CA LEU C 1145 -8.06 55.26 -21.11
C LEU C 1145 -8.24 55.11 -19.60
N PRO C 1146 -7.21 55.46 -18.84
CA PRO C 1146 -7.29 55.37 -17.38
C PRO C 1146 -8.26 56.40 -16.82
N PRO C 1147 -8.71 56.22 -15.57
CA PRO C 1147 -9.74 57.11 -15.00
C PRO C 1147 -9.40 58.60 -15.03
N PRO C 1148 -8.16 59.04 -14.77
CA PRO C 1148 -7.93 60.49 -14.70
C PRO C 1148 -8.22 61.23 -16.00
N LEU C 1149 -8.20 60.54 -17.14
CA LEU C 1149 -8.59 61.14 -18.41
C LEU C 1149 -9.59 60.27 -19.15
N ILE C 1150 -10.38 59.47 -18.41
CA ILE C 1150 -11.39 58.61 -19.01
C ILE C 1150 -12.65 59.38 -19.40
N ILE C 1151 -12.76 60.65 -19.00
CA ILE C 1151 -13.94 61.43 -19.32
C ILE C 1151 -14.07 61.60 -20.84
N PHE C 1152 -12.94 61.64 -21.55
CA PHE C 1152 -12.98 61.73 -23.00
C PHE C 1152 -13.52 60.44 -23.62
N SER C 1153 -13.15 59.29 -23.07
CA SER C 1153 -13.66 58.03 -23.60
C SER C 1153 -15.13 57.85 -23.30
N HIS C 1154 -15.64 58.52 -22.27
CA HIS C 1154 -17.08 58.53 -22.02
C HIS C 1154 -17.83 59.47 -22.94
N MET C 1155 -17.14 60.43 -23.57
CA MET C 1155 -17.80 61.28 -24.55
C MET C 1155 -18.13 60.50 -25.82
N THR C 1156 -17.22 59.62 -26.25
CA THR C 1156 -17.46 58.87 -27.48
C THR C 1156 -18.60 57.86 -27.34
N MET C 1157 -18.84 57.36 -26.13
CA MET C 1157 -19.97 56.46 -25.93
C MET C 1157 -21.30 57.20 -25.99
N ILE C 1158 -21.29 58.52 -25.86
CA ILE C 1158 -22.50 59.31 -26.04
C ILE C 1158 -22.68 59.69 -27.51
N PHE C 1159 -21.59 60.05 -28.19
CA PHE C 1159 -21.67 60.33 -29.62
C PHE C 1159 -22.06 59.09 -30.42
N GLN C 1160 -21.50 57.93 -30.06
CA GLN C 1160 -21.86 56.69 -30.73
C GLN C 1160 -23.24 56.19 -30.33
N HIS C 1161 -23.85 56.76 -29.28
CA HIS C 1161 -25.17 56.31 -28.86
C HIS C 1161 -26.24 56.69 -29.87
N VAL C 1162 -26.11 57.87 -30.50
CA VAL C 1162 -27.09 58.32 -31.48
C VAL C 1162 -26.86 57.74 -32.86
N CYS C 1163 -25.73 57.08 -33.09
CA CYS C 1163 -25.43 56.48 -34.38
C CYS C 1163 -25.88 55.02 -34.43
N ARG C 1176 -16.85 40.19 -32.12
CA ARG C 1176 -15.66 39.72 -31.41
C ARG C 1176 -14.85 38.75 -32.26
N ASP C 1177 -13.89 39.27 -33.00
CA ASP C 1177 -13.02 38.42 -33.80
C ASP C 1177 -12.21 37.47 -32.92
N TYR C 1178 -11.69 37.97 -31.79
CA TYR C 1178 -11.02 37.13 -30.82
C TYR C 1178 -11.08 37.82 -29.47
N GLY C 1179 -10.81 37.05 -28.42
CA GLY C 1179 -10.95 37.52 -27.05
C GLY C 1179 -11.99 36.69 -26.32
N LEU C 1180 -13.08 36.40 -27.02
CA LEU C 1180 -14.11 35.50 -26.50
C LEU C 1180 -14.24 34.23 -27.34
N LYS C 1181 -14.43 34.37 -28.65
CA LYS C 1181 -14.74 33.25 -29.53
C LYS C 1181 -13.69 33.14 -30.63
N LEU C 1182 -13.95 32.23 -31.57
CA LEU C 1182 -13.07 32.00 -32.71
C LEU C 1182 -13.89 31.33 -33.79
N PHE C 1183 -14.15 32.05 -34.88
CA PHE C 1183 -15.05 31.56 -35.93
C PHE C 1183 -14.26 30.79 -36.98
N ILE C 1184 -14.77 29.61 -37.34
CA ILE C 1184 -14.08 28.72 -38.28
C ILE C 1184 -15.03 28.32 -39.39
N THR C 1185 -14.46 27.89 -40.51
CA THR C 1185 -15.22 27.49 -41.68
C THR C 1185 -15.73 26.06 -41.51
N ASP C 1186 -16.30 25.49 -42.58
CA ASP C 1186 -16.88 24.15 -42.49
C ASP C 1186 -15.81 23.08 -42.45
N ASP C 1187 -14.76 23.22 -43.26
CA ASP C 1187 -13.71 22.21 -43.30
C ASP C 1187 -12.96 22.12 -41.98
N GLU C 1188 -12.63 23.28 -41.39
CA GLU C 1188 -11.98 23.28 -40.09
C GLU C 1188 -12.88 22.70 -39.01
N LEU C 1189 -14.18 22.99 -39.09
CA LEU C 1189 -15.13 22.42 -38.14
C LEU C 1189 -15.17 20.90 -38.25
N LYS C 1190 -15.17 20.39 -39.49
CA LYS C 1190 -15.15 18.93 -39.68
C LYS C 1190 -13.86 18.31 -39.16
N LYS C 1191 -12.73 18.97 -39.38
CA LYS C 1191 -11.46 18.46 -38.87
C LYS C 1191 -11.45 18.44 -37.35
N VAL C 1192 -12.00 19.48 -36.72
CA VAL C 1192 -12.08 19.53 -35.26
C VAL C 1192 -12.96 18.42 -34.74
N HIS C 1193 -14.09 18.17 -35.40
CA HIS C 1193 -14.98 17.09 -34.99
C HIS C 1193 -14.29 15.73 -35.12
N ASP C 1194 -13.54 15.53 -36.21
CA ASP C 1194 -12.80 14.28 -36.38
C ASP C 1194 -11.77 14.09 -35.29
N PHE C 1195 -11.04 15.16 -34.95
CA PHE C 1195 -10.06 15.10 -33.87
C PHE C 1195 -10.71 14.77 -32.54
N GLU C 1196 -11.86 15.39 -32.26
CA GLU C 1196 -12.56 15.12 -31.00
C GLU C 1196 -13.05 13.67 -30.92
N GLU C 1197 -13.59 13.14 -32.02
CA GLU C 1197 -14.03 11.76 -32.02
C GLU C 1197 -12.87 10.80 -31.82
N GLN C 1198 -11.74 11.07 -32.48
CA GLN C 1198 -10.55 10.25 -32.28
C GLN C 1198 -10.10 10.30 -30.82
N CYS C 1199 -10.11 11.49 -30.22
CA CYS C 1199 -9.67 11.62 -28.83
C CYS C 1199 -10.59 10.87 -27.88
N ILE C 1200 -11.91 10.97 -28.06
CA ILE C 1200 -12.81 10.30 -27.12
C ILE C 1200 -12.74 8.79 -27.30
N GLU C 1201 -12.59 8.31 -28.54
CA GLU C 1201 -12.42 6.88 -28.75
C GLU C 1201 -11.14 6.37 -28.10
N GLU C 1202 -10.05 7.11 -28.26
CA GLU C 1202 -8.79 6.73 -27.62
C GLU C 1202 -8.92 6.73 -26.11
N TYR C 1203 -9.63 7.72 -25.55
CA TYR C 1203 -9.81 7.79 -24.10
C TYR C 1203 -10.54 6.57 -23.58
N PHE C 1204 -11.65 6.20 -24.23
CA PHE C 1204 -12.40 5.03 -23.76
C PHE C 1204 -11.60 3.75 -23.93
N ARG C 1205 -10.89 3.60 -25.05
CA ARG C 1205 -10.08 2.40 -25.25
C ARG C 1205 -8.98 2.29 -24.21
N GLU C 1206 -8.31 3.40 -23.90
CA GLU C 1206 -7.25 3.39 -22.90
C GLU C 1206 -7.81 3.10 -21.51
N LYS C 1207 -8.98 3.65 -21.19
CA LYS C 1207 -9.59 3.38 -19.89
C LYS C 1207 -9.94 1.90 -19.74
N ASP C 1208 -10.53 1.30 -20.78
CA ASP C 1208 -10.86 -0.12 -20.73
C ASP C 1208 -9.59 -0.98 -20.61
N ASP C 1209 -8.55 -0.63 -21.38
CA ASP C 1209 -7.30 -1.38 -21.31
C ASP C 1209 -6.68 -1.30 -19.93
N ARG C 1210 -6.69 -0.12 -19.32
CA ARG C 1210 -6.11 0.04 -17.99
C ARG C 1210 -6.93 -0.65 -16.92
N PHE C 1211 -8.25 -0.70 -17.07
CA PHE C 1211 -9.08 -1.40 -16.10
C PHE C 1211 -8.89 -2.91 -16.20
N ASN C 1212 -8.83 -3.44 -17.42
CA ASN C 1212 -8.75 -4.89 -17.60
C ASN C 1212 -7.41 -5.49 -17.20
N SER C 1213 -6.39 -4.68 -16.94
CA SER C 1213 -5.05 -5.18 -16.62
C SER C 1213 -4.63 -4.84 -15.20
N SER C 1214 -5.56 -4.47 -14.32
CA SER C 1214 -5.21 -4.22 -12.94
C SER C 1214 -5.10 -5.54 -12.17
N ASN C 1215 -4.53 -5.46 -10.97
CA ASN C 1215 -4.34 -6.67 -10.16
C ASN C 1215 -5.68 -7.24 -9.69
N ASP C 1216 -6.61 -6.37 -9.29
CA ASP C 1216 -7.88 -6.83 -8.74
C ASP C 1216 -8.70 -7.58 -9.78
N GLU C 1217 -8.79 -7.03 -11.00
CA GLU C 1217 -9.57 -7.69 -12.05
C GLU C 1217 -8.92 -9.01 -12.47
N ARG C 1218 -7.59 -9.03 -12.54
CA ARG C 1218 -6.90 -10.28 -12.89
C ARG C 1218 -7.13 -11.34 -11.84
N ILE C 1219 -7.06 -10.96 -10.56
CA ILE C 1219 -7.32 -11.92 -9.48
C ILE C 1219 -8.75 -12.44 -9.55
N ARG C 1220 -9.71 -11.55 -9.80
CA ARG C 1220 -11.11 -11.96 -9.87
C ARG C 1220 -11.35 -12.93 -11.02
N VAL C 1221 -10.82 -12.61 -12.20
CA VAL C 1221 -11.00 -13.47 -13.37
C VAL C 1221 -10.30 -14.81 -13.15
N THR C 1222 -9.10 -14.80 -12.56
CA THR C 1222 -8.41 -16.04 -12.28
C THR C 1222 -9.20 -16.90 -11.30
N SER C 1223 -9.78 -16.29 -10.27
CA SER C 1223 -10.57 -17.04 -9.31
C SER C 1223 -11.81 -17.67 -9.96
N GLU C 1224 -12.52 -16.89 -10.79
CA GLU C 1224 -13.71 -17.44 -11.45
C GLU C 1224 -13.34 -18.58 -12.38
N ARG C 1225 -12.28 -18.41 -13.18
CA ARG C 1225 -11.89 -19.47 -14.10
C ARG C 1225 -11.34 -20.69 -13.35
N VAL C 1226 -10.69 -20.48 -12.22
CA VAL C 1226 -10.23 -21.61 -11.42
C VAL C 1226 -11.40 -22.39 -10.84
N GLU C 1227 -12.44 -21.68 -10.38
CA GLU C 1227 -13.63 -22.36 -9.87
C GLU C 1227 -14.31 -23.18 -10.97
N ASN C 1228 -14.47 -22.58 -12.15
CA ASN C 1228 -15.09 -23.30 -13.26
C ASN C 1228 -14.25 -24.50 -13.67
N MET C 1229 -12.92 -24.33 -13.73
CA MET C 1229 -12.03 -25.43 -14.10
C MET C 1229 -12.07 -26.55 -13.08
N SER C 1230 -12.15 -26.20 -11.79
CA SER C 1230 -12.25 -27.23 -10.75
C SER C 1230 -13.54 -28.01 -10.88
N MET C 1231 -14.65 -27.32 -11.13
CA MET C 1231 -15.92 -28.04 -11.33
C MET C 1231 -15.84 -28.95 -12.56
N ARG C 1232 -15.24 -28.46 -13.65
CA ARG C 1232 -15.11 -29.27 -14.86
C ARG C 1232 -14.23 -30.49 -14.61
N LEU C 1233 -13.14 -30.33 -13.88
CA LEU C 1233 -12.25 -31.46 -13.61
C LEU C 1233 -12.90 -32.48 -12.69
N GLU C 1234 -13.68 -32.02 -11.72
CA GLU C 1234 -14.45 -32.94 -10.88
C GLU C 1234 -15.45 -33.73 -11.73
N GLU C 1235 -16.12 -33.05 -12.66
CA GLU C 1235 -17.04 -33.75 -13.56
C GLU C 1235 -16.32 -34.77 -14.42
N VAL C 1236 -15.12 -34.42 -14.90
CA VAL C 1236 -14.35 -35.35 -15.75
C VAL C 1236 -13.93 -36.57 -14.94
N ASN C 1237 -13.38 -36.36 -13.74
CA ASN C 1237 -12.88 -37.48 -12.95
C ASN C 1237 -14.02 -38.36 -12.43
N GLU C 1238 -15.18 -37.77 -12.14
CA GLU C 1238 -16.29 -38.55 -11.61
C GLU C 1238 -16.90 -39.49 -12.65
N ARG C 1239 -16.62 -39.27 -13.92
CA ARG C 1239 -17.18 -40.08 -15.00
C ARG C 1239 -16.05 -40.88 -15.66
N GLU C 1240 -16.06 -42.19 -15.46
CA GLU C 1240 -15.12 -43.10 -16.09
C GLU C 1240 -15.84 -44.30 -16.67
N HIS C 1241 -15.31 -44.81 -17.78
CA HIS C 1241 -15.91 -45.97 -18.43
C HIS C 1241 -15.64 -47.27 -17.68
N SER C 1242 -14.55 -47.33 -16.92
CA SER C 1242 -14.20 -48.54 -16.18
C SER C 1242 -15.14 -48.78 -15.01
N UNK D 1 -62.89 -6.06 7.34
CA UNK D 1 -61.88 -5.80 6.33
C UNK D 1 -62.47 -5.90 4.93
N UNK D 2 -61.65 -5.61 3.92
CA UNK D 2 -62.08 -5.70 2.54
C UNK D 2 -62.08 -7.15 2.06
N UNK D 3 -61.44 -8.01 2.84
CA UNK D 3 -61.38 -9.43 2.54
C UNK D 3 -62.56 -10.18 3.13
N UNK D 4 -63.57 -9.44 3.55
CA UNK D 4 -64.80 -10.02 4.10
C UNK D 4 -65.81 -10.28 3.00
N UNK D 5 -65.38 -10.97 1.96
CA UNK D 5 -66.23 -11.28 0.82
C UNK D 5 -65.96 -12.71 0.34
N UNK D 6 -65.38 -13.51 1.22
CA UNK D 6 -65.06 -14.90 0.89
C UNK D 6 -66.08 -15.85 1.51
N UNK D 7 -65.64 -17.05 1.87
CA UNK D 7 -66.52 -18.04 2.48
C UNK D 7 -65.72 -19.14 3.19
N UNK D 8 -66.40 -20.24 3.49
CA UNK D 8 -65.77 -21.39 4.12
C UNK D 8 -66.64 -22.63 3.88
N UNK D 9 -66.27 -23.75 4.49
CA UNK D 9 -67.02 -24.99 4.31
C UNK D 9 -66.78 -25.95 5.45
N UNK D 10 -67.76 -26.06 6.35
CA UNK D 10 -67.68 -26.99 7.47
C UNK D 10 -68.64 -28.16 7.26
N UNK D 11 -68.33 -29.28 7.89
CA UNK D 11 -69.14 -30.50 7.73
C UNK D 11 -70.49 -30.36 8.42
N UNK D 12 -71.52 -30.95 7.82
CA UNK D 12 -72.87 -30.87 8.37
C UNK D 12 -73.36 -32.26 8.80
N UNK D 13 -74.58 -32.59 8.42
CA UNK D 13 -75.19 -33.87 8.79
C UNK D 13 -74.50 -35.03 8.07
N UNK D 14 -73.44 -35.55 8.69
CA UNK D 14 -72.67 -36.64 8.10
C UNK D 14 -72.40 -37.74 9.11
N UNK D 15 -72.40 -38.98 8.64
CA UNK D 15 -72.11 -40.13 9.47
C UNK D 15 -71.70 -41.34 8.62
N UNK D 16 -70.57 -41.94 8.94
CA UNK D 16 -70.08 -43.10 8.20
C UNK D 16 -69.09 -43.90 9.04
N UNK D 17 -68.12 -44.51 8.37
CA UNK D 17 -67.06 -45.31 8.98
C UNK D 17 -67.61 -46.41 9.87
N ILE E 128 9.81 -72.52 32.91
CA ILE E 128 9.10 -72.87 34.14
C ILE E 128 7.62 -72.54 33.99
N SER E 129 6.84 -72.89 35.00
CA SER E 129 5.41 -72.62 35.02
C SER E 129 5.10 -71.28 35.70
N LYS E 130 5.79 -70.23 35.23
CA LYS E 130 5.67 -68.87 35.77
C LYS E 130 5.94 -68.85 37.28
N HIS E 131 7.17 -69.24 37.63
CA HIS E 131 7.62 -69.21 39.02
C HIS E 131 8.50 -67.98 39.17
N THR E 132 7.88 -66.84 39.46
CA THR E 132 8.56 -65.56 39.54
C THR E 132 8.40 -64.98 40.94
N GLN E 133 9.20 -63.96 41.23
CA GLN E 133 9.16 -63.28 42.51
C GLN E 133 8.35 -62.00 42.39
N LEU E 134 7.37 -61.82 43.27
CA LEU E 134 6.47 -60.67 43.23
C LEU E 134 7.08 -59.47 43.95
N SER E 135 8.23 -59.04 43.44
CA SER E 135 8.90 -57.88 44.00
C SER E 135 8.14 -56.60 43.66
N PRO E 136 8.30 -55.54 44.44
CA PRO E 136 7.64 -54.27 44.10
C PRO E 136 8.30 -53.61 42.90
N THR E 137 7.57 -52.66 42.31
CA THR E 137 8.05 -51.94 41.15
C THR E 137 9.24 -51.05 41.50
N ASP E 138 10.11 -50.83 40.52
CA ASP E 138 11.26 -49.95 40.70
C ASP E 138 11.52 -49.06 39.51
N ALA E 139 10.70 -49.09 38.45
CA ALA E 139 10.94 -48.33 37.23
C ALA E 139 9.69 -47.54 36.87
N PHE E 140 9.66 -46.27 37.24
CA PHE E 140 8.62 -45.36 36.81
C PHE E 140 9.14 -43.93 36.91
N GLY E 141 8.35 -42.99 36.42
CA GLY E 141 8.74 -41.59 36.44
C GLY E 141 8.51 -40.89 35.12
N THR E 142 9.59 -40.38 34.52
CA THR E 142 9.51 -39.65 33.27
C THR E 142 10.79 -39.89 32.48
N ILE E 143 10.65 -40.17 31.18
CA ILE E 143 11.79 -40.34 30.30
C ILE E 143 11.73 -39.29 29.20
N GLU E 144 12.90 -38.79 28.83
CA GLU E 144 13.03 -37.85 27.72
C GLU E 144 13.90 -38.49 26.64
N PHE E 145 13.41 -38.47 25.40
CA PHE E 145 14.07 -39.15 24.30
C PHE E 145 15.15 -38.24 23.73
N GLN E 146 16.39 -38.73 23.72
CA GLN E 146 17.52 -38.01 23.15
C GLN E 146 17.95 -38.67 21.85
N GLY E 147 18.44 -37.84 20.93
CA GLY E 147 18.80 -38.30 19.61
C GLY E 147 17.70 -38.21 18.58
N GLY E 148 16.49 -37.85 18.99
CA GLY E 148 15.41 -37.62 18.04
C GLY E 148 15.39 -36.20 17.52
N GLY E 149 14.50 -35.97 16.56
CA GLY E 149 14.38 -34.65 15.97
C GLY E 149 13.80 -33.60 16.90
N HIS E 150 13.05 -34.03 17.91
CA HIS E 150 12.44 -33.12 18.88
C HIS E 150 12.64 -33.67 20.28
N SER E 151 12.62 -32.76 21.26
CA SER E 151 12.73 -33.13 22.66
C SER E 151 11.33 -33.36 23.22
N ASN E 152 11.06 -34.59 23.64
CA ASN E 152 9.74 -34.97 24.14
C ASN E 152 9.89 -35.73 25.45
N LYS E 153 8.95 -35.49 26.37
CA LYS E 153 8.94 -36.16 27.66
C LYS E 153 7.71 -37.05 27.74
N ALA E 154 7.92 -38.34 27.99
CA ALA E 154 6.85 -39.32 28.07
C ALA E 154 6.91 -40.03 29.41
N MET E 155 5.80 -40.02 30.13
CA MET E 155 5.72 -40.74 31.39
C MET E 155 5.72 -42.25 31.15
N TYR E 156 6.16 -43.00 32.16
CA TYR E 156 6.20 -44.45 32.05
C TYR E 156 6.12 -45.05 33.43
N VAL E 157 5.74 -46.33 33.47
CA VAL E 157 5.63 -47.07 34.73
C VAL E 157 5.69 -48.55 34.41
N ARG E 158 6.39 -49.30 35.26
CA ARG E 158 6.53 -50.74 35.11
C ARG E 158 5.68 -51.44 36.16
N VAL E 159 4.72 -52.24 35.71
CA VAL E 159 3.82 -52.96 36.60
C VAL E 159 3.74 -54.41 36.14
N SER E 160 3.22 -55.26 37.02
CA SER E 160 2.97 -56.65 36.66
C SER E 160 1.78 -56.73 35.72
N PHE E 161 1.74 -57.81 34.93
CA PHE E 161 0.69 -58.00 33.95
C PHE E 161 -0.60 -58.55 34.55
N ASP E 162 -0.73 -58.54 35.88
CA ASP E 162 -1.91 -59.04 36.56
C ASP E 162 -2.56 -57.98 37.45
N THR E 163 -2.41 -56.70 37.10
CA THR E 163 -2.98 -55.63 37.89
C THR E 163 -4.41 -55.34 37.46
N LYS E 164 -5.23 -54.93 38.43
CA LYS E 164 -6.62 -54.63 38.15
C LYS E 164 -6.75 -53.31 37.38
N PRO E 165 -7.73 -53.21 36.49
CA PRO E 165 -7.90 -51.96 35.72
C PRO E 165 -8.27 -50.75 36.57
N ASP E 166 -8.85 -50.95 37.76
CA ASP E 166 -9.27 -49.81 38.57
C ASP E 166 -8.08 -48.97 39.01
N LEU E 167 -7.03 -49.63 39.52
CA LEU E 167 -5.84 -48.89 39.93
C LEU E 167 -5.13 -48.27 38.74
N LEU E 168 -5.16 -48.94 37.57
CA LEU E 168 -4.55 -48.36 36.38
C LEU E 168 -5.27 -47.08 35.96
N LEU E 169 -6.60 -47.10 35.97
CA LEU E 169 -7.35 -45.89 35.63
C LEU E 169 -7.16 -44.80 36.68
N HIS E 170 -7.04 -45.19 37.95
CA HIS E 170 -6.75 -44.21 38.99
C HIS E 170 -5.38 -43.56 38.75
N LEU E 171 -4.40 -44.36 38.37
CA LEU E 171 -3.07 -43.84 38.03
C LEU E 171 -3.11 -42.91 36.84
N MET E 172 -3.86 -43.28 35.79
CA MET E 172 -3.92 -42.48 34.58
C MET E 172 -4.76 -41.23 34.76
N THR E 173 -5.64 -41.19 35.75
CA THR E 173 -6.50 -40.02 35.97
C THR E 173 -5.91 -39.05 36.99
N LYS E 174 -5.30 -39.56 38.07
CA LYS E 174 -4.80 -38.72 39.14
C LYS E 174 -3.31 -38.41 39.01
N GLU E 175 -2.48 -39.44 38.85
CA GLU E 175 -1.03 -39.21 38.81
C GLU E 175 -0.62 -38.47 37.55
N TRP E 176 -1.11 -38.89 36.39
CA TRP E 176 -0.73 -38.27 35.13
C TRP E 176 -1.64 -37.12 34.72
N GLN E 177 -2.74 -36.90 35.45
CA GLN E 177 -3.66 -35.79 35.22
C GLN E 177 -4.21 -35.81 33.80
N LEU E 178 -4.91 -36.90 33.47
CA LEU E 178 -5.58 -37.05 32.19
C LEU E 178 -7.08 -37.13 32.41
N GLU E 179 -7.83 -36.30 31.70
CA GLU E 179 -9.28 -36.36 31.77
C GLU E 179 -9.78 -37.64 31.11
N LEU E 180 -10.97 -38.06 31.54
CA LEU E 180 -11.56 -39.27 30.97
C LEU E 180 -11.89 -39.03 29.50
N PRO E 181 -11.50 -39.93 28.60
CA PRO E 181 -11.67 -39.66 27.17
C PRO E 181 -13.10 -39.82 26.73
N LYS E 182 -13.39 -39.34 25.52
CA LYS E 182 -14.68 -39.51 24.87
C LYS E 182 -14.56 -40.38 23.62
N LEU E 183 -13.44 -41.06 23.44
CA LEU E 183 -13.17 -41.91 22.29
C LEU E 183 -11.92 -42.72 22.60
N LEU E 184 -11.91 -43.99 22.18
CA LEU E 184 -10.88 -44.93 22.60
C LEU E 184 -10.36 -45.71 21.41
N ILE E 185 -9.91 -45.00 20.37
CA ILE E 185 -9.36 -45.65 19.19
C ILE E 185 -8.19 -46.53 19.60
N SER E 186 -8.35 -47.84 19.39
CA SER E 186 -7.34 -48.83 19.76
C SER E 186 -6.77 -49.42 18.47
N VAL E 187 -5.49 -49.17 18.21
CA VAL E 187 -4.86 -49.55 16.96
C VAL E 187 -4.20 -50.91 17.12
N HIS E 188 -4.51 -51.83 16.21
CA HIS E 188 -3.85 -53.12 16.09
C HIS E 188 -3.10 -53.18 14.77
N GLY E 189 -2.31 -54.24 14.62
CA GLY E 189 -1.53 -54.40 13.40
C GLY E 189 -0.53 -55.53 13.54
N GLY E 190 0.46 -55.52 12.65
CA GLY E 190 1.48 -56.55 12.61
C GLY E 190 2.73 -56.14 13.37
N LEU E 191 3.34 -57.14 14.02
CA LEU E 191 4.54 -56.91 14.82
C LEU E 191 5.81 -56.84 13.98
N GLN E 192 5.72 -57.10 12.68
CA GLN E 192 6.87 -57.04 11.79
C GLN E 192 6.75 -55.81 10.90
N ASN E 193 7.88 -55.16 10.66
CA ASN E 193 7.90 -53.90 9.92
C ASN E 193 7.45 -54.11 8.47
N PHE E 194 6.60 -53.21 7.98
CA PHE E 194 6.16 -53.25 6.60
C PHE E 194 6.27 -51.87 5.97
N GLU E 195 5.75 -51.71 4.76
CA GLU E 195 5.81 -50.43 4.06
C GLU E 195 4.48 -50.16 3.37
N LEU E 196 4.06 -48.91 3.41
CA LEU E 196 2.82 -48.47 2.79
C LEU E 196 3.11 -47.56 1.60
N GLN E 197 2.17 -47.52 0.67
CA GLN E 197 2.29 -46.64 -0.47
C GLN E 197 2.21 -45.18 -0.03
N PRO E 198 2.93 -44.28 -0.71
CA PRO E 198 2.96 -42.87 -0.27
C PRO E 198 1.60 -42.19 -0.33
N LYS E 199 0.67 -42.67 -1.15
CA LYS E 199 -0.65 -42.06 -1.20
C LYS E 199 -1.48 -42.43 0.02
N LEU E 200 -1.33 -43.66 0.51
CA LEU E 200 -2.13 -44.12 1.64
C LEU E 200 -1.66 -43.48 2.95
N LYS E 201 -0.34 -43.33 3.12
CA LYS E 201 0.19 -42.81 4.38
C LYS E 201 -0.26 -41.38 4.63
N GLN E 202 -0.22 -40.54 3.59
CA GLN E 202 -0.63 -39.15 3.73
C GLN E 202 -2.10 -39.03 4.10
N VAL E 203 -2.92 -40.00 3.69
CA VAL E 203 -4.32 -40.01 4.08
C VAL E 203 -4.50 -40.63 5.47
N PHE E 204 -3.83 -41.76 5.72
CA PHE E 204 -4.01 -42.48 6.98
C PHE E 204 -3.57 -41.65 8.17
N GLY E 205 -2.35 -41.10 8.12
CA GLY E 205 -1.86 -40.32 9.24
C GLY E 205 -2.68 -39.07 9.47
N LYS E 206 -3.02 -38.35 8.40
CA LYS E 206 -3.79 -37.11 8.53
C LYS E 206 -5.17 -37.39 9.11
N GLY E 207 -5.85 -38.44 8.62
CA GLY E 207 -7.16 -38.77 9.14
C GLY E 207 -7.13 -39.20 10.59
N LEU E 208 -6.16 -40.05 10.96
CA LEU E 208 -6.06 -40.49 12.34
C LEU E 208 -5.77 -39.33 13.27
N ILE E 209 -4.85 -38.43 12.88
CA ILE E 209 -4.52 -37.29 13.72
C ILE E 209 -5.71 -36.34 13.85
N LYS E 210 -6.43 -36.09 12.75
CA LYS E 210 -7.59 -35.21 12.83
C LYS E 210 -8.67 -35.81 13.73
N ALA E 211 -8.92 -37.12 13.60
CA ALA E 211 -9.94 -37.76 14.42
C ALA E 211 -9.56 -37.77 15.89
N ALA E 212 -8.27 -37.95 16.20
CA ALA E 212 -7.83 -37.98 17.58
C ALA E 212 -7.62 -36.60 18.18
N MET E 213 -7.56 -35.55 17.36
CA MET E 213 -7.33 -34.19 17.85
C MET E 213 -8.61 -33.38 17.96
N THR E 214 -9.51 -33.48 16.97
CA THR E 214 -10.76 -32.73 17.06
C THR E 214 -11.67 -33.27 18.16
N THR E 215 -11.48 -34.53 18.53
CA THR E 215 -12.23 -35.17 19.60
C THR E 215 -11.26 -35.59 20.69
N GLY E 216 -11.61 -35.30 21.95
CA GLY E 216 -10.78 -35.76 23.05
C GLY E 216 -10.74 -37.28 23.09
N ALA E 217 -9.61 -37.86 22.73
CA ALA E 217 -9.52 -39.28 22.49
C ALA E 217 -8.21 -39.83 23.02
N TRP E 218 -8.20 -41.14 23.28
CA TRP E 218 -7.00 -41.87 23.65
C TRP E 218 -6.70 -42.91 22.58
N ILE E 219 -5.41 -43.05 22.26
CA ILE E 219 -4.95 -44.01 21.27
C ILE E 219 -4.15 -45.09 21.99
N PHE E 220 -4.60 -46.33 21.88
CA PHE E 220 -3.89 -47.46 22.46
C PHE E 220 -3.07 -48.13 21.35
N THR E 221 -1.76 -48.20 21.54
CA THR E 221 -0.86 -48.79 20.56
C THR E 221 0.05 -49.78 21.26
N GLY E 222 0.87 -50.47 20.46
CA GLY E 222 1.80 -51.43 21.03
C GLY E 222 2.87 -50.78 21.88
N GLY E 223 3.43 -49.67 21.40
CA GLY E 223 4.44 -48.96 22.16
C GLY E 223 5.85 -49.11 21.60
N VAL E 224 6.20 -50.34 21.19
CA VAL E 224 7.50 -50.55 20.59
C VAL E 224 7.54 -49.97 19.18
N ASN E 225 8.75 -49.80 18.65
CA ASN E 225 8.92 -49.13 17.36
C ASN E 225 8.97 -50.15 16.22
N THR E 226 7.88 -50.91 16.09
CA THR E 226 7.76 -51.96 15.07
C THR E 226 6.45 -51.80 14.32
N GLY E 227 6.52 -51.97 13.00
CA GLY E 227 5.33 -52.09 12.17
C GLY E 227 4.41 -50.89 12.13
N VAL E 228 3.14 -51.12 12.49
CA VAL E 228 2.13 -50.06 12.44
C VAL E 228 2.46 -48.94 13.41
N ILE E 229 3.04 -49.28 14.57
CA ILE E 229 3.35 -48.28 15.58
C ILE E 229 4.36 -47.27 15.07
N ARG E 230 5.25 -47.70 14.16
CA ARG E 230 6.16 -46.75 13.52
C ARG E 230 5.39 -45.77 12.64
N HIS E 231 4.35 -46.26 11.96
CA HIS E 231 3.53 -45.37 11.14
C HIS E 231 2.75 -44.38 12.02
N VAL E 232 2.24 -44.84 13.16
CA VAL E 232 1.59 -43.93 14.10
C VAL E 232 2.59 -42.91 14.62
N GLY E 233 3.83 -43.34 14.88
CA GLY E 233 4.85 -42.41 15.35
C GLY E 233 5.17 -41.33 14.34
N ASP E 234 5.33 -41.71 13.06
CA ASP E 234 5.64 -40.68 12.07
C ASP E 234 4.42 -39.82 11.75
N ALA E 235 3.21 -40.38 11.92
CA ALA E 235 2.01 -39.55 11.80
C ALA E 235 1.96 -38.50 12.90
N LEU E 236 2.35 -38.88 14.13
CA LEU E 236 2.45 -37.89 15.19
C LEU E 236 3.60 -36.91 14.94
N LYS E 237 4.65 -37.36 14.25
CA LYS E 237 5.79 -36.50 13.98
C LYS E 237 5.43 -35.42 12.96
N ASP E 238 4.78 -35.80 11.86
CA ASP E 238 4.48 -34.82 10.81
C ASP E 238 3.38 -33.86 11.22
N HIS E 239 2.54 -34.22 12.19
CA HIS E 239 1.53 -33.30 12.69
C HIS E 239 2.13 -32.24 13.61
N ALA E 240 3.15 -32.61 14.39
CA ALA E 240 3.71 -31.70 15.38
C ALA E 240 4.38 -30.48 14.75
N SER E 241 4.78 -30.56 13.49
CA SER E 241 5.41 -29.45 12.80
C SER E 241 4.42 -28.52 12.12
N LYS E 242 3.13 -28.78 12.25
CA LYS E 242 2.12 -27.95 11.60
C LYS E 242 1.10 -27.36 12.57
N SER E 243 0.66 -28.13 13.56
CA SER E 243 -0.45 -27.74 14.41
C SER E 243 -0.03 -27.69 15.88
N ARG E 244 -0.88 -27.05 16.68
CA ARG E 244 -0.69 -26.97 18.12
C ARG E 244 -1.24 -28.23 18.78
N GLY E 245 -1.35 -28.20 20.11
CA GLY E 245 -2.06 -29.24 20.83
C GLY E 245 -1.22 -30.48 21.08
N LYS E 246 -1.80 -31.38 21.86
CA LYS E 246 -1.17 -32.65 22.23
C LYS E 246 -2.18 -33.77 22.07
N ILE E 247 -1.69 -34.96 21.77
CA ILE E 247 -2.51 -36.15 21.59
C ILE E 247 -2.08 -37.19 22.61
N CYS E 248 -3.02 -37.69 23.39
CA CYS E 248 -2.74 -38.66 24.45
C CYS E 248 -2.60 -40.04 23.81
N THR E 249 -1.37 -40.37 23.41
CA THR E 249 -1.05 -41.69 22.85
C THR E 249 -0.47 -42.56 23.96
N ILE E 250 -1.16 -43.66 24.27
CA ILE E 250 -0.77 -44.56 25.34
C ILE E 250 -0.29 -45.86 24.73
N GLY E 251 0.92 -46.28 25.10
CA GLY E 251 1.50 -47.52 24.61
C GLY E 251 1.61 -48.54 25.72
N ILE E 252 1.10 -49.73 25.46
CA ILE E 252 1.15 -50.85 26.39
C ILE E 252 2.12 -51.86 25.81
N ALA E 253 3.39 -51.79 26.23
CA ALA E 253 4.43 -52.61 25.65
C ALA E 253 4.98 -53.59 26.69
N PRO E 254 5.39 -54.78 26.26
CA PRO E 254 6.06 -55.70 27.18
C PRO E 254 7.40 -55.14 27.63
N TRP E 255 7.75 -55.43 28.88
CA TRP E 255 8.97 -54.89 29.49
C TRP E 255 10.22 -55.56 28.97
N GLY E 256 10.13 -56.82 28.55
CA GLY E 256 11.30 -57.58 28.18
C GLY E 256 11.85 -57.34 26.80
N ILE E 257 11.27 -56.42 26.03
CA ILE E 257 11.68 -56.20 24.64
C ILE E 257 12.41 -54.88 24.45
N VAL E 258 12.36 -53.97 25.42
CA VAL E 258 13.07 -52.69 25.29
C VAL E 258 14.58 -52.94 25.32
N GLU E 259 15.33 -52.12 24.58
CA GLU E 259 16.75 -52.37 24.45
C GLU E 259 17.55 -51.83 25.63
N ASN E 260 17.26 -50.61 26.07
CA ASN E 260 17.92 -50.02 27.23
C ASN E 260 17.09 -50.29 28.49
N GLN E 261 16.92 -51.60 28.76
CA GLN E 261 16.07 -52.02 29.86
C GLN E 261 16.64 -51.58 31.20
N GLU E 262 17.96 -51.68 31.39
CA GLU E 262 18.57 -51.29 32.65
C GLU E 262 18.76 -49.79 32.78
N ASP E 263 18.64 -49.04 31.68
CA ASP E 263 18.74 -47.58 31.77
C ASP E 263 17.55 -47.00 32.51
N LEU E 264 16.36 -47.56 32.31
CA LEU E 264 15.13 -47.05 32.90
C LEU E 264 14.80 -47.71 34.23
N ILE E 265 15.67 -48.59 34.73
CA ILE E 265 15.37 -49.38 35.92
C ILE E 265 15.32 -48.55 37.20
N GLY E 266 15.75 -47.28 37.14
CA GLY E 266 15.68 -46.43 38.30
C GLY E 266 14.26 -45.99 38.62
N ARG E 267 14.09 -45.51 39.85
CA ARG E 267 12.79 -45.01 40.32
C ARG E 267 12.54 -43.60 39.82
N ASP E 268 11.56 -42.92 40.41
CA ASP E 268 11.05 -41.65 39.88
C ASP E 268 12.16 -40.61 39.74
N VAL E 269 12.54 -40.33 38.50
CA VAL E 269 13.54 -39.35 38.14
C VAL E 269 13.46 -39.16 36.63
N VAL E 270 13.86 -38.00 36.13
CA VAL E 270 13.93 -37.81 34.67
C VAL E 270 15.12 -38.64 34.15
N ARG E 271 14.82 -39.61 33.31
CA ARG E 271 15.82 -40.56 32.85
C ARG E 271 16.05 -40.41 31.35
N PRO E 272 17.27 -40.12 30.91
CA PRO E 272 17.55 -40.04 29.47
C PRO E 272 17.38 -41.40 28.79
N TYR E 273 16.99 -41.34 27.52
CA TYR E 273 16.77 -42.54 26.72
C TYR E 273 17.17 -42.25 25.28
N GLN E 274 17.96 -43.14 24.70
CA GLN E 274 18.49 -42.95 23.35
C GLN E 274 17.60 -43.68 22.35
N THR E 275 17.10 -42.94 21.36
CA THR E 275 16.19 -43.49 20.36
C THR E 275 16.91 -44.14 19.18
N MET E 276 18.24 -44.06 19.13
CA MET E 276 18.97 -44.76 18.08
C MET E 276 18.97 -46.25 18.34
N SER E 277 18.62 -47.03 17.32
CA SER E 277 18.45 -48.46 17.48
C SER E 277 19.71 -49.23 17.08
N ASN E 278 19.82 -50.45 17.59
CA ASN E 278 20.93 -51.35 17.25
C ASN E 278 20.35 -52.57 16.56
N PRO E 279 20.49 -52.68 15.23
CA PRO E 279 19.84 -53.79 14.50
C PRO E 279 20.32 -55.18 14.90
N MET E 280 21.51 -55.29 15.49
CA MET E 280 22.06 -56.58 15.91
C MET E 280 21.92 -56.81 17.41
N SER E 281 20.85 -56.31 18.03
CA SER E 281 20.66 -56.44 19.47
C SER E 281 19.49 -57.33 19.85
N LYS E 282 18.69 -57.81 18.88
CA LYS E 282 17.57 -58.73 19.09
C LYS E 282 16.47 -58.12 19.95
N LEU E 283 16.52 -56.82 20.20
CA LEU E 283 15.50 -56.14 21.00
C LEU E 283 15.11 -54.85 20.29
N THR E 284 13.88 -54.41 20.52
CA THR E 284 13.31 -53.26 19.83
C THR E 284 13.18 -52.08 20.79
N VAL E 285 13.54 -50.90 20.31
CA VAL E 285 13.57 -49.71 21.13
C VAL E 285 12.15 -49.14 21.26
N LEU E 286 11.91 -48.41 22.34
CA LEU E 286 10.62 -47.75 22.52
C LEU E 286 10.44 -46.64 21.48
N ASN E 287 9.24 -46.56 20.93
CA ASN E 287 8.93 -45.55 19.92
C ASN E 287 8.69 -44.20 20.60
N SER E 288 9.36 -43.16 20.10
CA SER E 288 9.17 -41.82 20.62
C SER E 288 7.83 -41.26 20.14
N MET E 289 7.53 -40.03 20.56
CA MET E 289 6.31 -39.28 20.30
C MET E 289 5.09 -39.86 21.00
N HIS E 290 5.23 -40.98 21.71
CA HIS E 290 4.18 -41.40 22.63
C HIS E 290 4.18 -40.49 23.85
N SER E 291 3.04 -40.40 24.51
CA SER E 291 2.90 -39.53 25.68
C SER E 291 2.93 -40.29 26.99
N HIS E 292 2.48 -41.53 27.02
CA HIS E 292 2.46 -42.32 28.24
C HIS E 292 2.74 -43.78 27.90
N PHE E 293 3.34 -44.49 28.86
CA PHE E 293 3.70 -45.89 28.68
C PHE E 293 3.22 -46.71 29.87
N ILE E 294 2.71 -47.90 29.58
CA ILE E 294 2.35 -48.89 30.58
C ILE E 294 3.10 -50.16 30.23
N LEU E 295 4.14 -50.46 31.00
CA LEU E 295 5.02 -51.60 30.72
C LEU E 295 4.64 -52.74 31.65
N ALA E 296 4.34 -53.90 31.07
CA ALA E 296 3.91 -55.07 31.82
C ALA E 296 4.89 -56.21 31.57
N ASP E 297 5.33 -56.84 32.65
CA ASP E 297 6.27 -57.95 32.60
C ASP E 297 5.67 -59.18 33.28
N ASN E 298 5.76 -60.32 32.60
CA ASN E 298 5.34 -61.60 33.17
C ASN E 298 6.50 -62.37 33.78
N GLY E 299 7.68 -61.77 33.85
CA GLY E 299 8.87 -62.44 34.35
C GLY E 299 9.81 -62.93 33.27
N THR E 300 9.43 -62.79 32.00
CA THR E 300 10.25 -63.27 30.89
C THR E 300 10.80 -62.08 30.11
N THR E 301 11.80 -62.36 29.29
CA THR E 301 12.43 -61.37 28.42
C THR E 301 12.53 -61.93 27.00
N GLY E 302 12.40 -61.05 26.02
CA GLY E 302 12.56 -61.43 24.63
C GLY E 302 11.36 -62.06 23.96
N LYS E 303 10.20 -62.07 24.61
CA LYS E 303 9.00 -62.65 24.04
C LYS E 303 7.82 -61.72 24.25
N TYR E 304 6.91 -61.72 23.27
CA TYR E 304 5.70 -60.92 23.34
C TYR E 304 4.63 -61.65 24.13
N GLY E 305 3.39 -61.15 24.07
CA GLY E 305 2.27 -61.81 24.72
C GLY E 305 2.12 -61.51 26.19
N ALA E 306 2.83 -60.52 26.72
CA ALA E 306 2.74 -60.16 28.13
C ALA E 306 1.83 -58.96 28.39
N GLU E 307 1.14 -58.48 27.36
CA GLU E 307 0.33 -57.27 27.49
C GLU E 307 -1.07 -57.37 26.90
N VAL E 308 -1.38 -58.42 26.14
CA VAL E 308 -2.67 -58.49 25.46
C VAL E 308 -3.82 -58.59 26.48
N LYS E 309 -3.66 -59.42 27.51
CA LYS E 309 -4.71 -59.59 28.49
C LYS E 309 -4.96 -58.31 29.26
N LEU E 310 -3.89 -57.64 29.70
CA LEU E 310 -4.04 -56.39 30.44
C LEU E 310 -4.67 -55.30 29.57
N ARG E 311 -4.24 -55.21 28.31
CA ARG E 311 -4.81 -54.21 27.41
C ARG E 311 -6.29 -54.44 27.18
N ARG E 312 -6.68 -55.70 26.93
CA ARG E 312 -8.09 -56.01 26.71
C ARG E 312 -8.92 -55.76 27.97
N GLN E 313 -8.37 -56.12 29.14
CA GLN E 313 -9.09 -55.87 30.39
C GLN E 313 -9.28 -54.38 30.63
N LEU E 314 -8.25 -53.57 30.35
CA LEU E 314 -8.37 -52.14 30.51
C LEU E 314 -9.39 -51.54 29.55
N GLU E 315 -9.40 -52.00 28.29
CA GLU E 315 -10.40 -51.51 27.35
C GLU E 315 -11.82 -51.89 27.78
N LYS E 316 -12.00 -53.13 28.26
CA LYS E 316 -13.30 -53.56 28.73
C LYS E 316 -13.77 -52.75 29.92
N HIS E 317 -12.88 -52.49 30.87
CA HIS E 317 -13.26 -51.72 32.05
C HIS E 317 -13.54 -50.26 31.71
N ILE E 318 -12.76 -49.68 30.80
CA ILE E 318 -12.96 -48.27 30.47
C ILE E 318 -14.15 -48.07 29.55
N SER E 319 -14.58 -49.10 28.83
CA SER E 319 -15.82 -48.98 28.05
C SER E 319 -17.03 -48.81 28.97
N LEU E 320 -17.05 -49.55 30.08
CA LEU E 320 -18.15 -49.45 31.05
C LEU E 320 -18.09 -48.17 31.88
N GLN E 321 -16.97 -47.44 31.84
CA GLN E 321 -16.87 -46.20 32.60
C GLN E 321 -17.82 -45.16 32.03
N LYS E 322 -18.50 -44.44 32.92
CA LYS E 322 -19.56 -43.54 32.52
C LYS E 322 -19.01 -42.20 32.07
N ILE E 323 -19.44 -41.76 30.89
CA ILE E 323 -19.07 -40.45 30.35
C ILE E 323 -19.83 -39.38 31.12
N ASN E 324 -19.43 -38.12 30.95
CA ASN E 324 -20.05 -37.03 31.69
C ASN E 324 -21.52 -36.81 31.34
N THR E 325 -21.94 -37.26 30.15
CA THR E 325 -23.36 -37.18 29.80
C THR E 325 -24.14 -38.23 30.58
N ARG E 326 -25.20 -37.80 31.25
CA ARG E 326 -25.94 -38.65 32.18
C ARG E 326 -27.05 -39.46 31.51
N ILE E 327 -26.97 -39.68 30.20
CA ILE E 327 -27.92 -40.56 29.54
C ILE E 327 -27.77 -41.99 30.04
N GLY E 328 -26.53 -42.46 30.17
CA GLY E 328 -26.28 -43.81 30.63
C GLY E 328 -25.35 -44.58 29.71
N GLN E 329 -24.69 -43.86 28.80
CA GLN E 329 -23.78 -44.47 27.83
C GLN E 329 -22.33 -44.33 28.31
N GLY E 330 -21.55 -45.38 28.08
CA GLY E 330 -20.12 -45.31 28.31
C GLY E 330 -19.40 -44.67 27.15
N VAL E 331 -18.08 -44.64 27.24
CA VAL E 331 -17.27 -44.08 26.17
C VAL E 331 -17.35 -45.02 24.96
N PRO E 332 -17.37 -44.50 23.74
CA PRO E 332 -17.38 -45.37 22.56
C PRO E 332 -15.98 -45.86 22.24
N VAL E 333 -15.90 -47.13 21.84
CA VAL E 333 -14.62 -47.78 21.53
C VAL E 333 -14.66 -48.23 20.08
N VAL E 334 -13.60 -47.90 19.34
CA VAL E 334 -13.45 -48.32 17.95
C VAL E 334 -12.13 -49.07 17.84
N ALA E 335 -12.02 -49.88 16.78
CA ALA E 335 -10.82 -50.65 16.52
C ALA E 335 -10.34 -50.34 15.12
N LEU E 336 -9.05 -50.02 14.99
CA LEU E 336 -8.45 -49.71 13.70
C LEU E 336 -7.46 -50.82 13.35
N ILE E 337 -7.61 -51.37 12.16
CA ILE E 337 -6.84 -52.56 11.75
C ILE E 337 -6.02 -52.18 10.53
N VAL E 338 -4.78 -51.76 10.78
CA VAL E 338 -3.76 -51.66 9.74
C VAL E 338 -3.16 -53.05 9.58
N GLU E 339 -2.30 -53.23 8.58
CA GLU E 339 -1.67 -54.52 8.25
C GLU E 339 -1.27 -55.31 9.48
N GLY E 340 -1.71 -56.56 9.53
CA GLY E 340 -1.53 -57.37 10.72
C GLY E 340 -0.99 -58.77 10.47
N GLY E 341 -1.71 -59.78 10.92
CA GLY E 341 -1.27 -61.15 10.79
C GLY E 341 -2.36 -62.14 11.12
N PRO E 342 -1.97 -63.40 11.32
CA PRO E 342 -2.97 -64.45 11.61
C PRO E 342 -3.69 -64.26 12.94
N ASN E 343 -3.07 -63.59 13.91
CA ASN E 343 -3.75 -63.35 15.18
C ASN E 343 -4.70 -62.16 15.11
N VAL E 344 -4.54 -61.30 14.10
CA VAL E 344 -5.46 -60.18 13.90
C VAL E 344 -6.86 -60.72 13.58
N ILE E 345 -6.93 -61.77 12.76
CA ILE E 345 -8.21 -62.38 12.44
C ILE E 345 -8.83 -63.06 13.66
N SER E 346 -8.03 -63.28 14.71
CA SER E 346 -8.55 -63.87 15.94
C SER E 346 -8.94 -62.82 16.97
N ILE E 347 -8.33 -61.64 16.93
CA ILE E 347 -8.71 -60.58 17.85
C ILE E 347 -9.87 -59.74 17.30
N VAL E 348 -10.02 -59.66 15.97
CA VAL E 348 -11.17 -58.96 15.43
C VAL E 348 -12.46 -59.71 15.77
N LEU E 349 -12.40 -61.04 15.82
CA LEU E 349 -13.55 -61.83 16.28
C LEU E 349 -13.85 -61.55 17.74
N GLU E 350 -12.82 -61.45 18.57
CA GLU E 350 -13.02 -61.12 19.98
C GLU E 350 -13.67 -59.75 20.13
N TYR E 351 -13.28 -58.80 19.28
CA TYR E 351 -13.95 -57.50 19.28
C TYR E 351 -15.42 -57.62 18.86
N LEU E 352 -15.68 -58.38 17.79
CA LEU E 352 -17.03 -58.49 17.25
C LEU E 352 -17.95 -59.30 18.15
N ARG E 353 -17.43 -60.36 18.80
CA ARG E 353 -18.27 -61.25 19.58
C ARG E 353 -18.62 -60.69 20.96
N ASP E 354 -17.96 -59.63 21.40
CA ASP E 354 -18.16 -59.13 22.75
C ASP E 354 -19.59 -58.62 22.93
N THR E 355 -20.08 -58.72 24.16
CA THR E 355 -21.46 -58.36 24.45
C THR E 355 -21.76 -56.89 24.18
N PRO E 356 -20.92 -55.92 24.55
CA PRO E 356 -20.99 -54.58 23.94
C PRO E 356 -20.17 -54.54 22.67
N PRO E 357 -20.75 -54.90 21.52
CA PRO E 357 -19.93 -55.12 20.32
C PRO E 357 -19.17 -53.86 19.91
N VAL E 358 -17.93 -54.05 19.52
CA VAL E 358 -17.00 -52.97 19.21
C VAL E 358 -16.78 -52.95 17.70
N PRO E 359 -17.18 -51.90 16.99
CA PRO E 359 -16.95 -51.86 15.55
C PRO E 359 -15.46 -51.77 15.24
N VAL E 360 -15.08 -52.31 14.08
CA VAL E 360 -13.70 -52.28 13.63
C VAL E 360 -13.64 -51.56 12.29
N VAL E 361 -12.48 -50.97 12.01
CA VAL E 361 -12.22 -50.29 10.74
C VAL E 361 -10.92 -50.84 10.18
N VAL E 362 -10.98 -51.36 8.95
CA VAL E 362 -9.82 -51.97 8.32
C VAL E 362 -9.43 -51.14 7.10
N CYS E 363 -8.19 -51.32 6.65
CA CYS E 363 -7.66 -50.63 5.48
C CYS E 363 -7.39 -51.64 4.38
N ASP E 364 -7.68 -51.25 3.14
CA ASP E 364 -7.59 -52.16 2.01
C ASP E 364 -6.21 -52.19 1.35
N GLY E 365 -5.45 -51.10 1.44
CA GLY E 365 -4.18 -50.98 0.75
C GLY E 365 -2.99 -51.54 1.49
N SER E 366 -3.20 -52.35 2.52
CA SER E 366 -2.09 -52.88 3.30
C SER E 366 -1.44 -54.08 2.63
N GLY E 367 -2.21 -55.16 2.44
CA GLY E 367 -1.73 -56.37 1.78
C GLY E 367 -1.85 -57.62 2.63
N ARG E 368 -1.84 -57.47 3.94
CA ARG E 368 -1.92 -58.60 4.86
C ARG E 368 -3.40 -58.85 5.20
N ALA E 369 -3.66 -59.63 6.26
CA ALA E 369 -5.01 -60.10 6.59
C ALA E 369 -6.04 -58.98 6.66
N SER E 370 -5.63 -57.73 6.85
CA SER E 370 -6.58 -56.62 6.69
C SER E 370 -7.08 -56.54 5.26
N ASP E 371 -6.18 -56.71 4.28
CA ASP E 371 -6.60 -56.76 2.89
C ASP E 371 -7.45 -58.00 2.62
N ILE E 372 -7.22 -59.09 3.37
CA ILE E 372 -8.08 -60.26 3.25
C ILE E 372 -9.50 -59.92 3.67
N LEU E 373 -9.65 -59.20 4.79
CA LEU E 373 -10.98 -58.78 5.23
C LEU E 373 -11.61 -57.80 4.24
N ALA E 374 -10.79 -56.92 3.66
CA ALA E 374 -11.32 -55.98 2.66
C ALA E 374 -11.82 -56.72 1.43
N PHE E 375 -11.09 -57.74 0.98
CA PHE E 375 -11.53 -58.55 -0.15
C PHE E 375 -12.78 -59.35 0.21
N GLY E 376 -12.87 -59.83 1.45
CA GLY E 376 -14.01 -60.60 1.90
C GLY E 376 -15.21 -59.79 2.32
N HIS E 377 -15.11 -58.45 2.32
CA HIS E 377 -16.26 -57.63 2.67
C HIS E 377 -17.35 -57.68 1.60
N LYS E 378 -17.04 -58.15 0.39
CA LYS E 378 -18.05 -58.45 -0.59
C LYS E 378 -18.45 -59.92 -0.46
N TYR E 379 -19.35 -60.35 -1.35
CA TYR E 379 -19.83 -61.75 -1.39
C TYR E 379 -20.43 -62.15 -0.05
N SER E 380 -21.55 -61.50 0.28
CA SER E 380 -22.26 -61.80 1.51
C SER E 380 -22.79 -63.23 1.50
N GLU E 381 -22.62 -63.92 2.62
CA GLU E 381 -23.07 -65.30 2.74
C GLU E 381 -24.50 -65.36 3.27
N VAL E 396 -16.07 -70.76 -3.18
CA VAL E 396 -15.05 -69.71 -3.18
C VAL E 396 -14.07 -69.97 -2.03
N THR E 397 -14.13 -71.17 -1.46
CA THR E 397 -13.24 -71.58 -0.39
C THR E 397 -11.88 -72.05 -0.88
N ILE E 398 -11.70 -72.17 -2.20
CA ILE E 398 -10.46 -72.69 -2.77
C ILE E 398 -9.51 -71.56 -3.20
N GLN E 399 -9.78 -70.33 -2.79
CA GLN E 399 -8.97 -69.18 -3.18
C GLN E 399 -7.97 -68.78 -2.12
N LYS E 400 -7.74 -69.60 -1.10
CA LYS E 400 -6.89 -69.25 0.03
C LYS E 400 -5.51 -69.89 -0.04
N THR E 401 -4.92 -69.98 -1.23
CA THR E 401 -3.57 -70.46 -1.41
C THR E 401 -2.65 -69.26 -1.56
N PHE E 402 -2.07 -68.82 -0.43
CA PHE E 402 -1.12 -67.71 -0.43
C PHE E 402 0.22 -68.06 0.18
N THR E 403 0.39 -69.29 0.66
CA THR E 403 1.55 -69.76 1.44
C THR E 403 1.71 -68.99 2.75
N TYR E 404 0.73 -68.18 3.14
CA TYR E 404 0.79 -67.51 4.43
C TYR E 404 0.49 -68.46 5.58
N THR E 405 -0.25 -69.55 5.28
CA THR E 405 -0.51 -70.60 6.25
C THR E 405 -0.14 -71.95 5.66
N ARG E 406 -0.50 -73.03 6.34
CA ARG E 406 -0.16 -74.38 5.88
C ARG E 406 -1.17 -74.85 4.83
N THR E 407 -1.15 -74.16 3.68
CA THR E 407 -1.95 -74.48 2.50
C THR E 407 -3.42 -74.69 2.83
N GLN E 408 -4.05 -75.69 2.20
CA GLN E 408 -5.43 -76.02 2.49
C GLN E 408 -5.56 -76.83 3.77
N ALA E 409 -4.47 -77.41 4.26
CA ALA E 409 -4.51 -78.16 5.51
C ALA E 409 -4.87 -77.24 6.68
N GLN E 410 -4.28 -76.05 6.72
CA GLN E 410 -4.62 -75.04 7.71
C GLN E 410 -5.62 -74.08 7.08
N HIS E 411 -6.87 -74.16 7.50
CA HIS E 411 -7.94 -73.30 7.01
C HIS E 411 -8.42 -72.44 8.16
N LEU E 412 -8.02 -71.17 8.14
CA LEU E 412 -8.55 -70.18 9.07
C LEU E 412 -9.84 -69.61 8.51
N PHE E 413 -10.34 -70.23 7.44
CA PHE E 413 -11.60 -69.80 6.83
C PHE E 413 -12.76 -69.96 7.79
N ILE E 414 -12.67 -70.90 8.74
CA ILE E 414 -13.73 -71.08 9.73
C ILE E 414 -13.86 -69.83 10.59
N ILE E 415 -12.74 -69.35 11.14
CA ILE E 415 -12.81 -68.16 11.98
C ILE E 415 -13.02 -66.92 11.13
N LEU E 416 -12.61 -66.96 9.85
CA LEU E 416 -12.91 -65.87 8.94
C LEU E 416 -14.41 -65.73 8.72
N MET E 417 -15.11 -66.85 8.54
CA MET E 417 -16.56 -66.82 8.39
C MET E 417 -17.23 -66.45 9.71
N GLU E 418 -16.67 -66.89 10.84
CA GLU E 418 -17.20 -66.48 12.13
C GLU E 418 -17.13 -64.97 12.31
N CYS E 419 -16.01 -64.37 11.89
CA CYS E 419 -15.90 -62.91 11.93
C CYS E 419 -16.84 -62.25 10.93
N MET E 420 -16.94 -62.80 9.72
CA MET E 420 -17.79 -62.23 8.68
C MET E 420 -19.28 -62.38 8.99
N LYS E 421 -19.63 -63.22 9.97
CA LYS E 421 -21.02 -63.38 10.35
C LYS E 421 -21.63 -62.07 10.83
N LYS E 422 -20.87 -61.32 11.65
CA LYS E 422 -21.30 -59.99 12.07
C LYS E 422 -20.71 -58.95 11.13
N LYS E 423 -21.16 -59.04 9.87
CA LYS E 423 -20.68 -58.17 8.82
C LYS E 423 -21.21 -56.74 8.91
N GLU E 424 -22.18 -56.48 9.78
CA GLU E 424 -22.78 -55.17 9.89
C GLU E 424 -21.88 -54.17 10.63
N LEU E 425 -20.85 -54.64 11.31
CA LEU E 425 -19.99 -53.76 12.10
C LEU E 425 -18.70 -53.38 11.40
N ILE E 426 -18.14 -54.28 10.58
CA ILE E 426 -16.87 -54.02 9.93
C ILE E 426 -17.04 -52.94 8.87
N THR E 427 -16.19 -51.92 8.91
CA THR E 427 -16.17 -50.86 7.92
C THR E 427 -14.81 -50.86 7.23
N VAL E 428 -14.83 -50.88 5.89
CA VAL E 428 -13.62 -50.95 5.08
C VAL E 428 -13.39 -49.59 4.46
N PHE E 429 -12.16 -49.08 4.61
CA PHE E 429 -11.77 -47.80 4.03
C PHE E 429 -11.04 -48.05 2.73
N ARG E 430 -11.53 -47.45 1.65
CA ARG E 430 -10.91 -47.57 0.33
C ARG E 430 -10.60 -46.17 -0.19
N MET E 431 -9.45 -46.05 -0.86
CA MET E 431 -8.93 -44.76 -1.30
C MET E 431 -9.72 -44.30 -2.54
N GLY E 432 -10.89 -43.73 -2.28
CA GLY E 432 -11.71 -43.15 -3.33
C GLY E 432 -12.55 -44.14 -4.10
N SER E 433 -12.36 -45.44 -3.91
CA SER E 433 -13.17 -46.43 -4.62
C SER E 433 -14.63 -46.37 -4.19
N GLU E 434 -14.87 -46.14 -2.90
CA GLU E 434 -16.22 -46.03 -2.37
C GLU E 434 -16.38 -44.72 -1.62
N GLY E 435 -17.50 -44.56 -0.91
CA GLY E 435 -17.73 -43.37 -0.13
C GLY E 435 -16.83 -43.32 1.10
N HIS E 436 -16.92 -42.19 1.80
CA HIS E 436 -16.12 -41.91 3.00
C HIS E 436 -14.63 -41.99 2.70
N GLN E 437 -14.18 -41.07 1.84
CA GLN E 437 -12.78 -41.00 1.45
C GLN E 437 -11.88 -40.50 2.57
N ASP E 438 -12.44 -39.99 3.66
CA ASP E 438 -11.67 -39.47 4.78
C ASP E 438 -11.70 -40.48 5.93
N ILE E 439 -10.51 -40.78 6.47
CA ILE E 439 -10.43 -41.75 7.56
C ILE E 439 -11.11 -41.22 8.81
N ASP E 440 -10.92 -39.93 9.12
CA ASP E 440 -11.54 -39.36 10.31
C ASP E 440 -13.06 -39.44 10.23
N LEU E 441 -13.62 -39.24 9.03
CA LEU E 441 -15.04 -39.49 8.84
C LEU E 441 -15.36 -40.97 8.99
N ALA E 442 -14.50 -41.84 8.44
CA ALA E 442 -14.75 -43.28 8.51
C ALA E 442 -14.69 -43.79 9.94
N ILE E 443 -13.78 -43.24 10.76
CA ILE E 443 -13.69 -43.65 12.15
C ILE E 443 -14.93 -43.18 12.92
N LEU E 444 -15.32 -41.92 12.74
CA LEU E 444 -16.42 -41.37 13.52
C LEU E 444 -17.76 -41.93 13.08
N THR E 445 -17.95 -42.12 11.78
CA THR E 445 -19.23 -42.66 11.32
C THR E 445 -19.41 -44.14 11.64
N ALA E 446 -18.35 -44.83 12.05
CA ALA E 446 -18.46 -46.23 12.43
C ALA E 446 -18.89 -46.41 13.88
N LEU E 447 -18.94 -45.34 14.66
CA LEU E 447 -19.38 -45.39 16.05
C LEU E 447 -20.84 -45.03 16.23
N LEU E 448 -21.40 -44.22 15.32
CA LEU E 448 -22.81 -43.87 15.42
C LEU E 448 -23.70 -45.08 15.16
N LYS E 449 -23.43 -45.82 14.09
CA LYS E 449 -24.19 -47.02 13.78
C LYS E 449 -23.80 -48.19 14.68
N GLY E 450 -22.55 -48.22 15.15
CA GLY E 450 -22.10 -49.30 16.01
C GLY E 450 -22.63 -49.22 17.42
N ALA E 451 -23.09 -48.04 17.85
CA ALA E 451 -23.64 -47.89 19.19
C ALA E 451 -24.98 -48.61 19.34
N ASN E 452 -25.71 -48.82 18.24
CA ASN E 452 -27.03 -49.46 18.24
C ASN E 452 -27.98 -48.75 19.19
N ALA E 453 -27.91 -47.42 19.19
CA ALA E 453 -28.73 -46.58 20.07
C ALA E 453 -29.63 -45.68 19.24
N SER E 454 -30.41 -44.86 19.93
CA SER E 454 -31.39 -44.00 19.28
C SER E 454 -30.73 -42.70 18.81
N ALA E 455 -31.54 -41.88 18.12
CA ALA E 455 -31.05 -40.59 17.66
C ALA E 455 -30.59 -39.64 18.76
N PRO E 456 -31.26 -39.53 19.93
CA PRO E 456 -30.70 -38.68 20.99
C PRO E 456 -29.31 -39.08 21.43
N ASP E 457 -29.01 -40.38 21.48
CA ASP E 457 -27.66 -40.81 21.88
C ASP E 457 -26.62 -40.42 20.83
N GLN E 458 -26.96 -40.58 19.54
CA GLN E 458 -26.04 -40.15 18.49
C GLN E 458 -25.82 -38.64 18.56
N LEU E 459 -26.89 -37.88 18.80
CA LEU E 459 -26.75 -36.43 18.91
C LEU E 459 -25.90 -36.05 20.11
N SER E 460 -26.06 -36.75 21.23
CA SER E 460 -25.25 -36.48 22.41
C SER E 460 -23.77 -36.79 22.15
N LEU E 461 -23.49 -37.89 21.45
CA LEU E 461 -22.10 -38.22 21.12
C LEU E 461 -21.50 -37.17 20.19
N ALA E 462 -22.23 -36.77 19.16
CA ALA E 462 -21.71 -35.77 18.24
C ALA E 462 -21.56 -34.41 18.91
N LEU E 463 -22.39 -34.13 19.92
CA LEU E 463 -22.25 -32.88 20.66
C LEU E 463 -21.04 -32.92 21.59
N ALA E 464 -20.80 -34.05 22.24
CA ALA E 464 -19.63 -34.19 23.11
C ALA E 464 -18.35 -34.12 22.31
N TRP E 465 -18.32 -34.73 21.12
CA TRP E 465 -17.13 -34.68 20.27
C TRP E 465 -16.90 -33.31 19.66
N ASN E 466 -17.89 -32.42 19.70
CA ASN E 466 -17.81 -31.09 19.06
C ASN E 466 -17.51 -31.22 17.57
N ARG E 467 -18.19 -32.15 16.91
CA ARG E 467 -18.12 -32.31 15.46
C ARG E 467 -19.48 -31.96 14.89
N VAL E 468 -19.61 -30.77 14.33
CA VAL E 468 -20.91 -30.32 13.83
C VAL E 468 -21.21 -30.95 12.47
N ASP E 469 -20.19 -31.19 11.65
CA ASP E 469 -20.40 -31.76 10.32
C ASP E 469 -20.97 -33.18 10.40
N ILE E 470 -20.48 -33.97 11.35
CA ILE E 470 -20.96 -35.35 11.50
C ILE E 470 -22.44 -35.36 11.87
N ALA E 471 -22.84 -34.49 12.79
CA ALA E 471 -24.25 -34.42 13.18
C ALA E 471 -25.11 -33.87 12.05
N ARG E 472 -24.56 -32.91 11.29
CA ARG E 472 -25.34 -32.32 10.20
C ARG E 472 -25.54 -33.30 9.05
N SER E 473 -24.57 -34.17 8.80
CA SER E 473 -24.61 -35.08 7.65
C SER E 473 -25.10 -36.48 8.00
N GLN E 474 -24.74 -37.02 9.17
CA GLN E 474 -25.07 -38.39 9.50
C GLN E 474 -26.22 -38.52 10.50
N ILE E 475 -26.64 -37.44 11.15
CA ILE E 475 -27.70 -37.53 12.15
C ILE E 475 -28.97 -36.86 11.64
N PHE E 476 -28.88 -35.56 11.35
CA PHE E 476 -30.05 -34.80 10.91
C PHE E 476 -30.34 -35.14 9.46
N ILE E 477 -31.07 -36.25 9.28
CA ILE E 477 -31.47 -36.75 7.98
C ILE E 477 -32.98 -36.96 7.99
N TYR E 478 -33.54 -37.21 6.82
CA TYR E 478 -34.99 -37.34 6.69
C TYR E 478 -35.50 -38.53 7.50
N GLY E 479 -36.54 -38.30 8.28
CA GLY E 479 -37.18 -39.37 9.04
C GLY E 479 -36.34 -39.93 10.17
N GLN E 480 -36.09 -39.14 11.20
CA GLN E 480 -35.34 -39.61 12.36
C GLN E 480 -36.21 -39.88 13.57
N GLN E 481 -37.38 -39.25 13.66
CA GLN E 481 -38.38 -39.52 14.70
C GLN E 481 -37.82 -39.32 16.10
N TRP E 482 -37.47 -38.07 16.40
CA TRP E 482 -37.08 -37.72 17.75
C TRP E 482 -38.28 -37.81 18.69
N PRO E 483 -38.11 -38.36 19.88
CA PRO E 483 -39.21 -38.39 20.86
C PRO E 483 -39.55 -36.98 21.35
N VAL E 484 -40.58 -36.92 22.19
CA VAL E 484 -41.04 -35.63 22.71
C VAL E 484 -40.09 -35.18 23.81
N GLY E 485 -39.63 -33.93 23.72
CA GLY E 485 -38.73 -33.37 24.71
C GLY E 485 -37.28 -33.74 24.55
N SER E 486 -36.89 -34.32 23.41
CA SER E 486 -35.50 -34.70 23.21
C SER E 486 -34.68 -33.55 22.66
N LEU E 487 -35.21 -32.85 21.65
CA LEU E 487 -34.51 -31.70 21.10
C LEU E 487 -34.39 -30.58 22.11
N GLU E 488 -35.34 -30.47 23.04
CA GLU E 488 -35.21 -29.49 24.11
C GLU E 488 -34.02 -29.82 25.03
N GLN E 489 -33.88 -31.11 25.38
CA GLN E 489 -32.73 -31.52 26.19
C GLN E 489 -31.42 -31.30 25.45
N ALA E 490 -31.40 -31.60 24.15
CA ALA E 490 -30.20 -31.33 23.36
C ALA E 490 -29.88 -29.85 23.31
N MET E 491 -30.92 -29.01 23.20
CA MET E 491 -30.73 -27.56 23.20
C MET E 491 -30.13 -27.09 24.52
N LEU E 492 -30.66 -27.59 25.63
CA LEU E 492 -30.14 -27.21 26.94
C LEU E 492 -28.69 -27.65 27.11
N ASP E 493 -28.38 -28.89 26.69
CA ASP E 493 -27.01 -29.39 26.83
C ASP E 493 -26.04 -28.63 25.93
N ALA E 494 -26.48 -28.24 24.74
CA ALA E 494 -25.62 -27.44 23.86
C ALA E 494 -25.42 -26.04 24.42
N LEU E 495 -26.46 -25.48 25.05
CA LEU E 495 -26.36 -24.16 25.65
C LEU E 495 -25.40 -24.17 26.83
N VAL E 496 -25.42 -25.23 27.63
CA VAL E 496 -24.53 -25.29 28.80
C VAL E 496 -23.07 -25.39 28.36
N LEU E 497 -22.77 -26.23 27.37
CA LEU E 497 -21.40 -26.54 27.01
C LEU E 497 -20.75 -25.50 26.11
N ASP E 498 -21.48 -24.44 25.73
CA ASP E 498 -20.99 -23.41 24.81
C ASP E 498 -20.61 -24.03 23.46
N ARG E 499 -21.60 -24.62 22.82
CA ARG E 499 -21.47 -25.20 21.48
C ARG E 499 -22.36 -24.38 20.56
N VAL E 500 -21.83 -23.26 20.05
CA VAL E 500 -22.65 -22.32 19.29
C VAL E 500 -23.10 -22.93 17.97
N ASP E 501 -22.23 -23.76 17.35
CA ASP E 501 -22.58 -24.37 16.07
C ASP E 501 -23.77 -25.31 16.22
N PHE E 502 -23.81 -26.09 17.29
CA PHE E 502 -24.94 -26.97 17.52
C PHE E 502 -26.20 -26.18 17.90
N VAL E 503 -26.04 -25.04 18.56
CA VAL E 503 -27.17 -24.16 18.83
C VAL E 503 -27.79 -23.69 17.51
N LYS E 504 -26.94 -23.24 16.60
CA LYS E 504 -27.44 -22.80 15.29
C LYS E 504 -28.09 -23.94 14.52
N LEU E 505 -27.48 -25.13 14.58
CA LEU E 505 -28.02 -26.28 13.86
C LEU E 505 -29.38 -26.69 14.42
N LEU E 506 -29.53 -26.69 15.75
CA LEU E 506 -30.82 -27.02 16.34
C LEU E 506 -31.86 -25.95 16.04
N ILE E 507 -31.47 -24.67 16.05
CA ILE E 507 -32.39 -23.60 15.71
C ILE E 507 -32.88 -23.76 14.27
N GLU E 508 -31.97 -24.12 13.36
CA GLU E 508 -32.37 -24.34 11.97
C GLU E 508 -33.28 -25.56 11.83
N ASN E 509 -33.10 -26.59 12.67
CA ASN E 509 -33.78 -27.86 12.50
C ASN E 509 -35.04 -27.97 13.37
N GLY E 510 -35.69 -26.87 13.68
CA GLY E 510 -37.03 -26.95 14.24
C GLY E 510 -37.29 -26.30 15.58
N VAL E 511 -36.34 -26.38 16.51
CA VAL E 511 -36.59 -25.88 17.86
C VAL E 511 -36.62 -24.34 17.84
N SER E 512 -37.45 -23.78 18.72
CA SER E 512 -37.63 -22.34 18.82
C SER E 512 -37.46 -21.91 20.27
N MET E 513 -36.74 -20.80 20.47
CA MET E 513 -36.45 -20.31 21.81
C MET E 513 -37.67 -19.74 22.51
N HIS E 514 -38.75 -19.43 21.79
CA HIS E 514 -39.92 -18.81 22.42
C HIS E 514 -40.62 -19.77 23.37
N ARG E 515 -40.54 -21.08 23.12
CA ARG E 515 -41.13 -22.07 24.01
C ARG E 515 -40.10 -22.95 24.71
N PHE E 516 -38.86 -23.01 24.21
CA PHE E 516 -37.81 -23.73 24.92
C PHE E 516 -37.47 -23.05 26.24
N LEU E 517 -37.38 -21.73 26.25
CA LEU E 517 -36.88 -21.00 27.41
C LEU E 517 -38.02 -20.75 28.40
N THR E 518 -37.88 -21.29 29.60
CA THR E 518 -38.79 -21.04 30.71
C THR E 518 -38.00 -20.44 31.86
N ILE E 519 -38.68 -20.16 32.97
CA ILE E 519 -38.02 -19.58 34.12
C ILE E 519 -37.07 -20.59 34.76
N SER E 520 -37.54 -21.82 34.95
CA SER E 520 -36.71 -22.85 35.55
C SER E 520 -35.52 -23.20 34.67
N ARG E 521 -35.72 -23.24 33.35
CA ARG E 521 -34.64 -23.57 32.43
C ARG E 521 -33.56 -22.48 32.45
N LEU E 522 -33.97 -21.21 32.47
CA LEU E 522 -32.99 -20.13 32.55
C LEU E 522 -32.27 -20.13 33.89
N GLU E 523 -32.98 -20.40 34.98
CA GLU E 523 -32.34 -20.47 36.28
C GLU E 523 -31.36 -21.63 36.36
N GLU E 524 -31.64 -22.72 35.63
CA GLU E 524 -30.68 -23.82 35.52
C GLU E 524 -29.49 -23.41 34.68
N LEU E 525 -29.72 -22.62 33.62
CA LEU E 525 -28.62 -22.11 32.81
C LEU E 525 -27.70 -21.21 33.60
N TYR E 526 -28.23 -20.50 34.60
CA TYR E 526 -27.40 -19.62 35.42
C TYR E 526 -26.60 -20.36 36.48
N ASN E 527 -26.78 -21.67 36.63
CA ASN E 527 -26.12 -22.46 37.67
C ASN E 527 -25.39 -23.64 37.05
N THR E 528 -24.60 -23.38 36.01
CA THR E 528 -23.83 -24.41 35.34
C THR E 528 -22.37 -24.32 35.75
N ARG E 529 -21.70 -25.48 35.70
CA ARG E 529 -20.27 -25.56 35.99
C ARG E 529 -19.43 -25.88 34.77
N HIS E 530 -20.05 -26.11 33.62
CA HIS E 530 -19.31 -26.37 32.40
C HIS E 530 -18.86 -25.05 31.76
N GLY E 531 -18.21 -25.16 30.61
CA GLY E 531 -17.80 -24.00 29.86
C GLY E 531 -16.65 -23.25 30.49
N PRO E 532 -16.30 -22.11 29.92
CA PRO E 532 -15.20 -21.30 30.46
C PRO E 532 -15.57 -20.65 31.79
N SER E 533 -14.54 -20.22 32.50
CA SER E 533 -14.73 -19.59 33.80
C SER E 533 -15.35 -18.21 33.65
N ASN E 534 -15.92 -17.70 34.75
CA ASN E 534 -16.58 -16.41 34.76
C ASN E 534 -16.44 -15.80 36.14
N THR E 535 -16.82 -14.52 36.25
CA THR E 535 -16.72 -13.76 37.48
C THR E 535 -18.10 -13.46 38.08
N LEU E 536 -19.10 -14.27 37.74
CA LEU E 536 -20.47 -14.00 38.19
C LEU E 536 -20.61 -14.23 39.69
N TYR E 537 -19.93 -15.24 40.23
CA TYR E 537 -20.07 -15.55 41.65
C TYR E 537 -19.51 -14.44 42.52
N HIS E 538 -18.41 -13.82 42.09
CA HIS E 538 -17.88 -12.66 42.82
C HIS E 538 -18.88 -11.51 42.81
N LEU E 539 -19.54 -11.28 41.67
CA LEU E 539 -20.55 -10.24 41.60
C LEU E 539 -21.71 -10.53 42.53
N VAL E 540 -22.14 -11.79 42.60
CA VAL E 540 -23.25 -12.14 43.49
C VAL E 540 -22.86 -11.99 44.94
N ARG E 541 -21.65 -12.42 45.31
CA ARG E 541 -21.20 -12.28 46.68
C ARG E 541 -20.88 -10.85 47.05
N ASP E 542 -20.71 -9.96 46.06
CA ASP E 542 -20.48 -8.56 46.36
C ASP E 542 -21.79 -7.76 46.44
N VAL E 543 -22.77 -8.10 45.61
CA VAL E 543 -24.05 -7.40 45.65
C VAL E 543 -24.82 -7.76 46.92
N LYS E 544 -24.85 -9.05 47.26
CA LYS E 544 -25.57 -9.53 48.44
C LYS E 544 -24.69 -9.55 49.68
N LYS E 545 -23.55 -8.87 49.65
CA LYS E 545 -22.59 -8.80 50.74
C LYS E 545 -22.06 -10.17 51.14
N GLY E 546 -21.33 -10.24 52.24
CA GLY E 546 -20.71 -11.48 52.66
C GLY E 546 -21.65 -12.40 53.41
N ASN E 547 -21.05 -13.38 54.09
CA ASN E 547 -21.76 -14.36 54.91
C ASN E 547 -22.78 -15.16 54.09
N LEU E 548 -22.45 -15.42 52.81
CA LEU E 548 -23.34 -16.27 52.04
C LEU E 548 -22.99 -17.73 52.26
N PRO E 549 -23.96 -18.64 52.18
CA PRO E 549 -23.68 -20.05 52.39
C PRO E 549 -22.76 -20.57 51.31
N PRO E 550 -21.89 -21.54 51.64
CA PRO E 550 -21.03 -22.14 50.61
C PRO E 550 -21.80 -22.82 49.49
N ASP E 551 -22.96 -23.40 49.81
CA ASP E 551 -23.82 -24.05 48.82
C ASP E 551 -25.00 -23.10 48.57
N TYR E 552 -24.82 -22.21 47.60
CA TYR E 552 -25.82 -21.20 47.28
C TYR E 552 -26.25 -21.36 45.83
N ARG E 553 -27.57 -21.39 45.61
CA ARG E 553 -28.14 -21.44 44.27
C ARG E 553 -28.53 -20.03 43.84
N ILE E 554 -28.10 -19.65 42.64
CA ILE E 554 -28.34 -18.30 42.14
C ILE E 554 -29.75 -18.22 41.56
N SER E 555 -30.55 -17.30 42.09
CA SER E 555 -31.91 -17.07 41.62
C SER E 555 -31.93 -15.86 40.69
N LEU E 556 -33.03 -15.73 39.95
CA LEU E 556 -33.17 -14.62 39.01
C LEU E 556 -33.30 -13.27 39.70
N ILE E 557 -33.74 -13.24 40.96
CA ILE E 557 -33.76 -11.99 41.69
C ILE E 557 -32.34 -11.50 41.95
N ASP E 558 -31.42 -12.43 42.22
CA ASP E 558 -30.01 -12.08 42.34
C ASP E 558 -29.47 -11.54 41.03
N ILE E 559 -29.90 -12.12 39.90
CA ILE E 559 -29.48 -11.62 38.60
C ILE E 559 -30.01 -10.20 38.37
N GLY E 560 -31.26 -9.95 38.76
CA GLY E 560 -31.80 -8.61 38.66
C GLY E 560 -31.02 -7.62 39.50
N LEU E 561 -30.67 -8.00 40.73
CA LEU E 561 -29.90 -7.11 41.61
C LEU E 561 -28.52 -6.83 41.05
N VAL E 562 -27.85 -7.86 40.51
CA VAL E 562 -26.51 -7.63 39.98
C VAL E 562 -26.56 -6.82 38.69
N ILE E 563 -27.61 -6.96 37.89
CA ILE E 563 -27.76 -6.11 36.71
C ILE E 563 -27.98 -4.66 37.13
N GLU E 564 -28.81 -4.44 38.16
CA GLU E 564 -29.04 -3.08 38.64
C GLU E 564 -27.76 -2.47 39.21
N TYR E 565 -26.93 -3.28 39.87
CA TYR E 565 -25.67 -2.77 40.39
C TYR E 565 -24.68 -2.49 39.27
N LEU E 566 -24.70 -3.30 38.20
CA LEU E 566 -23.75 -3.12 37.11
C LEU E 566 -24.10 -1.92 36.24
N MET E 567 -25.38 -1.73 35.94
CA MET E 567 -25.77 -0.68 35.00
C MET E 567 -25.58 0.70 35.59
N GLY E 568 -26.29 1.01 36.67
CA GLY E 568 -26.17 2.31 37.28
C GLY E 568 -27.25 2.53 38.32
N GLY E 569 -27.26 3.75 38.85
CA GLY E 569 -28.21 4.07 39.90
C GLY E 569 -29.66 4.07 39.43
N ALA E 570 -29.92 4.67 38.27
CA ALA E 570 -31.29 4.84 37.79
C ALA E 570 -31.87 3.59 37.16
N TYR E 571 -31.05 2.62 36.78
CA TYR E 571 -31.55 1.44 36.08
C TYR E 571 -32.31 0.53 37.03
N ARG E 572 -33.34 -0.13 36.48
CA ARG E 572 -34.19 -1.04 37.24
C ARG E 572 -34.46 -2.27 36.39
N CYS E 573 -33.88 -3.40 36.76
CA CYS E 573 -34.01 -4.61 35.98
C CYS E 573 -35.44 -5.14 36.05
N ASN E 574 -35.81 -5.93 35.03
CA ASN E 574 -37.18 -6.41 34.93
C ASN E 574 -37.47 -7.52 35.93
N TYR E 575 -36.44 -8.21 36.45
CA TYR E 575 -36.68 -9.29 37.39
C TYR E 575 -37.05 -8.78 38.77
N THR E 576 -36.58 -7.59 39.13
CA THR E 576 -36.78 -7.08 40.48
C THR E 576 -38.07 -6.28 40.64
N ARG E 577 -38.87 -6.16 39.59
CA ARG E 577 -40.17 -5.52 39.72
C ARG E 577 -41.10 -6.37 40.57
N LYS E 578 -42.10 -5.71 41.17
CA LYS E 578 -43.01 -6.41 42.08
C LYS E 578 -43.81 -7.48 41.35
N ARG E 579 -44.20 -7.21 40.10
CA ARG E 579 -44.97 -8.18 39.34
C ARG E 579 -44.18 -9.48 39.13
N PHE E 580 -42.92 -9.36 38.74
CA PHE E 580 -42.12 -10.56 38.53
C PHE E 580 -41.78 -11.24 39.85
N ARG E 581 -41.66 -10.48 40.94
CA ARG E 581 -41.46 -11.10 42.25
C ARG E 581 -42.68 -11.94 42.64
N THR E 582 -43.89 -11.41 42.41
CA THR E 582 -45.08 -12.19 42.72
C THR E 582 -45.21 -13.40 41.79
N LEU E 583 -44.84 -13.25 40.52
CA LEU E 583 -44.88 -14.37 39.59
C LEU E 583 -43.89 -15.46 39.99
N TYR E 584 -42.69 -15.06 40.42
CA TYR E 584 -41.65 -16.00 40.81
C TYR E 584 -41.89 -16.61 42.19
N HIS E 585 -42.72 -15.97 43.02
CA HIS E 585 -42.97 -16.49 44.36
C HIS E 585 -43.64 -17.86 44.33
N ASN E 586 -44.62 -18.03 43.46
CA ASN E 586 -45.31 -19.31 43.32
C ASN E 586 -44.57 -20.22 42.34
N LEU E 587 -43.34 -20.54 42.71
CA LEU E 587 -42.47 -21.41 41.90
C LEU E 587 -41.35 -21.97 42.75
N ASN E 631 -43.78 -19.18 33.84
CA ASN E 631 -44.41 -19.07 32.53
C ASN E 631 -43.34 -19.03 31.44
N HIS E 632 -43.52 -18.15 30.46
CA HIS E 632 -42.58 -17.98 29.35
C HIS E 632 -42.08 -16.54 29.33
N PHE E 633 -41.31 -16.21 28.29
CA PHE E 633 -40.75 -14.89 28.09
C PHE E 633 -41.20 -14.34 26.75
N PRO E 634 -41.66 -13.08 26.70
CA PRO E 634 -42.06 -12.51 25.40
C PRO E 634 -40.89 -12.36 24.44
N PHE E 635 -39.77 -11.84 24.91
CA PHE E 635 -38.54 -11.76 24.11
C PHE E 635 -37.49 -12.65 24.75
N PRO E 636 -37.27 -13.86 24.27
CA PRO E 636 -36.33 -14.77 24.94
C PRO E 636 -34.89 -14.41 24.68
N PHE E 637 -34.62 -13.83 23.51
CA PHE E 637 -33.25 -13.53 23.14
C PHE E 637 -32.66 -12.39 23.95
N HIS E 638 -33.49 -11.51 24.51
CA HIS E 638 -32.98 -10.52 25.47
C HIS E 638 -32.37 -11.22 26.67
N GLU E 639 -33.12 -12.15 27.26
CA GLU E 639 -32.62 -12.90 28.42
C GLU E 639 -31.40 -13.73 28.06
N LEU E 640 -31.42 -14.38 26.89
CA LEU E 640 -30.28 -15.21 26.50
C LEU E 640 -29.03 -14.38 26.25
N MET E 641 -29.17 -13.20 25.64
CA MET E 641 -28.01 -12.36 25.39
C MET E 641 -27.45 -11.78 26.68
N VAL E 642 -28.33 -11.39 27.61
CA VAL E 642 -27.84 -10.90 28.90
C VAL E 642 -27.14 -12.02 29.66
N TRP E 643 -27.67 -13.24 29.57
CA TRP E 643 -27.01 -14.38 30.19
C TRP E 643 -25.64 -14.63 29.58
N ALA E 644 -25.54 -14.56 28.25
CA ALA E 644 -24.25 -14.79 27.60
C ALA E 644 -23.24 -13.70 27.96
N VAL E 645 -23.70 -12.46 28.05
CA VAL E 645 -22.80 -11.36 28.41
C VAL E 645 -22.31 -11.53 29.85
N LEU E 646 -23.23 -11.87 30.77
CA LEU E 646 -22.83 -12.01 32.17
C LEU E 646 -21.92 -13.21 32.39
N MET E 647 -22.14 -14.30 31.65
CA MET E 647 -21.31 -15.49 31.79
C MET E 647 -20.01 -15.41 31.00
N LYS E 648 -19.75 -14.28 30.34
CA LYS E 648 -18.51 -14.03 29.59
C LYS E 648 -18.32 -15.08 28.49
N ARG E 649 -19.30 -15.13 27.58
CA ARG E 649 -19.24 -15.97 26.40
C ARG E 649 -19.46 -15.06 25.20
N GLN E 650 -18.37 -14.70 24.51
CA GLN E 650 -18.46 -13.69 23.47
C GLN E 650 -19.14 -14.23 22.21
N LYS E 651 -18.79 -15.45 21.79
CA LYS E 651 -19.37 -16.00 20.58
C LYS E 651 -20.87 -16.22 20.72
N MET E 652 -21.30 -16.73 21.88
CA MET E 652 -22.72 -16.95 22.11
C MET E 652 -23.48 -15.63 22.15
N ALA E 653 -22.88 -14.60 22.76
CA ALA E 653 -23.53 -13.29 22.80
C ALA E 653 -23.64 -12.67 21.42
N LEU E 654 -22.58 -12.80 20.61
CA LEU E 654 -22.63 -12.27 19.25
C LEU E 654 -23.62 -13.03 18.39
N PHE E 655 -23.83 -14.32 18.67
CA PHE E 655 -24.86 -15.05 17.94
C PHE E 655 -26.26 -14.62 18.38
N PHE E 656 -26.48 -14.46 19.68
CA PHE E 656 -27.79 -14.05 20.17
C PHE E 656 -28.13 -12.60 19.85
N TRP E 657 -27.12 -11.78 19.56
CA TRP E 657 -27.38 -10.36 19.31
C TRP E 657 -28.14 -10.15 18.01
N GLN E 658 -27.84 -10.95 16.98
CA GLN E 658 -28.44 -10.73 15.68
C GLN E 658 -29.80 -11.38 15.53
N HIS E 659 -30.35 -11.97 16.59
CA HIS E 659 -31.69 -12.52 16.59
C HIS E 659 -32.57 -11.70 17.51
N GLY E 660 -33.87 -11.67 17.23
CA GLY E 660 -34.79 -10.90 18.02
C GLY E 660 -34.78 -9.43 17.67
N GLU E 661 -35.58 -8.66 18.42
CA GLU E 661 -35.74 -7.24 18.19
C GLU E 661 -34.82 -6.43 19.09
N GLU E 662 -34.78 -5.12 18.83
CA GLU E 662 -34.01 -4.15 19.61
C GLU E 662 -32.52 -4.52 19.63
N ALA E 663 -31.91 -4.52 18.45
CA ALA E 663 -30.50 -4.89 18.34
C ALA E 663 -29.59 -3.80 18.89
N MET E 664 -29.89 -2.54 18.61
CA MET E 664 -29.02 -1.44 19.03
C MET E 664 -29.03 -1.28 20.54
N ALA E 665 -30.22 -1.35 21.15
CA ALA E 665 -30.31 -1.28 22.60
C ALA E 665 -29.57 -2.44 23.25
N LYS E 666 -29.69 -3.65 22.68
CA LYS E 666 -28.98 -4.79 23.20
C LYS E 666 -27.47 -4.59 23.12
N ALA E 667 -26.99 -4.05 21.99
CA ALA E 667 -25.55 -3.81 21.86
C ALA E 667 -25.05 -2.79 22.86
N LEU E 668 -25.79 -1.70 23.06
CA LEU E 668 -25.35 -0.68 24.01
C LEU E 668 -25.38 -1.19 25.45
N VAL E 669 -26.43 -1.95 25.81
CA VAL E 669 -26.51 -2.52 27.15
C VAL E 669 -25.38 -3.52 27.38
N ALA E 670 -25.06 -4.33 26.36
CA ALA E 670 -23.96 -5.27 26.49
C ALA E 670 -22.63 -4.55 26.64
N CYS E 671 -22.43 -3.45 25.91
CA CYS E 671 -21.22 -2.67 26.04
C CYS E 671 -21.08 -2.11 27.45
N LYS E 672 -22.16 -1.55 27.99
CA LYS E 672 -22.11 -1.01 29.34
C LYS E 672 -21.83 -2.10 30.37
N LEU E 673 -22.48 -3.26 30.21
CA LEU E 673 -22.27 -4.36 31.15
C LEU E 673 -20.84 -4.86 31.10
N CYS E 674 -20.27 -5.00 29.90
CA CYS E 674 -18.89 -5.46 29.79
C CYS E 674 -17.92 -4.45 30.39
N LYS E 675 -18.16 -3.16 30.16
CA LYS E 675 -17.30 -2.14 30.75
C LYS E 675 -17.37 -2.18 32.28
N ALA E 676 -18.57 -2.31 32.83
CA ALA E 676 -18.73 -2.36 34.28
C ALA E 676 -18.06 -3.60 34.87
N MET E 677 -18.22 -4.75 34.21
CA MET E 677 -17.56 -5.97 34.68
C MET E 677 -16.04 -5.85 34.63
N ALA E 678 -15.52 -5.24 33.57
CA ALA E 678 -14.08 -5.03 33.47
C ALA E 678 -13.56 -4.13 34.58
N HIS E 679 -14.27 -3.03 34.84
CA HIS E 679 -13.86 -2.13 35.91
C HIS E 679 -13.91 -2.81 37.27
N GLU E 680 -14.97 -3.58 37.53
CA GLU E 680 -15.10 -4.26 38.82
C GLU E 680 -14.03 -5.34 38.98
N ALA E 681 -13.72 -6.06 37.90
CA ALA E 681 -12.67 -7.09 37.99
C ALA E 681 -11.31 -6.48 38.20
N SER E 682 -11.03 -5.34 37.55
CA SER E 682 -9.78 -4.64 37.79
C SER E 682 -9.69 -4.13 39.23
N GLU E 683 -10.81 -3.64 39.75
CA GLU E 683 -10.83 -3.15 41.13
C GLU E 683 -10.61 -4.28 42.13
N ASN E 684 -11.17 -5.47 41.86
CA ASN E 684 -11.11 -6.59 42.78
C ASN E 684 -9.82 -7.40 42.65
N ASP E 685 -8.78 -6.81 42.06
CA ASP E 685 -7.43 -7.38 41.90
C ASP E 685 -7.47 -8.86 41.49
N MET E 686 -8.09 -9.11 40.35
CA MET E 686 -8.12 -10.43 39.75
C MET E 686 -7.02 -10.53 38.69
N VAL E 687 -7.04 -11.62 37.92
CA VAL E 687 -6.04 -11.81 36.87
C VAL E 687 -6.24 -10.77 35.77
N ASP E 688 -5.13 -10.22 35.28
CA ASP E 688 -5.17 -9.13 34.31
C ASP E 688 -5.79 -9.55 32.99
N ASP E 689 -5.82 -10.85 32.68
CA ASP E 689 -6.38 -11.30 31.42
C ASP E 689 -7.89 -11.04 31.34
N ILE E 690 -8.59 -11.25 32.46
CA ILE E 690 -10.05 -11.12 32.45
C ILE E 690 -10.47 -9.68 32.16
N SER E 691 -9.82 -8.71 32.78
CA SER E 691 -10.18 -7.32 32.56
C SER E 691 -9.95 -6.89 31.12
N GLN E 692 -8.83 -7.30 30.53
CA GLN E 692 -8.55 -6.95 29.13
C GLN E 692 -9.54 -7.64 28.19
N GLU E 693 -9.89 -8.89 28.48
CA GLU E 693 -10.89 -9.58 27.66
C GLU E 693 -12.23 -8.88 27.71
N LEU E 694 -12.65 -8.46 28.91
CA LEU E 694 -13.93 -7.76 29.04
C LEU E 694 -13.90 -6.40 28.35
N ASN E 695 -12.76 -5.70 28.44
CA ASN E 695 -12.64 -4.43 27.72
C ASN E 695 -12.72 -4.63 26.21
N HIS E 696 -12.11 -5.70 25.70
CA HIS E 696 -12.20 -5.99 24.27
C HIS E 696 -13.64 -6.31 23.87
N ASN E 697 -14.35 -7.05 24.72
CA ASN E 697 -15.76 -7.34 24.44
C ASN E 697 -16.59 -6.04 24.40
N SER E 698 -16.34 -5.14 25.35
CA SER E 698 -17.04 -3.87 25.37
C SER E 698 -16.76 -3.05 24.11
N ARG E 699 -15.49 -3.01 23.69
CA ARG E 699 -15.14 -2.28 22.47
C ARG E 699 -15.81 -2.89 21.24
N ASP E 700 -15.86 -4.22 21.17
CA ASP E 700 -16.52 -4.88 20.05
C ASP E 700 -18.01 -4.55 20.00
N PHE E 701 -18.68 -4.60 21.15
CA PHE E 701 -20.11 -4.30 21.16
C PHE E 701 -20.37 -2.84 20.81
N GLY E 702 -19.53 -1.92 21.30
CA GLY E 702 -19.68 -0.53 20.93
C GLY E 702 -19.50 -0.31 19.43
N GLN E 703 -18.50 -0.98 18.84
CA GLN E 703 -18.30 -0.86 17.40
C GLN E 703 -19.49 -1.40 16.63
N LEU E 704 -20.07 -2.52 17.10
CA LEU E 704 -21.27 -3.04 16.45
C LEU E 704 -22.41 -2.04 16.51
N ALA E 705 -22.61 -1.41 17.67
CA ALA E 705 -23.68 -0.42 17.80
C ALA E 705 -23.47 0.76 16.86
N VAL E 706 -22.22 1.23 16.76
CA VAL E 706 -21.92 2.37 15.89
C VAL E 706 -22.17 2.01 14.44
N GLU E 707 -21.73 0.82 14.01
CA GLU E 707 -21.93 0.41 12.63
C GLU E 707 -23.42 0.24 12.30
N LEU E 708 -24.19 -0.32 13.24
CA LEU E 708 -25.62 -0.46 13.01
C LEU E 708 -26.30 0.90 12.89
N LEU E 709 -25.91 1.84 13.75
CA LEU E 709 -26.46 3.20 13.64
C LEU E 709 -26.10 3.84 12.31
N ASP E 710 -24.86 3.64 11.86
CA ASP E 710 -24.44 4.22 10.59
C ASP E 710 -25.24 3.64 9.43
N GLN E 711 -25.45 2.32 9.42
CA GLN E 711 -26.26 1.71 8.37
C GLN E 711 -27.69 2.22 8.40
N SER E 712 -28.28 2.32 9.60
CA SER E 712 -29.65 2.78 9.73
C SER E 712 -29.81 4.22 9.24
N TYR E 713 -28.87 5.09 9.60
CA TYR E 713 -28.94 6.47 9.13
C TYR E 713 -28.67 6.57 7.64
N LYS E 714 -27.84 5.68 7.09
CA LYS E 714 -27.61 5.66 5.65
C LYS E 714 -28.87 5.28 4.89
N GLN E 715 -29.64 4.33 5.42
CA GLN E 715 -30.83 3.89 4.69
C GLN E 715 -31.93 4.94 4.74
N ASP E 716 -32.42 5.26 5.93
CA ASP E 716 -33.46 6.26 6.09
C ASP E 716 -33.19 7.07 7.35
N GLU E 717 -33.44 8.38 7.27
CA GLU E 717 -33.01 9.30 8.32
C GLU E 717 -34.08 9.54 9.37
N GLN E 718 -35.34 9.71 8.94
CA GLN E 718 -36.42 9.95 9.90
C GLN E 718 -36.63 8.74 10.79
N LEU E 719 -36.61 7.54 10.21
CA LEU E 719 -36.70 6.33 11.02
C LEU E 719 -35.49 6.17 11.93
N ALA E 720 -34.30 6.60 11.48
CA ALA E 720 -33.12 6.54 12.32
C ALA E 720 -33.25 7.46 13.52
N MET E 721 -33.79 8.66 13.32
CA MET E 721 -34.01 9.57 14.44
C MET E 721 -35.10 9.04 15.37
N LYS E 722 -36.15 8.43 14.81
CA LYS E 722 -37.19 7.85 15.64
C LYS E 722 -36.69 6.64 16.43
N LEU E 723 -35.67 5.96 15.92
CA LEU E 723 -35.14 4.78 16.59
C LEU E 723 -34.32 5.14 17.82
N LEU E 724 -33.69 6.31 17.81
CA LEU E 724 -32.83 6.74 18.92
C LEU E 724 -33.60 7.35 20.08
N THR E 725 -34.86 7.71 19.90
CA THR E 725 -35.58 8.48 20.90
C THR E 725 -36.76 7.75 21.54
N TYR E 726 -37.23 6.64 20.97
CA TYR E 726 -38.44 6.03 21.48
C TYR E 726 -38.17 5.27 22.77
N GLU E 727 -39.16 5.26 23.65
CA GLU E 727 -39.02 4.64 24.96
C GLU E 727 -38.92 3.12 24.84
N LEU E 728 -38.02 2.55 25.63
CA LEU E 728 -37.77 1.11 25.63
C LEU E 728 -38.39 0.51 26.88
N LYS E 729 -39.49 -0.22 26.70
CA LYS E 729 -40.20 -0.80 27.84
C LYS E 729 -39.38 -1.87 28.54
N ASN E 730 -38.61 -2.64 27.78
CA ASN E 730 -37.88 -3.77 28.33
C ASN E 730 -36.64 -3.37 29.12
N TRP E 731 -36.11 -2.17 28.90
CA TRP E 731 -34.86 -1.74 29.51
C TRP E 731 -35.07 -0.56 30.46
N SER E 732 -36.12 -0.64 31.27
CA SER E 732 -36.40 0.32 32.35
C SER E 732 -36.64 1.73 31.82
N ASN E 733 -37.27 1.83 30.65
CA ASN E 733 -37.73 3.09 30.07
C ASN E 733 -36.58 4.08 29.89
N ALA E 734 -35.63 3.70 29.04
CA ALA E 734 -34.49 4.55 28.70
C ALA E 734 -34.22 4.44 27.21
N THR E 735 -34.10 5.59 26.55
CA THR E 735 -33.87 5.62 25.11
C THR E 735 -32.44 5.21 24.80
N CYS E 736 -32.17 5.05 23.49
CA CYS E 736 -30.83 4.65 23.07
C CYS E 736 -29.79 5.73 23.34
N LEU E 737 -30.19 7.00 23.28
CA LEU E 737 -29.27 8.08 23.59
C LEU E 737 -28.81 8.02 25.05
N GLN E 738 -29.74 7.75 25.97
CA GLN E 738 -29.37 7.67 27.38
C GLN E 738 -28.47 6.48 27.65
N LEU E 739 -28.73 5.35 26.99
CA LEU E 739 -27.86 4.19 27.13
C LEU E 739 -26.47 4.47 26.59
N ALA E 740 -26.39 5.17 25.46
CA ALA E 740 -25.09 5.52 24.89
C ALA E 740 -24.32 6.49 25.79
N VAL E 741 -25.02 7.47 26.36
CA VAL E 741 -24.35 8.43 27.25
C VAL E 741 -23.90 7.74 28.53
N ALA E 742 -24.73 6.85 29.07
CA ALA E 742 -24.35 6.15 30.30
C ALA E 742 -23.15 5.25 30.09
N ALA E 743 -22.95 4.76 28.87
CA ALA E 743 -21.81 3.91 28.55
C ALA E 743 -20.57 4.71 28.20
N LYS E 744 -20.65 6.04 28.23
CA LYS E 744 -19.53 6.93 27.86
C LYS E 744 -18.99 6.59 26.47
N HIS E 745 -19.92 6.41 25.53
CA HIS E 745 -19.57 6.03 24.16
C HIS E 745 -19.49 7.31 23.34
N ARG E 746 -18.27 7.79 23.12
CA ARG E 746 -18.08 9.06 22.42
C ARG E 746 -18.34 8.94 20.92
N ASP E 747 -18.00 7.81 20.31
CA ASP E 747 -18.17 7.67 18.87
C ASP E 747 -19.64 7.57 18.46
N PHE E 748 -20.54 7.28 19.40
CA PHE E 748 -21.95 7.19 19.10
C PHE E 748 -22.62 8.57 19.15
N ILE E 749 -22.35 9.33 20.21
CA ILE E 749 -22.94 10.66 20.33
C ILE E 749 -22.35 11.61 19.31
N ALA E 750 -21.11 11.38 18.89
CA ALA E 750 -20.47 12.25 17.90
C ALA E 750 -20.86 11.90 16.47
N HIS E 751 -21.70 10.90 16.27
CA HIS E 751 -22.15 10.56 14.93
C HIS E 751 -23.07 11.66 14.39
N THR E 752 -23.23 11.68 13.07
CA THR E 752 -23.99 12.75 12.43
C THR E 752 -25.46 12.71 12.83
N CYS E 753 -26.05 11.52 12.88
CA CYS E 753 -27.46 11.41 13.26
C CYS E 753 -27.68 11.87 14.69
N SER E 754 -26.80 11.48 15.61
CA SER E 754 -26.92 11.92 16.99
C SER E 754 -26.76 13.43 17.11
N GLN E 755 -25.84 14.02 16.34
CA GLN E 755 -25.66 15.46 16.38
C GLN E 755 -26.87 16.20 15.85
N MET E 756 -27.48 15.70 14.77
CA MET E 756 -28.69 16.33 14.25
C MET E 756 -29.85 16.19 15.21
N LEU E 757 -29.96 15.03 15.87
CA LEU E 757 -30.99 14.85 16.90
C LEU E 757 -30.78 15.81 18.06
N LEU E 758 -29.53 15.99 18.49
CA LEU E 758 -29.22 16.93 19.56
C LEU E 758 -29.56 18.36 19.15
N THR E 759 -29.26 18.72 17.90
CA THR E 759 -29.63 20.05 17.40
C THR E 759 -31.13 20.25 17.40
N ASP E 760 -31.89 19.22 17.00
CA ASP E 760 -33.34 19.31 17.02
C ASP E 760 -33.88 19.46 18.44
N MET E 761 -33.29 18.75 19.40
CA MET E 761 -33.70 18.91 20.78
C MET E 761 -33.31 20.27 21.33
N TRP E 762 -32.17 20.81 20.91
CA TRP E 762 -31.70 22.09 21.40
C TRP E 762 -32.50 23.25 20.84
N MET E 763 -32.94 23.16 19.60
CA MET E 763 -33.68 24.26 18.99
C MET E 763 -35.06 24.45 19.63
N GLY E 764 -35.61 23.42 20.24
CA GLY E 764 -36.91 23.54 20.88
C GLY E 764 -38.02 23.20 19.90
N ARG E 765 -39.02 24.07 19.81
CA ARG E 765 -40.15 23.88 18.91
C ARG E 765 -40.20 24.96 17.83
N LEU E 766 -39.07 25.64 17.60
CA LEU E 766 -38.96 26.64 16.55
C LEU E 766 -38.33 26.00 15.32
N ARG E 767 -38.92 26.26 14.16
CA ARG E 767 -38.47 25.62 12.93
C ARG E 767 -37.47 26.47 12.15
N MET E 768 -37.05 27.61 12.69
CA MET E 768 -36.04 28.42 12.00
C MET E 768 -34.67 27.76 12.13
N ARG E 769 -34.00 27.60 10.99
CA ARG E 769 -32.70 26.93 10.96
C ARG E 769 -31.64 27.65 10.13
N LYS E 770 -31.99 28.73 9.43
CA LYS E 770 -31.02 29.39 8.55
C LYS E 770 -30.03 30.22 9.36
N ASN E 771 -30.52 31.24 10.06
CA ASN E 771 -29.67 32.10 10.88
C ASN E 771 -30.42 32.38 12.18
N SER E 772 -30.21 31.53 13.18
CA SER E 772 -30.84 31.67 14.48
C SER E 772 -29.95 32.51 15.39
N GLY E 773 -30.29 32.57 16.67
CA GLY E 773 -29.53 33.36 17.62
C GLY E 773 -29.93 34.82 17.65
N LEU E 774 -29.75 35.51 16.51
CA LEU E 774 -30.14 36.91 16.43
C LEU E 774 -31.64 37.08 16.60
N LYS E 775 -32.42 36.20 15.96
CA LYS E 775 -33.87 36.24 16.12
C LYS E 775 -34.28 35.92 17.55
N VAL E 776 -33.53 35.07 18.24
CA VAL E 776 -33.85 34.77 19.65
C VAL E 776 -33.64 36.00 20.51
N ILE E 777 -32.55 36.74 20.29
CA ILE E 777 -32.30 37.97 21.04
C ILE E 777 -33.36 39.02 20.71
N LEU E 778 -33.74 39.11 19.44
CA LEU E 778 -34.79 40.06 19.05
C LEU E 778 -36.11 39.72 19.73
N GLY E 779 -36.48 38.44 19.75
CA GLY E 779 -37.73 38.04 20.39
C GLY E 779 -37.68 38.14 21.90
N ILE E 780 -36.49 38.07 22.49
CA ILE E 780 -36.38 38.20 23.94
C ILE E 780 -36.25 39.65 24.37
N LEU E 781 -35.93 40.55 23.43
CA LEU E 781 -35.94 41.98 23.71
C LEU E 781 -37.16 42.69 23.13
N LEU E 782 -37.81 42.09 22.14
CA LEU E 782 -39.04 42.64 21.55
C LEU E 782 -40.10 41.54 21.59
N PRO E 783 -40.83 41.42 22.68
CA PRO E 783 -41.87 40.38 22.81
C PRO E 783 -42.94 40.45 21.72
N PRO E 784 -43.29 41.64 21.18
CA PRO E 784 -44.16 41.63 19.99
C PRO E 784 -43.58 40.88 18.80
N SER E 785 -42.26 40.80 18.67
CA SER E 785 -41.65 40.12 17.54
C SER E 785 -41.70 38.60 17.66
N ILE E 786 -42.14 38.06 18.80
CA ILE E 786 -42.21 36.62 18.97
C ILE E 786 -43.24 36.01 18.02
N LEU E 787 -44.38 36.68 17.84
CA LEU E 787 -45.44 36.14 17.00
C LEU E 787 -45.17 36.42 15.52
N SER E 788 -43.95 36.10 15.08
CA SER E 788 -43.60 36.15 13.66
C SER E 788 -42.70 35.01 13.24
N LEU E 789 -42.40 34.07 14.14
CA LEU E 789 -41.51 32.96 13.87
C LEU E 789 -42.30 31.68 13.61
N GLU E 790 -41.79 30.87 12.69
CA GLU E 790 -42.45 29.61 12.37
C GLU E 790 -42.31 28.61 13.51
N PHE E 791 -43.36 27.84 13.74
CA PHE E 791 -43.39 26.84 14.80
C PHE E 791 -43.77 25.49 14.22
N LYS E 792 -43.21 24.43 14.81
CA LYS E 792 -43.53 23.08 14.39
C LYS E 792 -44.91 22.67 14.91
N ASN E 793 -45.53 21.73 14.20
CA ASN E 793 -46.87 21.29 14.53
C ASN E 793 -46.87 20.31 15.71
N GLY E 860 -50.81 33.65 22.97
CA GLY E 860 -51.44 32.54 23.65
C GLY E 860 -50.46 31.46 24.09
N ARG E 861 -50.52 30.31 23.44
CA ARG E 861 -49.63 29.21 23.75
C ARG E 861 -48.29 29.32 23.04
N LYS E 862 -48.16 30.23 22.07
CA LYS E 862 -46.91 30.39 21.34
C LYS E 862 -45.82 30.95 22.25
N ILE E 863 -46.16 31.86 23.15
CA ILE E 863 -45.19 32.45 24.07
C ILE E 863 -44.63 31.38 25.01
N TYR E 864 -45.50 30.51 25.53
CA TYR E 864 -45.05 29.47 26.45
C TYR E 864 -44.09 28.51 25.77
N GLU E 865 -44.34 28.21 24.48
CA GLU E 865 -43.43 27.33 23.76
C GLU E 865 -42.15 28.05 23.36
N PHE E 866 -42.20 29.37 23.18
CA PHE E 866 -40.99 30.11 22.88
C PHE E 866 -40.07 30.18 24.09
N TYR E 867 -40.61 30.53 25.25
CA TYR E 867 -39.80 30.77 26.43
C TYR E 867 -39.41 29.50 27.18
N ASN E 868 -39.71 28.32 26.63
CA ASN E 868 -39.30 27.07 27.25
C ASN E 868 -38.28 26.30 26.41
N ALA E 869 -38.00 26.76 25.20
CA ALA E 869 -36.91 26.15 24.44
C ALA E 869 -35.58 26.41 25.14
N PRO E 870 -34.69 25.43 25.16
CA PRO E 870 -33.40 25.64 25.83
C PRO E 870 -32.55 26.75 25.25
N ILE E 871 -32.66 27.03 23.94
CA ILE E 871 -31.87 28.08 23.34
C ILE E 871 -32.27 29.44 23.90
N VAL E 872 -33.56 29.67 24.09
CA VAL E 872 -34.03 30.93 24.65
C VAL E 872 -33.58 31.07 26.10
N LYS E 873 -33.63 29.97 26.87
CA LYS E 873 -33.11 30.02 28.23
C LYS E 873 -31.63 30.37 28.25
N PHE E 874 -30.86 29.78 27.33
CA PHE E 874 -29.43 30.07 27.27
C PHE E 874 -29.16 31.53 26.95
N TRP E 875 -29.91 32.09 25.99
CA TRP E 875 -29.67 33.49 25.64
C TRP E 875 -30.12 34.43 26.75
N PHE E 876 -31.22 34.09 27.45
CA PHE E 876 -31.62 34.89 28.61
C PHE E 876 -30.53 34.86 29.67
N TYR E 877 -29.97 33.69 29.94
CA TYR E 877 -28.89 33.57 30.92
C TYR E 877 -27.67 34.38 30.50
N THR E 878 -27.33 34.34 29.21
CA THR E 878 -26.18 35.08 28.71
C THR E 878 -26.37 36.58 28.86
N LEU E 879 -27.55 37.09 28.50
CA LEU E 879 -27.80 38.53 28.64
C LEU E 879 -27.78 38.95 30.10
N ALA E 880 -28.34 38.14 30.99
CA ALA E 880 -28.29 38.46 32.41
C ALA E 880 -26.85 38.48 32.91
N TYR E 881 -26.02 37.54 32.46
CA TYR E 881 -24.62 37.52 32.88
C TYR E 881 -23.87 38.74 32.37
N ILE E 882 -24.16 39.16 31.13
CA ILE E 882 -23.52 40.36 30.59
C ILE E 882 -23.90 41.59 31.41
N GLY E 883 -25.18 41.72 31.75
CA GLY E 883 -25.58 42.84 32.59
C GLY E 883 -24.92 42.82 33.95
N TYR E 884 -24.82 41.63 34.55
CA TYR E 884 -24.16 41.50 35.85
C TYR E 884 -22.69 41.90 35.76
N LEU E 885 -22.00 41.49 34.69
CA LEU E 885 -20.61 41.88 34.51
C LEU E 885 -20.47 43.39 34.38
N MET E 886 -21.38 44.02 33.63
CA MET E 886 -21.33 45.48 33.50
C MET E 886 -21.52 46.16 34.84
N LEU E 887 -22.49 45.70 35.63
CA LEU E 887 -22.71 46.30 36.95
C LEU E 887 -21.51 46.11 37.86
N PHE E 888 -20.90 44.93 37.83
CA PHE E 888 -19.72 44.68 38.66
C PHE E 888 -18.56 45.59 38.26
N ASN E 889 -18.35 45.77 36.95
CA ASN E 889 -17.30 46.68 36.49
C ASN E 889 -17.59 48.11 36.95
N TYR E 890 -18.85 48.54 36.86
CA TYR E 890 -19.20 49.90 37.29
C TYR E 890 -18.93 50.07 38.78
N ILE E 891 -19.31 49.10 39.61
CA ILE E 891 -19.12 49.29 41.04
C ILE E 891 -17.64 49.23 41.43
N VAL E 892 -16.82 48.46 40.71
CA VAL E 892 -15.41 48.44 41.10
C VAL E 892 -14.64 49.63 40.56
N LEU E 893 -15.05 50.21 39.43
CA LEU E 893 -14.28 51.32 38.85
C LEU E 893 -14.49 52.61 39.64
N VAL E 894 -15.74 53.00 39.87
CA VAL E 894 -16.04 54.29 40.49
C VAL E 894 -15.88 54.19 42.00
N LYS E 895 -15.90 55.34 42.67
CA LYS E 895 -15.68 55.39 44.12
C LYS E 895 -16.83 54.74 44.87
N MET E 896 -16.49 53.99 45.92
CA MET E 896 -17.46 53.31 46.77
C MET E 896 -17.60 54.07 48.08
N GLU E 897 -18.85 54.33 48.48
CA GLU E 897 -19.12 55.11 49.67
C GLU E 897 -19.26 54.20 50.88
N ARG E 898 -19.64 54.79 52.02
CA ARG E 898 -19.81 54.02 53.25
C ARG E 898 -20.92 52.98 53.12
N TRP E 899 -22.05 53.37 52.52
CA TRP E 899 -23.14 52.43 52.34
C TRP E 899 -23.33 52.11 50.86
N PRO E 900 -23.69 50.87 50.53
CA PRO E 900 -23.70 50.44 49.13
C PRO E 900 -24.72 51.19 48.28
N SER E 901 -24.39 51.32 47.00
CA SER E 901 -25.29 51.93 46.03
C SER E 901 -26.23 50.87 45.46
N THR E 902 -27.02 51.27 44.46
CA THR E 902 -28.03 50.37 43.90
C THR E 902 -27.40 49.24 43.09
N GLN E 903 -26.41 49.56 42.26
CA GLN E 903 -25.77 48.54 41.44
C GLN E 903 -25.07 47.50 42.29
N GLU E 904 -24.48 47.93 43.41
CA GLU E 904 -23.87 46.97 44.34
C GLU E 904 -24.91 46.05 44.94
N TRP E 905 -26.09 46.58 45.25
CA TRP E 905 -27.18 45.74 45.75
C TRP E 905 -27.61 44.73 44.70
N ILE E 906 -27.69 45.15 43.43
CA ILE E 906 -28.06 44.22 42.35
C ILE E 906 -27.02 43.11 42.23
N VAL E 907 -25.73 43.47 42.31
CA VAL E 907 -24.66 42.47 42.22
C VAL E 907 -24.75 41.48 43.38
N ILE E 908 -24.98 42.00 44.60
CA ILE E 908 -25.08 41.13 45.77
C ILE E 908 -26.28 40.19 45.64
N SER E 909 -27.40 40.70 45.14
CA SER E 909 -28.58 39.86 44.94
C SER E 909 -28.31 38.77 43.90
N TYR E 910 -27.59 39.13 42.83
CA TYR E 910 -27.24 38.13 41.81
C TYR E 910 -26.37 37.02 42.41
N ILE E 911 -25.38 37.40 43.22
CA ILE E 911 -24.51 36.40 43.83
C ILE E 911 -25.31 35.50 44.78
N PHE E 912 -26.17 36.09 45.59
CA PHE E 912 -26.97 35.33 46.54
C PHE E 912 -27.89 34.35 45.82
N THR E 913 -28.57 34.81 44.77
CA THR E 913 -29.48 33.92 44.05
C THR E 913 -28.72 32.85 43.27
N LEU E 914 -27.52 33.16 42.77
CA LEU E 914 -26.71 32.13 42.12
C LEU E 914 -26.29 31.06 43.12
N GLY E 915 -25.91 31.46 44.33
CA GLY E 915 -25.61 30.49 45.37
C GLY E 915 -26.80 29.62 45.72
N ILE E 916 -27.98 30.23 45.81
CA ILE E 916 -29.19 29.47 46.09
C ILE E 916 -29.46 28.47 44.96
N GLU E 917 -29.27 28.88 43.71
CA GLU E 917 -29.46 27.99 42.58
C GLU E 917 -28.47 26.83 42.62
N LYS E 918 -27.22 27.10 43.00
CA LYS E 918 -26.24 26.03 43.13
C LYS E 918 -26.64 25.05 44.22
N MET E 919 -27.16 25.55 45.34
CA MET E 919 -27.63 24.67 46.40
C MET E 919 -28.80 23.81 45.92
N ARG E 920 -29.72 24.40 45.17
CA ARG E 920 -30.85 23.63 44.62
C ARG E 920 -30.36 22.56 43.64
N GLU E 921 -29.36 22.88 42.83
CA GLU E 921 -28.79 21.88 41.93
C GLU E 921 -28.13 20.76 42.72
N ILE E 922 -27.50 21.08 43.85
CA ILE E 922 -26.91 20.06 44.70
C ILE E 922 -28.00 19.13 45.25
N LEU E 923 -29.08 19.71 45.76
CA LEU E 923 -30.07 18.91 46.49
C LEU E 923 -30.86 17.99 45.57
N MET E 924 -31.14 18.42 44.34
CA MET E 924 -31.95 17.63 43.40
C MET E 924 -31.09 16.84 42.42
N SER E 925 -29.93 16.36 42.86
CA SER E 925 -29.04 15.61 41.99
C SER E 925 -29.49 14.15 41.90
N GLU E 926 -28.70 13.33 41.21
CA GLU E 926 -29.03 11.93 40.97
C GLU E 926 -29.04 11.04 42.22
N PRO E 927 -28.01 11.07 43.08
CA PRO E 927 -28.04 10.17 44.24
C PRO E 927 -29.09 10.57 45.26
N GLY E 928 -29.41 9.63 46.14
CA GLY E 928 -30.40 9.82 47.19
C GLY E 928 -29.84 10.20 48.54
N LYS E 929 -28.53 10.24 48.70
CA LYS E 929 -27.90 10.58 49.97
C LYS E 929 -27.38 12.02 49.92
N LEU E 930 -27.63 12.76 51.00
CA LEU E 930 -27.24 14.17 51.05
C LEU E 930 -25.73 14.34 50.96
N LEU E 931 -24.96 13.49 51.65
CA LEU E 931 -23.52 13.60 51.59
C LEU E 931 -22.96 13.07 50.28
N GLN E 932 -23.67 12.14 49.64
CA GLN E 932 -23.18 11.56 48.38
C GLN E 932 -23.37 12.51 47.20
N LYS E 933 -24.43 13.33 47.22
CA LYS E 933 -24.68 14.23 46.10
C LYS E 933 -23.60 15.29 45.98
N VAL E 934 -22.99 15.69 47.10
CA VAL E 934 -21.91 16.67 47.06
C VAL E 934 -20.71 16.11 46.30
N LYS E 935 -20.42 14.82 46.48
CA LYS E 935 -19.29 14.22 45.78
C LYS E 935 -19.53 14.21 44.26
N VAL E 936 -20.75 13.92 43.84
CA VAL E 936 -21.07 13.93 42.41
C VAL E 936 -21.05 15.36 41.86
N TRP E 937 -21.52 16.32 42.66
CA TRP E 937 -21.51 17.71 42.19
C TRP E 937 -20.10 18.26 42.08
N LEU E 938 -19.19 17.84 42.97
CA LEU E 938 -17.79 18.25 42.88
C LEU E 938 -17.00 17.37 41.92
N GLN E 939 -17.52 17.22 40.70
CA GLN E 939 -16.82 16.49 39.65
C GLN E 939 -16.39 17.38 38.49
N GLU E 940 -17.04 18.51 38.28
CA GLU E 940 -16.63 19.50 37.30
C GLU E 940 -15.88 20.63 38.01
N TYR E 941 -14.84 21.14 37.35
CA TYR E 941 -14.02 22.17 37.97
C TYR E 941 -14.75 23.50 38.05
N TRP E 942 -15.71 23.74 37.15
CA TRP E 942 -16.44 25.00 37.19
C TRP E 942 -17.27 25.12 38.46
N ASN E 943 -17.82 23.99 38.95
CA ASN E 943 -18.63 24.04 40.15
C ASN E 943 -17.80 24.40 41.38
N VAL E 944 -16.63 23.76 41.55
CA VAL E 944 -15.80 24.05 42.71
C VAL E 944 -15.22 25.46 42.63
N THR E 945 -14.85 25.91 41.42
CA THR E 945 -14.38 27.28 41.29
C THR E 945 -15.48 28.28 41.60
N ASP E 946 -16.72 28.00 41.18
CA ASP E 946 -17.84 28.86 41.52
C ASP E 946 -18.08 28.91 43.02
N LEU E 947 -17.98 27.76 43.69
CA LEU E 947 -18.17 27.73 45.14
C LEU E 947 -17.09 28.55 45.85
N ILE E 948 -15.83 28.42 45.41
CA ILE E 948 -14.74 29.19 46.01
C ILE E 948 -14.96 30.68 45.79
N ALA E 949 -15.36 31.06 44.57
CA ALA E 949 -15.57 32.47 44.25
C ALA E 949 -16.73 33.04 45.05
N ILE E 950 -17.82 32.29 45.22
CA ILE E 950 -18.96 32.77 45.99
C ILE E 950 -18.57 32.95 47.46
N LEU E 951 -17.83 31.99 48.02
CA LEU E 951 -17.38 32.15 49.41
C LEU E 951 -16.47 33.36 49.57
N LEU E 952 -15.54 33.56 48.62
CA LEU E 952 -14.66 34.70 48.69
C LEU E 952 -15.42 36.02 48.58
N PHE E 953 -16.41 36.07 47.68
CA PHE E 953 -17.22 37.27 47.54
C PHE E 953 -18.04 37.54 48.80
N SER E 954 -18.55 36.48 49.44
CA SER E 954 -19.28 36.66 50.69
C SER E 954 -18.38 37.21 51.78
N VAL E 955 -17.15 36.70 51.87
CA VAL E 955 -16.19 37.21 52.86
C VAL E 955 -15.88 38.68 52.57
N GLY E 956 -15.64 39.02 51.31
CA GLY E 956 -15.34 40.40 50.96
C GLY E 956 -16.50 41.34 51.24
N MET E 957 -17.73 40.88 51.02
CA MET E 957 -18.90 41.70 51.31
C MET E 957 -19.08 41.86 52.81
N ILE E 958 -18.76 40.83 53.59
CA ILE E 958 -18.83 40.95 55.06
C ILE E 958 -17.82 41.98 55.55
N LEU E 959 -16.59 41.92 55.03
CA LEU E 959 -15.58 42.90 55.44
C LEU E 959 -15.85 44.29 54.89
N ARG E 960 -16.75 44.43 53.91
CA ARG E 960 -16.96 45.72 53.27
C ARG E 960 -17.73 46.67 54.17
N LEU E 961 -18.72 46.16 54.91
CA LEU E 961 -19.59 47.00 55.73
C LEU E 961 -18.96 47.21 57.10
N GLN E 962 -17.84 47.93 57.09
CA GLN E 962 -17.05 48.15 58.30
C GLN E 962 -16.35 49.51 58.17
N ASP E 963 -15.32 49.73 58.97
CA ASP E 963 -14.56 50.96 58.93
C ASP E 963 -13.65 50.97 57.70
N GLN E 964 -12.76 51.96 57.63
CA GLN E 964 -11.99 52.20 56.40
C GLN E 964 -11.07 51.05 55.99
N PRO E 965 -10.21 50.49 56.87
CA PRO E 965 -9.29 49.44 56.39
C PRO E 965 -9.99 48.17 55.94
N PHE E 966 -11.02 47.74 56.68
CA PHE E 966 -11.77 46.56 56.25
C PHE E 966 -12.55 46.84 54.98
N ARG E 967 -12.99 48.09 54.78
CA ARG E 967 -13.64 48.45 53.52
C ARG E 967 -12.66 48.35 52.37
N SER E 968 -11.41 48.78 52.58
CA SER E 968 -10.39 48.64 51.53
C SER E 968 -10.12 47.16 51.23
N ASP E 969 -10.05 46.33 52.27
CA ASP E 969 -9.85 44.90 52.05
C ASP E 969 -11.00 44.29 51.26
N GLY E 970 -12.23 44.68 51.59
CA GLY E 970 -13.38 44.22 50.81
C GLY E 970 -13.32 44.65 49.37
N ARG E 971 -12.85 45.88 49.12
CA ARG E 971 -12.71 46.34 47.74
C ARG E 971 -11.68 45.53 46.98
N VAL E 972 -10.56 45.19 47.63
CA VAL E 972 -9.55 44.37 46.98
C VAL E 972 -10.10 42.98 46.65
N ILE E 973 -10.89 42.41 47.56
CA ILE E 973 -11.52 41.12 47.30
C ILE E 973 -12.50 41.25 46.14
N TYR E 974 -13.20 42.39 46.05
CA TYR E 974 -14.06 42.66 44.90
C TYR E 974 -13.27 42.64 43.59
N CYS E 975 -12.07 43.22 43.60
CA CYS E 975 -11.24 43.23 42.39
C CYS E 975 -10.83 41.81 42.00
N VAL E 976 -10.43 40.99 42.97
CA VAL E 976 -10.08 39.60 42.66
C VAL E 976 -11.30 38.86 42.09
N ASN E 977 -12.47 39.09 42.67
CA ASN E 977 -13.67 38.46 42.16
C ASN E 977 -14.00 38.93 40.74
N ILE E 978 -13.78 40.20 40.43
CA ILE E 978 -14.08 40.64 39.07
C ILE E 978 -13.11 40.00 38.08
N ILE E 979 -11.86 39.73 38.51
CA ILE E 979 -10.95 38.95 37.67
C ILE E 979 -11.58 37.59 37.36
N TYR E 980 -12.06 36.89 38.40
CA TYR E 980 -12.60 35.55 38.17
C TYR E 980 -13.85 35.59 37.30
N TRP E 981 -14.75 36.54 37.55
CA TRP E 981 -15.99 36.60 36.80
C TRP E 981 -15.76 37.04 35.36
N TYR E 982 -14.68 37.77 35.10
CA TYR E 982 -14.27 38.02 33.72
C TYR E 982 -13.75 36.76 33.06
N ILE E 983 -12.99 35.95 33.80
CA ILE E 983 -12.45 34.71 33.24
C ILE E 983 -13.58 33.75 32.89
N ARG E 984 -14.64 33.74 33.70
CA ARG E 984 -15.70 32.73 33.55
C ARG E 984 -16.52 32.87 32.26
N LEU E 985 -16.20 33.80 31.37
CA LEU E 985 -16.95 33.93 30.13
C LEU E 985 -16.63 32.84 29.11
N LEU E 986 -15.55 32.07 29.32
CA LEU E 986 -15.22 31.01 28.38
C LEU E 986 -16.25 29.89 28.43
N ASP E 987 -16.86 29.66 29.59
CA ASP E 987 -17.95 28.69 29.68
C ASP E 987 -19.14 29.13 28.83
N ILE E 988 -19.44 30.44 28.82
CA ILE E 988 -20.47 30.96 27.94
C ILE E 988 -20.07 30.78 26.48
N PHE E 989 -18.81 31.07 26.16
CA PHE E 989 -18.32 30.90 24.79
C PHE E 989 -18.36 29.45 24.32
N GLY E 990 -18.32 28.50 25.25
CA GLY E 990 -18.28 27.09 24.91
C GLY E 990 -19.44 26.52 24.13
N VAL E 991 -20.46 27.34 23.85
CA VAL E 991 -21.57 26.88 23.00
C VAL E 991 -21.28 27.05 21.53
N ASN E 992 -20.26 27.82 21.16
CA ASN E 992 -19.95 28.05 19.76
C ASN E 992 -19.32 26.82 19.14
N LYS E 993 -19.51 26.68 17.83
CA LYS E 993 -18.99 25.51 17.13
C LYS E 993 -17.46 25.54 17.03
N TYR E 994 -16.87 26.73 16.98
CA TYR E 994 -15.44 26.87 16.80
C TYR E 994 -14.70 27.41 18.02
N LEU E 995 -15.42 27.94 19.01
CA LEU E 995 -14.78 28.55 20.18
C LEU E 995 -14.73 27.62 21.39
N GLY E 996 -15.17 26.37 21.25
CA GLY E 996 -15.08 25.40 22.33
C GLY E 996 -13.83 24.54 22.26
N PRO E 997 -13.60 23.90 21.11
CA PRO E 997 -12.36 23.14 20.92
C PRO E 997 -11.10 23.97 21.14
N TYR E 998 -11.12 25.25 20.78
CA TYR E 998 -9.96 26.11 21.05
C TYR E 998 -9.72 26.23 22.55
N VAL E 999 -10.79 26.34 23.33
CA VAL E 999 -10.65 26.44 24.78
C VAL E 999 -10.09 25.14 25.37
N MET E 1000 -10.54 23.99 24.85
CA MET E 1000 -9.98 22.73 25.35
C MET E 1000 -8.51 22.57 24.96
N MET E 1001 -8.15 22.99 23.75
CA MET E 1001 -6.74 22.98 23.35
C MET E 1001 -5.92 23.88 24.25
N ILE E 1002 -6.46 25.05 24.62
CA ILE E 1002 -5.81 25.90 25.62
C ILE E 1002 -5.64 25.14 26.93
N GLY E 1003 -6.65 24.37 27.31
CA GLY E 1003 -6.57 23.62 28.56
C GLY E 1003 -5.43 22.62 28.59
N LYS E 1004 -5.13 22.01 27.44
CA LYS E 1004 -4.02 21.04 27.41
C LYS E 1004 -2.65 21.70 27.21
N MET E 1005 -2.59 22.72 26.35
CA MET E 1005 -1.37 23.49 26.22
C MET E 1005 -1.00 24.17 27.52
N MET E 1006 -1.97 24.38 28.42
CA MET E 1006 -1.65 24.88 29.76
C MET E 1006 -0.76 23.91 30.51
N ILE E 1007 -1.07 22.61 30.43
CA ILE E 1007 -0.23 21.61 31.08
C ILE E 1007 1.17 21.61 30.48
N ASP E 1008 1.26 21.68 29.15
CA ASP E 1008 2.59 21.68 28.53
C ASP E 1008 3.40 22.92 28.94
N MET E 1009 2.76 24.09 28.94
CA MET E 1009 3.44 25.32 29.31
C MET E 1009 3.88 25.27 30.77
N MET E 1010 3.05 24.71 31.65
CA MET E 1010 3.44 24.59 33.05
C MET E 1010 4.59 23.62 33.21
N TYR E 1011 4.73 22.65 32.30
CA TYR E 1011 5.91 21.79 32.35
C TYR E 1011 7.18 22.55 31.98
N PHE E 1012 7.09 23.49 31.03
CA PHE E 1012 8.31 24.23 30.66
C PHE E 1012 8.62 25.39 31.61
N VAL E 1013 7.63 25.89 32.35
CA VAL E 1013 7.82 27.02 33.24
C VAL E 1013 8.85 26.71 34.32
N ILE E 1014 8.95 25.45 34.74
CA ILE E 1014 9.89 25.09 35.81
C ILE E 1014 11.33 25.31 35.37
N ILE E 1015 11.68 24.87 34.16
CA ILE E 1015 13.03 25.08 33.65
C ILE E 1015 13.31 26.57 33.47
N MET E 1016 12.33 27.30 32.91
CA MET E 1016 12.52 28.74 32.76
C MET E 1016 12.76 29.41 34.11
N LEU E 1017 12.04 28.97 35.15
CA LEU E 1017 12.16 29.56 36.47
C LEU E 1017 13.51 29.24 37.11
N VAL E 1018 14.02 28.03 36.88
CA VAL E 1018 15.35 27.67 37.39
C VAL E 1018 16.41 28.61 36.80
N VAL E 1019 16.37 28.79 35.48
CA VAL E 1019 17.36 29.67 34.85
C VAL E 1019 17.22 31.10 35.36
N LEU E 1020 15.97 31.57 35.47
CA LEU E 1020 15.71 32.93 35.93
C LEU E 1020 16.22 33.15 37.35
N MET E 1021 15.96 32.20 38.25
CA MET E 1021 16.42 32.32 39.63
C MET E 1021 17.94 32.33 39.70
N SER E 1022 18.60 31.49 38.90
CA SER E 1022 20.06 31.46 38.91
C SER E 1022 20.63 32.82 38.51
N PHE E 1023 20.13 33.39 37.40
CA PHE E 1023 20.63 34.69 36.96
C PHE E 1023 20.34 35.79 37.98
N GLY E 1024 19.13 35.79 38.54
CA GLY E 1024 18.77 36.83 39.49
C GLY E 1024 19.61 36.80 40.75
N VAL E 1025 19.81 35.60 41.31
CA VAL E 1025 20.64 35.48 42.50
C VAL E 1025 22.06 35.91 42.21
N ALA E 1026 22.62 35.49 41.06
CA ALA E 1026 23.98 35.86 40.72
C ALA E 1026 24.14 37.38 40.60
N ARG E 1027 23.21 38.04 39.90
CA ARG E 1027 23.32 39.48 39.72
C ARG E 1027 23.16 40.22 41.05
N GLN E 1028 22.16 39.84 41.85
CA GLN E 1028 21.92 40.52 43.12
C GLN E 1028 23.11 40.35 44.06
N ALA E 1029 23.71 39.16 44.08
CA ALA E 1029 24.86 38.94 44.95
C ALA E 1029 26.10 39.69 44.46
N ILE E 1030 26.28 39.79 43.14
CA ILE E 1030 27.44 40.48 42.61
C ILE E 1030 27.36 41.98 42.86
N LEU E 1031 26.22 42.60 42.53
CA LEU E 1031 26.17 44.06 42.53
C LEU E 1031 26.07 44.64 43.94
N PHE E 1032 25.28 44.02 44.83
CA PHE E 1032 25.01 44.56 46.16
C PHE E 1032 25.56 43.61 47.21
N PRO E 1033 26.80 43.82 47.67
CA PRO E 1033 27.43 42.89 48.61
C PRO E 1033 27.36 43.28 50.09
N ASN E 1034 26.64 44.34 50.45
CA ASN E 1034 26.59 44.82 51.83
C ASN E 1034 25.15 45.11 52.25
N GLU E 1035 24.26 44.17 51.98
CA GLU E 1035 22.85 44.33 52.28
C GLU E 1035 22.48 43.56 53.54
N GLU E 1036 21.74 44.21 54.44
CA GLU E 1036 21.22 43.55 55.61
C GLU E 1036 20.07 42.62 55.20
N PRO E 1037 19.82 41.56 55.97
CA PRO E 1037 18.75 40.62 55.60
C PRO E 1037 17.38 41.29 55.69
N SER E 1038 16.66 41.28 54.57
CA SER E 1038 15.32 41.84 54.52
C SER E 1038 14.53 41.13 53.42
N TRP E 1039 13.21 41.19 53.54
CA TRP E 1039 12.35 40.54 52.56
C TRP E 1039 12.37 41.24 51.20
N LYS E 1040 12.97 42.43 51.11
CA LYS E 1040 13.19 43.05 49.81
C LYS E 1040 14.15 42.23 48.95
N LEU E 1041 15.02 41.44 49.59
CA LEU E 1041 15.96 40.62 48.83
C LEU E 1041 15.24 39.54 48.03
N ALA E 1042 14.16 38.99 48.58
CA ALA E 1042 13.38 37.99 47.87
C ALA E 1042 12.58 38.57 46.71
N LYS E 1043 12.48 39.90 46.62
CA LYS E 1043 11.76 40.56 45.54
C LYS E 1043 12.68 40.89 44.37
N ASN E 1044 13.90 41.32 44.65
CA ASN E 1044 14.85 41.71 43.61
C ASN E 1044 15.32 40.53 42.76
N ILE E 1045 15.09 39.30 43.20
CA ILE E 1045 15.53 38.14 42.43
C ILE E 1045 14.55 37.83 41.31
N PHE E 1046 13.25 37.88 41.59
CA PHE E 1046 12.24 37.47 40.64
C PHE E 1046 11.75 38.62 39.76
N TYR E 1047 11.80 39.85 40.25
CA TYR E 1047 11.19 40.99 39.56
C TYR E 1047 11.82 41.27 38.20
N MET E 1048 13.07 41.71 38.20
CA MET E 1048 13.71 42.23 37.00
C MET E 1048 14.15 41.14 36.03
N PRO E 1049 14.70 40.00 36.47
CA PRO E 1049 14.93 38.91 35.52
C PRO E 1049 13.67 38.42 34.83
N TYR E 1050 12.50 38.53 35.49
CA TYR E 1050 11.27 38.16 34.81
C TYR E 1050 10.83 39.24 33.83
N TRP E 1051 10.94 40.52 34.22
CA TRP E 1051 10.56 41.57 33.27
C TRP E 1051 11.52 41.67 32.09
N MET E 1052 12.74 41.14 32.22
CA MET E 1052 13.70 41.23 31.13
C MET E 1052 13.25 40.45 29.90
N ILE E 1053 12.70 39.24 30.10
CA ILE E 1053 12.41 38.37 28.95
C ILE E 1053 11.16 38.79 28.19
N TYR E 1054 10.48 39.85 28.62
CA TYR E 1054 9.32 40.37 27.91
C TYR E 1054 9.60 41.73 27.29
N GLY E 1055 10.82 41.90 26.78
CA GLY E 1055 11.18 43.07 26.01
C GLY E 1055 11.73 44.24 26.78
N GLU E 1056 11.69 44.22 28.11
CA GLU E 1056 12.22 45.32 28.90
C GLU E 1056 13.66 45.02 29.35
N VAL E 1057 14.53 44.85 28.36
CA VAL E 1057 15.96 44.69 28.62
C VAL E 1057 16.57 46.08 28.70
N PHE E 1058 17.09 46.43 29.87
CA PHE E 1058 17.71 47.73 30.10
C PHE E 1058 19.20 47.55 30.33
N ALA E 1059 19.93 48.67 30.28
CA ALA E 1059 21.37 48.67 30.46
C ALA E 1059 21.85 49.68 31.50
N ASP E 1060 21.00 50.58 31.96
CA ASP E 1060 21.37 51.48 33.04
C ASP E 1060 20.74 51.10 34.37
N GLN E 1061 19.55 50.51 34.35
CA GLN E 1061 18.95 49.99 35.58
C GLN E 1061 19.73 48.80 36.10
N ILE E 1062 20.17 47.92 35.20
CA ILE E 1062 21.04 46.80 35.54
C ILE E 1062 22.37 47.01 34.86
N ASP E 1063 23.44 46.52 35.50
CA ASP E 1063 24.82 46.81 35.14
C ASP E 1063 25.01 48.33 35.06
N PRO E 1064 25.05 49.03 36.21
CA PRO E 1064 25.16 50.48 36.17
C PRO E 1064 26.50 50.91 35.59
N PRO E 1065 26.56 52.07 34.92
CA PRO E 1065 27.82 52.48 34.29
C PRO E 1065 28.85 52.95 35.29
N CYS E 1066 29.44 52.02 36.03
CA CYS E 1066 30.47 52.35 37.01
C CYS E 1066 31.79 51.70 36.66
N GLN E 1079 31.39 62.44 40.76
CA GLN E 1079 30.78 62.20 39.45
C GLN E 1079 30.32 60.75 39.31
N LEU E 1080 31.12 59.83 39.84
CA LEU E 1080 30.83 58.41 39.70
C LEU E 1080 31.20 57.65 40.96
N PRO E 1081 30.25 56.95 41.58
CA PRO E 1081 30.59 56.06 42.68
C PRO E 1081 31.49 54.94 42.20
N PRO E 1082 32.37 54.43 43.06
CA PRO E 1082 33.31 53.40 42.62
C PRO E 1082 32.60 52.13 42.18
N CYS E 1083 33.17 51.48 41.17
CA CYS E 1083 32.57 50.28 40.62
C CYS E 1083 32.71 49.11 41.58
N LYS E 1084 31.69 48.26 41.64
CA LYS E 1084 31.73 47.10 42.50
C LYS E 1084 32.70 46.07 41.95
N THR E 1085 33.35 45.34 42.86
CA THR E 1085 34.35 44.34 42.48
C THR E 1085 33.67 43.19 41.74
N GLY E 1086 34.01 43.00 40.48
CA GLY E 1086 33.45 41.91 39.70
C GLY E 1086 32.18 42.24 38.97
N ALA E 1087 31.93 43.52 38.68
CA ALA E 1087 30.70 43.92 38.01
C ALA E 1087 30.75 43.74 36.50
N TRP E 1088 31.86 43.25 35.95
CA TRP E 1088 31.93 42.98 34.52
C TRP E 1088 31.35 41.64 34.14
N ILE E 1089 30.93 40.82 35.12
CA ILE E 1089 30.33 39.54 34.83
C ILE E 1089 28.82 39.65 34.61
N VAL E 1090 28.18 40.70 35.12
CA VAL E 1090 26.73 40.84 35.00
C VAL E 1090 26.28 40.91 33.54
N PRO E 1091 26.88 41.73 32.67
CA PRO E 1091 26.44 41.71 31.26
C PRO E 1091 26.64 40.38 30.56
N ALA E 1092 27.72 39.65 30.89
CA ALA E 1092 27.93 38.35 30.24
C ALA E 1092 26.89 37.33 30.70
N ILE E 1093 26.62 37.27 32.00
CA ILE E 1093 25.57 36.38 32.49
C ILE E 1093 24.23 36.78 31.91
N MET E 1094 23.98 38.08 31.78
CA MET E 1094 22.74 38.56 31.19
C MET E 1094 22.61 38.11 29.74
N ALA E 1095 23.68 38.21 28.97
CA ALA E 1095 23.65 37.81 27.57
C ALA E 1095 23.39 36.31 27.45
N CYS E 1096 24.09 35.50 28.25
CA CYS E 1096 23.86 34.05 28.20
C CYS E 1096 22.45 33.69 28.62
N TYR E 1097 21.93 34.37 29.65
CA TYR E 1097 20.58 34.09 30.12
C TYR E 1097 19.53 34.47 29.08
N LEU E 1098 19.70 35.61 28.43
CA LEU E 1098 18.77 36.01 27.36
C LEU E 1098 18.83 35.04 26.19
N LEU E 1099 20.04 34.61 25.81
CA LEU E 1099 20.18 33.66 24.72
C LEU E 1099 19.50 32.33 25.04
N VAL E 1100 19.65 31.86 26.28
CA VAL E 1100 19.03 30.60 26.66
C VAL E 1100 17.50 30.74 26.72
N ALA E 1101 17.01 31.81 27.36
CA ALA E 1101 15.58 31.91 27.64
C ALA E 1101 14.78 32.30 26.41
N ASN E 1102 15.29 33.20 25.57
CA ASN E 1102 14.51 33.79 24.50
C ASN E 1102 14.73 33.13 23.14
N ILE E 1103 15.66 32.19 23.01
CA ILE E 1103 15.95 31.61 21.71
C ILE E 1103 15.79 30.09 21.74
N LEU E 1104 16.03 29.49 22.90
CA LEU E 1104 16.05 28.04 23.02
C LEU E 1104 14.76 27.48 23.58
N LEU E 1105 14.38 27.89 24.80
CA LEU E 1105 13.24 27.28 25.45
C LEU E 1105 11.93 27.68 24.78
N VAL E 1106 11.80 28.93 24.35
CA VAL E 1106 10.55 29.36 23.73
C VAL E 1106 10.38 28.71 22.35
N ASN E 1107 11.47 28.55 21.61
CA ASN E 1107 11.38 27.86 20.31
C ASN E 1107 11.08 26.39 20.50
N LEU E 1108 11.67 25.76 21.52
CA LEU E 1108 11.34 24.36 21.81
C LEU E 1108 9.88 24.22 22.22
N LEU E 1109 9.36 25.20 22.97
CA LEU E 1109 7.94 25.18 23.34
C LEU E 1109 7.06 25.34 22.11
N ILE E 1110 7.47 26.19 21.17
CA ILE E 1110 6.73 26.33 19.92
C ILE E 1110 6.72 25.00 19.16
N ALA E 1111 7.86 24.32 19.10
CA ALA E 1111 7.92 23.03 18.44
C ALA E 1111 7.04 21.99 19.13
N VAL E 1112 7.03 22.00 20.47
CA VAL E 1112 6.20 21.07 21.22
C VAL E 1112 4.72 21.32 20.95
N PHE E 1113 4.31 22.59 20.95
CA PHE E 1113 2.92 22.92 20.62
C PHE E 1113 2.58 22.50 19.20
N ASN E 1114 3.51 22.67 18.27
CA ASN E 1114 3.21 22.43 16.87
C ASN E 1114 3.12 20.95 16.56
N ASN E 1115 4.02 20.14 17.12
CA ASN E 1115 4.08 18.73 16.74
C ASN E 1115 3.05 17.87 17.46
N THR E 1116 2.36 18.39 18.47
CA THR E 1116 1.32 17.63 19.17
C THR E 1116 -0.02 18.34 19.08
N PHE E 1117 -0.37 18.83 17.89
CA PHE E 1117 -1.60 19.61 17.74
C PHE E 1117 -2.74 18.82 17.12
N PHE E 1118 -2.45 17.88 16.22
CA PHE E 1118 -3.52 17.14 15.55
C PHE E 1118 -4.26 16.22 16.52
N GLU E 1119 -3.53 15.54 17.40
CA GLU E 1119 -4.16 14.69 18.40
C GLU E 1119 -5.04 15.50 19.33
N VAL E 1120 -4.53 16.64 19.82
CA VAL E 1120 -5.29 17.48 20.73
C VAL E 1120 -6.54 18.02 20.03
N LYS E 1121 -6.41 18.40 18.76
CA LYS E 1121 -7.55 18.91 18.01
C LYS E 1121 -8.64 17.86 17.86
N SER E 1122 -8.27 16.65 17.45
CA SER E 1122 -9.27 15.61 17.26
C SER E 1122 -9.94 15.23 18.58
N ILE E 1123 -9.15 15.09 19.66
CA ILE E 1123 -9.70 14.71 20.95
C ILE E 1123 -10.63 15.81 21.46
N SER E 1124 -10.25 17.07 21.29
CA SER E 1124 -11.09 18.18 21.75
C SER E 1124 -12.39 18.24 20.97
N ASN E 1125 -12.33 18.01 19.65
CA ASN E 1125 -13.56 17.99 18.85
C ASN E 1125 -14.50 16.88 19.34
N GLN E 1126 -13.96 15.68 19.56
CA GLN E 1126 -14.80 14.58 20.02
C GLN E 1126 -15.40 14.87 21.40
N VAL E 1127 -14.60 15.41 22.31
CA VAL E 1127 -15.08 15.67 23.66
C VAL E 1127 -16.15 16.76 23.67
N TRP E 1128 -15.97 17.80 22.86
CA TRP E 1128 -16.99 18.85 22.79
C TRP E 1128 -18.28 18.32 22.19
N LYS E 1129 -18.19 17.53 21.12
CA LYS E 1129 -19.40 16.97 20.53
C LYS E 1129 -20.08 15.98 21.47
N PHE E 1130 -19.33 15.37 22.38
CA PHE E 1130 -19.97 14.52 23.38
C PHE E 1130 -20.62 15.32 24.50
N GLN E 1131 -19.99 16.42 24.93
CA GLN E 1131 -20.50 17.21 26.04
C GLN E 1131 -21.65 18.13 25.64
N ARG E 1132 -21.90 18.28 24.33
CA ARG E 1132 -23.09 19.01 23.89
C ARG E 1132 -24.37 18.43 24.49
N TYR E 1133 -24.41 17.12 24.71
CA TYR E 1133 -25.61 16.50 25.27
C TYR E 1133 -25.88 17.00 26.68
N GLN E 1134 -24.85 17.01 27.53
CA GLN E 1134 -25.03 17.51 28.89
C GLN E 1134 -25.32 19.01 28.88
N LEU E 1135 -24.72 19.75 27.94
CA LEU E 1135 -25.05 21.16 27.81
C LEU E 1135 -26.53 21.36 27.50
N ILE E 1136 -27.08 20.53 26.61
CA ILE E 1136 -28.50 20.64 26.28
C ILE E 1136 -29.36 20.28 27.48
N MET E 1137 -29.01 19.20 28.19
CA MET E 1137 -29.85 18.74 29.30
C MET E 1137 -29.88 19.74 30.46
N THR E 1138 -28.73 20.37 30.75
CA THR E 1138 -28.68 21.31 31.87
C THR E 1138 -29.62 22.49 31.63
N PHE E 1139 -29.68 22.99 30.40
CA PHE E 1139 -30.62 24.06 30.08
C PHE E 1139 -32.04 23.55 29.86
N HIS E 1140 -32.21 22.26 29.60
CA HIS E 1140 -33.56 21.72 29.51
C HIS E 1140 -34.22 21.61 30.87
N GLU E 1141 -33.44 21.32 31.92
CA GLU E 1141 -33.99 21.12 33.25
C GLU E 1141 -33.87 22.37 34.13
N ARG E 1142 -33.56 23.52 33.55
CA ARG E 1142 -33.34 24.70 34.38
C ARG E 1142 -34.56 25.61 34.39
N PRO E 1143 -34.73 26.40 35.46
CA PRO E 1143 -35.82 27.38 35.48
C PRO E 1143 -35.65 28.42 34.38
N VAL E 1144 -36.78 28.93 33.90
CA VAL E 1144 -36.77 29.86 32.77
C VAL E 1144 -36.13 31.19 33.16
N LEU E 1145 -36.40 31.66 34.38
CA LEU E 1145 -35.91 32.99 34.76
C LEU E 1145 -34.42 32.95 35.09
N PRO E 1146 -33.67 33.96 34.68
CA PRO E 1146 -32.24 34.01 34.98
C PRO E 1146 -32.00 34.28 36.46
N PRO E 1147 -30.77 34.09 36.95
CA PRO E 1147 -30.49 34.23 38.40
C PRO E 1147 -30.89 35.57 39.00
N PRO E 1148 -30.70 36.73 38.33
CA PRO E 1148 -31.02 37.99 39.02
C PRO E 1148 -32.47 38.13 39.45
N LEU E 1149 -33.39 37.41 38.81
CA LEU E 1149 -34.80 37.39 39.22
C LEU E 1149 -35.32 35.96 39.35
N ILE E 1150 -34.41 35.01 39.60
CA ILE E 1150 -34.81 33.60 39.76
C ILE E 1150 -35.43 33.34 41.12
N ILE E 1151 -35.38 34.31 42.04
CA ILE E 1151 -35.94 34.11 43.37
C ILE E 1151 -37.45 33.85 43.28
N PHE E 1152 -38.12 34.49 42.31
CA PHE E 1152 -39.54 34.25 42.12
C PHE E 1152 -39.81 32.82 41.66
N SER E 1153 -38.97 32.29 40.77
CA SER E 1153 -39.16 30.92 40.32
C SER E 1153 -38.86 29.91 41.41
N HIS E 1154 -38.11 30.32 42.44
CA HIS E 1154 -37.92 29.46 43.60
C HIS E 1154 -39.08 29.53 44.58
N MET E 1155 -39.95 30.54 44.46
CA MET E 1155 -41.15 30.59 45.28
C MET E 1155 -42.17 29.55 44.83
N THR E 1156 -42.30 29.37 43.51
CA THR E 1156 -43.28 28.42 42.99
C THR E 1156 -42.91 26.98 43.31
N MET E 1157 -41.62 26.68 43.45
CA MET E 1157 -41.22 25.32 43.82
C MET E 1157 -41.53 25.03 45.28
N ILE E 1158 -41.79 26.06 46.09
CA ILE E 1158 -42.23 25.87 47.46
C ILE E 1158 -43.75 25.76 47.53
N PHE E 1159 -44.46 26.58 46.75
CA PHE E 1159 -45.91 26.47 46.68
C PHE E 1159 -46.35 25.14 46.08
N GLN E 1160 -45.66 24.69 45.04
CA GLN E 1160 -45.97 23.39 44.44
C GLN E 1160 -45.51 22.23 45.30
N HIS E 1161 -44.69 22.48 46.32
CA HIS E 1161 -44.21 21.39 47.18
C HIS E 1161 -45.34 20.82 48.04
N VAL E 1162 -46.25 21.68 48.50
CA VAL E 1162 -47.36 21.22 49.33
C VAL E 1162 -48.52 20.66 48.53
N CYS E 1163 -48.50 20.81 47.21
CA CYS E 1163 -49.57 20.30 46.36
C CYS E 1163 -49.23 18.91 45.83
N ARG E 1176 -42.65 13.80 30.43
CA ARG E 1176 -41.77 14.30 29.37
C ARG E 1176 -42.30 13.90 28.00
N ASP E 1177 -43.11 14.77 27.40
CA ASP E 1177 -43.61 14.51 26.04
C ASP E 1177 -42.46 14.46 25.04
N TYR E 1178 -41.51 15.38 25.17
CA TYR E 1178 -40.31 15.34 24.35
C TYR E 1178 -39.21 16.10 25.09
N GLY E 1179 -37.98 15.88 24.62
CA GLY E 1179 -36.80 16.41 25.28
C GLY E 1179 -35.91 15.29 25.75
N LEU E 1180 -36.51 14.23 26.28
CA LEU E 1180 -35.81 13.01 26.63
C LEU E 1180 -36.26 11.82 25.82
N LYS E 1181 -37.57 11.54 25.80
CA LYS E 1181 -38.11 10.34 25.19
C LYS E 1181 -39.12 10.70 24.09
N LEU E 1182 -39.74 9.68 23.52
CA LEU E 1182 -40.74 9.87 22.49
C LEU E 1182 -41.64 8.64 22.48
N PHE E 1183 -42.86 8.80 22.97
CA PHE E 1183 -43.76 7.66 23.14
C PHE E 1183 -44.52 7.37 21.85
N ILE E 1184 -44.58 6.09 21.49
CA ILE E 1184 -45.19 5.67 20.23
C ILE E 1184 -46.21 4.58 20.50
N THR E 1185 -47.12 4.41 19.55
CA THR E 1185 -48.19 3.42 19.64
C THR E 1185 -47.66 2.04 19.26
N ASP E 1186 -48.56 1.05 19.16
CA ASP E 1186 -48.14 -0.31 18.86
C ASP E 1186 -47.76 -0.47 17.39
N ASP E 1187 -48.54 0.13 16.49
CA ASP E 1187 -48.26 0.00 15.06
C ASP E 1187 -46.93 0.66 14.70
N GLU E 1188 -46.67 1.85 15.25
CA GLU E 1188 -45.40 2.52 15.00
C GLU E 1188 -44.24 1.72 15.59
N LEU E 1189 -44.45 1.11 16.76
CA LEU E 1189 -43.41 0.27 17.35
C LEU E 1189 -43.11 -0.93 16.47
N LYS E 1190 -44.15 -1.56 15.90
CA LYS E 1190 -43.94 -2.68 15.00
C LYS E 1190 -43.21 -2.25 13.73
N LYS E 1191 -43.57 -1.08 13.20
CA LYS E 1191 -42.87 -0.58 12.00
C LYS E 1191 -41.40 -0.29 12.29
N VAL E 1192 -41.12 0.27 13.47
CA VAL E 1192 -39.74 0.54 13.85
C VAL E 1192 -38.96 -0.77 13.99
N HIS E 1193 -39.57 -1.78 14.60
CA HIS E 1193 -38.91 -3.08 14.72
C HIS E 1193 -38.64 -3.70 13.35
N ASP E 1194 -39.60 -3.60 12.43
CA ASP E 1194 -39.39 -4.12 11.08
C ASP E 1194 -38.25 -3.40 10.39
N PHE E 1195 -38.19 -2.08 10.52
CA PHE E 1195 -37.10 -1.30 9.93
C PHE E 1195 -35.75 -1.70 10.52
N GLU E 1196 -35.69 -1.90 11.84
CA GLU E 1196 -34.44 -2.29 12.48
C GLU E 1196 -33.99 -3.68 12.02
N GLU E 1197 -34.92 -4.63 11.90
CA GLU E 1197 -34.55 -5.96 11.43
C GLU E 1197 -34.05 -5.91 9.99
N GLN E 1198 -34.71 -5.12 9.14
CA GLN E 1198 -34.24 -4.96 7.77
C GLN E 1198 -32.84 -4.36 7.74
N CYS E 1199 -32.59 -3.36 8.57
CA CYS E 1199 -31.28 -2.71 8.60
C CYS E 1199 -30.18 -3.67 9.06
N ILE E 1200 -30.45 -4.45 10.12
CA ILE E 1200 -29.40 -5.34 10.60
C ILE E 1200 -29.14 -6.47 9.61
N GLU E 1201 -30.20 -6.98 8.96
CA GLU E 1201 -29.99 -8.00 7.94
C GLU E 1201 -29.17 -7.46 6.77
N GLU E 1202 -29.48 -6.24 6.33
CA GLU E 1202 -28.72 -5.63 5.25
C GLU E 1202 -27.27 -5.40 5.66
N TYR E 1203 -27.04 -4.99 6.91
CA TYR E 1203 -25.68 -4.77 7.38
C TYR E 1203 -24.86 -6.05 7.34
N PHE E 1204 -25.44 -7.14 7.87
CA PHE E 1204 -24.70 -8.41 7.86
C PHE E 1204 -24.46 -8.91 6.44
N ARG E 1205 -25.45 -8.77 5.56
CA ARG E 1205 -25.27 -9.23 4.19
C ARG E 1205 -24.19 -8.42 3.47
N GLU E 1206 -24.19 -7.10 3.66
CA GLU E 1206 -23.17 -6.26 3.02
C GLU E 1206 -21.78 -6.57 3.57
N LYS E 1207 -21.69 -6.81 4.88
CA LYS E 1207 -20.39 -7.16 5.48
C LYS E 1207 -19.86 -8.47 4.92
N ASP E 1208 -20.72 -9.49 4.82
CA ASP E 1208 -20.28 -10.77 4.26
C ASP E 1208 -19.89 -10.63 2.79
N ASP E 1209 -20.66 -9.86 2.01
CA ASP E 1209 -20.34 -9.66 0.60
C ASP E 1209 -19.01 -8.94 0.44
N ARG E 1210 -18.75 -7.92 1.27
CA ARG E 1210 -17.50 -7.19 1.17
C ARG E 1210 -16.32 -8.03 1.62
N PHE E 1211 -16.52 -8.92 2.60
CA PHE E 1211 -15.43 -9.79 3.02
C PHE E 1211 -15.11 -10.83 1.95
N ASN E 1212 -16.14 -11.42 1.32
CA ASN E 1212 -15.91 -12.50 0.37
C ASN E 1212 -15.31 -12.04 -0.95
N SER E 1213 -15.25 -10.74 -1.22
CA SER E 1213 -14.74 -10.23 -2.49
C SER E 1213 -13.46 -9.43 -2.34
N SER E 1214 -12.76 -9.57 -1.22
CA SER E 1214 -11.47 -8.91 -1.07
C SER E 1214 -10.37 -9.69 -1.77
N ASN E 1215 -9.22 -9.05 -1.93
CA ASN E 1215 -8.10 -9.71 -2.63
C ASN E 1215 -7.55 -10.88 -1.83
N ASP E 1216 -7.45 -10.73 -0.51
CA ASP E 1216 -6.84 -11.77 0.32
C ASP E 1216 -7.67 -13.05 0.30
N GLU E 1217 -9.00 -12.92 0.45
CA GLU E 1217 -9.86 -14.10 0.44
C GLU E 1217 -9.87 -14.77 -0.92
N ARG E 1218 -9.88 -13.98 -1.99
CA ARG E 1218 -9.85 -14.55 -3.33
C ARG E 1218 -8.55 -15.30 -3.58
N ILE E 1219 -7.42 -14.74 -3.14
CA ILE E 1219 -6.14 -15.42 -3.30
C ILE E 1219 -6.11 -16.71 -2.50
N ARG E 1220 -6.64 -16.68 -1.27
CA ARG E 1220 -6.65 -17.89 -0.44
C ARG E 1220 -7.50 -18.99 -1.06
N VAL E 1221 -8.69 -18.64 -1.53
CA VAL E 1221 -9.58 -19.63 -2.14
C VAL E 1221 -8.97 -20.16 -3.43
N THR E 1222 -8.37 -19.29 -4.24
CA THR E 1222 -7.72 -19.75 -5.46
C THR E 1222 -6.57 -20.70 -5.15
N SER E 1223 -5.79 -20.41 -4.12
CA SER E 1223 -4.68 -21.29 -3.76
C SER E 1223 -5.19 -22.65 -3.30
N GLU E 1224 -6.23 -22.68 -2.47
CA GLU E 1224 -6.77 -23.95 -2.00
C GLU E 1224 -7.33 -24.78 -3.16
N ARG E 1225 -8.09 -24.14 -4.05
CA ARG E 1225 -8.65 -24.87 -5.16
C ARG E 1225 -7.57 -25.32 -6.15
N VAL E 1226 -6.52 -24.53 -6.31
CA VAL E 1226 -5.41 -24.93 -7.18
C VAL E 1226 -4.70 -26.15 -6.59
N GLU E 1227 -4.50 -26.17 -5.27
CA GLU E 1227 -3.88 -27.33 -4.64
C GLU E 1227 -4.74 -28.57 -4.83
N ASN E 1228 -6.06 -28.44 -4.62
CA ASN E 1228 -6.95 -29.59 -4.80
C ASN E 1228 -6.94 -30.07 -6.25
N MET E 1229 -6.97 -29.14 -7.20
CA MET E 1229 -6.95 -29.52 -8.61
C MET E 1229 -5.63 -30.19 -8.98
N SER E 1230 -4.51 -29.71 -8.45
CA SER E 1230 -3.23 -30.34 -8.71
C SER E 1230 -3.20 -31.77 -8.20
N MET E 1231 -3.67 -31.98 -6.97
CA MET E 1231 -3.72 -33.34 -6.43
C MET E 1231 -4.62 -34.24 -7.27
N ARG E 1232 -5.79 -33.73 -7.67
CA ARG E 1232 -6.71 -34.55 -8.45
C ARG E 1232 -6.15 -34.86 -9.83
N LEU E 1233 -5.45 -33.91 -10.44
CA LEU E 1233 -4.86 -34.17 -11.75
C LEU E 1233 -3.70 -35.14 -11.67
N GLU E 1234 -2.91 -35.09 -10.60
CA GLU E 1234 -1.90 -36.12 -10.40
C GLU E 1234 -2.54 -37.49 -10.25
N GLU E 1235 -3.65 -37.56 -9.52
CA GLU E 1235 -4.37 -38.83 -9.38
C GLU E 1235 -4.90 -39.33 -10.72
N VAL E 1236 -5.42 -38.42 -11.55
CA VAL E 1236 -5.94 -38.81 -12.86
C VAL E 1236 -4.81 -39.29 -13.77
N ASN E 1237 -3.69 -38.57 -13.79
CA ASN E 1237 -2.57 -38.97 -14.63
C ASN E 1237 -1.94 -40.28 -14.17
N GLU E 1238 -2.00 -40.56 -12.87
CA GLU E 1238 -1.49 -41.84 -12.36
C GLU E 1238 -2.30 -43.02 -12.89
N ARG E 1239 -3.57 -42.81 -13.26
CA ARG E 1239 -4.43 -43.85 -13.77
C ARG E 1239 -4.44 -43.79 -15.29
N GLU E 1240 -4.02 -44.88 -15.92
CA GLU E 1240 -4.02 -44.96 -17.38
C GLU E 1240 -4.11 -46.42 -17.80
N HIS E 1241 -4.50 -46.62 -19.06
CA HIS E 1241 -4.61 -47.96 -19.61
C HIS E 1241 -3.81 -48.09 -20.91
N SER E 1242 -3.74 -47.00 -21.68
CA SER E 1242 -3.01 -47.01 -22.94
C SER E 1242 -1.52 -46.79 -22.69
N UNK F 1 6.11 -41.94 47.04
CA UNK F 1 5.20 -41.74 45.92
C UNK F 1 3.91 -42.51 46.11
N UNK F 2 2.84 -42.02 45.48
CA UNK F 2 1.54 -42.68 45.56
C UNK F 2 1.47 -43.85 44.59
N UNK F 3 2.48 -43.97 43.73
CA UNK F 3 2.55 -45.05 42.76
C UNK F 3 3.26 -46.26 43.34
N UNK F 4 3.42 -46.28 44.66
CA UNK F 4 4.05 -47.39 45.35
C UNK F 4 3.00 -48.42 45.77
N UNK F 5 2.19 -48.85 44.81
CA UNK F 5 1.14 -49.82 45.06
C UNK F 5 1.08 -50.84 43.93
N UNK F 6 2.16 -50.93 43.17
CA UNK F 6 2.24 -51.86 42.05
C UNK F 6 3.09 -53.07 42.42
N UNK F 7 3.77 -53.66 41.43
CA UNK F 7 4.61 -54.81 41.66
C UNK F 7 5.60 -55.02 40.51
N UNK F 8 6.19 -56.21 40.46
CA UNK F 8 7.11 -56.57 39.39
C UNK F 8 7.20 -58.09 39.30
N UNK F 9 8.11 -58.59 38.47
CA UNK F 9 8.26 -60.04 38.28
C UNK F 9 9.65 -60.39 37.76
N UNK F 10 10.49 -60.93 38.63
CA UNK F 10 11.83 -61.35 38.24
C UNK F 10 11.91 -62.87 38.25
N UNK F 11 12.85 -63.42 37.47
CA UNK F 11 13.00 -64.86 37.34
C UNK F 11 13.56 -65.47 38.62
N UNK F 12 13.10 -66.67 38.95
CA UNK F 12 13.54 -67.36 40.16
C UNK F 12 14.33 -68.63 39.81
N UNK F 13 14.00 -69.72 40.48
CA UNK F 13 14.68 -70.99 40.27
C UNK F 13 14.35 -71.57 38.90
N UNK F 14 15.13 -71.19 37.90
CA UNK F 14 14.89 -71.65 36.54
C UNK F 14 16.17 -72.12 35.87
N UNK F 15 16.06 -73.14 35.04
CA UNK F 15 17.19 -73.69 34.30
C UNK F 15 16.71 -74.50 33.10
N UNK F 16 17.24 -74.18 31.92
CA UNK F 16 16.87 -74.89 30.70
C UNK F 16 17.93 -74.72 29.63
N UNK F 17 17.48 -74.70 28.37
CA UNK F 17 18.35 -74.51 27.20
C UNK F 17 19.49 -75.53 27.14
N ILE G 128 52.06 -42.54 -44.10
CA ILE G 128 53.26 -43.00 -43.43
C ILE G 128 52.92 -43.69 -42.12
N SER G 129 53.92 -44.26 -41.47
CA SER G 129 53.75 -44.93 -40.17
C SER G 129 53.99 -43.95 -39.03
N LYS G 130 53.30 -42.81 -39.06
CA LYS G 130 53.41 -41.74 -38.07
C LYS G 130 54.87 -41.29 -37.93
N HIS G 131 55.42 -40.78 -39.03
CA HIS G 131 56.77 -40.23 -39.06
C HIS G 131 56.65 -38.71 -39.01
N THR G 132 56.56 -38.17 -37.80
CA THR G 132 56.36 -36.76 -37.56
C THR G 132 57.59 -36.15 -36.90
N GLN G 133 57.48 -34.88 -36.56
CA GLN G 133 58.56 -34.14 -35.90
C GLN G 133 58.08 -33.69 -34.54
N LEU G 134 58.89 -33.95 -33.50
CA LEU G 134 58.51 -33.63 -32.13
C LEU G 134 58.88 -32.18 -31.78
N SER G 135 58.31 -31.27 -32.54
CA SER G 135 58.53 -29.85 -32.29
C SER G 135 57.81 -29.42 -31.02
N PRO G 136 58.26 -28.34 -30.37
CA PRO G 136 57.55 -27.83 -29.19
C PRO G 136 56.22 -27.20 -29.57
N THR G 137 55.40 -27.01 -28.54
CA THR G 137 54.07 -26.44 -28.73
C THR G 137 54.15 -24.99 -29.19
N ASP G 138 53.17 -24.59 -30.00
CA ASP G 138 53.13 -23.23 -30.51
C ASP G 138 51.71 -22.65 -30.51
N ALA G 139 50.80 -23.19 -29.70
CA ALA G 139 49.42 -22.70 -29.67
C ALA G 139 48.85 -22.94 -28.28
N PHE G 140 48.85 -21.91 -27.45
CA PHE G 140 48.17 -21.96 -26.16
C PHE G 140 47.87 -20.54 -25.71
N GLY G 141 46.97 -20.42 -24.73
CA GLY G 141 46.61 -19.12 -24.20
C GLY G 141 45.13 -18.99 -23.92
N THR G 142 44.51 -17.95 -24.48
CA THR G 142 43.09 -17.69 -24.31
C THR G 142 42.50 -17.26 -25.64
N ILE G 143 41.27 -17.68 -25.91
CA ILE G 143 40.58 -17.34 -27.15
C ILE G 143 39.29 -16.62 -26.81
N GLU G 144 38.96 -15.61 -27.61
CA GLU G 144 37.70 -14.88 -27.51
C GLU G 144 36.79 -15.29 -28.66
N PHE G 145 35.52 -15.56 -28.35
CA PHE G 145 34.57 -16.03 -29.35
C PHE G 145 33.76 -14.85 -29.85
N GLN G 146 34.22 -14.24 -30.94
CA GLN G 146 33.39 -13.29 -31.66
C GLN G 146 32.30 -14.04 -32.39
N GLY G 147 31.06 -13.56 -32.27
CA GLY G 147 29.93 -14.32 -32.76
C GLY G 147 28.68 -14.12 -31.93
N GLY G 148 28.15 -15.22 -31.38
CA GLY G 148 26.92 -15.18 -30.63
C GLY G 148 26.94 -14.19 -29.47
N GLY G 149 25.75 -13.92 -28.95
CA GLY G 149 25.58 -12.89 -27.95
C GLY G 149 26.09 -13.27 -26.58
N HIS G 150 27.41 -13.44 -26.46
CA HIS G 150 28.03 -13.76 -25.18
C HIS G 150 29.49 -13.33 -25.23
N SER G 151 30.02 -12.95 -24.07
CA SER G 151 31.43 -12.61 -23.91
C SER G 151 32.04 -13.72 -23.06
N ASN G 152 32.57 -14.74 -23.74
CA ASN G 152 33.08 -15.93 -23.08
C ASN G 152 34.55 -16.14 -23.45
N LYS G 153 35.38 -16.38 -22.45
CA LYS G 153 36.78 -16.71 -22.63
C LYS G 153 36.95 -18.22 -22.47
N ALA G 154 38.01 -18.75 -23.09
CA ALA G 154 38.24 -20.19 -23.08
C ALA G 154 39.73 -20.46 -23.18
N MET G 155 40.33 -20.92 -22.09
CA MET G 155 41.73 -21.30 -22.13
C MET G 155 41.91 -22.54 -23.00
N TYR G 156 43.04 -22.61 -23.68
CA TYR G 156 43.31 -23.70 -24.59
C TYR G 156 44.80 -23.92 -24.70
N VAL G 157 45.18 -25.16 -25.03
CA VAL G 157 46.56 -25.54 -25.28
C VAL G 157 46.61 -26.44 -26.50
N ARG G 158 47.82 -26.86 -26.87
CA ARG G 158 48.02 -27.79 -27.98
C ARG G 158 49.19 -28.69 -27.60
N VAL G 159 48.91 -29.96 -27.34
CA VAL G 159 49.91 -30.93 -26.92
C VAL G 159 49.82 -32.15 -27.82
N SER G 160 50.86 -32.97 -27.77
CA SER G 160 50.85 -34.22 -28.50
C SER G 160 49.90 -35.22 -27.84
N PHE G 161 49.45 -36.20 -28.63
CA PHE G 161 48.53 -37.20 -28.13
C PHE G 161 49.21 -38.31 -27.35
N ASP G 162 50.49 -38.16 -27.03
CA ASP G 162 51.26 -39.13 -26.25
C ASP G 162 51.78 -38.48 -24.98
N THR G 163 50.93 -37.71 -24.30
CA THR G 163 51.32 -36.93 -23.14
C THR G 163 50.85 -37.60 -21.86
N LYS G 164 51.69 -37.59 -20.84
CA LYS G 164 51.36 -38.24 -19.58
C LYS G 164 50.29 -37.44 -18.83
N PRO G 165 49.34 -38.12 -18.19
CA PRO G 165 48.27 -37.39 -17.49
C PRO G 165 48.73 -36.59 -16.29
N ASP G 166 49.90 -36.89 -15.73
CA ASP G 166 50.36 -36.18 -14.53
C ASP G 166 50.58 -34.70 -14.82
N LEU G 167 51.31 -34.39 -15.89
CA LEU G 167 51.53 -33.00 -16.23
C LEU G 167 50.26 -32.33 -16.72
N LEU G 168 49.34 -33.10 -17.32
CA LEU G 168 48.05 -32.54 -17.71
C LEU G 168 47.25 -32.07 -16.49
N LEU G 169 47.17 -32.92 -15.46
CA LEU G 169 46.48 -32.52 -14.24
C LEU G 169 47.23 -31.41 -13.52
N HIS G 170 48.56 -31.39 -13.60
CA HIS G 170 49.32 -30.29 -13.01
C HIS G 170 48.99 -28.97 -13.71
N LEU G 171 48.88 -29.00 -15.04
CA LEU G 171 48.51 -27.80 -15.80
C LEU G 171 47.07 -27.38 -15.52
N MET G 172 46.16 -28.35 -15.36
CA MET G 172 44.77 -28.01 -15.10
C MET G 172 44.54 -27.54 -13.67
N THR G 173 45.43 -27.89 -12.74
CA THR G 173 45.27 -27.48 -11.35
C THR G 173 46.03 -26.20 -11.02
N LYS G 174 47.19 -25.99 -11.63
CA LYS G 174 48.04 -24.84 -11.32
C LYS G 174 47.88 -23.70 -12.32
N GLU G 175 48.06 -23.99 -13.61
CA GLU G 175 48.01 -22.93 -14.62
C GLU G 175 46.61 -22.36 -14.77
N TRP G 176 45.61 -23.22 -14.89
CA TRP G 176 44.23 -22.76 -15.07
C TRP G 176 43.50 -22.53 -13.76
N GLN G 177 44.08 -22.93 -12.63
CA GLN G 177 43.51 -22.73 -11.30
C GLN G 177 42.11 -23.34 -11.19
N LEU G 178 42.06 -24.66 -11.39
CA LEU G 178 40.83 -25.43 -11.26
C LEU G 178 40.95 -26.34 -10.04
N GLU G 179 40.00 -26.23 -9.12
CA GLU G 179 39.98 -27.10 -7.97
C GLU G 179 39.61 -28.53 -8.39
N LEU G 180 40.12 -29.49 -7.64
CA LEU G 180 39.89 -30.89 -7.98
C LEU G 180 38.40 -31.21 -7.83
N PRO G 181 37.79 -31.84 -8.83
CA PRO G 181 36.33 -32.03 -8.79
C PRO G 181 35.94 -33.13 -7.82
N LYS G 182 34.69 -33.05 -7.36
CA LYS G 182 34.07 -34.08 -6.54
C LYS G 182 33.28 -35.08 -7.38
N LEU G 183 33.30 -34.93 -8.70
CA LEU G 183 32.51 -35.73 -9.62
C LEU G 183 33.02 -35.45 -11.03
N LEU G 184 32.98 -36.47 -11.88
CA LEU G 184 33.39 -36.35 -13.26
C LEU G 184 32.36 -37.01 -14.15
N ILE G 185 31.95 -36.33 -15.22
CA ILE G 185 30.95 -36.84 -16.15
C ILE G 185 31.58 -36.86 -17.54
N SER G 186 31.77 -38.07 -18.07
CA SER G 186 32.29 -38.25 -19.42
C SER G 186 31.12 -38.43 -20.38
N VAL G 187 30.94 -37.45 -21.27
CA VAL G 187 29.82 -37.44 -22.20
C VAL G 187 30.31 -38.00 -23.53
N HIS G 188 29.63 -39.03 -24.03
CA HIS G 188 29.93 -39.63 -25.32
C HIS G 188 28.71 -39.50 -26.23
N GLY G 189 28.94 -39.72 -27.52
CA GLY G 189 27.87 -39.62 -28.49
C GLY G 189 28.40 -39.79 -29.89
N GLY G 190 27.49 -39.60 -30.86
CA GLY G 190 27.87 -39.74 -32.25
C GLY G 190 28.43 -38.43 -32.80
N LEU G 191 29.50 -38.56 -33.57
CA LEU G 191 30.18 -37.40 -34.16
C LEU G 191 29.52 -36.96 -35.45
N GLN G 192 28.21 -36.75 -35.41
CA GLN G 192 27.44 -36.26 -36.54
C GLN G 192 26.18 -35.61 -36.01
N ASN G 193 25.71 -34.58 -36.71
CA ASN G 193 24.56 -33.81 -36.24
C ASN G 193 23.29 -34.65 -36.27
N PHE G 194 22.47 -34.48 -35.24
CA PHE G 194 21.19 -35.17 -35.14
C PHE G 194 20.20 -34.21 -34.50
N GLU G 195 19.00 -34.70 -34.21
CA GLU G 195 17.94 -33.90 -33.63
C GLU G 195 17.29 -34.65 -32.47
N LEU G 196 16.82 -33.90 -31.48
CA LEU G 196 16.11 -34.45 -30.35
C LEU G 196 14.72 -33.81 -30.27
N GLN G 197 13.78 -34.55 -29.70
CA GLN G 197 12.44 -34.03 -29.49
C GLN G 197 12.47 -32.89 -28.48
N PRO G 198 11.59 -31.89 -28.64
CA PRO G 198 11.61 -30.74 -27.71
C PRO G 198 11.35 -31.10 -26.26
N LYS G 199 10.60 -32.17 -26.00
CA LYS G 199 10.37 -32.58 -24.62
C LYS G 199 11.62 -33.19 -23.98
N LEU G 200 12.42 -33.91 -24.77
CA LEU G 200 13.63 -34.53 -24.22
C LEU G 200 14.70 -33.50 -23.91
N LYS G 201 14.80 -32.44 -24.71
CA LYS G 201 15.84 -31.43 -24.49
C LYS G 201 15.66 -30.73 -23.16
N GLN G 202 14.42 -30.43 -22.78
CA GLN G 202 14.16 -29.76 -21.51
C GLN G 202 14.57 -30.63 -20.33
N VAL G 203 14.26 -31.93 -20.39
CA VAL G 203 14.59 -32.83 -19.29
C VAL G 203 16.01 -33.38 -19.38
N PHE G 204 16.79 -32.97 -20.39
CA PHE G 204 18.18 -33.37 -20.51
C PHE G 204 19.12 -32.23 -20.15
N GLY G 205 18.99 -31.08 -20.82
CA GLY G 205 19.92 -29.99 -20.59
C GLY G 205 19.82 -29.44 -19.18
N LYS G 206 18.59 -29.18 -18.72
CA LYS G 206 18.40 -28.64 -17.38
C LYS G 206 18.91 -29.60 -16.31
N GLY G 207 18.62 -30.90 -16.49
CA GLY G 207 19.10 -31.88 -15.52
C GLY G 207 20.61 -32.00 -15.50
N LEU G 208 21.25 -32.02 -16.68
CA LEU G 208 22.70 -32.09 -16.73
C LEU G 208 23.33 -30.86 -16.10
N ILE G 209 22.79 -29.68 -16.39
CA ILE G 209 23.34 -28.45 -15.81
C ILE G 209 23.16 -28.43 -14.30
N LYS G 210 21.98 -28.85 -13.82
CA LYS G 210 21.75 -28.89 -12.39
C LYS G 210 22.70 -29.86 -11.69
N ALA G 211 22.91 -31.03 -12.28
CA ALA G 211 23.80 -32.01 -11.67
C ALA G 211 25.25 -31.54 -11.69
N ALA G 212 25.66 -30.82 -12.74
CA ALA G 212 27.02 -30.33 -12.81
C ALA G 212 27.24 -29.04 -12.04
N MET G 213 26.18 -28.34 -11.64
CA MET G 213 26.30 -27.08 -10.92
C MET G 213 26.11 -27.23 -9.42
N THR G 214 25.12 -28.01 -8.98
CA THR G 214 24.94 -28.23 -7.55
C THR G 214 26.13 -28.97 -6.95
N THR G 215 26.67 -29.93 -7.70
CA THR G 215 27.86 -30.66 -7.31
C THR G 215 29.05 -30.13 -8.11
N GLY G 216 30.13 -29.78 -7.42
CA GLY G 216 31.33 -29.34 -8.12
C GLY G 216 31.89 -30.46 -8.96
N ALA G 217 31.76 -30.34 -10.29
CA ALA G 217 32.04 -31.45 -11.19
C ALA G 217 32.64 -30.93 -12.49
N TRP G 218 33.31 -31.83 -13.20
CA TRP G 218 33.88 -31.56 -14.51
C TRP G 218 33.14 -32.36 -15.57
N ILE G 219 32.95 -31.76 -16.73
CA ILE G 219 32.30 -32.41 -17.87
C ILE G 219 33.33 -32.56 -18.98
N PHE G 220 33.59 -33.79 -19.38
CA PHE G 220 34.46 -34.06 -20.51
C PHE G 220 33.61 -34.24 -21.77
N THR G 221 33.98 -33.53 -22.83
CA THR G 221 33.21 -33.57 -24.06
C THR G 221 34.18 -33.63 -25.25
N GLY G 222 33.61 -33.80 -26.43
CA GLY G 222 34.44 -33.85 -27.63
C GLY G 222 35.09 -32.52 -27.94
N GLY G 223 34.35 -31.42 -27.81
CA GLY G 223 34.90 -30.10 -28.02
C GLY G 223 34.46 -29.45 -29.32
N VAL G 224 34.41 -30.24 -30.40
CA VAL G 224 33.95 -29.70 -31.67
C VAL G 224 32.43 -29.52 -31.65
N ASN G 225 31.92 -28.77 -32.61
CA ASN G 225 30.50 -28.41 -32.62
C ASN G 225 29.70 -29.39 -33.47
N THR G 226 29.74 -30.66 -33.06
CA THR G 226 29.06 -31.74 -33.78
C THR G 226 28.26 -32.60 -32.80
N GLY G 227 27.03 -32.93 -33.20
CA GLY G 227 26.27 -33.95 -32.49
C GLY G 227 25.85 -33.54 -31.09
N VAL G 228 26.15 -34.41 -30.13
CA VAL G 228 25.72 -34.20 -28.74
C VAL G 228 26.41 -32.99 -28.14
N ILE G 229 27.61 -32.66 -28.61
CA ILE G 229 28.35 -31.52 -28.07
C ILE G 229 27.61 -30.22 -28.36
N ARG G 230 26.92 -30.13 -29.50
CA ARG G 230 26.11 -28.95 -29.77
C ARG G 230 24.94 -28.86 -28.79
N HIS G 231 24.36 -30.00 -28.42
CA HIS G 231 23.29 -30.00 -27.43
C HIS G 231 23.80 -29.56 -26.07
N VAL G 232 24.99 -30.02 -25.68
CA VAL G 232 25.61 -29.56 -24.43
C VAL G 232 25.87 -28.06 -24.50
N GLY G 233 26.31 -27.57 -25.65
CA GLY G 233 26.56 -26.14 -25.81
C GLY G 233 25.31 -25.30 -25.65
N ASP G 234 24.21 -25.72 -26.29
CA ASP G 234 22.99 -24.93 -26.16
C ASP G 234 22.36 -25.10 -24.77
N ALA G 235 22.59 -26.25 -24.12
CA ALA G 235 22.15 -26.39 -22.73
C ALA G 235 22.89 -25.41 -21.83
N LEU G 236 24.20 -25.26 -22.04
CA LEU G 236 24.96 -24.26 -21.30
C LEU G 236 24.53 -22.84 -21.66
N LYS G 237 24.14 -22.62 -22.92
CA LYS G 237 23.66 -21.30 -23.33
C LYS G 237 22.36 -20.94 -22.62
N ASP G 238 21.43 -21.89 -22.53
CA ASP G 238 20.15 -21.61 -21.89
C ASP G 238 20.30 -21.38 -20.40
N HIS G 239 21.23 -22.08 -19.75
CA HIS G 239 21.44 -21.88 -18.31
C HIS G 239 22.06 -20.52 -18.02
N ALA G 240 22.98 -20.07 -18.88
CA ALA G 240 23.73 -18.85 -18.61
C ALA G 240 22.86 -17.60 -18.58
N SER G 241 21.69 -17.62 -19.22
CA SER G 241 20.83 -16.45 -19.25
C SER G 241 19.93 -16.33 -18.04
N LYS G 242 19.95 -17.29 -17.12
CA LYS G 242 19.07 -17.24 -15.96
C LYS G 242 19.72 -17.58 -14.64
N SER G 243 21.00 -17.98 -14.60
CA SER G 243 21.62 -18.41 -13.35
C SER G 243 23.06 -17.91 -13.30
N ARG G 244 23.61 -17.88 -12.08
CA ARG G 244 24.98 -17.47 -11.84
C ARG G 244 25.91 -18.65 -12.05
N GLY G 245 27.18 -18.48 -11.69
CA GLY G 245 28.12 -19.57 -11.66
C GLY G 245 28.65 -19.95 -13.03
N LYS G 246 29.81 -20.61 -13.01
CA LYS G 246 30.46 -21.13 -14.21
C LYS G 246 30.64 -22.63 -14.05
N ILE G 247 30.42 -23.36 -15.14
CA ILE G 247 30.55 -24.82 -15.15
C ILE G 247 31.82 -25.18 -15.91
N CYS G 248 32.69 -25.94 -15.26
CA CYS G 248 33.98 -26.32 -15.85
C CYS G 248 33.75 -27.40 -16.90
N THR G 249 33.54 -26.97 -18.14
CA THR G 249 33.38 -27.88 -19.27
C THR G 249 34.70 -27.96 -20.01
N ILE G 250 35.28 -29.16 -20.05
CA ILE G 250 36.58 -29.38 -20.67
C ILE G 250 36.37 -30.17 -21.96
N GLY G 251 36.88 -29.64 -23.06
CA GLY G 251 36.77 -30.32 -24.33
C GLY G 251 38.11 -30.84 -24.83
N ILE G 252 38.17 -32.13 -25.13
CA ILE G 252 39.37 -32.77 -25.66
C ILE G 252 39.12 -33.03 -27.13
N ALA G 253 39.58 -32.10 -27.98
CA ALA G 253 39.29 -32.17 -29.40
C ALA G 253 40.57 -32.39 -30.21
N PRO G 254 40.48 -33.14 -31.31
CA PRO G 254 41.63 -33.25 -32.20
C PRO G 254 41.96 -31.91 -32.83
N TRP G 255 43.26 -31.69 -33.05
CA TRP G 255 43.72 -30.40 -33.56
C TRP G 255 43.43 -30.25 -35.04
N GLY G 256 43.40 -31.33 -35.79
CA GLY G 256 43.27 -31.27 -37.23
C GLY G 256 41.88 -31.01 -37.76
N ILE G 257 40.87 -30.93 -36.90
CA ILE G 257 39.49 -30.77 -37.33
C ILE G 257 38.93 -29.38 -37.05
N VAL G 258 39.69 -28.53 -36.35
CA VAL G 258 39.21 -27.18 -36.08
C VAL G 258 39.12 -26.39 -37.38
N GLU G 259 38.22 -25.40 -37.40
CA GLU G 259 38.01 -24.61 -38.61
C GLU G 259 39.27 -23.83 -38.98
N ASN G 260 39.92 -23.23 -37.99
CA ASN G 260 41.11 -22.41 -38.22
C ASN G 260 42.23 -22.97 -37.34
N GLN G 261 43.10 -23.81 -37.93
CA GLN G 261 44.31 -24.21 -37.24
C GLN G 261 45.23 -23.00 -37.03
N GLU G 262 45.20 -22.06 -37.96
CA GLU G 262 45.84 -20.76 -37.75
C GLU G 262 44.92 -19.91 -36.88
N ASP G 263 45.28 -18.63 -36.71
CA ASP G 263 44.58 -17.67 -35.85
C ASP G 263 44.61 -18.07 -34.38
N LEU G 264 45.29 -19.16 -34.04
CA LEU G 264 45.47 -19.59 -32.66
C LEU G 264 46.95 -19.82 -32.33
N ILE G 265 47.86 -19.43 -33.22
CA ILE G 265 49.28 -19.69 -33.01
C ILE G 265 49.89 -18.70 -32.02
N GLY G 266 49.20 -17.60 -31.73
CA GLY G 266 49.69 -16.64 -30.75
C GLY G 266 49.75 -17.21 -29.36
N ARG G 267 50.96 -17.44 -28.86
CA ARG G 267 51.14 -18.09 -27.56
C ARG G 267 50.96 -17.09 -26.44
N ASP G 268 50.13 -17.46 -25.44
CA ASP G 268 49.88 -16.66 -24.24
C ASP G 268 49.37 -15.27 -24.60
N VAL G 269 48.44 -15.20 -25.54
CA VAL G 269 47.83 -13.95 -25.96
C VAL G 269 46.41 -14.23 -26.38
N VAL G 270 45.53 -13.24 -26.17
CA VAL G 270 44.12 -13.38 -26.53
C VAL G 270 44.00 -13.43 -28.04
N ARG G 271 43.30 -14.42 -28.55
CA ARG G 271 43.16 -14.64 -29.99
C ARG G 271 41.68 -14.64 -30.37
N PRO G 272 41.24 -13.77 -31.28
CA PRO G 272 39.84 -13.81 -31.71
C PRO G 272 39.52 -15.10 -32.46
N TYR G 273 38.26 -15.53 -32.33
CA TYR G 273 37.78 -16.73 -33.00
C TYR G 273 36.35 -16.50 -33.45
N GLN G 274 36.03 -16.91 -34.66
CA GLN G 274 34.74 -16.64 -35.27
C GLN G 274 33.86 -17.88 -35.24
N THR G 275 32.65 -17.73 -34.70
CA THR G 275 31.74 -18.86 -34.57
C THR G 275 31.07 -19.24 -35.88
N MET G 276 30.99 -18.32 -36.83
CA MET G 276 30.36 -18.62 -38.12
C MET G 276 31.22 -19.60 -38.91
N SER G 277 30.58 -20.65 -39.44
CA SER G 277 31.26 -21.67 -40.21
C SER G 277 30.51 -21.93 -41.50
N ASN G 278 31.26 -22.14 -42.59
CA ASN G 278 30.67 -22.50 -43.87
C ASN G 278 30.72 -24.02 -44.05
N PRO G 279 29.60 -24.65 -44.43
CA PRO G 279 29.60 -26.11 -44.56
C PRO G 279 30.51 -26.65 -45.66
N MET G 280 30.98 -25.79 -46.56
CA MET G 280 31.83 -26.22 -47.67
C MET G 280 33.30 -26.34 -47.30
N SER G 281 33.67 -26.01 -46.05
CA SER G 281 35.07 -26.00 -45.64
C SER G 281 35.59 -27.37 -45.20
N LYS G 282 34.71 -28.36 -45.07
CA LYS G 282 35.06 -29.74 -44.70
C LYS G 282 35.68 -29.84 -43.31
N LEU G 283 35.58 -28.79 -42.50
CA LEU G 283 36.12 -28.78 -41.15
C LEU G 283 35.07 -28.20 -40.22
N THR G 284 35.13 -28.62 -38.96
CA THR G 284 34.13 -28.27 -37.97
C THR G 284 34.68 -27.19 -37.02
N VAL G 285 33.87 -26.17 -36.78
CA VAL G 285 34.32 -25.05 -35.94
C VAL G 285 34.33 -25.47 -34.47
N LEU G 286 35.18 -24.81 -33.69
CA LEU G 286 35.26 -25.09 -32.27
C LEU G 286 34.03 -24.56 -31.56
N ASN G 287 33.43 -25.39 -30.72
CA ASN G 287 32.20 -25.02 -30.03
C ASN G 287 32.49 -24.05 -28.89
N SER G 288 31.72 -22.98 -28.82
CA SER G 288 31.87 -21.99 -27.75
C SER G 288 31.18 -22.51 -26.49
N MET G 289 31.11 -21.65 -25.47
CA MET G 289 30.52 -22.00 -24.16
C MET G 289 31.23 -23.19 -23.54
N HIS G 290 32.54 -23.28 -23.76
CA HIS G 290 33.39 -24.29 -23.14
C HIS G 290 34.43 -23.60 -22.29
N SER G 291 34.65 -24.09 -21.07
CA SER G 291 35.54 -23.41 -20.14
C SER G 291 37.01 -23.60 -20.54
N HIS G 292 37.39 -24.81 -20.96
CA HIS G 292 38.77 -25.09 -21.28
C HIS G 292 38.84 -26.08 -22.44
N PHE G 293 39.97 -26.07 -23.12
CA PHE G 293 40.21 -26.93 -24.28
C PHE G 293 41.56 -27.61 -24.14
N ILE G 294 41.60 -28.89 -24.50
CA ILE G 294 42.83 -29.66 -24.63
C ILE G 294 42.86 -30.21 -26.04
N LEU G 295 43.82 -29.75 -26.84
CA LEU G 295 43.90 -30.12 -28.25
C LEU G 295 45.09 -31.06 -28.45
N ALA G 296 44.82 -32.21 -29.06
CA ALA G 296 45.83 -33.24 -29.29
C ALA G 296 45.97 -33.47 -30.79
N ASP G 297 47.21 -33.48 -31.27
CA ASP G 297 47.50 -33.73 -32.68
C ASP G 297 48.46 -34.90 -32.79
N ASN G 298 48.13 -35.85 -33.67
CA ASN G 298 49.00 -36.98 -33.96
C ASN G 298 49.87 -36.73 -35.20
N GLY G 299 49.83 -35.52 -35.76
CA GLY G 299 50.54 -35.20 -36.97
C GLY G 299 49.67 -35.17 -38.22
N THR G 300 48.42 -35.58 -38.11
CA THR G 300 47.51 -35.64 -39.25
C THR G 300 46.45 -34.55 -39.14
N THR G 301 45.78 -34.30 -40.26
CA THR G 301 44.68 -33.33 -40.33
C THR G 301 43.50 -33.96 -41.05
N GLY G 302 42.29 -33.58 -40.65
CA GLY G 302 41.08 -34.03 -41.30
C GLY G 302 40.56 -35.38 -40.87
N LYS G 303 41.16 -36.00 -39.85
CA LYS G 303 40.70 -37.30 -39.37
C LYS G 303 40.59 -37.28 -37.85
N TYR G 304 39.60 -38.02 -37.35
CA TYR G 304 39.38 -38.14 -35.91
C TYR G 304 40.31 -39.21 -35.33
N GLY G 305 40.05 -39.60 -34.08
CA GLY G 305 40.81 -40.65 -33.44
C GLY G 305 42.13 -40.24 -32.86
N ALA G 306 42.39 -38.94 -32.75
CA ALA G 306 43.65 -38.44 -32.20
C ALA G 306 43.55 -38.07 -30.73
N GLU G 307 42.40 -38.31 -30.09
CA GLU G 307 42.18 -37.87 -28.71
C GLU G 307 41.60 -38.94 -27.80
N VAL G 308 41.14 -40.07 -28.33
CA VAL G 308 40.47 -41.06 -27.50
C VAL G 308 41.42 -41.66 -26.46
N LYS G 309 42.65 -41.99 -26.87
CA LYS G 309 43.60 -42.59 -25.94
C LYS G 309 43.99 -41.62 -24.85
N LEU G 310 44.28 -40.36 -25.20
CA LEU G 310 44.65 -39.37 -24.20
C LEU G 310 43.50 -39.09 -23.24
N ARG G 311 42.28 -38.97 -23.77
CA ARG G 311 41.12 -38.71 -22.93
C ARG G 311 40.89 -39.87 -21.95
N ARG G 312 40.98 -41.11 -22.44
CA ARG G 312 40.79 -42.26 -21.57
C ARG G 312 41.88 -42.36 -20.52
N GLN G 313 43.13 -42.08 -20.91
CA GLN G 313 44.23 -42.13 -19.96
C GLN G 313 44.06 -41.07 -18.87
N LEU G 314 43.67 -39.85 -19.25
CA LEU G 314 43.47 -38.79 -18.27
C LEU G 314 42.31 -39.14 -17.33
N GLU G 315 41.21 -39.66 -17.87
CA GLU G 315 40.09 -40.05 -17.04
C GLU G 315 40.47 -41.17 -16.07
N LYS G 316 41.23 -42.16 -16.56
CA LYS G 316 41.68 -43.26 -15.70
C LYS G 316 42.59 -42.75 -14.59
N HIS G 317 43.50 -41.83 -14.91
CA HIS G 317 44.39 -41.30 -13.88
C HIS G 317 43.64 -40.44 -12.88
N ILE G 318 42.67 -39.66 -13.33
CA ILE G 318 41.95 -38.78 -12.42
C ILE G 318 40.95 -39.57 -11.57
N SER G 319 40.56 -40.76 -12.02
CA SER G 319 39.73 -41.62 -11.18
C SER G 319 40.48 -42.08 -9.94
N LEU G 320 41.77 -42.40 -10.09
CA LEU G 320 42.60 -42.83 -8.97
C LEU G 320 43.04 -41.67 -8.08
N GLN G 321 42.85 -40.42 -8.51
CA GLN G 321 43.25 -39.29 -7.70
C GLN G 321 42.40 -39.21 -6.44
N LYS G 322 43.05 -38.95 -5.31
CA LYS G 322 42.39 -39.02 -4.02
C LYS G 322 41.60 -37.74 -3.74
N ILE G 323 40.34 -37.90 -3.36
CA ILE G 323 39.47 -36.79 -2.99
C ILE G 323 39.89 -36.32 -1.60
N ASN G 324 39.40 -35.15 -1.19
CA ASN G 324 39.81 -34.57 0.09
C ASN G 324 39.34 -35.40 1.29
N THR G 325 38.32 -36.23 1.13
CA THR G 325 37.90 -37.11 2.21
C THR G 325 38.92 -38.23 2.37
N ARG G 326 39.36 -38.45 3.60
CA ARG G 326 40.47 -39.37 3.89
C ARG G 326 40.01 -40.80 4.10
N ILE G 327 38.82 -41.16 3.61
CA ILE G 327 38.38 -42.56 3.69
C ILE G 327 39.28 -43.44 2.81
N GLY G 328 39.60 -42.97 1.60
CA GLY G 328 40.42 -43.72 0.69
C GLY G 328 39.76 -43.96 -0.64
N GLN G 329 38.81 -43.10 -1.00
CA GLN G 329 38.06 -43.20 -2.25
C GLN G 329 38.49 -42.10 -3.20
N GLY G 330 38.59 -42.45 -4.48
CA GLY G 330 38.83 -41.46 -5.52
C GLY G 330 37.55 -40.76 -5.92
N VAL G 331 37.68 -39.88 -6.90
CA VAL G 331 36.51 -39.16 -7.42
C VAL G 331 35.65 -40.17 -8.17
N PRO G 332 34.33 -40.05 -8.11
CA PRO G 332 33.47 -40.98 -8.86
C PRO G 332 33.28 -40.50 -10.29
N VAL G 333 33.41 -41.42 -11.24
CA VAL G 333 33.28 -41.11 -12.66
C VAL G 333 32.03 -41.79 -13.19
N VAL G 334 31.29 -41.07 -14.03
CA VAL G 334 30.06 -41.58 -14.64
C VAL G 334 30.17 -41.37 -16.13
N ALA G 335 29.36 -42.13 -16.88
CA ALA G 335 29.34 -42.04 -18.33
C ALA G 335 27.93 -41.73 -18.78
N LEU G 336 27.79 -40.74 -19.66
CA LEU G 336 26.50 -40.34 -20.21
C LEU G 336 26.51 -40.58 -21.70
N ILE G 337 25.49 -41.29 -22.19
CA ILE G 337 25.41 -41.68 -23.59
C ILE G 337 24.18 -41.02 -24.21
N VAL G 338 24.40 -40.26 -25.27
CA VAL G 338 23.32 -39.67 -26.07
C VAL G 338 23.62 -39.95 -27.53
N GLU G 339 22.63 -40.45 -28.27
CA GLU G 339 22.77 -40.83 -29.68
C GLU G 339 23.85 -41.91 -29.75
N GLY G 340 24.86 -41.79 -30.61
CA GLY G 340 25.94 -42.76 -30.64
C GLY G 340 26.24 -43.31 -32.02
N GLY G 341 26.71 -44.55 -32.07
CA GLY G 341 27.05 -45.20 -33.31
C GLY G 341 27.44 -46.64 -33.09
N PRO G 342 28.32 -47.16 -33.93
CA PRO G 342 28.81 -48.53 -33.73
C PRO G 342 29.91 -48.60 -32.68
N ASN G 343 30.67 -47.52 -32.53
CA ASN G 343 31.77 -47.50 -31.57
C ASN G 343 31.31 -47.21 -30.14
N VAL G 344 30.09 -46.70 -29.96
CA VAL G 344 29.62 -46.39 -28.63
C VAL G 344 29.42 -47.66 -27.81
N ILE G 345 29.06 -48.77 -28.47
CA ILE G 345 28.96 -50.04 -27.77
C ILE G 345 30.35 -50.50 -27.32
N SER G 346 31.37 -50.28 -28.15
CA SER G 346 32.73 -50.65 -27.76
C SER G 346 33.21 -49.82 -26.57
N ILE G 347 32.94 -48.52 -26.58
CA ILE G 347 33.43 -47.70 -25.46
C ILE G 347 32.62 -47.97 -24.20
N VAL G 348 31.33 -48.29 -24.32
CA VAL G 348 30.57 -48.62 -23.11
C VAL G 348 31.01 -49.98 -22.57
N LEU G 349 31.43 -50.90 -23.44
CA LEU G 349 32.03 -52.14 -22.96
C LEU G 349 33.35 -51.87 -22.25
N GLU G 350 34.17 -50.97 -22.81
CA GLU G 350 35.41 -50.59 -22.15
C GLU G 350 35.16 -49.99 -20.78
N TYR G 351 34.10 -49.19 -20.65
CA TYR G 351 33.71 -48.66 -19.35
C TYR G 351 33.28 -49.77 -18.39
N LEU G 352 32.46 -50.71 -18.88
CA LEU G 352 31.94 -51.77 -18.02
C LEU G 352 33.05 -52.71 -17.56
N ARG G 353 33.98 -53.05 -18.44
CA ARG G 353 35.01 -54.04 -18.16
C ARG G 353 36.19 -53.49 -17.36
N ASP G 354 36.21 -52.17 -17.10
CA ASP G 354 37.34 -51.57 -16.40
C ASP G 354 37.45 -52.12 -14.98
N THR G 355 38.69 -52.18 -14.48
CA THR G 355 38.92 -52.73 -13.15
C THR G 355 38.18 -51.98 -12.05
N PRO G 356 38.16 -50.64 -12.01
CA PRO G 356 37.09 -49.96 -11.29
C PRO G 356 35.87 -49.81 -12.20
N PRO G 357 34.77 -50.48 -11.89
CA PRO G 357 33.60 -50.42 -12.78
C PRO G 357 33.00 -49.03 -12.79
N VAL G 358 32.84 -48.48 -13.99
CA VAL G 358 32.33 -47.12 -14.19
C VAL G 358 30.88 -47.24 -14.65
N PRO G 359 29.91 -46.82 -13.85
CA PRO G 359 28.51 -46.87 -14.29
C PRO G 359 28.26 -45.92 -15.44
N VAL G 360 27.30 -46.31 -16.30
CA VAL G 360 26.93 -45.48 -17.44
C VAL G 360 25.43 -45.19 -17.36
N VAL G 361 25.03 -44.08 -17.98
CA VAL G 361 23.64 -43.67 -18.06
C VAL G 361 23.32 -43.41 -19.52
N VAL G 362 22.27 -44.05 -20.03
CA VAL G 362 21.88 -43.93 -21.43
C VAL G 362 20.50 -43.29 -21.52
N CYS G 363 20.22 -42.73 -22.70
CA CYS G 363 18.94 -42.10 -22.97
C CYS G 363 18.22 -42.88 -24.06
N ASP G 364 16.88 -42.88 -23.98
CA ASP G 364 16.06 -43.69 -24.88
C ASP G 364 15.55 -42.92 -26.09
N GLY G 365 15.33 -41.61 -25.96
CA GLY G 365 14.70 -40.84 -27.02
C GLY G 365 15.60 -40.40 -28.15
N SER G 366 16.90 -40.75 -28.10
CA SER G 366 17.82 -40.30 -29.15
C SER G 366 17.53 -41.00 -30.48
N GLY G 367 17.36 -42.32 -30.46
CA GLY G 367 17.07 -43.09 -31.64
C GLY G 367 18.24 -43.86 -32.22
N ARG G 368 19.46 -43.56 -31.77
CA ARG G 368 20.65 -44.27 -32.24
C ARG G 368 20.91 -45.45 -31.29
N ALA G 369 22.13 -46.01 -31.32
CA ALA G 369 22.45 -47.21 -30.55
C ALA G 369 22.20 -47.06 -29.06
N SER G 370 22.12 -45.83 -28.54
CA SER G 370 21.66 -45.65 -27.17
C SER G 370 20.23 -46.13 -27.00
N ASP G 371 19.37 -45.84 -27.98
CA ASP G 371 18.01 -46.39 -27.96
C ASP G 371 18.04 -47.90 -28.13
N ILE G 372 18.95 -48.41 -28.95
CA ILE G 372 19.09 -49.86 -29.11
C ILE G 372 19.51 -50.50 -27.80
N LEU G 373 20.46 -49.89 -27.09
CA LEU G 373 20.89 -50.42 -25.80
C LEU G 373 19.79 -50.33 -24.76
N ALA G 374 19.00 -49.25 -24.80
CA ALA G 374 17.86 -49.13 -23.88
C ALA G 374 16.81 -50.20 -24.14
N PHE G 375 16.54 -50.49 -25.42
CA PHE G 375 15.62 -51.57 -25.76
C PHE G 375 16.19 -52.92 -25.33
N GLY G 376 17.50 -53.11 -25.50
CA GLY G 376 18.13 -54.35 -25.10
C GLY G 376 18.26 -54.52 -23.60
N HIS G 377 18.10 -53.43 -22.84
CA HIS G 377 18.06 -53.55 -21.38
C HIS G 377 16.89 -54.42 -20.94
N LYS G 378 15.75 -54.27 -21.62
CA LYS G 378 14.65 -55.20 -21.45
C LYS G 378 15.05 -56.59 -21.96
N TYR G 379 14.44 -57.62 -21.37
CA TYR G 379 14.69 -59.02 -21.72
C TYR G 379 16.16 -59.39 -21.48
N SER G 380 16.52 -59.36 -20.20
CA SER G 380 17.86 -59.75 -19.79
C SER G 380 18.07 -61.24 -20.00
N GLU G 381 19.28 -61.61 -20.36
CA GLU G 381 19.63 -63.02 -20.59
C GLU G 381 19.85 -63.75 -19.27
N VAL G 396 15.37 -63.20 -28.62
CA VAL G 396 14.91 -62.35 -29.70
C VAL G 396 16.10 -61.85 -30.54
N THR G 397 16.88 -62.80 -31.06
CA THR G 397 18.01 -62.45 -31.91
C THR G 397 17.60 -62.14 -33.35
N ILE G 398 16.34 -62.37 -33.72
CA ILE G 398 15.88 -62.15 -35.09
C ILE G 398 15.61 -60.69 -35.39
N GLN G 399 15.73 -59.79 -34.41
CA GLN G 399 15.53 -58.35 -34.62
C GLN G 399 16.83 -57.64 -34.99
N LYS G 400 17.78 -58.34 -35.61
CA LYS G 400 19.09 -57.80 -35.90
C LYS G 400 19.16 -56.96 -37.17
N THR G 401 18.05 -56.81 -37.89
CA THR G 401 18.03 -56.04 -39.12
C THR G 401 17.73 -54.59 -38.80
N PHE G 402 18.68 -53.70 -39.12
CA PHE G 402 18.52 -52.27 -38.88
C PHE G 402 18.86 -51.42 -40.10
N THR G 403 19.38 -52.02 -41.17
CA THR G 403 19.97 -51.28 -42.29
C THR G 403 21.05 -50.32 -41.78
N TYR G 404 21.83 -50.79 -40.82
CA TYR G 404 22.83 -49.99 -40.13
C TYR G 404 24.24 -50.56 -40.21
N THR G 405 24.37 -51.87 -40.40
CA THR G 405 25.67 -52.51 -40.56
C THR G 405 25.67 -53.37 -41.82
N ARG G 406 26.72 -54.17 -42.01
CA ARG G 406 26.81 -55.05 -43.18
C ARG G 406 25.89 -56.24 -42.97
N THR G 407 24.61 -55.99 -43.19
CA THR G 407 23.51 -56.96 -43.20
C THR G 407 23.51 -57.74 -41.88
N GLN G 408 23.08 -58.99 -41.92
CA GLN G 408 23.17 -59.88 -40.77
C GLN G 408 24.54 -60.56 -40.68
N ALA G 409 25.40 -60.37 -41.69
CA ALA G 409 26.72 -60.99 -41.66
C ALA G 409 27.62 -60.34 -40.62
N GLN G 410 27.65 -59.00 -40.57
CA GLN G 410 28.48 -58.29 -39.63
C GLN G 410 27.61 -57.79 -38.47
N HIS G 411 28.00 -58.15 -37.25
CA HIS G 411 27.24 -57.77 -36.06
C HIS G 411 28.19 -57.41 -34.93
N LEU G 412 27.71 -56.50 -34.06
CA LEU G 412 28.33 -56.23 -32.78
C LEU G 412 27.58 -56.91 -31.64
N PHE G 413 26.94 -58.04 -31.94
CA PHE G 413 26.07 -58.69 -30.97
C PHE G 413 26.87 -59.33 -29.83
N ILE G 414 28.11 -59.74 -30.08
CA ILE G 414 28.96 -60.25 -29.00
C ILE G 414 29.23 -59.15 -27.98
N ILE G 415 29.58 -57.96 -28.46
CA ILE G 415 29.82 -56.83 -27.57
C ILE G 415 28.55 -56.45 -26.83
N LEU G 416 27.42 -56.42 -27.55
CA LEU G 416 26.15 -56.10 -26.91
C LEU G 416 25.77 -57.13 -25.85
N MET G 417 26.03 -58.40 -26.12
CA MET G 417 25.72 -59.45 -25.16
C MET G 417 26.63 -59.37 -23.93
N GLU G 418 27.90 -59.00 -24.12
CA GLU G 418 28.76 -58.80 -22.97
C GLU G 418 28.31 -57.61 -22.13
N CYS G 419 27.91 -56.53 -22.79
CA CYS G 419 27.38 -55.36 -22.07
C CYS G 419 26.13 -55.72 -21.28
N MET G 420 25.24 -56.52 -21.88
CA MET G 420 24.06 -56.98 -21.15
C MET G 420 24.41 -58.00 -20.08
N LYS G 421 25.54 -58.70 -20.24
CA LYS G 421 26.02 -59.57 -19.19
C LYS G 421 26.42 -58.76 -17.96
N LYS G 422 27.04 -57.60 -18.18
CA LYS G 422 27.26 -56.65 -17.08
C LYS G 422 26.12 -55.64 -17.02
N LYS G 423 24.91 -56.17 -16.79
CA LYS G 423 23.70 -55.36 -16.78
C LYS G 423 23.54 -54.50 -15.53
N GLU G 424 24.18 -54.88 -14.42
CA GLU G 424 23.90 -54.24 -13.12
C GLU G 424 24.35 -52.80 -13.06
N LEU G 425 25.14 -52.32 -14.03
CA LEU G 425 25.64 -50.96 -14.01
C LEU G 425 24.90 -50.03 -14.96
N ILE G 426 24.28 -50.56 -16.01
CA ILE G 426 23.57 -49.72 -16.98
C ILE G 426 22.34 -49.11 -16.32
N THR G 427 22.14 -47.81 -16.56
CA THR G 427 20.95 -47.11 -16.09
C THR G 427 20.30 -46.43 -17.29
N VAL G 428 18.99 -46.63 -17.44
CA VAL G 428 18.25 -46.11 -18.58
C VAL G 428 17.30 -45.02 -18.08
N PHE G 429 17.30 -43.88 -18.78
CA PHE G 429 16.46 -42.75 -18.42
C PHE G 429 15.24 -42.73 -19.33
N ARG G 430 14.05 -42.68 -18.72
CA ARG G 430 12.78 -42.63 -19.43
C ARG G 430 12.08 -41.33 -19.10
N MET G 431 11.34 -40.79 -20.08
CA MET G 431 10.59 -39.55 -19.87
C MET G 431 9.26 -39.88 -19.20
N GLY G 432 9.34 -40.21 -17.91
CA GLY G 432 8.18 -40.48 -17.10
C GLY G 432 7.64 -41.89 -17.20
N SER G 433 8.19 -42.72 -18.08
CA SER G 433 7.72 -44.10 -18.18
C SER G 433 8.07 -44.90 -16.94
N GLU G 434 9.24 -44.64 -16.36
CA GLU G 434 9.68 -45.34 -15.15
C GLU G 434 10.06 -44.33 -14.08
N GLY G 435 10.65 -44.80 -12.99
CA GLY G 435 11.08 -43.92 -11.93
C GLY G 435 12.28 -43.08 -12.34
N HIS G 436 12.63 -42.13 -11.46
CA HIS G 436 13.72 -41.19 -11.68
C HIS G 436 13.50 -40.39 -12.97
N GLN G 437 12.43 -39.58 -12.96
CA GLN G 437 12.05 -38.79 -14.13
C GLN G 437 13.00 -37.64 -14.38
N ASP G 438 13.90 -37.34 -13.46
CA ASP G 438 14.85 -36.24 -13.60
C ASP G 438 16.26 -36.79 -13.77
N ILE G 439 16.94 -36.36 -14.84
CA ILE G 439 18.25 -36.91 -15.14
C ILE G 439 19.31 -36.37 -14.19
N ASP G 440 19.05 -35.25 -13.50
CA ASP G 440 19.99 -34.79 -12.49
C ASP G 440 20.06 -35.77 -11.33
N LEU G 441 18.93 -36.36 -10.95
CA LEU G 441 18.93 -37.43 -9.97
C LEU G 441 19.39 -38.76 -10.57
N ALA G 442 19.07 -39.00 -11.85
CA ALA G 442 19.46 -40.25 -12.49
C ALA G 442 20.97 -40.37 -12.58
N ILE G 443 21.67 -39.27 -12.79
CA ILE G 443 23.13 -39.29 -12.80
C ILE G 443 23.66 -39.56 -11.39
N LEU G 444 23.14 -38.85 -10.40
CA LEU G 444 23.66 -38.98 -9.04
C LEU G 444 23.32 -40.32 -8.42
N THR G 445 22.11 -40.82 -8.65
CA THR G 445 21.73 -42.10 -8.05
C THR G 445 22.44 -43.28 -8.70
N ALA G 446 23.09 -43.09 -9.85
CA ALA G 446 23.83 -44.17 -10.48
C ALA G 446 25.26 -44.27 -9.99
N LEU G 447 25.72 -43.31 -9.19
CA LEU G 447 27.06 -43.35 -8.62
C LEU G 447 27.10 -43.98 -7.24
N LEU G 448 25.99 -43.91 -6.49
CA LEU G 448 25.96 -44.51 -5.17
C LEU G 448 26.02 -46.03 -5.24
N LYS G 449 25.18 -46.63 -6.10
CA LYS G 449 25.20 -48.08 -6.26
C LYS G 449 26.40 -48.55 -7.08
N GLY G 450 26.91 -47.70 -7.97
CA GLY G 450 28.05 -48.08 -8.79
C GLY G 450 29.37 -48.08 -8.03
N ALA G 451 29.44 -47.40 -6.90
CA ALA G 451 30.66 -47.39 -6.10
C ALA G 451 30.93 -48.75 -5.46
N ASN G 452 29.90 -49.56 -5.25
CA ASN G 452 30.02 -50.87 -4.59
C ASN G 452 30.67 -50.75 -3.22
N ALA G 453 30.33 -49.70 -2.49
CA ALA G 453 30.91 -49.41 -1.19
C ALA G 453 29.83 -49.44 -0.12
N SER G 454 30.23 -49.18 1.11
CA SER G 454 29.34 -49.27 2.25
C SER G 454 28.55 -47.97 2.43
N ALA G 455 27.63 -47.98 3.40
CA ALA G 455 26.85 -46.79 3.70
C ALA G 455 27.67 -45.58 4.12
N PRO G 456 28.73 -45.69 4.95
CA PRO G 456 29.54 -44.49 5.23
C PRO G 456 30.14 -43.85 4.00
N ASP G 457 30.55 -44.62 3.01
CA ASP G 457 31.11 -44.04 1.79
C ASP G 457 30.04 -43.29 1.00
N GLN G 458 28.84 -43.86 0.90
CA GLN G 458 27.74 -43.16 0.23
C GLN G 458 27.40 -41.86 0.95
N LEU G 459 27.37 -41.91 2.29
CA LEU G 459 27.08 -40.71 3.07
C LEU G 459 28.17 -39.66 2.86
N SER G 460 29.43 -40.09 2.81
CA SER G 460 30.52 -39.15 2.58
C SER G 460 30.42 -38.51 1.20
N LEU G 461 30.07 -39.30 0.18
CA LEU G 461 29.90 -38.74 -1.16
C LEU G 461 28.75 -37.74 -1.20
N ALA G 462 27.60 -38.09 -0.61
CA ALA G 462 26.47 -37.17 -0.61
C ALA G 462 26.75 -35.93 0.22
N LEU G 463 27.61 -36.05 1.24
CA LEU G 463 27.99 -34.88 2.02
C LEU G 463 28.93 -33.98 1.25
N ALA G 464 29.88 -34.56 0.53
CA ALA G 464 30.80 -33.77 -0.29
C ALA G 464 30.06 -33.06 -1.42
N TRP G 465 29.09 -33.73 -2.03
CA TRP G 465 28.31 -33.11 -3.10
C TRP G 465 27.35 -32.04 -2.59
N ASN G 466 27.10 -31.99 -1.28
CA ASN G 466 26.13 -31.07 -0.70
C ASN G 466 24.74 -31.26 -1.31
N ARG G 467 24.32 -32.52 -1.43
CA ARG G 467 22.99 -32.87 -1.90
C ARG G 467 22.26 -33.56 -0.76
N VAL G 468 21.48 -32.80 0.00
CA VAL G 468 20.79 -33.37 1.15
C VAL G 468 19.67 -34.32 0.72
N ASP G 469 18.97 -34.01 -0.37
CA ASP G 469 17.84 -34.82 -0.80
C ASP G 469 18.28 -36.23 -1.20
N ILE G 470 19.42 -36.35 -1.87
CA ILE G 470 19.91 -37.66 -2.28
C ILE G 470 20.20 -38.54 -1.07
N ALA G 471 20.85 -37.97 -0.05
CA ALA G 471 21.14 -38.74 1.16
C ALA G 471 19.87 -39.05 1.92
N ARG G 472 18.89 -38.14 1.91
CA ARG G 472 17.66 -38.38 2.64
C ARG G 472 16.81 -39.46 1.99
N SER G 473 16.85 -39.55 0.66
CA SER G 473 15.99 -40.48 -0.08
C SER G 473 16.68 -41.77 -0.46
N GLN G 474 17.97 -41.74 -0.82
CA GLN G 474 18.66 -42.92 -1.31
C GLN G 474 19.59 -43.55 -0.29
N ILE G 475 19.94 -42.86 0.80
CA ILE G 475 20.87 -43.41 1.77
C ILE G 475 20.14 -43.76 3.07
N PHE G 476 19.53 -42.76 3.70
CA PHE G 476 18.84 -42.97 4.97
C PHE G 476 17.51 -43.67 4.70
N ILE G 477 17.59 -44.99 4.56
CA ILE G 477 16.45 -45.84 4.28
C ILE G 477 16.44 -46.95 5.34
N TYR G 478 15.31 -47.66 5.41
CA TYR G 478 15.15 -48.72 6.40
C TYR G 478 16.19 -49.81 6.24
N GLY G 479 16.84 -50.16 7.35
CA GLY G 479 17.81 -51.25 7.35
C GLY G 479 19.10 -50.96 6.61
N GLN G 480 19.91 -50.04 7.13
CA GLN G 480 21.20 -49.71 6.53
C GLN G 480 22.39 -50.24 7.30
N GLN G 481 22.26 -50.44 8.61
CA GLN G 481 23.27 -51.09 9.44
C GLN G 481 24.62 -50.35 9.39
N TRP G 482 24.62 -49.13 9.91
CA TRP G 482 25.86 -48.39 10.06
C TRP G 482 26.73 -49.05 11.13
N PRO G 483 28.05 -49.10 10.94
CA PRO G 483 28.93 -49.63 11.97
C PRO G 483 28.97 -48.72 13.19
N VAL G 484 29.75 -49.15 14.19
CA VAL G 484 29.88 -48.38 15.42
C VAL G 484 30.87 -47.25 15.20
N GLY G 485 30.47 -46.03 15.58
CA GLY G 485 31.32 -44.87 15.45
C GLY G 485 31.35 -44.25 14.07
N SER G 486 30.42 -44.61 13.19
CA SER G 486 30.37 -44.06 11.83
C SER G 486 29.55 -42.78 11.76
N LEU G 487 28.36 -42.77 12.37
CA LEU G 487 27.55 -41.56 12.37
C LEU G 487 28.21 -40.44 13.16
N GLU G 488 29.01 -40.77 14.18
CA GLU G 488 29.78 -39.74 14.87
C GLU G 488 30.80 -39.09 13.94
N GLN G 489 31.51 -39.91 13.15
CA GLN G 489 32.48 -39.36 12.21
C GLN G 489 31.79 -38.53 11.14
N ALA G 490 30.62 -38.98 10.66
CA ALA G 490 29.87 -38.19 9.69
C ALA G 490 29.40 -36.88 10.31
N MET G 491 29.01 -36.90 11.58
CA MET G 491 28.61 -35.67 12.27
C MET G 491 29.77 -34.70 12.38
N LEU G 492 30.95 -35.19 12.74
CA LEU G 492 32.13 -34.33 12.82
C LEU G 492 32.48 -33.74 11.46
N ASP G 493 32.43 -34.56 10.41
CA ASP G 493 32.77 -34.08 9.07
C ASP G 493 31.75 -33.07 8.56
N ALA G 494 30.47 -33.26 8.89
CA ALA G 494 29.46 -32.28 8.50
C ALA G 494 29.60 -31.00 9.30
N LEU G 495 30.00 -31.09 10.57
CA LEU G 495 30.21 -29.91 11.39
C LEU G 495 31.39 -29.09 10.88
N VAL G 496 32.45 -29.76 10.44
CA VAL G 496 33.63 -29.04 9.95
C VAL G 496 33.30 -28.28 8.67
N LEU G 497 32.59 -28.91 7.74
CA LEU G 497 32.37 -28.36 6.41
C LEU G 497 31.25 -27.34 6.33
N ASP G 498 30.57 -27.06 7.44
CA ASP G 498 29.42 -26.15 7.49
C ASP G 498 28.32 -26.63 6.55
N ARG G 499 27.80 -27.81 6.87
CA ARG G 499 26.68 -28.42 6.15
C ARG G 499 25.53 -28.54 7.14
N VAL G 500 24.76 -27.45 7.28
CA VAL G 500 23.74 -27.40 8.32
C VAL G 500 22.62 -28.39 8.03
N ASP G 501 22.27 -28.59 6.75
CA ASP G 501 21.21 -29.52 6.40
C ASP G 501 21.56 -30.95 6.80
N PHE G 502 22.81 -31.35 6.56
CA PHE G 502 23.22 -32.69 6.98
C PHE G 502 23.31 -32.81 8.49
N VAL G 503 23.64 -31.72 9.19
CA VAL G 503 23.62 -31.73 10.64
C VAL G 503 22.20 -32.00 11.14
N LYS G 504 21.23 -31.30 10.57
CA LYS G 504 19.83 -31.51 10.96
C LYS G 504 19.38 -32.93 10.63
N LEU G 505 19.78 -33.44 9.46
CA LEU G 505 19.38 -34.78 9.06
C LEU G 505 19.97 -35.84 9.99
N LEU G 506 21.24 -35.68 10.37
CA LEU G 506 21.86 -36.62 11.30
C LEU G 506 21.24 -36.53 12.69
N ILE G 507 20.92 -35.31 13.14
CA ILE G 507 20.25 -35.14 14.43
C ILE G 507 18.90 -35.84 14.42
N GLU G 508 18.15 -35.72 13.32
CA GLU G 508 16.87 -36.40 13.21
C GLU G 508 17.03 -37.91 13.16
N ASN G 509 18.12 -38.42 12.58
CA ASN G 509 18.29 -39.84 12.33
C ASN G 509 19.10 -40.54 13.41
N GLY G 510 19.07 -40.06 14.65
CA GLY G 510 19.58 -40.85 15.75
C GLY G 510 20.67 -40.27 16.61
N VAL G 511 21.63 -39.55 16.02
CA VAL G 511 22.77 -39.07 16.80
C VAL G 511 22.34 -37.94 17.72
N SER G 512 22.98 -37.86 18.88
CA SER G 512 22.68 -36.86 19.90
C SER G 512 23.96 -36.14 20.30
N MET G 513 23.88 -34.82 20.45
CA MET G 513 25.04 -34.02 20.79
C MET G 513 25.55 -34.27 22.21
N HIS G 514 24.70 -34.78 23.09
CA HIS G 514 25.13 -35.03 24.46
C HIS G 514 26.20 -36.12 24.53
N ARG G 515 26.18 -37.06 23.58
CA ARG G 515 27.18 -38.12 23.54
C ARG G 515 28.26 -37.89 22.51
N PHE G 516 27.95 -37.18 21.42
CA PHE G 516 28.93 -36.92 20.37
C PHE G 516 30.00 -35.94 20.85
N LEU G 517 29.58 -34.84 21.47
CA LEU G 517 30.49 -33.75 21.78
C LEU G 517 31.30 -34.07 23.04
N THR G 518 32.60 -34.24 22.87
CA THR G 518 33.54 -34.39 23.96
C THR G 518 34.54 -33.24 23.93
N ILE G 519 35.51 -33.28 24.84
CA ILE G 519 36.53 -32.23 24.86
C ILE G 519 37.42 -32.33 23.63
N SER G 520 37.81 -33.54 23.24
CA SER G 520 38.70 -33.72 22.10
C SER G 520 38.03 -33.30 20.80
N ARG G 521 36.74 -33.63 20.64
CA ARG G 521 36.07 -33.30 19.39
C ARG G 521 35.83 -31.80 19.26
N LEU G 522 35.52 -31.12 20.37
CA LEU G 522 35.42 -29.66 20.33
C LEU G 522 36.79 -29.03 20.05
N GLU G 523 37.84 -29.59 20.64
CA GLU G 523 39.19 -29.12 20.37
C GLU G 523 39.53 -29.25 18.89
N GLU G 524 39.13 -30.37 18.28
CA GLU G 524 39.34 -30.54 16.85
C GLU G 524 38.49 -29.58 16.03
N LEU G 525 37.27 -29.30 16.48
CA LEU G 525 36.41 -28.35 15.79
C LEU G 525 37.02 -26.95 15.78
N TYR G 526 37.68 -26.56 16.88
CA TYR G 526 38.28 -25.24 16.92
C TYR G 526 39.53 -25.11 16.06
N ASN G 527 40.05 -26.22 15.52
CA ASN G 527 41.29 -26.18 14.74
C ASN G 527 41.07 -26.71 13.33
N THR G 528 40.01 -26.26 12.66
CA THR G 528 39.71 -26.69 11.31
C THR G 528 40.16 -25.64 10.30
N ARG G 529 40.37 -26.09 9.05
CA ARG G 529 40.75 -25.22 7.96
C ARG G 529 39.70 -25.15 6.86
N HIS G 530 38.64 -25.94 6.94
CA HIS G 530 37.57 -25.89 5.96
C HIS G 530 36.62 -24.74 6.27
N GLY G 531 35.58 -24.61 5.47
CA GLY G 531 34.56 -23.61 5.69
C GLY G 531 35.02 -22.21 5.36
N PRO G 532 34.17 -21.23 5.65
CA PRO G 532 34.52 -19.83 5.36
C PRO G 532 35.60 -19.31 6.29
N SER G 533 36.19 -18.19 5.90
CA SER G 533 37.24 -17.57 6.70
C SER G 533 36.67 -16.96 7.97
N ASN G 534 37.57 -16.69 8.91
CA ASN G 534 37.19 -16.15 10.22
C ASN G 534 38.35 -15.35 10.78
N THR G 535 38.06 -14.63 11.86
CA THR G 535 39.04 -13.78 12.53
C THR G 535 39.49 -14.35 13.87
N LEU G 536 39.34 -15.66 14.08
CA LEU G 536 39.71 -16.27 15.36
C LEU G 536 41.20 -16.16 15.61
N TYR G 537 42.02 -16.41 14.59
CA TYR G 537 43.47 -16.41 14.78
C TYR G 537 43.99 -15.03 15.14
N HIS G 538 43.42 -13.98 14.57
CA HIS G 538 43.80 -12.63 14.95
C HIS G 538 43.48 -12.36 16.42
N LEU G 539 42.33 -12.86 16.88
CA LEU G 539 41.97 -12.71 18.29
C LEU G 539 42.95 -13.44 19.19
N VAL G 540 43.29 -14.68 18.84
CA VAL G 540 44.23 -15.45 19.67
C VAL G 540 45.63 -14.84 19.59
N ARG G 541 45.94 -14.12 18.50
CA ARG G 541 47.20 -13.39 18.44
C ARG G 541 47.19 -12.18 19.34
N ASP G 542 46.08 -11.43 19.36
CA ASP G 542 46.00 -10.22 20.18
C ASP G 542 46.02 -10.56 21.65
N VAL G 543 45.21 -11.54 22.07
CA VAL G 543 45.36 -12.08 23.42
C VAL G 543 46.63 -12.92 23.49
N LYS G 544 47.07 -13.22 24.71
CA LYS G 544 48.27 -14.02 24.97
C LYS G 544 49.50 -13.37 24.31
N LYS G 545 49.84 -12.18 24.80
CA LYS G 545 50.97 -11.39 24.33
C LYS G 545 50.85 -11.05 22.85
N GLY G 546 51.92 -10.53 22.26
CA GLY G 546 51.96 -10.19 20.85
C GLY G 546 52.73 -11.15 19.96
N ASN G 547 53.17 -12.29 20.49
CA ASN G 547 53.97 -13.25 19.75
C ASN G 547 53.27 -14.60 19.72
N LEU G 548 53.42 -15.31 18.61
CA LEU G 548 52.80 -16.61 18.45
C LEU G 548 53.59 -17.45 17.44
N PRO G 549 53.99 -18.68 17.79
CA PRO G 549 54.71 -19.51 16.84
C PRO G 549 53.82 -19.88 15.66
N PRO G 550 54.41 -20.09 14.48
CA PRO G 550 53.59 -20.44 13.30
C PRO G 550 52.81 -21.72 13.46
N ASP G 551 53.35 -22.71 14.17
CA ASP G 551 52.68 -23.99 14.39
C ASP G 551 52.10 -23.97 15.80
N TYR G 552 50.89 -23.44 15.93
CA TYR G 552 50.23 -23.30 17.21
C TYR G 552 48.87 -23.97 17.19
N ARG G 553 48.60 -24.79 18.20
CA ARG G 553 47.30 -25.43 18.35
C ARG G 553 46.46 -24.62 19.34
N ILE G 554 45.22 -24.31 18.95
CA ILE G 554 44.34 -23.51 19.79
C ILE G 554 43.73 -24.41 20.85
N SER G 555 44.03 -24.12 22.12
CA SER G 555 43.48 -24.88 23.22
C SER G 555 42.23 -24.18 23.76
N LEU G 556 41.43 -24.93 24.51
CA LEU G 556 40.20 -24.38 25.08
C LEU G 556 40.48 -23.30 26.12
N ILE G 557 41.65 -23.30 26.76
CA ILE G 557 42.00 -22.22 27.65
C ILE G 557 42.16 -20.91 26.88
N ASP G 558 42.72 -21.00 25.67
CA ASP G 558 42.79 -19.82 24.80
C ASP G 558 41.40 -19.34 24.42
N ILE G 559 40.46 -20.27 24.20
CA ILE G 559 39.08 -19.89 23.90
C ILE G 559 38.45 -19.19 25.11
N GLY G 560 38.71 -19.70 26.31
CA GLY G 560 38.23 -19.03 27.50
C GLY G 560 38.79 -17.63 27.64
N LEU G 561 40.09 -17.47 27.38
CA LEU G 561 40.70 -16.16 27.49
C LEU G 561 40.14 -15.19 26.47
N VAL G 562 39.93 -15.65 25.23
CA VAL G 562 39.42 -14.74 24.21
C VAL G 562 37.95 -14.40 24.47
N ILE G 563 37.18 -15.33 25.05
CA ILE G 563 35.81 -15.00 25.44
C ILE G 563 35.80 -13.97 26.55
N GLU G 564 36.69 -14.12 27.53
CA GLU G 564 36.78 -13.13 28.60
C GLU G 564 37.20 -11.77 28.07
N TYR G 565 38.08 -11.75 27.06
CA TYR G 565 38.50 -10.49 26.48
C TYR G 565 37.38 -9.84 25.67
N LEU G 566 36.58 -10.65 24.97
CA LEU G 566 35.52 -10.10 24.14
C LEU G 566 34.35 -9.60 24.97
N MET G 567 33.95 -10.35 26.00
CA MET G 567 32.75 -9.99 26.76
C MET G 567 32.97 -8.70 27.56
N GLY G 568 33.90 -8.73 28.49
CA GLY G 568 34.17 -7.54 29.28
C GLY G 568 35.04 -7.87 30.48
N GLY G 569 35.24 -6.85 31.31
CA GLY G 569 36.08 -7.01 32.49
C GLY G 569 35.47 -7.95 33.52
N ALA G 570 34.17 -7.80 33.79
CA ALA G 570 33.52 -8.56 34.84
C ALA G 570 33.29 -10.03 34.45
N TYR G 571 33.20 -10.34 33.17
CA TYR G 571 32.87 -11.69 32.74
C TYR G 571 34.01 -12.65 33.03
N ARG G 572 33.65 -13.91 33.27
CA ARG G 572 34.61 -14.95 33.62
C ARG G 572 34.17 -16.25 32.95
N CYS G 573 34.89 -16.66 31.91
CA CYS G 573 34.48 -17.81 31.13
C CYS G 573 34.61 -19.10 31.94
N ASN G 574 33.87 -20.12 31.51
CA ASN G 574 33.83 -21.38 32.25
C ASN G 574 35.10 -22.22 32.03
N TYR G 575 35.79 -22.05 30.91
CA TYR G 575 36.97 -22.85 30.64
C TYR G 575 38.15 -22.41 31.51
N THR G 576 38.21 -21.14 31.88
CA THR G 576 39.36 -20.62 32.61
C THR G 576 39.25 -20.83 34.12
N ARG G 577 38.17 -21.41 34.61
CA ARG G 577 38.05 -21.71 36.02
C ARG G 577 39.06 -22.78 36.41
N LYS G 578 39.47 -22.75 37.68
CA LYS G 578 40.50 -23.67 38.16
C LYS G 578 40.04 -25.12 38.07
N ARG G 579 38.75 -25.37 38.27
CA ARG G 579 38.23 -26.74 38.17
C ARG G 579 38.40 -27.29 36.76
N PHE G 580 38.06 -26.48 35.75
CA PHE G 580 38.21 -26.97 34.38
C PHE G 580 39.67 -27.04 33.97
N ARG G 581 40.52 -26.18 34.53
CA ARG G 581 41.96 -26.32 34.29
C ARG G 581 42.48 -27.64 34.84
N THR G 582 42.04 -28.01 36.05
CA THR G 582 42.42 -29.29 36.62
C THR G 582 41.90 -30.44 35.78
N LEU G 583 40.66 -30.35 35.31
CA LEU G 583 40.09 -31.41 34.48
C LEU G 583 40.84 -31.53 33.16
N TYR G 584 41.20 -30.41 32.55
CA TYR G 584 41.87 -30.40 31.26
C TYR G 584 43.35 -30.75 31.37
N HIS G 585 43.95 -30.64 32.56
CA HIS G 585 45.37 -30.92 32.71
C HIS G 585 45.69 -32.37 32.39
N ASN G 586 44.87 -33.31 32.87
CA ASN G 586 45.08 -34.73 32.61
C ASN G 586 44.42 -35.13 31.29
N LEU G 587 44.91 -34.53 30.21
CA LEU G 587 44.42 -34.79 28.87
C LEU G 587 45.43 -34.33 27.82
N ASN G 631 35.98 -35.47 29.56
CA ASN G 631 34.67 -36.03 29.86
C ASN G 631 33.64 -35.54 28.84
N HIS G 632 32.47 -35.14 29.32
CA HIS G 632 31.40 -34.64 28.48
C HIS G 632 31.01 -33.22 28.92
N PHE G 633 29.95 -32.71 28.31
CA PHE G 633 29.43 -31.38 28.61
C PHE G 633 27.96 -31.49 29.01
N PRO G 634 27.56 -30.92 30.15
CA PRO G 634 26.14 -30.97 30.53
C PRO G 634 25.23 -30.29 29.53
N PHE G 635 25.64 -29.14 28.99
CA PHE G 635 24.89 -28.44 27.95
C PHE G 635 25.78 -28.33 26.72
N PRO G 636 25.65 -29.23 25.73
CA PRO G 636 26.56 -29.17 24.58
C PRO G 636 26.22 -28.05 23.62
N PHE G 637 24.95 -27.68 23.51
CA PHE G 637 24.57 -26.64 22.56
C PHE G 637 25.06 -25.27 22.97
N HIS G 638 25.34 -25.03 24.25
CA HIS G 638 26.01 -23.80 24.63
C HIS G 638 27.39 -23.70 23.99
N GLU G 639 28.17 -24.79 24.11
CA GLU G 639 29.50 -24.82 23.51
C GLU G 639 29.43 -24.72 21.98
N LEU G 640 28.49 -25.42 21.37
CA LEU G 640 28.38 -25.38 19.92
C LEU G 640 27.92 -24.01 19.43
N MET G 641 27.02 -23.36 20.17
CA MET G 641 26.58 -22.01 19.81
C MET G 641 27.73 -21.01 19.90
N VAL G 642 28.52 -21.08 20.98
CA VAL G 642 29.65 -20.17 21.10
C VAL G 642 30.69 -20.45 20.01
N TRP G 643 30.90 -21.72 19.69
CA TRP G 643 31.83 -22.07 18.62
C TRP G 643 31.36 -21.52 17.27
N ALA G 644 30.07 -21.65 16.98
CA ALA G 644 29.55 -21.14 15.71
C ALA G 644 29.60 -19.62 15.66
N VAL G 645 29.34 -18.96 16.78
CA VAL G 645 29.40 -17.50 16.80
C VAL G 645 30.82 -17.01 16.61
N LEU G 646 31.79 -17.65 17.27
CA LEU G 646 33.17 -17.20 17.18
C LEU G 646 33.80 -17.45 15.82
N MET G 647 33.27 -18.39 15.03
CA MET G 647 33.86 -18.74 13.74
C MET G 647 33.03 -18.23 12.56
N LYS G 648 32.18 -17.22 12.79
CA LYS G 648 31.47 -16.50 11.73
C LYS G 648 30.61 -17.44 10.88
N ARG G 649 29.91 -18.34 11.54
CA ARG G 649 28.95 -19.24 10.87
C ARG G 649 27.56 -18.86 11.37
N GLN G 650 26.87 -18.03 10.61
CA GLN G 650 25.60 -17.49 11.07
C GLN G 650 24.49 -18.54 10.99
N LYS G 651 24.42 -19.31 9.91
CA LYS G 651 23.37 -20.32 9.78
C LYS G 651 23.51 -21.40 10.84
N MET G 652 24.74 -21.84 11.11
CA MET G 652 24.97 -22.85 12.13
C MET G 652 24.60 -22.32 13.51
N ALA G 653 24.94 -21.05 13.79
CA ALA G 653 24.59 -20.46 15.07
C ALA G 653 23.09 -20.32 15.24
N LEU G 654 22.39 -19.91 14.18
CA LEU G 654 20.94 -19.79 14.26
C LEU G 654 20.28 -21.16 14.40
N PHE G 655 20.89 -22.21 13.87
CA PHE G 655 20.35 -23.55 14.08
C PHE G 655 20.59 -24.01 15.51
N PHE G 656 21.79 -23.77 16.05
CA PHE G 656 22.10 -24.20 17.41
C PHE G 656 21.38 -23.37 18.46
N TRP G 657 20.92 -22.17 18.11
CA TRP G 657 20.27 -21.31 19.10
C TRP G 657 18.93 -21.86 19.55
N GLN G 658 18.18 -22.47 18.63
CA GLN G 658 16.84 -22.94 18.96
C GLN G 658 16.82 -24.31 19.61
N HIS G 659 17.98 -24.89 19.91
CA HIS G 659 18.09 -26.15 20.63
C HIS G 659 18.72 -25.90 21.98
N GLY G 660 18.38 -26.73 22.96
CA GLY G 660 18.90 -26.58 24.30
C GLY G 660 18.16 -25.52 25.09
N GLU G 661 18.62 -25.32 26.32
CA GLU G 661 18.01 -24.39 27.25
C GLU G 661 18.68 -23.03 27.20
N GLU G 662 18.07 -22.05 27.87
CA GLU G 662 18.60 -20.69 28.01
C GLU G 662 18.79 -20.03 26.64
N ALA G 663 17.67 -19.89 25.92
CA ALA G 663 17.73 -19.30 24.58
C ALA G 663 18.00 -17.80 24.63
N MET G 664 17.36 -17.09 25.56
CA MET G 664 17.49 -15.64 25.61
C MET G 664 18.90 -15.23 26.03
N ALA G 665 19.47 -15.93 27.02
CA ALA G 665 20.85 -15.65 27.42
C ALA G 665 21.82 -15.94 26.29
N LYS G 666 21.59 -17.03 25.56
CA LYS G 666 22.44 -17.35 24.42
C LYS G 666 22.36 -16.27 23.35
N ALA G 667 21.15 -15.77 23.07
CA ALA G 667 21.00 -14.72 22.08
C ALA G 667 21.72 -13.44 22.50
N LEU G 668 21.57 -13.05 23.77
CA LEU G 668 22.22 -11.81 24.22
C LEU G 668 23.74 -11.95 24.23
N VAL G 669 24.25 -13.11 24.66
CA VAL G 669 25.70 -13.33 24.66
C VAL G 669 26.23 -13.33 23.24
N ALA G 670 25.50 -13.95 22.30
CA ALA G 670 25.91 -13.94 20.91
C ALA G 670 25.92 -12.53 20.33
N CYS G 671 24.92 -11.72 20.68
CA CYS G 671 24.89 -10.34 20.23
C CYS G 671 26.09 -9.56 20.74
N LYS G 672 26.41 -9.72 22.03
CA LYS G 672 27.57 -9.02 22.58
C LYS G 672 28.86 -9.48 21.92
N LEU G 673 29.00 -10.79 21.72
CA LEU G 673 30.22 -11.32 21.09
C LEU G 673 30.37 -10.80 19.66
N CYS G 674 29.28 -10.78 18.89
CA CYS G 674 29.35 -10.30 17.52
C CYS G 674 29.70 -8.81 17.48
N LYS G 675 29.11 -8.02 18.39
CA LYS G 675 29.44 -6.60 18.44
C LYS G 675 30.91 -6.38 18.79
N ALA G 676 31.42 -7.14 19.76
CA ALA G 676 32.83 -6.99 20.15
C ALA G 676 33.76 -7.41 19.03
N MET G 677 33.44 -8.51 18.34
CA MET G 677 34.28 -8.93 17.22
C MET G 677 34.25 -7.90 16.09
N ALA G 678 33.09 -7.31 15.81
CA ALA G 678 33.01 -6.28 14.78
C ALA G 678 33.85 -5.07 15.15
N HIS G 679 33.76 -4.62 16.41
CA HIS G 679 34.55 -3.47 16.83
C HIS G 679 36.04 -3.76 16.77
N GLU G 680 36.45 -4.96 17.20
CA GLU G 680 37.87 -5.32 17.16
C GLU G 680 38.38 -5.43 15.73
N ALA G 681 37.57 -5.99 14.83
CA ALA G 681 37.99 -6.11 13.44
C ALA G 681 38.08 -4.75 12.77
N SER G 682 37.17 -3.84 13.11
CA SER G 682 37.26 -2.47 12.59
C SER G 682 38.51 -1.77 13.14
N GLU G 683 38.82 -1.99 14.42
CA GLU G 683 40.01 -1.38 15.01
C GLU G 683 41.29 -1.93 14.38
N ASN G 684 41.33 -3.24 14.11
CA ASN G 684 42.50 -3.88 13.54
C ASN G 684 42.65 -3.63 12.04
N ASP G 685 41.81 -2.78 11.47
CA ASP G 685 41.80 -2.38 10.05
C ASP G 685 42.05 -3.56 9.12
N MET G 686 41.17 -4.55 9.21
CA MET G 686 41.10 -5.61 8.22
C MET G 686 40.17 -5.17 7.10
N VAL G 687 39.77 -6.11 6.24
CA VAL G 687 38.79 -5.80 5.20
C VAL G 687 37.47 -5.44 5.85
N ASP G 688 36.89 -4.31 5.42
CA ASP G 688 35.69 -3.77 6.05
C ASP G 688 34.45 -4.61 5.76
N ASP G 689 34.53 -5.59 4.87
CA ASP G 689 33.40 -6.49 4.63
C ASP G 689 33.07 -7.30 5.88
N ILE G 690 34.11 -7.77 6.58
CA ILE G 690 33.89 -8.56 7.80
C ILE G 690 33.29 -7.71 8.90
N SER G 691 33.80 -6.47 9.07
CA SER G 691 33.30 -5.58 10.11
C SER G 691 31.89 -5.10 9.86
N GLN G 692 31.37 -5.27 8.64
CA GLN G 692 29.97 -4.99 8.35
C GLN G 692 29.11 -6.23 8.30
N GLU G 693 29.71 -7.40 8.09
CA GLU G 693 28.97 -8.65 8.19
C GLU G 693 28.73 -9.07 9.63
N LEU G 694 29.61 -8.72 10.55
CA LEU G 694 29.42 -9.04 11.96
C LEU G 694 28.34 -8.19 12.63
N ASN G 695 28.23 -6.91 12.24
CA ASN G 695 27.19 -6.06 12.82
C ASN G 695 25.80 -6.55 12.46
N HIS G 696 25.63 -7.13 11.26
CA HIS G 696 24.34 -7.69 10.88
C HIS G 696 24.00 -8.90 11.74
N ASN G 697 24.99 -9.74 12.04
CA ASN G 697 24.76 -10.86 12.95
C ASN G 697 24.37 -10.37 14.34
N SER G 698 25.05 -9.33 14.82
CA SER G 698 24.72 -8.77 16.13
C SER G 698 23.28 -8.24 16.15
N ARG G 699 22.89 -7.51 15.10
CA ARG G 699 21.53 -6.98 15.03
C ARG G 699 20.51 -8.09 14.96
N ASP G 700 20.79 -9.16 14.20
CA ASP G 700 19.87 -10.28 14.10
C ASP G 700 19.68 -10.97 15.44
N PHE G 701 20.78 -11.19 16.18
CA PHE G 701 20.66 -11.83 17.48
C PHE G 701 19.92 -10.95 18.47
N GLY G 702 20.17 -9.63 18.44
CA GLY G 702 19.42 -8.72 19.29
C GLY G 702 17.93 -8.74 18.98
N GLN G 703 17.58 -8.76 17.69
CA GLN G 703 16.17 -8.82 17.30
C GLN G 703 15.54 -10.13 17.76
N LEU G 704 16.27 -11.24 17.66
CA LEU G 704 15.74 -12.51 18.15
C LEU G 704 15.48 -12.46 19.65
N ALA G 705 16.41 -11.87 20.41
CA ALA G 705 16.22 -11.76 21.85
C ALA G 705 15.00 -10.90 22.18
N VAL G 706 14.83 -9.78 21.47
CA VAL G 706 13.69 -8.90 21.72
C VAL G 706 12.39 -9.61 21.42
N GLU G 707 12.32 -10.33 20.28
CA GLU G 707 11.10 -11.03 19.92
C GLU G 707 10.78 -12.14 20.90
N LEU G 708 11.79 -12.87 21.37
CA LEU G 708 11.56 -13.92 22.35
C LEU G 708 11.05 -13.33 23.66
N LEU G 709 11.63 -12.20 24.10
CA LEU G 709 11.14 -11.54 25.30
C LEU G 709 9.69 -11.09 25.13
N ASP G 710 9.36 -10.54 23.95
CA ASP G 710 7.99 -10.09 23.71
C ASP G 710 7.01 -11.25 23.76
N GLN G 711 7.36 -12.38 23.14
CA GLN G 711 6.49 -13.55 23.19
C GLN G 711 6.33 -14.06 24.62
N SER G 712 7.43 -14.12 25.37
CA SER G 712 7.36 -14.61 26.75
C SER G 712 6.50 -13.70 27.63
N TYR G 713 6.63 -12.38 27.47
CA TYR G 713 5.80 -11.47 28.25
C TYR G 713 4.35 -11.52 27.79
N LYS G 714 4.11 -11.78 26.51
CA LYS G 714 2.74 -11.92 26.02
C LYS G 714 2.06 -13.14 26.64
N GLN G 715 2.80 -14.24 26.78
CA GLN G 715 2.18 -15.46 27.30
C GLN G 715 1.90 -15.35 28.79
N ASP G 716 2.93 -15.18 29.61
CA ASP G 716 2.77 -15.05 31.04
C ASP G 716 3.77 -14.04 31.57
N GLU G 717 3.33 -13.20 32.50
CA GLU G 717 4.11 -12.05 32.92
C GLU G 717 5.01 -12.34 34.13
N GLN G 718 4.52 -13.09 35.11
CA GLN G 718 5.33 -13.41 36.27
C GLN G 718 6.52 -14.27 35.90
N LEU G 719 6.30 -15.28 35.05
CA LEU G 719 7.42 -16.08 34.55
C LEU G 719 8.37 -15.26 33.69
N ALA G 720 7.84 -14.28 32.95
CA ALA G 720 8.70 -13.41 32.15
C ALA G 720 9.60 -12.56 33.04
N MET G 721 9.06 -12.06 34.15
CA MET G 721 9.88 -11.28 35.09
C MET G 721 10.87 -12.19 35.82
N LYS G 722 10.48 -13.44 36.09
CA LYS G 722 11.41 -14.36 36.73
C LYS G 722 12.52 -14.77 35.78
N LEU G 723 12.27 -14.75 34.47
CA LEU G 723 13.28 -15.13 33.50
C LEU G 723 14.40 -14.11 33.41
N LEU G 724 14.09 -12.83 33.59
CA LEU G 724 15.07 -11.76 33.42
C LEU G 724 15.95 -11.56 34.65
N THR G 725 15.60 -12.14 35.79
CA THR G 725 16.31 -11.84 37.03
C THR G 725 17.06 -13.01 37.63
N TYR G 726 16.80 -14.25 37.20
CA TYR G 726 17.41 -15.38 37.88
C TYR G 726 18.86 -15.55 37.47
N GLU G 727 19.67 -16.01 38.43
CA GLU G 727 21.10 -16.13 38.21
C GLU G 727 21.41 -17.24 37.21
N LEU G 728 22.37 -16.97 36.33
CA LEU G 728 22.77 -17.90 35.28
C LEU G 728 24.11 -18.52 35.67
N LYS G 729 24.08 -19.79 36.06
CA LYS G 729 25.30 -20.46 36.50
C LYS G 729 26.31 -20.62 35.35
N ASN G 730 25.82 -20.89 34.14
CA ASN G 730 26.68 -21.19 33.01
C ASN G 730 27.40 -19.95 32.47
N TRP G 731 26.87 -18.75 32.71
CA TRP G 731 27.39 -17.53 32.10
C TRP G 731 27.96 -16.59 33.15
N SER G 732 28.72 -17.15 34.09
CA SER G 732 29.48 -16.39 35.09
C SER G 732 28.58 -15.58 36.03
N ASN G 733 27.40 -16.12 36.34
CA ASN G 733 26.50 -15.54 37.34
C ASN G 733 26.09 -14.10 36.99
N ALA G 734 25.42 -13.98 35.84
CA ALA G 734 24.92 -12.69 35.40
C ALA G 734 23.53 -12.87 34.82
N THR G 735 22.58 -12.06 35.27
CA THR G 735 21.20 -12.16 34.82
C THR G 735 21.06 -11.64 33.39
N CYS G 736 19.88 -11.84 32.82
CA CYS G 736 19.63 -11.40 31.45
C CYS G 736 19.63 -9.87 31.34
N LEU G 737 19.21 -9.17 32.40
CA LEU G 737 19.26 -7.71 32.38
C LEU G 737 20.69 -7.20 32.28
N GLN G 738 21.61 -7.81 33.03
CA GLN G 738 23.00 -7.37 32.98
C GLN G 738 23.63 -7.66 31.63
N LEU G 739 23.29 -8.81 31.03
CA LEU G 739 23.78 -9.11 29.69
C LEU G 739 23.24 -8.13 28.66
N ALA G 740 21.97 -7.76 28.79
CA ALA G 740 21.38 -6.79 27.86
C ALA G 740 22.00 -5.41 28.02
N VAL G 741 22.26 -5.00 29.26
CA VAL G 741 22.88 -3.69 29.49
C VAL G 741 24.32 -3.67 28.99
N ALA G 742 25.06 -4.77 29.22
CA ALA G 742 26.44 -4.84 28.76
C ALA G 742 26.53 -4.81 27.24
N ALA G 743 25.50 -5.28 26.54
CA ALA G 743 25.48 -5.26 25.09
C ALA G 743 24.97 -3.95 24.52
N LYS G 744 24.62 -2.98 25.38
CA LYS G 744 24.07 -1.69 24.97
C LYS G 744 22.86 -1.87 24.07
N HIS G 745 21.97 -2.77 24.49
CA HIS G 745 20.77 -3.09 23.73
C HIS G 745 19.62 -2.24 24.25
N ARG G 746 19.33 -1.15 23.54
CA ARG G 746 18.32 -0.20 24.01
C ARG G 746 16.90 -0.73 23.85
N ASP G 747 16.63 -1.48 22.78
CA ASP G 747 15.28 -1.98 22.55
C ASP G 747 14.87 -3.06 23.55
N PHE G 748 15.83 -3.66 24.26
CA PHE G 748 15.50 -4.68 25.25
C PHE G 748 15.14 -4.04 26.58
N ILE G 749 15.95 -3.09 27.05
CA ILE G 749 15.68 -2.42 28.31
C ILE G 749 14.45 -1.53 28.21
N ALA G 750 14.16 -1.01 27.02
CA ALA G 750 13.00 -0.14 26.84
C ALA G 750 11.71 -0.92 26.64
N HIS G 751 11.75 -2.24 26.66
CA HIS G 751 10.54 -3.03 26.55
C HIS G 751 9.69 -2.88 27.81
N THR G 752 8.40 -3.21 27.67
CA THR G 752 7.47 -3.00 28.77
C THR G 752 7.80 -3.87 29.98
N CYS G 753 8.16 -5.13 29.75
CA CYS G 753 8.49 -6.02 30.85
C CYS G 753 9.73 -5.54 31.59
N SER G 754 10.75 -5.10 30.85
CA SER G 754 11.96 -4.59 31.49
C SER G 754 11.66 -3.32 32.28
N GLN G 755 10.80 -2.45 31.76
CA GLN G 755 10.45 -1.23 32.49
C GLN G 755 9.67 -1.54 33.76
N MET G 756 8.75 -2.51 33.71
CA MET G 756 8.03 -2.89 34.93
C MET G 756 8.96 -3.54 35.95
N LEU G 757 9.90 -4.36 35.49
CA LEU G 757 10.88 -4.94 36.39
C LEU G 757 11.76 -3.86 37.02
N LEU G 758 12.16 -2.86 36.24
CA LEU G 758 12.94 -1.75 36.77
C LEU G 758 12.14 -0.96 37.80
N THR G 759 10.86 -0.74 37.54
CA THR G 759 10.00 -0.06 38.51
C THR G 759 9.89 -0.85 39.80
N ASP G 760 9.76 -2.18 39.69
CA ASP G 760 9.69 -3.01 40.89
C ASP G 760 10.99 -2.96 41.68
N MET G 761 12.14 -2.95 40.99
CA MET G 761 13.40 -2.84 41.70
C MET G 761 13.58 -1.45 42.31
N TRP G 762 13.05 -0.42 41.66
CA TRP G 762 13.21 0.94 42.15
C TRP G 762 12.31 1.23 43.35
N MET G 763 11.12 0.63 43.39
CA MET G 763 10.20 0.89 44.50
C MET G 763 10.70 0.30 45.81
N GLY G 764 11.55 -0.71 45.76
CA GLY G 764 12.05 -1.33 46.98
C GLY G 764 11.15 -2.46 47.44
N ARG G 765 10.81 -2.47 48.74
CA ARG G 765 9.95 -3.48 49.32
C ARG G 765 8.61 -2.90 49.76
N LEU G 766 8.22 -1.76 49.19
CA LEU G 766 6.95 -1.11 49.49
C LEU G 766 5.98 -1.40 48.36
N ARG G 767 4.75 -1.77 48.70
CA ARG G 767 3.75 -2.16 47.73
C ARG G 767 2.85 -1.01 47.29
N MET G 768 3.10 0.21 47.76
CA MET G 768 2.29 1.35 47.34
C MET G 768 2.63 1.73 45.91
N ARG G 769 1.61 1.81 45.06
CA ARG G 769 1.80 2.09 43.65
C ARG G 769 0.85 3.14 43.09
N LYS G 770 -0.16 3.57 43.84
CA LYS G 770 -1.14 4.51 43.30
C LYS G 770 -0.56 5.92 43.20
N ASN G 771 -0.19 6.50 44.33
CA ASN G 771 0.41 7.84 44.36
C ASN G 771 1.54 7.82 45.38
N SER G 772 2.74 7.51 44.91
CA SER G 772 3.93 7.46 45.75
C SER G 772 4.61 8.82 45.76
N GLY G 773 5.82 8.90 46.31
CA GLY G 773 6.54 10.15 46.38
C GLY G 773 6.16 10.99 47.58
N LEU G 774 4.90 11.40 47.67
CA LEU G 774 4.45 12.19 48.81
C LEU G 774 4.57 11.40 50.11
N LYS G 775 4.18 10.11 50.07
CA LYS G 775 4.30 9.28 51.26
C LYS G 775 5.75 9.06 51.65
N VAL G 776 6.66 9.03 50.68
CA VAL G 776 8.08 8.89 51.00
C VAL G 776 8.59 10.13 51.72
N ILE G 777 8.20 11.32 51.25
CA ILE G 777 8.59 12.55 51.92
C ILE G 777 7.98 12.62 53.32
N LEU G 778 6.73 12.19 53.46
CA LEU G 778 6.11 12.14 54.78
C LEU G 778 6.85 11.20 55.72
N GLY G 779 7.25 10.03 55.22
CA GLY G 779 7.98 9.08 56.05
C GLY G 779 9.35 9.61 56.44
N ILE G 780 10.01 10.32 55.53
CA ILE G 780 11.31 10.92 55.85
C ILE G 780 11.13 12.01 56.92
N LEU G 781 10.12 12.85 56.76
CA LEU G 781 9.90 13.94 57.72
C LEU G 781 9.22 13.46 58.99
N LEU G 782 8.34 12.46 58.90
CA LEU G 782 7.59 11.94 60.04
C LEU G 782 7.87 10.45 60.19
N PRO G 783 8.89 10.08 60.95
CA PRO G 783 9.21 8.65 61.15
C PRO G 783 8.07 7.86 61.79
N PRO G 784 7.23 8.45 62.66
CA PRO G 784 6.05 7.70 63.09
C PRO G 784 5.12 7.29 61.96
N SER G 785 5.08 8.04 60.86
CA SER G 785 4.19 7.69 59.75
C SER G 785 4.69 6.51 58.94
N ILE G 786 5.92 6.03 59.19
CA ILE G 786 6.46 4.92 58.43
C ILE G 786 5.67 3.64 58.69
N LEU G 787 5.27 3.41 59.94
CA LEU G 787 4.56 2.19 60.29
C LEU G 787 3.08 2.29 59.96
N SER G 788 2.77 2.73 58.74
CA SER G 788 1.42 2.72 58.22
C SER G 788 1.36 2.35 56.75
N LEU G 789 2.48 1.98 56.14
CA LEU G 789 2.56 1.65 54.73
C LEU G 789 2.62 0.14 54.54
N GLU G 790 1.95 -0.34 53.50
CA GLU G 790 1.98 -1.77 53.20
C GLU G 790 3.36 -2.18 52.73
N PHE G 791 3.77 -3.39 53.13
CA PHE G 791 5.09 -3.91 52.80
C PHE G 791 4.97 -5.27 52.14
N LYS G 792 5.91 -5.56 51.24
CA LYS G 792 5.94 -6.85 50.57
C LYS G 792 6.44 -7.92 51.53
N ASN G 793 5.89 -9.13 51.39
CA ASN G 793 6.26 -10.24 52.26
C ASN G 793 7.46 -11.01 51.70
N GLY G 860 10.58 -2.09 64.13
CA GLY G 860 11.67 -3.05 64.19
C GLY G 860 12.44 -3.17 62.89
N ARG G 861 12.12 -4.21 62.11
CA ARG G 861 12.77 -4.43 60.83
C ARG G 861 12.10 -3.64 59.70
N LYS G 862 10.93 -3.05 59.95
CA LYS G 862 10.25 -2.29 58.91
C LYS G 862 11.01 -1.01 58.56
N ILE G 863 11.62 -0.37 59.56
CA ILE G 863 12.37 0.86 59.32
C ILE G 863 13.59 0.58 58.44
N TYR G 864 14.29 -0.53 58.71
CA TYR G 864 15.47 -0.87 57.93
C TYR G 864 15.12 -1.14 56.48
N GLU G 865 13.96 -1.77 56.24
CA GLU G 865 13.53 -2.00 54.87
C GLU G 865 13.02 -0.73 54.21
N PHE G 866 12.47 0.20 54.99
CA PHE G 866 12.03 1.46 54.42
C PHE G 866 13.20 2.32 53.99
N TYR G 867 14.21 2.46 54.85
CA TYR G 867 15.29 3.40 54.58
C TYR G 867 16.36 2.86 53.65
N ASN G 868 16.21 1.63 53.16
CA ASN G 868 17.16 1.05 52.22
C ASN G 868 16.60 0.96 50.81
N ALA G 869 15.33 1.28 50.61
CA ALA G 869 14.79 1.35 49.26
C ALA G 869 15.45 2.50 48.51
N PRO G 870 15.76 2.32 47.22
CA PRO G 870 16.41 3.41 46.47
C PRO G 870 15.57 4.67 46.35
N ILE G 871 14.24 4.55 46.32
CA ILE G 871 13.40 5.74 46.21
C ILE G 871 13.54 6.63 47.44
N VAL G 872 13.62 6.02 48.63
CA VAL G 872 13.78 6.80 49.85
C VAL G 872 15.16 7.45 49.89
N LYS G 873 16.19 6.75 49.42
CA LYS G 873 17.51 7.35 49.32
C LYS G 873 17.49 8.55 48.40
N PHE G 874 16.81 8.43 47.25
CA PHE G 874 16.74 9.52 46.30
C PHE G 874 16.03 10.73 46.88
N TRP G 875 14.91 10.50 47.58
CA TRP G 875 14.19 11.64 48.14
C TRP G 875 14.95 12.29 49.29
N PHE G 876 15.64 11.49 50.10
CA PHE G 876 16.49 12.06 51.14
C PHE G 876 17.59 12.92 50.53
N TYR G 877 18.22 12.42 49.47
CA TYR G 877 19.26 13.18 48.79
C TYR G 877 18.71 14.48 48.19
N THR G 878 17.51 14.42 47.62
CA THR G 878 16.90 15.61 47.04
C THR G 878 16.60 16.66 48.10
N LEU G 879 16.06 16.24 49.25
CA LEU G 879 15.77 17.20 50.32
C LEU G 879 17.06 17.82 50.84
N ALA G 880 18.11 17.02 51.00
CA ALA G 880 19.39 17.56 51.44
C ALA G 880 19.93 18.57 50.44
N TYR G 881 19.81 18.28 49.14
CA TYR G 881 20.28 19.23 48.13
C TYR G 881 19.48 20.52 48.15
N ILE G 882 18.16 20.43 48.36
CA ILE G 882 17.34 21.63 48.45
C ILE G 882 17.77 22.49 49.64
N GLY G 883 18.01 21.85 50.79
CA GLY G 883 18.49 22.60 51.95
C GLY G 883 19.83 23.26 51.69
N TYR G 884 20.74 22.54 51.02
CA TYR G 884 22.05 23.10 50.71
C TYR G 884 21.93 24.30 49.77
N LEU G 885 21.05 24.21 48.78
CA LEU G 885 20.82 25.35 47.88
C LEU G 885 20.28 26.55 48.65
N MET G 886 19.35 26.31 49.56
CA MET G 886 18.81 27.42 50.36
C MET G 886 19.91 28.08 51.19
N LEU G 887 20.77 27.28 51.82
CA LEU G 887 21.85 27.86 52.61
C LEU G 887 22.83 28.63 51.74
N PHE G 888 23.13 28.12 50.55
CA PHE G 888 24.04 28.84 49.65
C PHE G 888 23.44 30.18 49.22
N ASN G 889 22.15 30.19 48.89
CA ASN G 889 21.50 31.46 48.54
C ASN G 889 21.54 32.43 49.71
N TYR G 890 21.29 31.94 50.93
CA TYR G 890 21.32 32.83 52.08
C TYR G 890 22.72 33.41 52.28
N ILE G 891 23.77 32.60 52.17
CA ILE G 891 25.10 33.13 52.43
C ILE G 891 25.56 34.08 51.34
N VAL G 892 25.09 33.89 50.09
CA VAL G 892 25.54 34.85 49.07
C VAL G 892 24.73 36.14 49.12
N LEU G 893 23.44 36.08 49.48
CA LEU G 893 22.64 37.30 49.49
C LEU G 893 23.00 38.23 50.64
N VAL G 894 23.14 37.68 51.86
CA VAL G 894 23.36 38.53 53.03
C VAL G 894 24.83 38.93 53.10
N LYS G 895 25.08 40.03 53.83
CA LYS G 895 26.43 40.57 53.98
C LYS G 895 27.36 39.56 54.63
N MET G 896 28.59 39.49 54.12
CA MET G 896 29.58 38.53 54.56
C MET G 896 30.64 39.23 55.39
N GLU G 897 30.97 38.64 56.54
CA GLU G 897 31.88 39.25 57.50
C GLU G 897 33.28 38.63 57.37
N ARG G 898 34.17 39.01 58.28
CA ARG G 898 35.54 38.50 58.25
C ARG G 898 35.59 37.00 58.51
N TRP G 899 34.82 36.52 59.48
CA TRP G 899 34.83 35.09 59.74
C TRP G 899 33.51 34.45 59.35
N PRO G 900 33.53 33.21 58.84
CA PRO G 900 32.32 32.61 58.31
C PRO G 900 31.26 32.39 59.37
N SER G 901 30.00 32.46 58.94
CA SER G 901 28.87 32.19 59.80
C SER G 901 28.57 30.69 59.81
N THR G 902 27.49 30.30 60.49
CA THR G 902 27.16 28.88 60.62
C THR G 902 26.73 28.28 59.30
N GLN G 903 25.89 28.99 58.53
CA GLN G 903 25.40 28.47 57.26
C GLN G 903 26.55 28.28 56.28
N GLU G 904 27.54 29.19 56.31
CA GLU G 904 28.71 29.04 55.45
C GLU G 904 29.51 27.79 55.84
N TRP G 905 29.61 27.51 57.14
CA TRP G 905 30.28 26.29 57.58
C TRP G 905 29.52 25.05 57.10
N ILE G 906 28.19 25.08 57.15
CA ILE G 906 27.40 23.94 56.67
C ILE G 906 27.63 23.73 55.17
N VAL G 907 27.66 24.82 54.41
CA VAL G 907 27.89 24.72 52.97
C VAL G 907 29.28 24.14 52.68
N ILE G 908 30.30 24.61 53.40
CA ILE G 908 31.65 24.12 53.21
C ILE G 908 31.74 22.64 53.56
N SER G 909 31.08 22.23 54.65
CA SER G 909 31.06 20.81 55.01
C SER G 909 30.38 19.97 53.95
N TYR G 910 29.28 20.48 53.38
CA TYR G 910 28.59 19.76 52.32
C TYR G 910 29.50 19.57 51.11
N ILE G 911 30.22 20.63 50.71
CA ILE G 911 31.12 20.53 49.56
C ILE G 911 32.24 19.53 49.85
N PHE G 912 32.82 19.60 51.04
CA PHE G 912 33.92 18.70 51.40
C PHE G 912 33.46 17.24 51.39
N THR G 913 32.30 16.96 51.98
CA THR G 913 31.81 15.59 52.01
C THR G 913 31.40 15.10 50.64
N LEU G 914 30.87 16.00 49.79
CA LEU G 914 30.55 15.61 48.41
C LEU G 914 31.82 15.24 47.64
N GLY G 915 32.89 16.01 47.84
CA GLY G 915 34.16 15.66 47.22
C GLY G 915 34.70 14.33 47.71
N ILE G 916 34.59 14.08 49.01
CA ILE G 916 35.02 12.79 49.56
C ILE G 916 34.21 11.65 48.96
N GLU G 917 32.89 11.85 48.81
CA GLU G 917 32.05 10.83 48.20
C GLU G 917 32.42 10.58 46.75
N LYS G 918 32.76 11.64 46.01
CA LYS G 918 33.21 11.46 44.64
C LYS G 918 34.52 10.67 44.57
N MET G 919 35.44 10.95 45.51
CA MET G 919 36.69 10.19 45.57
C MET G 919 36.42 8.71 45.87
N ARG G 920 35.49 8.44 46.78
CA ARG G 920 35.14 7.06 47.10
C ARG G 920 34.51 6.36 45.90
N GLU G 921 33.67 7.08 45.14
CA GLU G 921 33.11 6.51 43.92
C GLU G 921 34.20 6.21 42.90
N ILE G 922 35.22 7.08 42.82
CA ILE G 922 36.35 6.83 41.92
C ILE G 922 37.08 5.55 42.33
N LEU G 923 37.37 5.41 43.63
CA LEU G 923 38.24 4.32 44.07
C LEU G 923 37.58 2.95 43.95
N MET G 924 36.27 2.87 44.18
CA MET G 924 35.55 1.60 44.15
C MET G 924 34.87 1.34 42.81
N SER G 925 35.47 1.80 41.71
CA SER G 925 34.87 1.63 40.39
C SER G 925 35.16 0.21 39.88
N GLU G 926 34.86 -0.02 38.60
CA GLU G 926 34.95 -1.34 37.98
C GLU G 926 36.40 -1.77 37.70
N PRO G 927 37.26 -0.97 37.07
CA PRO G 927 38.62 -1.44 36.79
C PRO G 927 39.44 -1.59 38.06
N GLY G 928 40.48 -2.42 37.97
CA GLY G 928 41.40 -2.68 39.05
C GLY G 928 42.62 -1.80 39.12
N LYS G 929 42.78 -0.87 38.19
CA LYS G 929 43.93 0.02 38.15
C LYS G 929 43.52 1.42 38.59
N LEU G 930 44.35 2.04 39.44
CA LEU G 930 44.03 3.35 39.98
C LEU G 930 43.96 4.42 38.88
N LEU G 931 44.89 4.38 37.92
CA LEU G 931 44.88 5.36 36.85
C LEU G 931 43.77 5.06 35.84
N GLN G 932 43.37 3.80 35.70
CA GLN G 932 42.36 3.43 34.73
C GLN G 932 40.95 3.80 35.20
N LYS G 933 40.70 3.77 36.51
CA LYS G 933 39.37 4.09 37.02
C LYS G 933 39.01 5.56 36.78
N VAL G 934 40.01 6.44 36.75
CA VAL G 934 39.75 7.85 36.49
C VAL G 934 39.22 8.03 35.07
N LYS G 935 39.76 7.27 34.11
CA LYS G 935 39.29 7.37 32.73
C LYS G 935 37.83 6.95 32.60
N VAL G 936 37.45 5.88 33.30
CA VAL G 936 36.06 5.42 33.26
C VAL G 936 35.15 6.41 33.99
N TRP G 937 35.62 6.99 35.09
CA TRP G 937 34.80 7.95 35.82
C TRP G 937 34.60 9.23 35.01
N LEU G 938 35.61 9.66 34.25
CA LEU G 938 35.45 10.83 33.39
C LEU G 938 34.81 10.47 32.06
N GLN G 939 33.66 9.79 32.12
CA GLN G 939 32.88 9.48 30.93
C GLN G 939 31.55 10.19 30.87
N GLU G 940 31.02 10.61 32.01
CA GLU G 940 29.81 11.44 32.07
C GLU G 940 30.20 12.89 32.31
N TYR G 941 29.48 13.81 31.66
CA TYR G 941 29.82 15.22 31.76
C TYR G 941 29.51 15.78 33.14
N TRP G 942 28.53 15.20 33.84
CA TRP G 942 28.19 15.70 35.17
C TRP G 942 29.34 15.50 36.14
N ASN G 943 30.10 14.41 36.00
CA ASN G 943 31.21 14.16 36.91
C ASN G 943 32.33 15.18 36.73
N VAL G 944 32.71 15.47 35.47
CA VAL G 944 33.79 16.42 35.23
C VAL G 944 33.34 17.84 35.60
N THR G 945 32.07 18.18 35.34
CA THR G 945 31.59 19.49 35.76
C THR G 945 31.56 19.60 37.28
N ASP G 946 31.19 18.53 37.98
CA ASP G 946 31.23 18.54 39.44
C ASP G 946 32.66 18.73 39.95
N LEU G 947 33.63 18.05 39.33
CA LEU G 947 35.02 18.21 39.74
C LEU G 947 35.50 19.64 39.54
N ILE G 948 35.18 20.23 38.39
CA ILE G 948 35.58 21.60 38.12
C ILE G 948 34.93 22.56 39.13
N ALA G 949 33.64 22.36 39.42
CA ALA G 949 32.95 23.23 40.36
C ALA G 949 33.51 23.10 41.76
N ILE G 950 33.84 21.88 42.18
CA ILE G 950 34.40 21.68 43.51
C ILE G 950 35.77 22.33 43.63
N LEU G 951 36.61 22.19 42.59
CA LEU G 951 37.91 22.84 42.62
C LEU G 951 37.77 24.36 42.65
N LEU G 952 36.85 24.91 41.87
CA LEU G 952 36.64 26.35 41.86
C LEU G 952 36.14 26.84 43.21
N PHE G 953 35.23 26.08 43.84
CA PHE G 953 34.73 26.47 45.16
C PHE G 953 35.84 26.40 46.21
N SER G 954 36.71 25.39 46.11
CA SER G 954 37.84 25.31 47.04
C SER G 954 38.77 26.50 46.89
N VAL G 955 39.06 26.89 45.63
CA VAL G 955 39.89 28.07 45.40
C VAL G 955 39.25 29.32 45.96
N GLY G 956 37.94 29.49 45.71
CA GLY G 956 37.25 30.65 46.24
C GLY G 956 37.22 30.69 47.75
N MET G 957 37.06 29.53 48.39
CA MET G 957 37.07 29.48 49.85
C MET G 957 38.46 29.78 50.40
N ILE G 958 39.51 29.34 49.71
CA ILE G 958 40.86 29.66 50.13
C ILE G 958 41.11 31.17 50.04
N LEU G 959 40.67 31.80 48.94
CA LEU G 959 40.84 33.23 48.79
C LEU G 959 39.95 34.03 49.72
N ARG G 960 38.89 33.42 50.26
CA ARG G 960 37.92 34.16 51.06
C ARG G 960 38.49 34.53 52.43
N LEU G 961 39.24 33.63 53.05
CA LEU G 961 39.78 33.86 54.39
C LEU G 961 41.11 34.62 54.30
N GLN G 962 40.99 35.87 53.89
CA GLN G 962 42.16 36.72 53.65
C GLN G 962 41.78 38.16 53.93
N ASP G 963 42.58 39.10 53.43
CA ASP G 963 42.30 40.52 53.61
C ASP G 963 41.16 40.94 52.69
N GLN G 964 40.88 42.24 52.63
CA GLN G 964 39.68 42.74 51.96
C GLN G 964 39.62 42.43 50.47
N PRO G 965 40.65 42.72 49.65
CA PRO G 965 40.49 42.46 48.21
C PRO G 965 40.37 40.98 47.87
N PHE G 966 41.16 40.13 48.53
CA PHE G 966 41.03 38.69 48.29
C PHE G 966 39.70 38.17 48.81
N ARG G 967 39.18 38.75 49.89
CA ARG G 967 37.85 38.38 50.37
C ARG G 967 36.79 38.74 49.34
N SER G 968 36.91 39.91 48.70
CA SER G 968 35.98 40.30 47.65
C SER G 968 36.08 39.35 46.47
N ASP G 969 37.31 38.96 46.09
CA ASP G 969 37.49 38.01 44.99
C ASP G 969 36.86 36.66 45.32
N GLY G 970 37.03 36.18 46.56
CA GLY G 970 36.40 34.93 46.96
C GLY G 970 34.89 35.01 46.95
N ARG G 971 34.33 36.14 47.38
CA ARG G 971 32.89 36.31 47.32
C ARG G 971 32.38 36.31 45.89
N VAL G 972 33.11 36.96 44.98
CA VAL G 972 32.72 36.96 43.57
C VAL G 972 32.79 35.54 43.00
N ILE G 973 33.78 34.77 43.42
CA ILE G 973 33.86 33.37 42.99
C ILE G 973 32.68 32.57 43.51
N TYR G 974 32.27 32.83 44.75
CA TYR G 974 31.05 32.21 45.28
C TYR G 974 29.84 32.54 44.41
N CYS G 975 29.69 33.81 44.07
CA CYS G 975 28.54 34.26 43.28
C CYS G 975 28.52 33.61 41.91
N VAL G 976 29.69 33.51 41.28
CA VAL G 976 29.78 32.84 39.98
C VAL G 976 29.48 31.35 40.12
N ASN G 977 29.96 30.73 41.20
CA ASN G 977 29.84 29.29 41.37
C ASN G 977 28.39 28.86 41.65
N ILE G 978 27.60 29.72 42.28
CA ILE G 978 26.24 29.31 42.65
C ILE G 978 25.38 29.01 41.42
N ILE G 979 25.73 29.56 40.25
CA ILE G 979 24.96 29.32 39.04
C ILE G 979 24.98 27.84 38.66
N TYR G 980 26.14 27.19 38.82
CA TYR G 980 26.25 25.78 38.48
C TYR G 980 25.40 24.92 39.41
N TRP G 981 25.39 25.24 40.71
CA TRP G 981 24.59 24.46 41.64
C TRP G 981 23.10 24.72 41.43
N TYR G 982 22.74 25.87 40.87
CA TYR G 982 21.36 26.07 40.46
C TYR G 982 21.03 25.25 39.22
N ILE G 983 21.96 25.18 38.27
CA ILE G 983 21.74 24.44 37.02
C ILE G 983 21.61 22.95 37.30
N ARG G 984 22.36 22.44 38.27
CA ARG G 984 22.43 21.00 38.54
C ARG G 984 21.10 20.40 39.01
N LEU G 985 20.07 21.22 39.17
CA LEU G 985 18.76 20.70 39.53
C LEU G 985 18.11 19.93 38.39
N LEU G 986 18.61 20.09 37.16
CA LEU G 986 18.06 19.33 36.05
C LEU G 986 18.39 17.83 36.18
N ASP G 987 19.55 17.51 36.74
CA ASP G 987 19.86 16.11 37.03
C ASP G 987 18.89 15.53 38.05
N ILE G 988 18.48 16.32 39.04
CA ILE G 988 17.46 15.88 39.97
C ILE G 988 16.12 15.71 39.26
N PHE G 989 15.77 16.65 38.39
CA PHE G 989 14.52 16.59 37.63
C PHE G 989 14.49 15.40 36.68
N GLY G 990 15.65 14.86 36.31
CA GLY G 990 15.71 13.78 35.33
C GLY G 990 15.02 12.50 35.75
N VAL G 991 14.64 12.37 37.03
CA VAL G 991 13.92 11.19 37.46
C VAL G 991 12.47 11.21 37.00
N ASN G 992 11.96 12.37 36.59
CA ASN G 992 10.57 12.48 36.21
C ASN G 992 10.31 11.83 34.86
N LYS G 993 9.07 11.38 34.65
CA LYS G 993 8.73 10.69 33.41
C LYS G 993 8.67 11.65 32.23
N TYR G 994 8.30 12.91 32.45
CA TYR G 994 8.14 13.88 31.38
C TYR G 994 9.18 14.98 31.39
N LEU G 995 9.93 15.16 32.48
CA LEU G 995 10.91 16.22 32.58
C LEU G 995 12.33 15.77 32.25
N GLY G 996 12.52 14.52 31.84
CA GLY G 996 13.82 14.02 31.43
C GLY G 996 14.06 14.12 29.93
N PRO G 997 13.14 13.57 29.14
CA PRO G 997 13.23 13.74 27.69
C PRO G 997 13.28 15.18 27.23
N TYR G 998 12.59 16.09 27.93
CA TYR G 998 12.67 17.50 27.56
C TYR G 998 14.09 18.03 27.75
N VAL G 999 14.76 17.62 28.83
CA VAL G 999 16.12 18.06 29.07
C VAL G 999 17.06 17.49 28.01
N MET G 1000 16.87 16.24 27.62
CA MET G 1000 17.70 15.69 26.55
C MET G 1000 17.45 16.39 25.22
N MET G 1001 16.20 16.75 24.94
CA MET G 1001 15.89 17.51 23.75
C MET G 1001 16.58 18.87 23.77
N ILE G 1002 16.60 19.53 24.93
CA ILE G 1002 17.33 20.79 25.08
C ILE G 1002 18.81 20.57 24.79
N GLY G 1003 19.37 19.48 25.30
CA GLY G 1003 20.77 19.18 25.07
C GLY G 1003 21.11 19.04 23.60
N LYS G 1004 20.21 18.43 22.82
CA LYS G 1004 20.44 18.32 21.38
C LYS G 1004 20.18 19.64 20.65
N MET G 1005 19.18 20.41 21.10
CA MET G 1005 18.86 21.65 20.43
C MET G 1005 19.94 22.70 20.62
N MET G 1006 20.74 22.61 21.70
CA MET G 1006 21.87 23.54 21.83
C MET G 1006 22.88 23.33 20.70
N ILE G 1007 23.19 22.06 20.39
CA ILE G 1007 24.06 21.75 19.27
C ILE G 1007 23.43 22.22 17.96
N ASP G 1008 22.10 22.09 17.86
CA ASP G 1008 21.43 22.61 16.67
C ASP G 1008 21.47 24.13 16.57
N MET G 1009 21.60 24.83 17.69
CA MET G 1009 21.53 26.29 17.73
C MET G 1009 22.88 26.97 17.56
N MET G 1010 23.97 26.25 17.83
CA MET G 1010 25.32 26.84 17.78
C MET G 1010 25.62 27.51 16.43
N TYR G 1011 25.24 26.88 15.32
CA TYR G 1011 25.58 27.42 14.00
C TYR G 1011 24.88 28.74 13.74
N PHE G 1012 23.60 28.84 14.08
CA PHE G 1012 22.89 30.10 13.89
C PHE G 1012 23.42 31.16 14.85
N VAL G 1013 23.90 30.76 16.02
CA VAL G 1013 24.58 31.70 16.89
C VAL G 1013 25.80 32.28 16.18
N ILE G 1014 26.57 31.42 15.49
CA ILE G 1014 27.75 31.88 14.76
C ILE G 1014 27.36 32.89 13.68
N ILE G 1015 26.34 32.57 12.89
CA ILE G 1015 25.95 33.44 11.78
C ILE G 1015 25.45 34.79 12.28
N MET G 1016 24.61 34.77 13.33
CA MET G 1016 24.12 36.02 13.91
C MET G 1016 25.28 36.83 14.49
N LEU G 1017 26.29 36.15 15.04
CA LEU G 1017 27.46 36.85 15.57
C LEU G 1017 28.21 37.57 14.46
N VAL G 1018 28.34 36.92 13.29
CA VAL G 1018 29.00 37.57 12.15
C VAL G 1018 28.25 38.83 11.74
N VAL G 1019 26.93 38.73 11.59
CA VAL G 1019 26.14 39.89 11.16
C VAL G 1019 26.22 41.01 12.20
N LEU G 1020 26.12 40.64 13.48
CA LEU G 1020 26.17 41.62 14.57
C LEU G 1020 27.51 42.34 14.61
N MET G 1021 28.61 41.60 14.44
CA MET G 1021 29.92 42.24 14.43
C MET G 1021 30.05 43.20 13.27
N SER G 1022 29.54 42.81 12.09
CA SER G 1022 29.60 43.72 10.94
C SER G 1022 28.88 45.03 11.23
N PHE G 1023 27.64 44.94 11.72
CA PHE G 1023 26.88 46.16 12.00
C PHE G 1023 27.52 47.01 13.09
N GLY G 1024 28.01 46.37 14.15
CA GLY G 1024 28.61 47.12 15.25
C GLY G 1024 29.87 47.85 14.83
N VAL G 1025 30.76 47.17 14.08
CA VAL G 1025 31.97 47.83 13.60
C VAL G 1025 31.63 48.99 12.69
N ALA G 1026 30.65 48.80 11.78
CA ALA G 1026 30.27 49.88 10.89
C ALA G 1026 29.76 51.10 11.65
N ARG G 1027 28.85 50.88 12.61
CA ARG G 1027 28.30 52.01 13.36
C ARG G 1027 29.38 52.72 14.17
N GLN G 1028 30.23 51.96 14.86
CA GLN G 1028 31.27 52.57 15.68
C GLN G 1028 32.24 53.37 14.84
N ALA G 1029 32.61 52.85 13.66
CA ALA G 1029 33.53 53.57 12.80
C ALA G 1029 32.89 54.82 12.22
N ILE G 1030 31.60 54.76 11.87
CA ILE G 1030 30.94 55.92 11.26
C ILE G 1030 30.75 57.04 12.27
N LEU G 1031 30.22 56.72 13.46
CA LEU G 1031 29.82 57.79 14.37
C LEU G 1031 31.01 58.43 15.09
N PHE G 1032 31.99 57.64 15.50
CA PHE G 1032 33.12 58.12 16.30
C PHE G 1032 34.42 57.95 15.52
N PRO G 1033 34.84 58.96 14.77
CA PRO G 1033 36.03 58.83 13.90
C PRO G 1033 37.33 59.37 14.49
N ASN G 1034 37.36 59.80 15.76
CA ASN G 1034 38.54 60.40 16.35
C ASN G 1034 38.81 59.80 17.73
N GLU G 1035 38.78 58.47 17.81
CA GLU G 1035 38.98 57.77 19.07
C GLU G 1035 40.39 57.19 19.12
N GLU G 1036 41.05 57.39 20.26
CA GLU G 1036 42.35 56.77 20.49
C GLU G 1036 42.16 55.28 20.78
N PRO G 1037 43.15 54.44 20.47
CA PRO G 1037 43.01 53.01 20.71
C PRO G 1037 42.86 52.71 22.20
N SER G 1038 41.78 52.00 22.54
CA SER G 1038 41.52 51.59 23.92
C SER G 1038 40.64 50.36 23.89
N TRP G 1039 40.68 49.60 24.99
CA TRP G 1039 39.87 48.38 25.08
C TRP G 1039 38.39 48.67 25.21
N LYS G 1040 37.99 49.92 25.41
CA LYS G 1040 36.58 50.27 25.36
C LYS G 1040 36.01 50.10 23.95
N LEU G 1041 36.87 50.17 22.93
CA LEU G 1041 36.40 49.98 21.55
C LEU G 1041 35.90 48.56 21.33
N ALA G 1042 36.53 47.57 21.95
CA ALA G 1042 36.09 46.19 21.80
C ALA G 1042 34.78 45.93 22.53
N LYS G 1043 34.35 46.83 23.40
CA LYS G 1043 33.09 46.69 24.13
C LYS G 1043 31.92 47.29 23.37
N ASN G 1044 32.12 48.44 22.73
CA ASN G 1044 31.06 49.12 22.02
C ASN G 1044 30.58 48.37 20.77
N ILE G 1045 31.34 47.38 20.31
CA ILE G 1045 30.94 46.64 19.12
C ILE G 1045 29.90 45.57 19.47
N PHE G 1046 30.12 44.84 20.56
CA PHE G 1046 29.27 43.71 20.90
C PHE G 1046 28.09 44.09 21.79
N TYR G 1047 28.21 45.16 22.58
CA TYR G 1047 27.22 45.50 23.59
C TYR G 1047 25.85 45.84 23.00
N MET G 1048 25.79 46.97 22.30
CA MET G 1048 24.50 47.53 21.88
C MET G 1048 23.90 46.81 20.67
N PRO G 1049 24.68 46.38 19.67
CA PRO G 1049 24.07 45.51 18.64
C PRO G 1049 23.50 44.23 19.19
N TYR G 1050 24.04 43.70 20.29
CA TYR G 1050 23.44 42.52 20.91
C TYR G 1050 22.18 42.88 21.67
N TRP G 1051 22.18 43.99 22.41
CA TRP G 1051 20.96 44.36 23.12
C TRP G 1051 19.85 44.81 22.17
N MET G 1052 20.19 45.21 20.95
CA MET G 1052 19.18 45.74 20.04
C MET G 1052 18.24 44.67 19.47
N ILE G 1053 18.58 43.39 19.61
CA ILE G 1053 17.72 42.34 19.06
C ILE G 1053 16.84 41.70 20.13
N TYR G 1054 16.93 42.16 21.38
CA TYR G 1054 16.07 41.65 22.45
C TYR G 1054 15.11 42.70 22.97
N GLY G 1055 14.80 43.72 22.17
CA GLY G 1055 13.81 44.70 22.56
C GLY G 1055 14.33 46.11 22.71
N GLU G 1056 15.50 46.28 23.30
CA GLU G 1056 16.08 47.61 23.53
C GLU G 1056 16.68 48.10 22.22
N VAL G 1057 15.83 48.74 21.41
CA VAL G 1057 16.20 49.18 20.07
C VAL G 1057 16.13 50.71 20.05
N PHE G 1058 16.49 51.33 21.18
CA PHE G 1058 16.37 52.77 21.37
C PHE G 1058 17.04 53.54 20.24
N ALA G 1059 16.23 54.26 19.47
CA ALA G 1059 16.70 55.03 18.33
C ALA G 1059 17.22 56.41 18.72
N ASP G 1060 17.21 56.74 20.01
CA ASP G 1060 17.81 57.99 20.46
C ASP G 1060 19.29 57.84 20.75
N GLN G 1061 19.71 56.69 21.29
CA GLN G 1061 21.13 56.46 21.53
C GLN G 1061 21.87 56.24 20.22
N ILE G 1062 21.35 55.39 19.36
CA ILE G 1062 21.94 55.16 18.04
C ILE G 1062 21.39 56.20 17.07
N ASP G 1063 22.26 56.70 16.19
CA ASP G 1063 21.95 57.81 15.30
C ASP G 1063 21.49 59.00 16.13
N PRO G 1064 22.38 59.65 16.87
CA PRO G 1064 21.96 60.77 17.70
C PRO G 1064 21.46 61.91 16.84
N PRO G 1065 20.53 62.72 17.37
CA PRO G 1065 19.96 63.80 16.54
C PRO G 1065 20.93 64.98 16.39
N CYS G 1066 21.84 64.83 15.43
CA CYS G 1066 22.82 65.85 15.14
C CYS G 1066 22.70 66.32 13.69
N GLN G 1079 23.57 74.68 20.76
CA GLN G 1079 22.43 73.78 20.88
C GLN G 1079 22.69 72.46 20.15
N LEU G 1080 22.70 72.54 18.83
CA LEU G 1080 22.88 71.35 18.00
C LEU G 1080 24.36 71.11 17.75
N PRO G 1081 24.94 70.00 18.22
CA PRO G 1081 26.32 69.69 17.86
C PRO G 1081 26.44 69.37 16.39
N PRO G 1082 27.60 69.59 15.78
CA PRO G 1082 27.75 69.30 14.35
C PRO G 1082 27.57 67.82 14.06
N CYS G 1083 26.89 67.54 12.95
CA CYS G 1083 26.63 66.16 12.57
C CYS G 1083 27.87 65.51 11.98
N LYS G 1084 28.07 64.24 12.29
CA LYS G 1084 29.21 63.51 11.76
C LYS G 1084 28.99 63.22 10.28
N THR G 1085 30.09 63.21 9.52
CA THR G 1085 30.02 63.00 8.09
C THR G 1085 29.59 61.57 7.79
N GLY G 1086 28.50 61.41 7.05
CA GLY G 1086 28.02 60.09 6.71
C GLY G 1086 27.20 59.43 7.78
N ALA G 1087 26.58 60.20 8.68
CA ALA G 1087 25.80 59.62 9.77
C ALA G 1087 24.39 59.25 9.36
N TRP G 1088 24.01 59.47 8.11
CA TRP G 1088 22.69 59.05 7.63
C TRP G 1088 22.65 57.59 7.22
N ILE G 1089 23.79 56.90 7.21
CA ILE G 1089 23.81 55.49 6.86
C ILE G 1089 23.51 54.59 8.05
N VAL G 1090 23.72 55.07 9.28
CA VAL G 1090 23.51 54.24 10.46
C VAL G 1090 22.08 53.75 10.59
N PRO G 1091 21.03 54.59 10.43
CA PRO G 1091 19.66 54.03 10.50
C PRO G 1091 19.36 53.02 9.41
N ALA G 1092 19.89 53.20 8.21
CA ALA G 1092 19.64 52.22 7.14
C ALA G 1092 20.32 50.89 7.44
N ILE G 1093 21.58 50.94 7.89
CA ILE G 1093 22.27 49.71 8.27
C ILE G 1093 21.56 49.02 9.43
N MET G 1094 21.08 49.81 10.40
CA MET G 1094 20.35 49.24 11.52
C MET G 1094 19.05 48.58 11.05
N ALA G 1095 18.34 49.20 10.12
CA ALA G 1095 17.09 48.63 9.61
C ALA G 1095 17.36 47.32 8.89
N CYS G 1096 18.38 47.29 8.03
CA CYS G 1096 18.70 46.05 7.32
C CYS G 1096 19.15 44.96 8.29
N TYR G 1097 19.94 45.33 9.29
CA TYR G 1097 20.42 44.37 10.27
C TYR G 1097 19.27 43.79 11.10
N LEU G 1098 18.32 44.64 11.51
CA LEU G 1098 17.16 44.15 12.24
C LEU G 1098 16.30 43.23 11.37
N LEU G 1099 16.12 43.60 10.10
CA LEU G 1099 15.33 42.76 9.21
C LEU G 1099 15.98 41.39 9.01
N VAL G 1100 17.31 41.37 8.89
CA VAL G 1100 18.00 40.09 8.72
C VAL G 1100 17.94 39.26 10.00
N ALA G 1101 18.23 39.88 11.14
CA ALA G 1101 18.41 39.12 12.38
C ALA G 1101 17.08 38.68 12.99
N ASN G 1102 16.07 39.54 12.97
CA ASN G 1102 14.83 39.27 13.71
C ASN G 1102 13.73 38.67 12.86
N ILE G 1103 13.90 38.55 11.55
CA ILE G 1103 12.81 38.04 10.71
C ILE G 1103 13.26 36.79 9.96
N LEU G 1104 14.54 36.70 9.63
CA LEU G 1104 15.05 35.63 8.78
C LEU G 1104 15.70 34.51 9.58
N LEU G 1105 16.74 34.82 10.35
CA LEU G 1105 17.49 33.77 11.02
C LEU G 1105 16.69 33.11 12.14
N VAL G 1106 15.93 33.90 12.90
CA VAL G 1106 15.17 33.32 14.00
C VAL G 1106 14.02 32.46 13.47
N ASN G 1107 13.38 32.88 12.38
CA ASN G 1107 12.33 32.07 11.78
C ASN G 1107 12.90 30.79 11.17
N LEU G 1108 14.07 30.88 10.54
CA LEU G 1108 14.71 29.67 10.03
C LEU G 1108 15.10 28.73 11.17
N LEU G 1109 15.53 29.28 12.30
CA LEU G 1109 15.84 28.45 13.47
C LEU G 1109 14.57 27.79 14.01
N ILE G 1110 13.45 28.51 14.00
CA ILE G 1110 12.18 27.91 14.41
C ILE G 1110 11.82 26.75 13.49
N ALA G 1111 12.00 26.94 12.17
CA ALA G 1111 11.72 25.88 11.23
C ALA G 1111 12.63 24.67 11.43
N VAL G 1112 13.91 24.93 11.72
CA VAL G 1112 14.85 23.85 11.97
C VAL G 1112 14.47 23.06 13.21
N PHE G 1113 14.10 23.76 14.29
CA PHE G 1113 13.64 23.08 15.50
C PHE G 1113 12.37 22.29 15.23
N ASN G 1114 11.47 22.82 14.42
CA ASN G 1114 10.18 22.19 14.22
C ASN G 1114 10.28 20.95 13.35
N ASN G 1115 11.08 21.00 12.29
CA ASN G 1115 11.11 19.89 11.34
C ASN G 1115 12.00 18.74 11.76
N THR G 1116 12.79 18.90 12.82
CA THR G 1116 13.63 17.80 13.31
C THR G 1116 13.29 17.49 14.76
N PHE G 1117 12.02 17.41 15.09
CA PHE G 1117 11.59 17.20 16.47
C PHE G 1117 11.17 15.77 16.77
N PHE G 1118 10.58 15.07 15.81
CA PHE G 1118 10.10 13.71 16.07
C PHE G 1118 11.25 12.74 16.30
N GLU G 1119 12.31 12.85 15.50
CA GLU G 1119 13.48 11.99 15.70
C GLU G 1119 14.12 12.24 17.05
N VAL G 1120 14.30 13.51 17.42
CA VAL G 1120 14.91 13.84 18.71
C VAL G 1120 14.04 13.34 19.85
N LYS G 1121 12.72 13.47 19.71
CA LYS G 1121 11.81 13.00 20.76
C LYS G 1121 11.90 11.50 20.96
N SER G 1122 11.87 10.73 19.86
CA SER G 1122 11.94 9.28 19.99
C SER G 1122 13.28 8.83 20.55
N ILE G 1123 14.38 9.42 20.06
CA ILE G 1123 15.70 9.04 20.55
C ILE G 1123 15.85 9.38 22.02
N SER G 1124 15.36 10.55 22.44
CA SER G 1124 15.46 10.94 23.84
C SER G 1124 14.63 10.03 24.73
N ASN G 1125 13.44 9.63 24.28
CA ASN G 1125 12.63 8.69 25.06
C ASN G 1125 13.36 7.37 25.23
N GLN G 1126 13.93 6.84 24.15
CA GLN G 1126 14.65 5.57 24.25
C GLN G 1126 15.86 5.67 25.17
N VAL G 1127 16.62 6.76 25.06
CA VAL G 1127 17.83 6.92 25.87
C VAL G 1127 17.48 7.08 27.35
N TRP G 1128 16.41 7.82 27.66
CA TRP G 1128 16.00 7.95 29.05
C TRP G 1128 15.52 6.62 29.62
N LYS G 1129 14.74 5.86 28.83
CA LYS G 1129 14.30 4.55 29.30
C LYS G 1129 15.47 3.60 29.49
N PHE G 1130 16.55 3.77 28.73
CA PHE G 1130 17.72 2.93 28.93
C PHE G 1130 18.53 3.37 30.16
N GLN G 1131 18.64 4.67 30.40
CA GLN G 1131 19.43 5.17 31.53
C GLN G 1131 18.72 5.07 32.86
N ARG G 1132 17.42 4.77 32.86
CA ARG G 1132 16.73 4.49 34.11
C ARG G 1132 17.41 3.35 34.87
N TYR G 1133 17.93 2.35 34.17
CA TYR G 1133 18.61 1.23 34.83
C TYR G 1133 19.85 1.71 35.57
N GLN G 1134 20.66 2.55 34.94
CA GLN G 1134 21.86 3.06 35.59
C GLN G 1134 21.49 3.94 36.78
N LEU G 1135 20.42 4.74 36.66
CA LEU G 1135 19.96 5.52 37.79
C LEU G 1135 19.58 4.63 38.97
N ILE G 1136 18.82 3.56 38.69
CA ILE G 1136 18.39 2.65 39.75
C ILE G 1136 19.58 1.98 40.39
N MET G 1137 20.56 1.55 39.60
CA MET G 1137 21.74 0.90 40.16
C MET G 1137 22.56 1.85 41.01
N THR G 1138 22.80 3.07 40.52
CA THR G 1138 23.63 4.00 41.28
C THR G 1138 22.94 4.52 42.52
N PHE G 1139 21.61 4.43 42.60
CA PHE G 1139 20.96 4.73 43.87
C PHE G 1139 20.74 3.51 44.75
N HIS G 1140 20.84 2.31 44.19
CA HIS G 1140 20.81 1.11 45.01
C HIS G 1140 22.13 0.90 45.72
N GLU G 1141 23.24 1.20 45.05
CA GLU G 1141 24.57 1.13 45.67
C GLU G 1141 24.97 2.54 46.05
N ARG G 1142 24.60 2.95 47.26
CA ARG G 1142 24.85 4.30 47.74
C ARG G 1142 24.67 4.31 49.25
N PRO G 1143 25.50 5.04 50.00
CA PRO G 1143 25.25 5.17 51.44
C PRO G 1143 23.89 5.80 51.72
N VAL G 1144 23.25 5.33 52.79
CA VAL G 1144 21.90 5.78 53.11
C VAL G 1144 21.90 7.26 53.53
N LEU G 1145 22.99 7.75 54.11
CA LEU G 1145 22.89 9.12 54.57
C LEU G 1145 23.29 10.10 53.47
N PRO G 1146 22.62 11.24 53.41
CA PRO G 1146 22.95 12.26 52.41
C PRO G 1146 24.30 12.89 52.70
N PRO G 1147 24.88 13.60 51.72
CA PRO G 1147 26.25 14.15 51.87
C PRO G 1147 26.45 15.03 53.11
N PRO G 1148 25.51 15.89 53.51
CA PRO G 1148 25.82 16.78 54.65
C PRO G 1148 26.12 16.05 55.95
N LEU G 1149 25.64 14.81 56.11
CA LEU G 1149 25.96 14.00 57.27
C LEU G 1149 26.46 12.62 56.85
N ILE G 1150 27.01 12.51 55.64
CA ILE G 1150 27.53 11.23 55.17
C ILE G 1150 28.90 10.91 55.75
N ILE G 1151 29.52 11.85 56.47
CA ILE G 1151 30.83 11.60 57.05
C ILE G 1151 30.76 10.46 58.05
N PHE G 1152 29.64 10.33 58.76
CA PHE G 1152 29.46 9.22 59.69
C PHE G 1152 29.41 7.89 58.96
N SER G 1153 28.72 7.83 57.82
CA SER G 1153 28.64 6.59 57.06
C SER G 1153 29.99 6.22 56.43
N HIS G 1154 30.91 7.17 56.29
CA HIS G 1154 32.26 6.85 55.86
C HIS G 1154 33.13 6.35 57.00
N MET G 1155 32.70 6.55 58.25
CA MET G 1155 33.44 5.99 59.38
C MET G 1155 33.24 4.48 59.47
N THR G 1156 32.02 4.01 59.19
CA THR G 1156 31.74 2.58 59.28
C THR G 1156 32.45 1.79 58.20
N MET G 1157 32.72 2.40 57.05
CA MET G 1157 33.47 1.69 56.01
C MET G 1157 34.94 1.55 56.38
N ILE G 1158 35.42 2.33 57.34
CA ILE G 1158 36.77 2.16 57.86
C ILE G 1158 36.81 1.15 59.00
N PHE G 1159 35.80 1.18 59.87
CA PHE G 1159 35.71 0.18 60.93
C PHE G 1159 35.49 -1.21 60.36
N GLN G 1160 34.63 -1.33 59.34
CA GLN G 1160 34.40 -2.62 58.69
C GLN G 1160 35.57 -3.06 57.82
N HIS G 1161 36.51 -2.15 57.54
CA HIS G 1161 37.65 -2.51 56.69
C HIS G 1161 38.59 -3.48 57.41
N VAL G 1162 38.76 -3.32 58.72
CA VAL G 1162 39.64 -4.20 59.48
C VAL G 1162 38.97 -5.49 59.90
N CYS G 1163 37.67 -5.61 59.71
CA CYS G 1163 36.94 -6.83 60.08
C CYS G 1163 36.83 -7.77 58.89
N ARG G 1176 23.76 -10.46 47.54
CA ARG G 1176 22.62 -9.72 46.98
C ARG G 1176 21.39 -10.62 46.89
N ASP G 1177 20.54 -10.58 47.92
CA ASP G 1177 19.31 -11.34 47.89
C ASP G 1177 18.39 -10.87 46.76
N TYR G 1178 18.29 -9.56 46.57
CA TYR G 1178 17.56 -9.00 45.45
C TYR G 1178 18.09 -7.60 45.18
N GLY G 1179 17.75 -7.09 43.99
CA GLY G 1179 18.27 -5.82 43.52
C GLY G 1179 19.07 -6.01 42.25
N LEU G 1180 19.86 -7.09 42.21
CA LEU G 1180 20.57 -7.50 41.01
C LEU G 1180 20.10 -8.85 40.49
N LYS G 1181 20.11 -9.88 41.34
CA LYS G 1181 19.85 -11.25 40.93
C LYS G 1181 18.65 -11.80 41.69
N LEU G 1182 18.39 -13.09 41.48
CA LEU G 1182 17.30 -13.78 42.16
C LEU G 1182 17.61 -15.27 42.12
N PHE G 1183 17.92 -15.84 43.28
CA PHE G 1183 18.36 -17.23 43.36
C PHE G 1183 17.17 -18.17 43.52
N ILE G 1184 17.15 -19.23 42.72
CA ILE G 1184 16.02 -20.16 42.69
C ILE G 1184 16.55 -21.58 42.89
N THR G 1185 15.64 -22.46 43.31
CA THR G 1185 15.96 -23.85 43.57
C THR G 1185 15.99 -24.63 42.24
N ASP G 1186 16.14 -25.96 42.34
CA ASP G 1186 16.24 -26.78 41.14
C ASP G 1186 14.89 -26.94 40.46
N ASP G 1187 13.82 -27.14 41.24
CA ASP G 1187 12.50 -27.32 40.65
C ASP G 1187 12.03 -26.06 39.94
N GLU G 1188 12.25 -24.90 40.55
CA GLU G 1188 11.88 -23.64 39.90
C GLU G 1188 12.71 -23.41 38.65
N LEU G 1189 13.99 -23.77 38.68
CA LEU G 1189 14.83 -23.66 37.50
C LEU G 1189 14.32 -24.54 36.37
N LYS G 1190 13.91 -25.77 36.69
CA LYS G 1190 13.36 -26.67 35.69
C LYS G 1190 12.06 -26.12 35.12
N LYS G 1191 11.20 -25.55 35.98
CA LYS G 1191 9.95 -24.96 35.50
C LYS G 1191 10.21 -23.78 34.58
N VAL G 1192 11.19 -22.94 34.92
CA VAL G 1192 11.55 -21.80 34.07
C VAL G 1192 12.07 -22.29 32.73
N HIS G 1193 12.91 -23.33 32.73
CA HIS G 1193 13.41 -23.88 31.48
C HIS G 1193 12.28 -24.44 30.62
N ASP G 1194 11.32 -25.13 31.23
CA ASP G 1194 10.18 -25.65 30.50
C ASP G 1194 9.36 -24.52 29.88
N PHE G 1195 9.12 -23.45 30.66
CA PHE G 1195 8.39 -22.29 30.15
C PHE G 1195 9.12 -21.65 28.98
N GLU G 1196 10.45 -21.52 29.09
CA GLU G 1196 11.22 -20.92 28.00
C GLU G 1196 11.18 -21.76 26.74
N GLU G 1197 11.29 -23.09 26.88
CA GLU G 1197 11.21 -23.96 25.70
C GLU G 1197 9.84 -23.89 25.05
N GLN G 1198 8.78 -23.87 25.86
CA GLN G 1198 7.43 -23.70 25.31
C GLN G 1198 7.29 -22.38 24.57
N CYS G 1199 7.84 -21.30 25.14
CA CYS G 1199 7.73 -19.99 24.51
C CYS G 1199 8.49 -19.94 23.18
N ILE G 1200 9.70 -20.51 23.13
CA ILE G 1200 10.46 -20.43 21.89
C ILE G 1200 9.83 -21.31 20.81
N GLU G 1201 9.30 -22.48 21.20
CA GLU G 1201 8.60 -23.32 20.23
C GLU G 1201 7.36 -22.63 19.68
N GLU G 1202 6.59 -21.98 20.56
CA GLU G 1202 5.42 -21.24 20.11
C GLU G 1202 5.80 -20.09 19.19
N TYR G 1203 6.90 -19.40 19.51
CA TYR G 1203 7.35 -18.28 18.68
C TYR G 1203 7.70 -18.76 17.28
N PHE G 1204 8.48 -19.84 17.17
CA PHE G 1204 8.85 -20.34 15.85
C PHE G 1204 7.64 -20.84 15.08
N ARG G 1205 6.73 -21.54 15.75
CA ARG G 1205 5.54 -22.04 15.06
C ARG G 1205 4.66 -20.90 14.56
N GLU G 1206 4.46 -19.87 15.38
CA GLU G 1206 3.66 -18.72 14.97
C GLU G 1206 4.33 -17.97 13.82
N LYS G 1207 5.66 -17.83 13.86
CA LYS G 1207 6.36 -17.16 12.77
C LYS G 1207 6.22 -17.91 11.46
N ASP G 1208 6.37 -19.25 11.50
CA ASP G 1208 6.20 -20.04 10.28
C ASP G 1208 4.78 -19.97 9.77
N ASP G 1209 3.79 -20.02 10.67
CA ASP G 1209 2.40 -19.93 10.25
C ASP G 1209 2.09 -18.59 9.62
N ARG G 1210 2.62 -17.50 10.18
CA ARG G 1210 2.37 -16.18 9.63
C ARG G 1210 3.08 -15.99 8.30
N PHE G 1211 4.25 -16.60 8.12
CA PHE G 1211 4.94 -16.49 6.84
C PHE G 1211 4.22 -17.28 5.76
N ASN G 1212 3.75 -18.49 6.08
CA ASN G 1212 3.14 -19.35 5.06
C ASN G 1212 1.77 -18.87 4.59
N SER G 1213 1.16 -17.90 5.27
CA SER G 1213 -0.18 -17.44 4.92
C SER G 1213 -0.20 -16.00 4.42
N SER G 1214 0.94 -15.46 4.02
CA SER G 1214 0.95 -14.12 3.44
C SER G 1214 0.54 -14.16 1.98
N ASN G 1215 0.27 -12.98 1.42
CA ASN G 1215 -0.18 -12.92 0.03
C ASN G 1215 0.92 -13.31 -0.94
N ASP G 1216 2.16 -12.87 -0.67
CA ASP G 1216 3.26 -13.12 -1.59
C ASP G 1216 3.56 -14.62 -1.70
N GLU G 1217 3.62 -15.32 -0.57
CA GLU G 1217 3.91 -16.75 -0.59
C GLU G 1217 2.78 -17.53 -1.26
N ARG G 1218 1.53 -17.13 -0.99
CA ARG G 1218 0.40 -17.81 -1.63
C ARG G 1218 0.42 -17.61 -3.13
N ILE G 1219 0.73 -16.40 -3.59
CA ILE G 1219 0.82 -16.13 -5.03
C ILE G 1219 1.95 -16.96 -5.65
N ARG G 1220 3.09 -17.03 -4.98
CA ARG G 1220 4.22 -17.79 -5.52
C ARG G 1220 3.89 -19.27 -5.63
N VAL G 1221 3.30 -19.84 -4.58
CA VAL G 1221 2.95 -21.26 -4.60
C VAL G 1221 1.88 -21.54 -5.64
N THR G 1222 0.89 -20.65 -5.76
CA THR G 1222 -0.14 -20.82 -6.78
C THR G 1222 0.47 -20.78 -8.18
N SER G 1223 1.41 -19.87 -8.41
CA SER G 1223 2.04 -19.78 -9.72
C SER G 1223 2.83 -21.04 -10.04
N GLU G 1224 3.61 -21.55 -9.07
CA GLU G 1224 4.39 -22.76 -9.32
C GLU G 1224 3.48 -23.96 -9.60
N ARG G 1225 2.42 -24.12 -8.80
CA ARG G 1225 1.51 -25.24 -9.01
C ARG G 1225 0.73 -25.10 -10.30
N VAL G 1226 0.39 -23.88 -10.71
CA VAL G 1226 -0.27 -23.66 -11.99
C VAL G 1226 0.65 -24.03 -13.13
N GLU G 1227 1.94 -23.67 -13.03
CA GLU G 1227 2.89 -24.03 -14.07
C GLU G 1227 3.02 -25.54 -14.21
N ASN G 1228 3.17 -26.24 -13.08
CA ASN G 1228 3.28 -27.70 -13.12
C ASN G 1228 2.00 -28.33 -13.66
N MET G 1229 0.83 -27.81 -13.24
CA MET G 1229 -0.43 -28.34 -13.71
C MET G 1229 -0.61 -28.14 -15.21
N SER G 1230 -0.21 -26.97 -15.71
CA SER G 1230 -0.30 -26.70 -17.14
C SER G 1230 0.61 -27.64 -17.94
N MET G 1231 1.83 -27.85 -17.46
CA MET G 1231 2.73 -28.77 -18.15
C MET G 1231 2.16 -30.19 -18.17
N ARG G 1232 1.61 -30.63 -17.03
CA ARG G 1232 1.03 -31.97 -16.98
C ARG G 1232 -0.20 -32.09 -17.87
N LEU G 1233 -1.02 -31.04 -17.94
CA LEU G 1233 -2.20 -31.09 -18.79
C LEU G 1233 -1.81 -31.12 -20.27
N GLU G 1234 -0.77 -30.39 -20.65
CA GLU G 1234 -0.26 -30.49 -22.02
C GLU G 1234 0.25 -31.88 -22.32
N GLU G 1235 0.95 -32.49 -21.35
CA GLU G 1235 1.43 -33.86 -21.54
C GLU G 1235 0.27 -34.84 -21.69
N VAL G 1236 -0.79 -34.65 -20.90
CA VAL G 1236 -1.95 -35.54 -20.99
C VAL G 1236 -2.66 -35.38 -22.33
N ASN G 1237 -2.85 -34.14 -22.77
CA ASN G 1237 -3.52 -33.92 -24.06
C ASN G 1237 -2.69 -34.42 -25.22
N GLU G 1238 -1.35 -34.38 -25.10
CA GLU G 1238 -0.50 -34.96 -26.13
C GLU G 1238 -0.70 -36.47 -26.24
N ARG G 1239 -0.87 -37.13 -25.10
CA ARG G 1239 -1.11 -38.57 -25.07
C ARG G 1239 -2.56 -38.83 -25.48
N GLU G 1240 -2.76 -39.31 -26.71
CA GLU G 1240 -4.09 -39.62 -27.21
C GLU G 1240 -4.00 -40.77 -28.20
N HIS G 1241 -5.08 -41.54 -28.28
CA HIS G 1241 -5.15 -42.68 -29.19
C HIS G 1241 -6.21 -42.55 -30.27
N SER G 1242 -7.28 -41.79 -30.04
CA SER G 1242 -8.33 -41.62 -31.03
C SER G 1242 -8.02 -40.46 -31.97
N UNK H 1 56.93 -18.95 -20.07
CA UNK H 1 55.76 -19.60 -19.50
C UNK H 1 56.13 -20.95 -18.90
N UNK H 2 55.34 -21.40 -17.93
CA UNK H 2 55.57 -22.69 -17.28
C UNK H 2 54.98 -23.82 -18.13
N UNK H 3 54.25 -23.46 -19.17
CA UNK H 3 53.64 -24.43 -20.07
C UNK H 3 54.56 -24.76 -21.23
N UNK H 4 55.86 -24.52 -21.04
CA UNK H 4 56.86 -24.81 -22.05
C UNK H 4 57.45 -26.20 -21.82
N UNK H 5 56.59 -27.16 -21.50
CA UNK H 5 57.02 -28.53 -21.25
C UNK H 5 56.18 -29.51 -22.08
N UNK H 6 55.52 -28.98 -23.10
CA UNK H 6 54.68 -29.79 -23.97
C UNK H 6 55.42 -30.13 -25.27
N UNK H 7 54.66 -30.33 -26.34
CA UNK H 7 55.23 -30.66 -27.64
C UNK H 7 54.25 -30.41 -28.77
N UNK H 8 54.56 -30.96 -29.94
CA UNK H 8 53.68 -30.85 -31.11
C UNK H 8 54.01 -31.97 -32.10
N UNK H 9 53.38 -31.95 -33.26
CA UNK H 9 53.61 -32.97 -34.26
C UNK H 9 53.24 -32.49 -35.66
N UNK H 10 54.27 -32.21 -36.46
CA UNK H 10 54.07 -31.77 -37.84
C UNK H 10 54.49 -32.87 -38.82
N UNK H 11 53.93 -32.84 -40.02
CA UNK H 11 54.22 -33.86 -41.02
C UNK H 11 55.63 -33.73 -41.56
N UNK H 12 56.27 -34.86 -41.85
CA UNK H 12 57.63 -34.87 -42.37
C UNK H 12 57.67 -35.41 -43.80
N UNK H 13 58.61 -36.31 -44.05
CA UNK H 13 58.78 -36.89 -45.39
C UNK H 13 57.61 -37.80 -45.75
N UNK H 14 56.58 -37.21 -46.33
CA UNK H 14 55.38 -37.97 -46.69
C UNK H 14 54.93 -37.65 -48.11
N UNK H 15 54.40 -38.66 -48.80
CA UNK H 15 53.88 -38.50 -50.15
C UNK H 15 52.95 -39.65 -50.51
N UNK H 16 51.75 -39.30 -50.96
CA UNK H 16 50.76 -40.29 -51.34
C UNK H 16 49.71 -39.70 -52.29
N UNK H 17 48.48 -40.21 -52.19
CA UNK H 17 47.34 -39.76 -52.98
C UNK H 17 47.62 -39.83 -54.48
#